data_7EKU
#
_entry.id   7EKU
#
_cell.length_a   160.221
_cell.length_b   200.651
_cell.length_c   259.976
_cell.angle_alpha   90.000
_cell.angle_beta   90.000
_cell.angle_gamma   90.000
#
_symmetry.space_group_name_H-M   'C 2 2 21'
#
_entity_poly.entity_id   1
_entity_poly.type   'polypeptide(L)'
_entity_poly.pdbx_seq_one_letter_code
;MSAHRTLLLRLSDSGEPVTSCSYGQGVLTLPSLPLPQGKKLGDMPVYTVKLAIPAGSPVTRDGLIWTNCPPDFSTQFDRE
KFYKKIIKTSFHEDDHIDLDIYVPGTYCFYLSFKNDKDELETTRKFYFVVLPILSVNDKFIPLNSIAMQSVVSKWMGPTI
KDWEKVFARVASKKYNMIHFTPLQHRGESNSPYSIYDQLEFDPTVFKSEKEVADMVERLRTEHNILSLTDIVFNHTANNS
QWLLDHPEAGYNHKTSPHLISAIELDKKLLDFSEQMEALGYPVDLKTVDDLIKVMDGIKEHVIGELKLWEFYVVDVKQTV
SELREKWGNSKSWSDDNIPSKDDSTNLAQFVRDNATEPGFGSLGERGSNKINIDKFAAILKKLHSEDYNNGIEELATKIL
NDINLPFYKEYDDDINEVLEQLFNRIKYLRIDDHGPKQGPITKKLPLSEPYFTRFKAKDGEEYALANNGWIWDGNPLVDF
ASSQSKAYLRREVIVWGDCVKLRYGKGPSDSPYLWERMSKYVEMNARIFNGFRIDNCHSTPLHVGQYFLDVARRVNPNLY
VVAELFSGSEAMDCLFVERLGISSLIREAMQAWSEEELSRLVHRHGGRPIGSYKFVPLDDFPYPADVKIDEEYCAYNPDD
HSVKCVSEIMIPKTLTATPPHALFMDCTHDNETPNQKRTVEDTLPNAALVAFCSSAIGSVYGYDEVFPQLLDLVQEKRTY
SCAENTGISKVKTLLNNMREEIASEAVDIEDSEMHVHHDGQYITFHRTNAKNGKGWYLVARTKFHSSGDQMLPRIKLSQT
KATFKAAFSLERTGDAPISDEIIEGIPTKLRELTGFDIGFDENTKETSILLPQDFPQGSIVIFETQQLGIDDSLDHFIRS
GAIKATEKLSLESINYVLYRAEQEEYDYSEGRSGAYDIPDYGKPVYCGLQGWVSILRKIIFYNDLAHPLSNNLRNGHAAV
DYVVNRLDLYKDKEGVAEVQEWLRSRMERIKQLPSYLVPSFFALVVGIMYGCCRLRAMQLMSDNVGKSTVFVQSLAMTSI
QMVSAMKSTSILPDQNIAAMAAGLPHFSTNYMRCWGRDVFISLRGLLLTTGRYEEAKEHILAFAKTLKHGLIPNLLDAGR
NPRYNARDAAWFFVQAIQDYVTIVPGGVSLLQEKVTRRFPLDDEYIPYDDPKAFSYSSTIEEIIYEILNRHAGGIKYREA
NAGPNLDRVMKDEGFNVEVNVDWETGLIHGGSQFNCGTWMDKMGESEKANSVGVPGTPRDGAAVEINGLLKSCLRFVLQL
SKDGKFKYTEVTKPDGSKISLSSWNDLLQENFERCFYVPKNKEDDNKFEIDATIINRRGIYKDLYRSGKPYEDYQFRPNF
TIAMVVAPELFTPDYAAGAIELADQVLRGPVGMRTLDPSDYNYRPYYNNGEDSDDFATSKGRNYHQGPEWVWCYGYFIRA
YHYFNFLTNPKCQVEGSAKKLKPSSYLYRKLYSRLLKHREWIENSPWAGLAELTNKDGEVCNDSSPTQAWSTGCLLDLFY
DLWISYEELEHHHHHH
;
_entity_poly.pdbx_strand_id   A,B
#
# COMPACT_ATOMS: atom_id res chain seq x y z
N ALA A 3 5.45 -11.16 -16.57
CA ALA A 3 5.36 -10.43 -15.31
C ALA A 3 5.71 -8.95 -15.51
N HIS A 4 6.20 -8.61 -16.70
CA HIS A 4 6.54 -7.22 -17.03
C HIS A 4 6.27 -7.01 -18.51
N ARG A 5 5.01 -6.69 -18.83
CA ARG A 5 4.61 -6.46 -20.21
C ARG A 5 4.00 -5.07 -20.39
N THR A 6 4.75 -4.04 -20.01
CA THR A 6 4.31 -2.66 -20.06
C THR A 6 5.15 -1.85 -21.04
N LEU A 7 4.50 -0.95 -21.77
CA LEU A 7 5.18 0.01 -22.62
C LEU A 7 4.80 1.43 -22.20
N LEU A 8 5.68 2.37 -22.53
CA LEU A 8 5.57 3.76 -22.11
C LEU A 8 5.19 4.62 -23.31
N LEU A 9 3.97 5.14 -23.32
CA LEU A 9 3.52 6.05 -24.37
C LEU A 9 3.52 7.47 -23.78
N ARG A 10 4.60 8.20 -24.01
CA ARG A 10 4.70 9.57 -23.53
C ARG A 10 3.80 10.48 -24.37
N LEU A 11 3.17 11.44 -23.70
CA LEU A 11 2.32 12.42 -24.35
C LEU A 11 2.95 13.81 -24.25
N SER A 12 2.62 14.66 -25.23
CA SER A 12 3.10 16.02 -25.27
C SER A 12 2.17 16.93 -24.45
N ASP A 13 2.48 18.22 -24.44
CA ASP A 13 1.62 19.20 -23.77
C ASP A 13 0.29 19.38 -24.49
N SER A 14 0.17 18.89 -25.72
CA SER A 14 -1.10 18.92 -26.46
C SER A 14 -1.76 17.56 -26.52
N GLY A 15 -1.27 16.58 -25.75
CA GLY A 15 -1.83 15.25 -25.76
C GLY A 15 -1.45 14.38 -26.94
N GLU A 16 -0.49 14.82 -27.75
CA GLU A 16 -0.04 13.98 -28.85
C GLU A 16 1.04 13.00 -28.37
N PRO A 17 1.06 11.80 -28.93
CA PRO A 17 2.10 10.83 -28.55
C PRO A 17 3.46 11.24 -29.10
N VAL A 18 4.48 11.12 -28.26
CA VAL A 18 5.85 11.45 -28.65
C VAL A 18 6.46 10.29 -29.42
N THR A 19 7.18 10.61 -30.49
CA THR A 19 7.90 9.60 -31.25
C THR A 19 9.34 9.51 -30.72
N SER A 20 9.75 8.30 -30.36
CA SER A 20 11.08 8.12 -29.79
C SER A 20 12.14 7.98 -30.86
N CYS A 21 11.78 7.40 -32.01
CA CYS A 21 12.66 7.29 -33.15
C CYS A 21 11.89 7.67 -34.41
N SER A 22 12.62 8.01 -35.46
CA SER A 22 12.01 8.33 -36.75
C SER A 22 12.15 7.09 -37.64
N TYR A 23 11.24 6.14 -37.45
CA TYR A 23 11.17 4.97 -38.33
C TYR A 23 10.38 5.23 -39.59
N GLY A 24 9.90 6.46 -39.81
CA GLY A 24 9.07 6.78 -40.95
C GLY A 24 7.60 6.78 -40.60
N GLN A 25 6.79 7.06 -41.61
CA GLN A 25 5.34 7.08 -41.45
C GLN A 25 4.85 5.71 -40.97
N GLY A 26 4.19 5.69 -39.81
CA GLY A 26 3.81 4.42 -39.22
C GLY A 26 2.58 4.42 -38.33
N VAL A 27 2.49 3.40 -37.48
CA VAL A 27 1.34 3.17 -36.60
C VAL A 27 1.88 2.70 -35.25
N LEU A 28 1.19 3.10 -34.18
CA LEU A 28 1.58 2.71 -32.82
C LEU A 28 1.15 1.26 -32.60
N THR A 29 1.99 0.34 -33.09
CA THR A 29 1.76 -1.09 -32.95
C THR A 29 2.61 -1.63 -31.81
N LEU A 30 1.99 -2.38 -30.91
CA LEU A 30 2.69 -3.04 -29.83
C LEU A 30 3.40 -4.30 -30.36
N PRO A 31 4.42 -4.78 -29.65
CA PRO A 31 5.23 -5.88 -30.21
C PRO A 31 4.41 -7.14 -30.43
N SER A 32 4.87 -7.95 -31.39
CA SER A 32 4.25 -9.24 -31.69
C SER A 32 4.90 -10.28 -30.78
N LEU A 33 4.20 -10.67 -29.72
CA LEU A 33 4.74 -11.59 -28.73
C LEU A 33 3.66 -12.57 -28.30
N PRO A 34 4.05 -13.81 -27.99
CA PRO A 34 3.09 -14.75 -27.42
C PRO A 34 2.80 -14.40 -25.97
N LEU A 35 1.61 -14.81 -25.51
CA LEU A 35 1.26 -14.66 -24.11
C LEU A 35 2.25 -15.42 -23.24
N PRO A 36 2.34 -15.06 -21.95
CA PRO A 36 3.24 -15.80 -21.05
C PRO A 36 2.92 -17.28 -21.00
N GLN A 37 3.86 -18.04 -20.45
CA GLN A 37 3.76 -19.49 -20.42
C GLN A 37 2.44 -19.94 -19.80
N GLY A 38 1.71 -20.76 -20.55
CA GLY A 38 0.50 -21.39 -20.05
C GLY A 38 -0.56 -20.43 -19.56
N LYS A 39 -0.65 -19.25 -20.16
CA LYS A 39 -1.60 -18.23 -19.75
C LYS A 39 -2.54 -17.94 -20.91
N LYS A 40 -3.82 -17.78 -20.60
CA LYS A 40 -4.86 -17.56 -21.60
C LYS A 40 -5.34 -16.12 -21.52
N LEU A 41 -6.04 -15.69 -22.58
CA LEU A 41 -6.66 -14.37 -22.61
C LEU A 41 -7.57 -14.19 -21.41
N GLY A 42 -7.32 -13.14 -20.63
CA GLY A 42 -8.06 -12.84 -19.42
C GLY A 42 -7.25 -13.03 -18.16
N ASP A 43 -6.29 -13.96 -18.17
CA ASP A 43 -5.56 -14.28 -16.95
C ASP A 43 -4.78 -13.08 -16.44
N MET A 44 -4.34 -12.23 -17.36
CA MET A 44 -3.52 -11.06 -17.05
C MET A 44 -3.60 -10.12 -18.25
N PRO A 45 -3.34 -8.83 -18.06
CA PRO A 45 -3.30 -7.91 -19.20
C PRO A 45 -2.27 -8.34 -20.24
N VAL A 46 -2.70 -8.38 -21.50
CA VAL A 46 -1.78 -8.70 -22.59
C VAL A 46 -0.65 -7.68 -22.64
N TYR A 47 -1.01 -6.40 -22.63
CA TYR A 47 -0.04 -5.33 -22.52
C TYR A 47 -0.64 -4.22 -21.66
N THR A 48 0.23 -3.40 -21.10
CA THR A 48 -0.17 -2.21 -20.35
C THR A 48 0.49 -0.99 -20.99
N VAL A 49 -0.32 -0.05 -21.44
CA VAL A 49 0.16 1.18 -22.06
C VAL A 49 0.17 2.25 -20.97
N LYS A 50 1.36 2.61 -20.50
CA LYS A 50 1.52 3.62 -19.48
C LYS A 50 1.64 4.99 -20.15
N LEU A 51 0.62 5.82 -19.97
CA LEU A 51 0.59 7.15 -20.55
C LEU A 51 1.27 8.14 -19.61
N ALA A 52 2.20 8.93 -20.15
CA ALA A 52 2.92 9.94 -19.39
C ALA A 52 2.41 11.31 -19.82
N ILE A 53 1.83 12.05 -18.88
CA ILE A 53 1.27 13.37 -19.13
C ILE A 53 2.22 14.41 -18.53
N PRO A 54 2.58 15.46 -19.25
CA PRO A 54 3.54 16.42 -18.71
C PRO A 54 2.92 17.26 -17.60
N ALA A 55 3.71 17.48 -16.55
CA ALA A 55 3.23 18.21 -15.37
C ALA A 55 2.81 19.62 -15.72
N GLY A 56 1.64 20.02 -15.25
CA GLY A 56 1.16 21.38 -15.42
C GLY A 56 0.88 21.81 -16.85
N SER A 57 0.91 20.87 -17.79
CA SER A 57 0.63 21.19 -19.18
C SER A 57 -0.84 21.56 -19.33
N PRO A 58 -1.21 22.28 -20.40
CA PRO A 58 -2.60 22.71 -20.56
C PRO A 58 -3.62 21.59 -20.43
N VAL A 59 -3.26 20.35 -20.77
CA VAL A 59 -4.23 19.25 -20.71
C VAL A 59 -4.46 18.76 -19.29
N THR A 60 -3.60 19.11 -18.34
CA THR A 60 -3.80 18.71 -16.95
C THR A 60 -4.87 19.54 -16.26
N ARG A 61 -5.31 20.64 -16.87
CA ARG A 61 -6.35 21.50 -16.30
C ARG A 61 -7.70 20.83 -16.52
N ASP A 62 -8.31 20.34 -15.44
CA ASP A 62 -9.55 19.57 -15.52
C ASP A 62 -9.42 18.41 -16.51
N GLY A 63 -8.25 17.78 -16.50
CA GLY A 63 -7.92 16.82 -17.54
C GLY A 63 -8.48 15.43 -17.27
N LEU A 64 -9.00 14.81 -18.33
CA LEU A 64 -9.47 13.44 -18.31
C LEU A 64 -8.88 12.69 -19.49
N ILE A 65 -8.61 11.41 -19.29
CA ILE A 65 -8.22 10.51 -20.36
C ILE A 65 -9.43 9.66 -20.73
N TRP A 66 -9.74 9.61 -22.02
CA TRP A 66 -10.88 8.89 -22.54
C TRP A 66 -10.40 7.85 -23.53
N THR A 67 -10.76 6.59 -23.29
CA THR A 67 -10.31 5.50 -24.15
C THR A 67 -11.43 4.48 -24.31
N ASN A 68 -11.51 3.91 -25.51
CA ASN A 68 -12.45 2.82 -25.79
C ASN A 68 -11.87 1.46 -25.44
N CYS A 69 -10.81 1.42 -24.64
CA CYS A 69 -10.26 0.18 -24.12
C CYS A 69 -11.17 -0.33 -23.01
N PRO A 70 -11.85 -1.47 -23.20
CA PRO A 70 -12.66 -2.03 -22.12
C PRO A 70 -11.85 -2.15 -20.84
N PRO A 71 -12.42 -1.78 -19.69
CA PRO A 71 -11.63 -1.80 -18.46
C PRO A 71 -11.41 -3.19 -17.89
N ASP A 72 -12.12 -4.20 -18.38
CA ASP A 72 -11.89 -5.57 -17.96
C ASP A 72 -12.13 -6.50 -19.15
N PHE A 73 -11.57 -7.71 -19.04
CA PHE A 73 -11.84 -8.74 -20.05
C PHE A 73 -13.33 -9.09 -20.11
N SER A 74 -14.02 -9.04 -18.97
CA SER A 74 -15.46 -9.32 -18.97
C SER A 74 -16.21 -8.30 -19.82
N THR A 75 -15.88 -7.02 -19.67
CA THR A 75 -16.49 -5.98 -20.47
C THR A 75 -16.17 -6.16 -21.95
N GLN A 76 -17.19 -6.03 -22.80
CA GLN A 76 -16.98 -6.09 -24.24
C GLN A 76 -16.46 -4.76 -24.76
N PHE A 77 -16.07 -4.77 -26.03
CA PHE A 77 -15.49 -3.61 -26.68
C PHE A 77 -16.56 -2.88 -27.49
N ASP A 78 -16.73 -1.59 -27.21
CA ASP A 78 -17.55 -0.69 -28.00
C ASP A 78 -16.66 0.40 -28.56
N ARG A 79 -16.69 0.60 -29.88
CA ARG A 79 -15.84 1.62 -30.50
C ARG A 79 -16.11 3.00 -29.91
N GLU A 80 -17.36 3.31 -29.62
CA GLU A 80 -17.77 4.65 -29.25
C GLU A 80 -18.02 4.82 -27.75
N LYS A 81 -17.95 3.74 -26.97
CA LYS A 81 -18.07 3.83 -25.52
C LYS A 81 -16.69 4.09 -24.94
N PHE A 82 -16.53 5.24 -24.31
CA PHE A 82 -15.25 5.66 -23.74
C PHE A 82 -15.33 5.73 -22.23
N TYR A 83 -14.19 5.55 -21.58
CA TYR A 83 -14.10 5.45 -20.14
C TYR A 83 -13.14 6.51 -19.59
N LYS A 84 -13.44 7.00 -18.39
CA LYS A 84 -12.72 8.13 -17.81
C LYS A 84 -11.54 7.65 -16.97
N LYS A 85 -10.43 8.38 -17.10
CA LYS A 85 -9.29 8.25 -16.20
C LYS A 85 -8.87 9.65 -15.81
N ILE A 86 -8.85 9.94 -14.51
CA ILE A 86 -8.60 11.30 -14.03
C ILE A 86 -7.10 11.56 -14.05
N ILE A 87 -6.73 12.77 -14.47
CA ILE A 87 -5.33 13.16 -14.57
C ILE A 87 -4.96 13.90 -13.30
N LYS A 88 -3.98 13.34 -12.57
CA LYS A 88 -3.58 13.89 -11.28
C LYS A 88 -2.66 15.09 -11.52
N THR A 89 -3.18 16.28 -11.23
CA THR A 89 -2.48 17.51 -11.54
C THR A 89 -1.36 17.78 -10.54
N SER A 90 -0.15 18.01 -11.07
CA SER A 90 0.95 18.56 -10.28
C SER A 90 1.77 19.48 -11.17
N PHE A 91 2.34 20.51 -10.56
CA PHE A 91 3.18 21.44 -11.30
C PHE A 91 4.61 20.93 -11.42
N HIS A 92 5.02 20.03 -10.54
CA HIS A 92 6.37 19.47 -10.51
C HIS A 92 6.44 18.06 -11.04
N GLU A 93 5.43 17.24 -10.77
CA GLU A 93 5.48 15.81 -11.06
C GLU A 93 4.55 15.48 -12.22
N ASP A 94 5.04 14.69 -13.16
CA ASP A 94 4.20 14.20 -14.24
C ASP A 94 3.23 13.15 -13.71
N ASP A 95 2.14 12.95 -14.43
CA ASP A 95 1.18 11.91 -14.09
C ASP A 95 1.30 10.75 -15.05
N HIS A 96 1.05 9.55 -14.53
CA HIS A 96 1.07 8.32 -15.32
C HIS A 96 -0.27 7.61 -15.17
N ILE A 97 -0.80 7.11 -16.28
CA ILE A 97 -2.13 6.50 -16.29
C ILE A 97 -2.09 5.22 -17.11
N ASP A 98 -2.09 4.08 -16.42
CA ASP A 98 -2.02 2.79 -17.08
C ASP A 98 -3.30 2.50 -17.85
N LEU A 99 -3.15 1.84 -19.01
CA LEU A 99 -4.26 1.33 -19.81
C LEU A 99 -4.03 -0.16 -19.99
N ASP A 100 -4.62 -0.97 -19.11
CA ASP A 100 -4.50 -2.41 -19.25
C ASP A 100 -5.33 -2.89 -20.43
N ILE A 101 -4.71 -3.72 -21.28
CA ILE A 101 -5.34 -4.24 -22.49
C ILE A 101 -5.41 -5.75 -22.37
N TYR A 102 -6.59 -6.32 -22.65
CA TYR A 102 -6.83 -7.73 -22.44
C TYR A 102 -7.08 -8.50 -23.74
N VAL A 103 -7.36 -7.82 -24.84
CA VAL A 103 -7.71 -8.49 -26.10
C VAL A 103 -7.13 -7.70 -27.26
N PRO A 104 -6.60 -8.35 -28.29
CA PRO A 104 -6.10 -7.61 -29.47
C PRO A 104 -7.22 -6.80 -30.13
N GLY A 105 -6.82 -5.82 -30.92
CA GLY A 105 -7.77 -5.02 -31.66
C GLY A 105 -7.26 -3.59 -31.80
N THR A 106 -8.20 -2.70 -32.13
CA THR A 106 -7.91 -1.28 -32.33
C THR A 106 -8.44 -0.50 -31.15
N TYR A 107 -7.56 0.22 -30.48
CA TYR A 107 -7.95 1.08 -29.37
C TYR A 107 -7.49 2.50 -29.67
N CYS A 108 -8.15 3.47 -29.04
CA CYS A 108 -7.78 4.85 -29.25
C CYS A 108 -8.08 5.64 -27.99
N PHE A 109 -7.52 6.84 -27.94
CA PHE A 109 -7.65 7.68 -26.76
C PHE A 109 -7.54 9.14 -27.16
N TYR A 110 -8.31 9.97 -26.48
CA TYR A 110 -8.18 11.42 -26.57
C TYR A 110 -8.24 11.97 -25.16
N LEU A 111 -8.00 13.28 -25.05
CA LEU A 111 -8.02 13.96 -23.75
C LEU A 111 -9.04 15.09 -23.79
N SER A 112 -9.65 15.35 -22.64
CA SER A 112 -10.54 16.49 -22.46
C SER A 112 -9.99 17.36 -21.35
N PHE A 113 -9.97 18.67 -21.59
CA PHE A 113 -9.38 19.59 -20.63
C PHE A 113 -10.17 20.89 -20.67
N LYS A 114 -9.85 21.77 -19.72
CA LYS A 114 -10.51 23.06 -19.62
C LYS A 114 -9.75 24.09 -20.46
N ASN A 115 -10.48 24.78 -21.34
CA ASN A 115 -9.88 25.72 -22.27
C ASN A 115 -9.26 26.91 -21.52
N ASP A 116 -8.60 27.79 -22.28
CA ASP A 116 -8.20 29.08 -21.74
C ASP A 116 -9.35 30.08 -21.73
N LYS A 117 -10.46 29.76 -22.40
CA LYS A 117 -11.71 30.47 -22.25
C LYS A 117 -12.63 29.78 -21.25
N ASP A 118 -12.07 28.88 -20.43
CA ASP A 118 -12.83 28.08 -19.47
C ASP A 118 -13.88 27.22 -20.16
N GLU A 119 -13.66 26.90 -21.43
CA GLU A 119 -14.52 26.01 -22.20
C GLU A 119 -13.98 24.58 -22.15
N LEU A 120 -14.77 23.66 -22.69
CA LEU A 120 -14.38 22.26 -22.78
C LEU A 120 -13.79 21.98 -24.15
N GLU A 121 -12.51 21.60 -24.19
CA GLU A 121 -11.81 21.30 -25.42
C GLU A 121 -11.37 19.85 -25.44
N THR A 122 -11.16 19.32 -26.63
CA THR A 122 -10.89 17.90 -26.82
C THR A 122 -9.77 17.72 -27.84
N THR A 123 -8.77 16.91 -27.47
CA THR A 123 -7.67 16.61 -28.37
C THR A 123 -8.11 15.60 -29.43
N ARG A 124 -7.18 15.24 -30.31
CA ARG A 124 -7.46 14.24 -31.34
C ARG A 124 -7.54 12.84 -30.73
N LYS A 125 -8.31 11.98 -31.39
CA LYS A 125 -8.24 10.56 -31.10
C LYS A 125 -6.95 10.00 -31.66
N PHE A 126 -6.21 9.26 -30.84
CA PHE A 126 -4.95 8.65 -31.26
C PHE A 126 -5.08 7.14 -31.10
N TYR A 127 -4.90 6.41 -32.19
CA TYR A 127 -5.14 4.98 -32.20
C TYR A 127 -3.85 4.21 -32.01
N PHE A 128 -3.93 3.10 -31.29
CA PHE A 128 -2.83 2.14 -31.21
C PHE A 128 -3.42 0.74 -31.32
N VAL A 129 -2.63 -0.17 -31.91
CA VAL A 129 -3.12 -1.48 -32.30
C VAL A 129 -2.40 -2.56 -31.49
N VAL A 130 -3.16 -3.55 -31.05
CA VAL A 130 -2.62 -4.76 -30.44
C VAL A 130 -2.80 -5.88 -31.44
N LEU A 131 -1.68 -6.42 -31.93
CA LEU A 131 -1.71 -7.46 -32.95
C LEU A 131 -2.32 -8.74 -32.40
N PRO A 132 -2.92 -9.57 -33.26
CA PRO A 132 -3.40 -10.88 -32.81
C PRO A 132 -2.23 -11.78 -32.44
N ILE A 133 -2.58 -12.92 -31.85
CA ILE A 133 -1.58 -13.90 -31.40
C ILE A 133 -1.89 -15.20 -32.13
N LEU A 134 -1.16 -15.44 -33.23
CA LEU A 134 -1.41 -16.59 -34.08
C LEU A 134 -0.58 -17.77 -33.58
N SER A 135 -1.26 -18.74 -32.97
CA SER A 135 -0.70 -20.05 -32.71
C SER A 135 -1.37 -21.05 -33.64
N VAL A 136 -0.68 -22.15 -33.90
CA VAL A 136 -1.16 -23.17 -34.82
C VAL A 136 -1.68 -24.40 -34.08
N ASN A 137 -1.03 -24.77 -32.99
CA ASN A 137 -1.51 -25.81 -32.09
C ASN A 137 -1.22 -25.30 -30.68
N ASP A 138 0.06 -25.33 -30.33
CA ASP A 138 0.57 -24.70 -29.12
C ASP A 138 1.95 -24.13 -29.43
N LYS A 139 2.27 -24.01 -30.72
CA LYS A 139 3.50 -23.42 -31.21
C LYS A 139 3.19 -22.03 -31.74
N PHE A 140 3.65 -20.99 -31.03
CA PHE A 140 3.39 -19.62 -31.46
C PHE A 140 4.06 -19.31 -32.79
N ILE A 141 3.36 -18.54 -33.62
CA ILE A 141 3.83 -18.11 -34.93
C ILE A 141 4.04 -16.59 -34.86
N PRO A 142 5.29 -16.11 -34.93
CA PRO A 142 5.50 -14.66 -35.06
C PRO A 142 4.93 -14.14 -36.38
N LEU A 143 4.39 -12.93 -36.34
CA LEU A 143 3.69 -12.36 -37.49
C LEU A 143 4.63 -12.18 -38.69
N ASN A 144 5.93 -12.07 -38.46
CA ASN A 144 6.87 -11.90 -39.56
C ASN A 144 7.42 -13.21 -40.10
N SER A 145 6.96 -14.34 -39.57
CA SER A 145 7.34 -15.66 -40.06
C SER A 145 6.20 -16.33 -40.81
N ILE A 146 5.16 -15.58 -41.17
CA ILE A 146 4.03 -16.15 -41.89
C ILE A 146 4.43 -16.39 -43.33
N ALA A 147 4.15 -17.60 -43.83
CA ALA A 147 4.28 -17.93 -45.23
C ALA A 147 2.90 -18.32 -45.74
N MET A 148 2.31 -17.47 -46.56
CA MET A 148 0.93 -17.65 -46.98
C MET A 148 0.86 -18.15 -48.41
N GLN A 149 0.06 -19.19 -48.61
CA GLN A 149 -0.23 -19.70 -49.95
C GLN A 149 -1.67 -19.31 -50.29
N SER A 150 -1.84 -18.53 -51.34
CA SER A 150 -3.17 -18.21 -51.83
C SER A 150 -3.62 -19.28 -52.82
N VAL A 151 -4.83 -19.79 -52.63
CA VAL A 151 -5.38 -20.83 -53.48
C VAL A 151 -6.80 -20.44 -53.89
N VAL A 152 -7.10 -20.62 -55.17
CA VAL A 152 -8.44 -20.37 -55.69
C VAL A 152 -9.23 -21.67 -55.66
N SER A 153 -10.45 -21.61 -55.13
CA SER A 153 -11.18 -22.81 -54.76
C SER A 153 -11.64 -23.62 -55.97
N LYS A 154 -12.16 -22.95 -57.00
CA LYS A 154 -12.71 -23.66 -58.14
C LYS A 154 -11.64 -24.33 -59.01
N TRP A 155 -10.36 -24.26 -58.64
CA TRP A 155 -9.31 -24.92 -59.39
C TRP A 155 -8.65 -26.05 -58.60
N MET A 156 -9.21 -26.42 -57.44
CA MET A 156 -8.65 -27.48 -56.61
C MET A 156 -9.44 -28.78 -56.70
N GLY A 157 -10.23 -28.96 -57.76
CA GLY A 157 -11.09 -30.11 -57.89
C GLY A 157 -12.40 -29.92 -57.15
N PRO A 158 -13.30 -30.91 -57.26
CA PRO A 158 -14.66 -30.74 -56.73
C PRO A 158 -14.93 -31.35 -55.36
N THR A 159 -13.96 -32.01 -54.73
CA THR A 159 -14.19 -32.71 -53.48
C THR A 159 -13.23 -32.19 -52.40
N ILE A 160 -13.66 -32.31 -51.14
CA ILE A 160 -12.79 -32.00 -50.02
C ILE A 160 -11.51 -32.82 -50.08
N LYS A 161 -11.64 -34.12 -50.35
CA LYS A 161 -10.47 -34.97 -50.50
C LYS A 161 -9.61 -34.53 -51.67
N ASP A 162 -10.23 -34.05 -52.74
CA ASP A 162 -9.49 -33.50 -53.86
C ASP A 162 -8.82 -32.17 -53.50
N TRP A 163 -9.17 -31.58 -52.35
CA TRP A 163 -8.52 -30.38 -51.86
C TRP A 163 -7.37 -30.71 -50.92
N GLU A 164 -7.53 -31.73 -50.08
CA GLU A 164 -6.48 -32.12 -49.14
C GLU A 164 -5.24 -32.64 -49.85
N LYS A 165 -5.35 -33.02 -51.12
CA LYS A 165 -4.15 -33.32 -51.91
C LYS A 165 -3.36 -32.05 -52.15
N VAL A 166 -4.05 -30.93 -52.38
CA VAL A 166 -3.38 -29.65 -52.54
C VAL A 166 -2.83 -29.17 -51.21
N PHE A 167 -3.58 -29.39 -50.13
CA PHE A 167 -3.11 -29.03 -48.79
C PHE A 167 -1.79 -29.72 -48.47
N ALA A 168 -1.72 -31.02 -48.73
CA ALA A 168 -0.48 -31.76 -48.48
C ALA A 168 0.63 -31.30 -49.41
N ARG A 169 0.26 -30.84 -50.62
CA ARG A 169 1.27 -30.33 -51.55
C ARG A 169 1.90 -29.04 -51.02
N VAL A 170 1.08 -28.11 -50.53
CA VAL A 170 1.63 -26.86 -50.02
C VAL A 170 2.25 -27.05 -48.64
N ALA A 171 1.68 -27.94 -47.82
CA ALA A 171 2.27 -28.21 -46.51
C ALA A 171 3.66 -28.83 -46.62
N SER A 172 3.96 -29.48 -47.74
CA SER A 172 5.32 -29.94 -47.98
C SER A 172 6.26 -28.77 -48.23
N LYS A 173 5.82 -27.78 -49.00
CA LYS A 173 6.61 -26.56 -49.19
C LYS A 173 6.67 -25.70 -47.94
N LYS A 174 6.04 -26.15 -46.84
CA LYS A 174 6.25 -25.61 -45.50
C LYS A 174 5.66 -24.20 -45.34
N TYR A 175 4.60 -23.89 -46.09
CA TYR A 175 3.80 -22.73 -45.72
C TYR A 175 3.08 -22.98 -44.40
N ASN A 176 2.74 -21.90 -43.71
CA ASN A 176 2.04 -22.00 -42.44
C ASN A 176 0.70 -21.28 -42.45
N MET A 177 0.24 -20.84 -43.61
CA MET A 177 -1.06 -20.20 -43.73
C MET A 177 -1.53 -20.29 -45.17
N ILE A 178 -2.83 -20.56 -45.34
CA ILE A 178 -3.43 -20.69 -46.67
C ILE A 178 -4.49 -19.60 -46.82
N HIS A 179 -4.41 -18.86 -47.91
CA HIS A 179 -5.37 -17.82 -48.24
C HIS A 179 -6.41 -18.40 -49.19
N PHE A 180 -7.68 -18.30 -48.82
CA PHE A 180 -8.77 -18.88 -49.60
C PHE A 180 -9.49 -17.76 -50.34
N THR A 181 -9.44 -17.79 -51.67
CA THR A 181 -10.35 -16.96 -52.44
C THR A 181 -11.77 -17.36 -52.06
N PRO A 182 -12.72 -16.43 -52.08
CA PRO A 182 -13.99 -16.66 -51.37
C PRO A 182 -14.59 -18.04 -51.62
N LEU A 183 -14.89 -18.72 -50.53
CA LEU A 183 -15.41 -20.09 -50.54
C LEU A 183 -16.92 -20.10 -50.48
N GLN A 184 -17.54 -19.01 -50.92
CA GLN A 184 -18.97 -18.79 -50.81
C GLN A 184 -19.65 -19.25 -52.10
N HIS A 185 -20.96 -19.39 -52.03
CA HIS A 185 -21.73 -19.70 -53.24
C HIS A 185 -21.44 -18.64 -54.29
N ARG A 186 -20.90 -19.06 -55.43
CA ARG A 186 -20.45 -18.13 -56.45
C ARG A 186 -21.62 -17.71 -57.35
N GLY A 187 -21.48 -16.51 -57.92
CA GLY A 187 -22.54 -15.90 -58.70
C GLY A 187 -22.62 -16.41 -60.13
N GLU A 188 -23.25 -15.59 -60.97
CA GLU A 188 -23.51 -15.96 -62.36
C GLU A 188 -22.23 -16.32 -63.09
N SER A 189 -21.31 -15.36 -63.22
CA SER A 189 -20.12 -15.52 -64.03
C SER A 189 -19.05 -16.41 -63.39
N ASN A 190 -19.34 -16.98 -62.21
CA ASN A 190 -18.50 -17.95 -61.52
C ASN A 190 -17.17 -17.36 -61.05
N SER A 191 -16.99 -16.06 -61.16
CA SER A 191 -15.82 -15.43 -60.59
C SER A 191 -15.87 -15.58 -59.07
N PRO A 192 -14.75 -15.87 -58.41
CA PRO A 192 -14.81 -16.12 -56.96
C PRO A 192 -15.22 -14.91 -56.15
N TYR A 193 -15.18 -13.70 -56.71
CA TYR A 193 -15.49 -12.51 -55.94
C TYR A 193 -16.92 -12.01 -56.11
N SER A 194 -17.62 -12.40 -57.17
CA SER A 194 -19.07 -12.15 -57.30
C SER A 194 -19.79 -13.28 -56.57
N ILE A 195 -20.27 -12.99 -55.36
CA ILE A 195 -20.81 -14.00 -54.45
C ILE A 195 -22.33 -14.01 -54.56
N TYR A 196 -22.90 -15.20 -54.84
CA TYR A 196 -24.33 -15.39 -54.83
C TYR A 196 -24.92 -15.11 -53.46
N ASP A 197 -24.59 -15.94 -52.47
CA ASP A 197 -25.11 -15.83 -51.12
C ASP A 197 -23.96 -15.77 -50.13
N GLN A 198 -23.96 -14.74 -49.28
CA GLN A 198 -22.91 -14.59 -48.28
C GLN A 198 -23.05 -15.58 -47.14
N LEU A 199 -24.18 -16.27 -47.02
CA LEU A 199 -24.51 -17.04 -45.83
C LEU A 199 -24.45 -18.55 -46.04
N GLU A 200 -24.08 -19.02 -47.22
CA GLU A 200 -23.76 -20.43 -47.40
C GLU A 200 -22.62 -20.57 -48.39
N PHE A 201 -21.89 -21.67 -48.26
CA PHE A 201 -20.69 -21.90 -49.04
C PHE A 201 -21.07 -22.62 -50.33
N ASP A 202 -20.06 -22.87 -51.17
CA ASP A 202 -20.26 -23.57 -52.44
C ASP A 202 -20.97 -24.90 -52.23
N PRO A 203 -22.21 -25.04 -52.69
CA PRO A 203 -22.91 -26.32 -52.53
C PRO A 203 -22.25 -27.44 -53.31
N THR A 204 -21.47 -27.11 -54.33
CA THR A 204 -20.73 -28.11 -55.08
C THR A 204 -19.74 -28.88 -54.19
N VAL A 205 -19.33 -28.29 -53.07
CA VAL A 205 -18.31 -28.91 -52.22
C VAL A 205 -18.81 -29.04 -50.78
N PHE A 206 -19.42 -27.99 -50.26
CA PHE A 206 -19.79 -27.93 -48.86
C PHE A 206 -21.31 -27.97 -48.68
N LYS A 207 -21.72 -28.39 -47.49
CA LYS A 207 -23.13 -28.38 -47.10
C LYS A 207 -23.38 -27.51 -45.89
N SER A 208 -22.58 -27.63 -44.82
CA SER A 208 -22.77 -26.86 -43.61
C SER A 208 -21.47 -26.18 -43.21
N GLU A 209 -21.56 -25.28 -42.22
CA GLU A 209 -20.36 -24.68 -41.65
C GLU A 209 -19.46 -25.74 -41.01
N LYS A 210 -20.06 -26.71 -40.33
CA LYS A 210 -19.25 -27.75 -39.69
C LYS A 210 -18.46 -28.54 -40.72
N GLU A 211 -18.98 -28.69 -41.94
CA GLU A 211 -18.23 -29.39 -42.97
C GLU A 211 -16.99 -28.62 -43.38
N VAL A 212 -17.07 -27.29 -43.44
CA VAL A 212 -15.89 -26.48 -43.76
C VAL A 212 -15.08 -26.18 -42.50
N ALA A 213 -15.74 -25.87 -41.38
CA ALA A 213 -15.01 -25.60 -40.14
C ALA A 213 -14.18 -26.79 -39.70
N ASP A 214 -14.67 -28.01 -39.93
CA ASP A 214 -13.88 -29.20 -39.62
C ASP A 214 -12.79 -29.41 -40.66
N MET A 215 -13.06 -29.12 -41.94
CA MET A 215 -12.01 -29.22 -42.94
C MET A 215 -10.89 -28.22 -42.65
N VAL A 216 -11.26 -26.98 -42.31
CA VAL A 216 -10.26 -25.97 -41.97
C VAL A 216 -9.52 -26.37 -40.69
N GLU A 217 -10.25 -26.93 -39.72
CA GLU A 217 -9.60 -27.44 -38.52
C GLU A 217 -8.69 -28.62 -38.85
N ARG A 218 -9.07 -29.42 -39.85
CA ARG A 218 -8.20 -30.51 -40.29
C ARG A 218 -6.87 -29.98 -40.82
N LEU A 219 -6.89 -28.82 -41.49
CA LEU A 219 -5.65 -28.18 -41.87
C LEU A 219 -4.79 -27.83 -40.66
N ARG A 220 -5.43 -27.42 -39.57
CA ARG A 220 -4.68 -27.01 -38.38
C ARG A 220 -4.01 -28.20 -37.71
N THR A 221 -4.63 -29.38 -37.77
CA THR A 221 -4.15 -30.56 -37.07
C THR A 221 -3.32 -31.47 -37.96
N GLU A 222 -3.62 -31.56 -39.25
CA GLU A 222 -2.89 -32.45 -40.14
C GLU A 222 -1.67 -31.80 -40.76
N HIS A 223 -1.68 -30.48 -40.95
CA HIS A 223 -0.60 -29.81 -41.67
C HIS A 223 0.02 -28.64 -40.93
N ASN A 224 -0.41 -28.35 -39.70
CA ASN A 224 0.09 -27.19 -38.96
C ASN A 224 -0.05 -25.92 -39.79
N ILE A 225 -1.25 -25.72 -40.35
CA ILE A 225 -1.52 -24.64 -41.28
C ILE A 225 -2.75 -23.86 -40.79
N LEU A 226 -2.64 -22.54 -40.78
CA LEU A 226 -3.76 -21.66 -40.46
C LEU A 226 -4.43 -21.20 -41.74
N SER A 227 -5.71 -20.84 -41.64
CA SER A 227 -6.49 -20.49 -42.81
C SER A 227 -7.10 -19.10 -42.65
N LEU A 228 -7.13 -18.35 -43.75
CA LEU A 228 -7.89 -17.11 -43.83
C LEU A 228 -8.55 -17.01 -45.19
N THR A 229 -9.65 -16.27 -45.25
CA THR A 229 -10.46 -16.17 -46.45
C THR A 229 -10.56 -14.72 -46.90
N ASP A 230 -10.72 -14.54 -48.21
CA ASP A 230 -11.17 -13.26 -48.72
C ASP A 230 -12.51 -12.89 -48.10
N ILE A 231 -12.75 -11.58 -47.98
CA ILE A 231 -14.04 -11.05 -47.58
C ILE A 231 -14.35 -9.86 -48.49
N VAL A 232 -15.47 -9.92 -49.18
CA VAL A 232 -15.87 -8.89 -50.12
C VAL A 232 -16.92 -8.01 -49.47
N PHE A 233 -16.63 -6.71 -49.38
CA PHE A 233 -17.54 -5.72 -48.81
C PHE A 233 -18.18 -4.82 -49.85
N ASN A 234 -17.50 -4.55 -50.96
CA ASN A 234 -17.92 -3.51 -51.89
C ASN A 234 -19.04 -3.95 -52.81
N HIS A 235 -19.37 -5.24 -52.89
CA HIS A 235 -20.32 -5.69 -53.88
C HIS A 235 -20.75 -7.12 -53.61
N THR A 236 -21.89 -7.49 -54.20
CA THR A 236 -22.37 -8.86 -54.27
C THR A 236 -22.75 -9.18 -55.72
N ALA A 237 -22.98 -10.45 -56.01
CA ALA A 237 -23.25 -10.86 -57.38
C ALA A 237 -24.63 -10.39 -57.82
N ASN A 238 -24.78 -10.19 -59.14
CA ASN A 238 -25.97 -9.62 -59.74
C ASN A 238 -27.15 -10.60 -59.82
N ASN A 239 -27.13 -11.68 -59.04
CA ASN A 239 -28.21 -12.66 -59.10
C ASN A 239 -28.42 -13.30 -57.74
N SER A 240 -28.42 -12.48 -56.70
CA SER A 240 -28.73 -12.95 -55.35
C SER A 240 -30.25 -12.95 -55.18
N GLN A 241 -30.80 -14.07 -54.72
CA GLN A 241 -32.25 -14.14 -54.54
C GLN A 241 -32.76 -13.13 -53.53
N TRP A 242 -31.87 -12.52 -52.73
CA TRP A 242 -32.28 -11.45 -51.83
C TRP A 242 -32.19 -10.08 -52.48
N LEU A 243 -31.47 -9.95 -53.60
CA LEU A 243 -31.55 -8.71 -54.37
C LEU A 243 -32.98 -8.46 -54.83
N LEU A 244 -33.74 -9.53 -55.04
CA LEU A 244 -35.15 -9.41 -55.39
C LEU A 244 -35.98 -9.04 -54.17
N ASP A 245 -35.64 -9.62 -53.01
CA ASP A 245 -36.36 -9.33 -51.77
C ASP A 245 -35.97 -7.99 -51.15
N HIS A 246 -34.79 -7.46 -51.49
CA HIS A 246 -34.32 -6.20 -50.91
C HIS A 246 -33.50 -5.47 -51.95
N PRO A 247 -34.13 -4.67 -52.80
CA PRO A 247 -33.39 -3.91 -53.81
C PRO A 247 -32.81 -2.59 -53.30
N GLU A 248 -33.16 -2.17 -52.09
CA GLU A 248 -32.66 -0.90 -51.57
C GLU A 248 -31.21 -0.98 -51.12
N ALA A 249 -30.68 -2.20 -50.92
CA ALA A 249 -29.30 -2.38 -50.49
C ALA A 249 -28.30 -1.88 -51.52
N GLY A 250 -28.71 -1.67 -52.77
CA GLY A 250 -27.86 -1.06 -53.77
C GLY A 250 -28.22 0.39 -54.02
N TYR A 251 -27.67 0.92 -55.11
CA TYR A 251 -27.99 2.27 -55.55
C TYR A 251 -28.99 2.18 -56.70
N ASN A 252 -30.25 2.53 -56.43
CA ASN A 252 -31.31 2.52 -57.43
C ASN A 252 -31.76 3.94 -57.71
N HIS A 253 -32.72 4.07 -58.63
CA HIS A 253 -33.35 5.36 -58.89
C HIS A 253 -34.04 5.93 -57.66
N LYS A 254 -34.43 5.09 -56.70
CA LYS A 254 -35.06 5.61 -55.49
C LYS A 254 -34.01 6.13 -54.50
N THR A 255 -33.00 5.32 -54.20
CA THR A 255 -32.03 5.67 -53.16
C THR A 255 -31.03 6.71 -53.66
N SER A 256 -30.52 6.55 -54.89
CA SER A 256 -29.51 7.43 -55.46
C SER A 256 -30.09 8.03 -56.74
N PRO A 257 -30.90 9.09 -56.63
CA PRO A 257 -31.60 9.63 -57.80
C PRO A 257 -30.68 10.18 -58.88
N HIS A 258 -29.50 10.67 -58.51
CA HIS A 258 -28.59 11.28 -59.47
C HIS A 258 -28.18 10.33 -60.59
N LEU A 259 -28.34 9.02 -60.39
CA LEU A 259 -27.96 8.03 -61.38
C LEU A 259 -29.06 7.76 -62.41
N ILE A 260 -30.23 8.41 -62.29
CA ILE A 260 -31.30 8.21 -63.26
C ILE A 260 -30.84 8.57 -64.66
N SER A 261 -30.19 9.73 -64.82
CA SER A 261 -29.60 10.09 -66.10
C SER A 261 -28.60 9.05 -66.58
N ALA A 262 -27.97 8.31 -65.66
CA ALA A 262 -27.00 7.29 -66.06
C ALA A 262 -27.68 5.97 -66.41
N ILE A 263 -28.84 5.69 -65.80
CA ILE A 263 -29.58 4.48 -66.13
C ILE A 263 -30.10 4.55 -67.56
N GLU A 264 -30.80 5.64 -67.90
CA GLU A 264 -31.35 5.79 -69.24
C GLU A 264 -30.28 5.87 -70.32
N LEU A 265 -29.01 6.01 -69.95
CA LEU A 265 -27.93 5.91 -70.93
C LEU A 265 -27.39 4.49 -71.05
N ASP A 266 -27.51 3.69 -69.99
CA ASP A 266 -27.07 2.30 -70.08
C ASP A 266 -28.11 1.41 -70.75
N LYS A 267 -29.39 1.65 -70.47
CA LYS A 267 -30.43 0.92 -71.20
C LYS A 267 -30.58 1.43 -72.62
N LYS A 268 -30.10 2.64 -72.91
CA LYS A 268 -30.04 3.16 -74.26
C LYS A 268 -28.87 2.61 -75.07
N LEU A 269 -28.11 1.67 -74.52
CA LEU A 269 -27.04 1.02 -75.26
C LEU A 269 -27.23 -0.47 -75.43
N LEU A 270 -27.76 -1.15 -74.41
CA LEU A 270 -28.22 -2.52 -74.61
C LEU A 270 -29.40 -2.57 -75.58
N ASP A 271 -30.24 -1.53 -75.57
CA ASP A 271 -31.32 -1.37 -76.52
C ASP A 271 -30.87 -0.64 -77.78
N PHE A 272 -29.56 -0.39 -77.93
CA PHE A 272 -29.03 0.18 -79.16
C PHE A 272 -28.06 -0.75 -79.86
N SER A 273 -27.42 -1.64 -79.11
CA SER A 273 -26.58 -2.65 -79.74
C SER A 273 -27.43 -3.61 -80.55
N GLU A 274 -28.66 -3.86 -80.10
CA GLU A 274 -29.52 -4.83 -80.78
C GLU A 274 -30.06 -4.27 -82.09
N GLN A 275 -30.29 -2.97 -82.16
CA GLN A 275 -30.64 -2.32 -83.41
C GLN A 275 -29.43 -1.78 -84.13
N MET A 276 -28.24 -1.96 -83.56
CA MET A 276 -27.03 -1.48 -84.21
C MET A 276 -26.76 -2.23 -85.50
N GLU A 277 -27.11 -3.52 -85.54
CA GLU A 277 -26.99 -4.32 -86.75
C GLU A 277 -27.79 -3.74 -87.91
N ALA A 278 -28.98 -3.20 -87.64
CA ALA A 278 -29.86 -2.69 -88.69
C ALA A 278 -29.23 -1.66 -89.62
N LEU A 279 -28.88 -0.49 -89.11
CA LEU A 279 -28.31 0.58 -89.93
C LEU A 279 -26.81 0.72 -89.69
N GLY A 280 -26.05 0.80 -90.78
CA GLY A 280 -24.63 1.12 -90.70
C GLY A 280 -23.90 0.39 -89.60
N TYR A 281 -24.16 -0.92 -89.47
CA TYR A 281 -23.72 -1.65 -88.28
C TYR A 281 -22.22 -1.66 -88.06
N PRO A 282 -21.37 -2.11 -89.00
CA PRO A 282 -20.01 -2.50 -88.62
C PRO A 282 -19.95 -3.04 -87.21
N VAL A 283 -20.75 -4.10 -86.99
CA VAL A 283 -20.97 -4.67 -85.67
C VAL A 283 -19.65 -5.12 -85.05
N ASP A 284 -18.70 -5.57 -85.86
CA ASP A 284 -17.33 -5.73 -85.42
C ASP A 284 -16.42 -5.59 -86.63
N LEU A 285 -15.29 -4.90 -86.43
CA LEU A 285 -14.32 -4.61 -87.49
C LEU A 285 -13.20 -3.79 -86.86
N LYS A 286 -12.05 -3.81 -87.52
CA LYS A 286 -10.83 -3.20 -86.99
C LYS A 286 -10.46 -1.90 -87.69
N THR A 287 -11.44 -1.16 -88.21
CA THR A 287 -11.19 0.08 -88.92
C THR A 287 -11.50 1.27 -88.02
N VAL A 288 -10.45 2.06 -87.70
CA VAL A 288 -10.63 3.32 -86.99
C VAL A 288 -11.56 4.24 -87.78
N ASP A 289 -11.27 4.41 -89.08
CA ASP A 289 -12.11 5.23 -89.95
C ASP A 289 -13.58 4.81 -89.87
N ASP A 290 -13.84 3.53 -89.58
CA ASP A 290 -15.22 3.09 -89.40
C ASP A 290 -15.75 3.41 -88.01
N LEU A 291 -14.89 3.42 -86.99
CA LEU A 291 -15.32 3.83 -85.65
C LEU A 291 -16.13 5.13 -85.71
N ILE A 292 -15.70 6.10 -86.52
CA ILE A 292 -16.44 7.35 -86.67
C ILE A 292 -17.86 7.07 -87.11
N LYS A 293 -18.03 6.20 -88.12
CA LYS A 293 -19.37 5.84 -88.55
C LYS A 293 -20.15 5.11 -87.46
N VAL A 294 -19.47 4.47 -86.50
CA VAL A 294 -20.17 3.96 -85.34
C VAL A 294 -20.35 5.08 -84.30
N MET A 295 -19.39 5.99 -84.20
CA MET A 295 -19.53 7.13 -83.30
C MET A 295 -20.56 8.12 -83.82
N ASP A 296 -20.61 8.32 -85.13
CA ASP A 296 -21.62 9.22 -85.69
C ASP A 296 -23.03 8.65 -85.49
N GLY A 297 -23.15 7.33 -85.40
CA GLY A 297 -24.43 6.74 -85.04
C GLY A 297 -24.73 6.94 -83.58
N ILE A 298 -23.69 6.88 -82.74
CA ILE A 298 -23.82 7.26 -81.33
C ILE A 298 -24.38 8.68 -81.23
N LYS A 299 -23.65 9.64 -81.80
CA LYS A 299 -24.04 11.05 -81.78
C LYS A 299 -25.54 11.26 -81.95
N GLU A 300 -26.15 10.55 -82.90
CA GLU A 300 -27.56 10.74 -83.21
C GLU A 300 -28.48 9.81 -82.40
N HIS A 301 -28.35 8.49 -82.57
CA HIS A 301 -29.35 7.58 -82.06
C HIS A 301 -29.44 7.56 -80.53
N VAL A 302 -28.33 7.72 -79.82
CA VAL A 302 -28.35 7.67 -78.36
C VAL A 302 -28.23 9.06 -77.73
N ILE A 303 -27.27 9.87 -78.20
CA ILE A 303 -27.03 11.17 -77.58
C ILE A 303 -28.16 12.14 -77.88
N GLY A 304 -28.58 12.21 -79.14
CA GLY A 304 -29.65 13.13 -79.51
C GLY A 304 -31.01 12.68 -79.04
N GLU A 305 -31.29 11.37 -79.13
CA GLU A 305 -32.59 10.86 -78.72
C GLU A 305 -32.76 10.90 -77.21
N LEU A 306 -31.69 10.66 -76.46
CA LEU A 306 -31.75 10.83 -75.02
C LEU A 306 -31.87 12.31 -74.65
N LYS A 307 -32.62 12.58 -73.60
CA LYS A 307 -32.86 13.96 -73.17
C LYS A 307 -31.89 14.37 -72.06
N LEU A 308 -30.59 14.29 -72.38
CA LEU A 308 -29.56 14.52 -71.38
C LEU A 308 -29.61 15.94 -70.81
N TRP A 309 -29.52 16.93 -71.70
CA TRP A 309 -29.51 18.34 -71.30
C TRP A 309 -30.68 18.65 -70.37
N GLU A 310 -31.82 18.01 -70.60
CA GLU A 310 -33.01 18.27 -69.80
C GLU A 310 -32.76 18.04 -68.32
N PHE A 311 -31.83 17.17 -67.97
CA PHE A 311 -31.48 17.00 -66.55
C PHE A 311 -30.73 18.22 -66.01
N TYR A 312 -29.93 18.88 -66.84
CA TYR A 312 -29.21 20.07 -66.41
C TYR A 312 -30.00 21.35 -66.67
N VAL A 313 -30.57 21.46 -67.87
CA VAL A 313 -31.22 22.68 -68.32
C VAL A 313 -32.59 22.84 -67.66
N VAL A 314 -33.07 24.09 -67.64
CA VAL A 314 -34.41 24.42 -67.21
C VAL A 314 -35.28 24.57 -68.45
N ASP A 315 -36.42 23.91 -68.46
CA ASP A 315 -37.35 23.97 -69.59
C ASP A 315 -37.89 25.39 -69.68
N VAL A 316 -37.31 26.19 -70.57
CA VAL A 316 -37.68 27.61 -70.67
C VAL A 316 -39.12 27.76 -71.15
N LYS A 317 -39.50 27.04 -72.20
CA LYS A 317 -40.86 27.19 -72.73
C LYS A 317 -41.90 26.74 -71.72
N GLN A 318 -41.59 25.69 -70.96
CA GLN A 318 -42.49 25.23 -69.92
C GLN A 318 -42.57 26.23 -68.77
N THR A 319 -41.48 26.96 -68.52
CA THR A 319 -41.50 27.96 -67.45
C THR A 319 -42.35 29.16 -67.84
N VAL A 320 -42.26 29.58 -69.11
CA VAL A 320 -42.98 30.78 -69.56
C VAL A 320 -44.47 30.50 -69.64
N SER A 321 -44.87 29.36 -70.19
CA SER A 321 -46.29 29.02 -70.18
C SER A 321 -46.82 28.83 -68.77
N GLU A 322 -45.98 28.36 -67.85
CA GLU A 322 -46.30 28.30 -66.44
C GLU A 322 -46.19 29.66 -65.75
N LEU A 323 -45.82 30.72 -66.48
CA LEU A 323 -45.80 32.07 -65.96
C LEU A 323 -47.03 32.89 -66.32
N ARG A 324 -47.36 32.97 -67.61
CA ARG A 324 -48.58 33.63 -68.07
C ARG A 324 -49.80 33.09 -67.33
N GLU A 325 -49.89 31.76 -67.23
CA GLU A 325 -51.01 31.12 -66.54
C GLU A 325 -51.08 31.58 -65.08
N LYS A 326 -49.94 31.54 -64.38
CA LYS A 326 -49.93 31.91 -62.97
C LYS A 326 -49.92 33.42 -62.74
N TRP A 327 -49.44 34.21 -63.71
CA TRP A 327 -49.13 35.63 -63.57
C TRP A 327 -50.05 36.41 -62.63
N GLY A 328 -51.37 36.21 -62.73
CA GLY A 328 -52.26 36.84 -61.78
C GLY A 328 -52.29 36.23 -60.38
N ASN A 329 -51.14 36.20 -59.70
CA ASN A 329 -51.06 35.74 -58.31
C ASN A 329 -49.99 36.49 -57.54
N SER A 330 -49.36 35.83 -56.56
CA SER A 330 -48.37 36.44 -55.69
C SER A 330 -47.35 37.22 -56.51
N LYS A 331 -47.12 38.47 -56.10
CA LYS A 331 -46.39 39.42 -56.92
C LYS A 331 -45.70 40.44 -56.03
N SER A 332 -45.08 41.42 -56.69
CA SER A 332 -44.41 42.56 -56.05
C SER A 332 -43.32 42.10 -55.09
N TRP A 333 -42.09 41.99 -55.58
CA TRP A 333 -40.93 41.72 -54.74
C TRP A 333 -40.55 43.01 -54.03
N SER A 334 -41.34 43.37 -53.02
CA SER A 334 -41.19 44.63 -52.29
C SER A 334 -39.82 44.76 -51.66
N ASP A 335 -38.79 44.90 -52.48
CA ASP A 335 -37.41 44.94 -52.02
C ASP A 335 -36.51 45.35 -53.18
N ASP A 336 -35.46 46.09 -52.86
CA ASP A 336 -34.50 46.55 -53.87
C ASP A 336 -33.29 45.62 -53.99
N ASN A 337 -33.52 44.31 -53.88
CA ASN A 337 -32.47 43.33 -54.17
C ASN A 337 -32.42 43.01 -55.66
N ILE A 338 -32.58 43.98 -56.54
CA ILE A 338 -32.75 43.73 -57.96
C ILE A 338 -31.64 44.45 -58.72
N PRO A 339 -30.90 43.77 -59.57
CA PRO A 339 -29.95 44.45 -60.45
C PRO A 339 -30.72 44.88 -61.71
N SER A 340 -30.06 45.73 -62.49
CA SER A 340 -30.73 46.21 -63.68
C SER A 340 -30.72 45.14 -64.77
N LYS A 341 -31.35 45.46 -65.90
CA LYS A 341 -31.25 44.59 -67.06
C LYS A 341 -29.96 44.82 -67.84
N ASP A 342 -29.21 45.86 -67.47
CA ASP A 342 -27.87 46.04 -68.03
C ASP A 342 -26.95 44.90 -67.62
N ASP A 343 -26.94 44.57 -66.32
CA ASP A 343 -26.09 43.50 -65.78
C ASP A 343 -26.82 42.17 -65.96
N SER A 344 -26.82 41.69 -67.21
CA SER A 344 -27.49 40.45 -67.56
C SER A 344 -26.78 39.20 -67.06
N THR A 345 -25.59 39.34 -66.47
CA THR A 345 -24.87 38.21 -65.91
C THR A 345 -25.16 38.07 -64.42
N ASN A 346 -25.30 39.20 -63.73
CA ASN A 346 -25.51 39.19 -62.29
C ASN A 346 -26.98 39.04 -61.96
N LEU A 347 -27.85 39.76 -62.69
CA LEU A 347 -29.29 39.56 -62.53
C LEU A 347 -29.68 38.10 -62.70
N ALA A 348 -29.16 37.46 -63.74
CA ALA A 348 -29.42 36.04 -63.97
C ALA A 348 -29.08 35.19 -62.74
N GLN A 349 -27.87 35.33 -62.24
CA GLN A 349 -27.45 34.57 -61.05
C GLN A 349 -28.34 34.88 -59.85
N PHE A 350 -28.74 36.15 -59.70
CA PHE A 350 -29.61 36.52 -58.59
C PHE A 350 -30.90 35.71 -58.60
N VAL A 351 -31.54 35.59 -59.76
CA VAL A 351 -32.71 34.73 -59.89
C VAL A 351 -32.36 33.28 -59.55
N ARG A 352 -31.20 32.82 -60.02
CA ARG A 352 -30.75 31.46 -59.73
C ARG A 352 -30.71 31.17 -58.23
N ASP A 353 -30.54 32.18 -57.40
CA ASP A 353 -30.43 31.97 -55.97
C ASP A 353 -31.79 32.01 -55.28
N ASN A 354 -32.62 32.99 -55.63
CA ASN A 354 -33.87 33.24 -54.91
C ASN A 354 -35.09 32.49 -55.46
N ALA A 355 -35.18 32.28 -56.77
CA ALA A 355 -36.39 31.69 -57.38
C ALA A 355 -36.09 30.30 -57.93
N THR A 356 -35.78 29.38 -57.03
CA THR A 356 -35.44 28.01 -57.39
C THR A 356 -35.97 27.06 -56.33
N GLU A 357 -36.52 25.94 -56.78
CA GLU A 357 -36.99 24.90 -55.89
C GLU A 357 -35.78 24.17 -55.32
N PRO A 358 -35.95 23.32 -54.30
CA PRO A 358 -34.76 22.69 -53.71
C PRO A 358 -34.12 21.71 -54.67
N GLY A 359 -32.79 21.68 -54.67
CA GLY A 359 -32.04 20.78 -55.50
C GLY A 359 -31.58 21.35 -56.83
N PHE A 360 -31.28 22.65 -56.88
CA PHE A 360 -30.88 23.29 -58.14
C PHE A 360 -29.42 23.01 -58.46
N GLY A 361 -29.16 22.84 -59.76
CA GLY A 361 -27.84 22.51 -60.24
C GLY A 361 -27.44 21.07 -60.03
N SER A 362 -28.11 20.36 -59.12
CA SER A 362 -27.82 18.97 -58.82
C SER A 362 -28.75 18.06 -59.64
N LEU A 363 -28.18 16.98 -60.17
CA LEU A 363 -28.93 16.06 -61.00
C LEU A 363 -29.89 15.20 -60.17
N GLY A 364 -31.03 14.86 -60.80
CA GLY A 364 -32.09 14.11 -60.16
C GLY A 364 -33.05 13.52 -61.18
N GLU A 365 -34.30 13.95 -61.14
CA GLU A 365 -35.26 13.50 -62.14
C GLU A 365 -35.04 14.25 -63.46
N ARG A 366 -35.73 13.77 -64.50
CA ARG A 366 -35.54 14.29 -65.86
C ARG A 366 -35.57 15.81 -65.90
N GLY A 367 -36.50 16.43 -65.16
CA GLY A 367 -36.60 17.87 -65.12
C GLY A 367 -36.45 18.39 -63.70
N SER A 368 -35.40 17.97 -63.00
CA SER A 368 -35.24 18.26 -61.58
C SER A 368 -34.82 19.69 -61.29
N ASN A 369 -34.52 20.50 -62.30
CA ASN A 369 -34.07 21.87 -62.10
C ASN A 369 -35.17 22.78 -62.62
N LYS A 370 -35.90 23.41 -61.69
CA LYS A 370 -37.03 24.24 -62.04
C LYS A 370 -37.06 25.47 -61.13
N ILE A 371 -37.80 26.48 -61.57
CA ILE A 371 -37.83 27.79 -60.94
C ILE A 371 -39.10 27.91 -60.13
N ASN A 372 -38.99 28.50 -58.94
CA ASN A 372 -40.18 28.85 -58.18
C ASN A 372 -40.89 30.00 -58.89
N ILE A 373 -42.10 29.76 -59.36
CA ILE A 373 -42.72 30.66 -60.32
C ILE A 373 -43.29 31.89 -59.61
N ASP A 374 -43.88 31.69 -58.43
CA ASP A 374 -44.46 32.82 -57.70
C ASP A 374 -43.40 33.86 -57.37
N LYS A 375 -42.19 33.42 -57.04
CA LYS A 375 -41.10 34.33 -56.73
C LYS A 375 -40.32 34.80 -57.96
N PHE A 376 -40.37 34.06 -59.07
CA PHE A 376 -39.80 34.57 -60.31
C PHE A 376 -40.69 35.62 -60.95
N ALA A 377 -42.01 35.48 -60.82
CA ALA A 377 -42.92 36.52 -61.29
C ALA A 377 -42.76 37.80 -60.49
N ALA A 378 -42.79 37.68 -59.16
CA ALA A 378 -42.65 38.84 -58.29
C ALA A 378 -41.37 39.62 -58.61
N ILE A 379 -40.28 38.92 -58.96
CA ILE A 379 -39.04 39.59 -59.33
C ILE A 379 -39.22 40.37 -60.63
N LEU A 380 -39.89 39.77 -61.61
CA LEU A 380 -40.10 40.43 -62.89
C LEU A 380 -40.94 41.69 -62.73
N LYS A 381 -42.03 41.59 -61.98
CA LYS A 381 -42.93 42.74 -61.81
C LYS A 381 -42.17 43.98 -61.32
N LYS A 382 -41.37 43.83 -60.26
CA LYS A 382 -40.63 44.98 -59.72
C LYS A 382 -39.59 45.47 -60.72
N LEU A 383 -38.84 44.55 -61.33
CA LEU A 383 -37.79 44.97 -62.25
C LEU A 383 -38.36 45.59 -63.51
N HIS A 384 -39.42 45.00 -64.08
CA HIS A 384 -39.90 45.49 -65.37
C HIS A 384 -41.31 46.07 -65.29
N SER A 385 -42.33 45.21 -65.28
CA SER A 385 -43.71 45.68 -65.36
C SER A 385 -44.64 44.72 -64.66
N GLU A 386 -45.76 45.25 -64.16
CA GLU A 386 -46.78 44.41 -63.55
C GLU A 386 -47.57 43.64 -64.59
N ASP A 387 -47.67 44.17 -65.81
CA ASP A 387 -48.37 43.52 -66.91
C ASP A 387 -47.41 42.56 -67.62
N TYR A 388 -47.84 41.32 -67.78
CA TYR A 388 -47.06 40.33 -68.51
C TYR A 388 -46.75 40.81 -69.93
N ASN A 389 -47.79 41.21 -70.68
CA ASN A 389 -47.61 41.55 -72.08
C ASN A 389 -46.55 42.62 -72.29
N ASN A 390 -46.28 43.45 -71.29
CA ASN A 390 -45.33 44.56 -71.42
C ASN A 390 -43.88 44.07 -71.38
N GLY A 391 -43.56 43.13 -72.26
CA GLY A 391 -42.18 42.73 -72.47
C GLY A 391 -41.67 41.54 -71.66
N ILE A 392 -42.50 40.95 -70.80
CA ILE A 392 -42.01 39.91 -69.89
C ILE A 392 -41.51 38.69 -70.67
N GLU A 393 -42.28 38.24 -71.67
CA GLU A 393 -41.93 37.03 -72.41
C GLU A 393 -40.49 37.06 -72.91
N GLU A 394 -40.11 38.13 -73.60
CA GLU A 394 -38.72 38.28 -74.04
C GLU A 394 -37.77 38.33 -72.85
N LEU A 395 -38.11 39.13 -71.83
CA LEU A 395 -37.21 39.31 -70.70
C LEU A 395 -37.04 38.01 -69.93
N ALA A 396 -38.14 37.35 -69.57
CA ALA A 396 -38.06 36.14 -68.76
C ALA A 396 -37.25 35.06 -69.47
N THR A 397 -37.48 34.88 -70.77
CA THR A 397 -36.74 33.88 -71.53
C THR A 397 -35.26 34.24 -71.61
N LYS A 398 -34.94 35.54 -71.72
CA LYS A 398 -33.54 35.95 -71.80
C LYS A 398 -32.83 35.69 -70.48
N ILE A 399 -33.53 35.82 -69.35
CA ILE A 399 -32.93 35.50 -68.06
C ILE A 399 -32.62 34.01 -67.98
N LEU A 400 -33.65 33.18 -68.16
CA LEU A 400 -33.49 31.74 -68.03
C LEU A 400 -32.45 31.19 -69.00
N ASN A 401 -32.41 31.71 -70.24
CA ASN A 401 -31.35 31.33 -71.16
C ASN A 401 -29.97 31.57 -70.57
N ASP A 402 -29.70 32.81 -70.14
CA ASP A 402 -28.43 33.12 -69.49
C ASP A 402 -28.18 32.23 -68.28
N ILE A 403 -29.24 31.80 -67.59
CA ILE A 403 -29.08 30.90 -66.45
C ILE A 403 -28.64 29.52 -66.91
N ASN A 404 -29.07 29.09 -68.11
CA ASN A 404 -28.75 27.75 -68.60
C ASN A 404 -27.38 27.66 -69.25
N LEU A 405 -26.80 28.79 -69.65
CA LEU A 405 -25.47 28.78 -70.27
C LEU A 405 -24.42 28.02 -69.47
N PRO A 406 -24.32 28.13 -68.13
CA PRO A 406 -23.39 27.25 -67.42
C PRO A 406 -23.84 25.80 -67.44
N PHE A 407 -25.15 25.55 -67.39
CA PHE A 407 -25.65 24.18 -67.47
C PHE A 407 -25.41 23.56 -68.84
N TYR A 408 -25.53 24.35 -69.90
CA TYR A 408 -25.20 23.86 -71.23
C TYR A 408 -23.70 23.61 -71.38
N LYS A 409 -22.88 24.57 -70.93
CA LYS A 409 -21.44 24.34 -70.92
C LYS A 409 -21.09 23.10 -70.10
N GLU A 410 -21.70 22.96 -68.93
CA GLU A 410 -21.54 21.73 -68.15
C GLU A 410 -22.02 20.51 -68.94
N TYR A 411 -23.05 20.68 -69.78
CA TYR A 411 -23.55 19.59 -70.60
C TYR A 411 -22.50 19.15 -71.61
N ASP A 412 -22.05 20.08 -72.46
CA ASP A 412 -21.04 19.79 -73.46
C ASP A 412 -19.80 19.15 -72.84
N ASP A 413 -19.29 19.76 -71.76
CA ASP A 413 -18.14 19.21 -71.05
C ASP A 413 -18.34 17.73 -70.70
N ASP A 414 -19.52 17.39 -70.20
CA ASP A 414 -19.80 16.01 -69.81
C ASP A 414 -19.87 15.08 -71.01
N ILE A 415 -20.66 15.44 -72.03
CA ILE A 415 -20.90 14.51 -73.13
C ILE A 415 -19.63 14.23 -73.94
N ASN A 416 -18.72 15.21 -74.01
CA ASN A 416 -17.45 14.97 -74.68
C ASN A 416 -16.67 13.86 -73.99
N GLU A 417 -16.65 13.87 -72.66
CA GLU A 417 -15.98 12.82 -71.91
C GLU A 417 -16.72 11.50 -72.07
N VAL A 418 -18.05 11.55 -72.14
CA VAL A 418 -18.84 10.32 -72.30
C VAL A 418 -18.42 9.58 -73.56
N LEU A 419 -18.36 10.29 -74.69
CA LEU A 419 -18.05 9.66 -75.98
C LEU A 419 -16.56 9.43 -76.17
N GLU A 420 -15.73 10.43 -75.88
CA GLU A 420 -14.29 10.26 -76.00
C GLU A 420 -13.80 9.06 -75.20
N GLN A 421 -14.43 8.81 -74.05
CA GLN A 421 -14.08 7.63 -73.27
C GLN A 421 -14.60 6.36 -73.92
N LEU A 422 -15.76 6.43 -74.59
CA LEU A 422 -16.33 5.25 -75.22
C LEU A 422 -15.45 4.76 -76.37
N PHE A 423 -14.86 5.67 -77.15
CA PHE A 423 -14.11 5.23 -78.32
C PHE A 423 -12.77 4.64 -77.88
N ASN A 424 -12.03 5.36 -77.05
CA ASN A 424 -10.74 4.86 -76.56
C ASN A 424 -10.92 3.51 -75.88
N ARG A 425 -12.00 3.34 -75.13
CA ARG A 425 -12.32 2.06 -74.49
C ARG A 425 -12.66 1.01 -75.53
N ILE A 426 -13.75 1.23 -76.28
CA ILE A 426 -14.24 0.27 -77.27
C ILE A 426 -13.15 -0.08 -78.27
N LYS A 427 -12.17 0.79 -78.47
CA LYS A 427 -11.05 0.44 -79.33
C LYS A 427 -10.31 -0.71 -78.68
N TYR A 428 -9.60 -0.42 -77.60
CA TYR A 428 -8.99 -1.43 -76.75
C TYR A 428 -9.88 -2.64 -76.57
N LEU A 429 -11.11 -2.41 -76.09
CA LEU A 429 -12.01 -3.51 -75.79
C LEU A 429 -12.31 -4.37 -77.02
N ARG A 430 -12.48 -3.74 -78.19
CA ARG A 430 -12.89 -4.51 -79.37
C ARG A 430 -11.88 -4.52 -80.52
N ILE A 431 -11.23 -3.40 -80.83
CA ILE A 431 -10.27 -3.34 -81.93
C ILE A 431 -9.07 -4.22 -81.68
N ASP A 432 -8.89 -4.71 -80.45
CA ASP A 432 -7.83 -5.65 -80.09
C ASP A 432 -6.45 -5.02 -80.15
N ASP A 433 -6.37 -3.68 -80.20
CA ASP A 433 -5.12 -2.95 -80.34
C ASP A 433 -4.08 -3.49 -79.37
N HIS A 434 -4.53 -3.75 -78.14
CA HIS A 434 -3.79 -4.56 -77.19
C HIS A 434 -4.72 -5.40 -76.31
N GLY A 435 -6.02 -5.43 -76.62
CA GLY A 435 -6.96 -6.22 -75.86
C GLY A 435 -7.84 -7.08 -76.74
N PRO A 436 -7.39 -8.30 -77.03
CA PRO A 436 -8.12 -9.17 -77.96
C PRO A 436 -9.54 -9.47 -77.47
N LYS A 437 -10.51 -9.20 -78.36
CA LYS A 437 -11.92 -9.61 -78.29
C LYS A 437 -12.74 -8.76 -79.26
N GLN A 438 -12.57 -8.98 -80.58
CA GLN A 438 -13.36 -8.23 -81.54
C GLN A 438 -14.83 -8.62 -81.48
N GLY A 439 -15.13 -9.83 -81.01
CA GLY A 439 -16.45 -10.40 -80.96
C GLY A 439 -17.59 -9.42 -80.74
N PRO A 440 -18.62 -9.50 -81.58
CA PRO A 440 -19.64 -8.45 -81.59
C PRO A 440 -20.86 -8.72 -80.73
N ILE A 441 -21.98 -8.09 -81.11
CA ILE A 441 -23.20 -8.15 -80.31
C ILE A 441 -23.59 -9.56 -79.95
N THR A 442 -24.00 -9.74 -78.70
CA THR A 442 -24.52 -11.01 -78.18
C THR A 442 -25.27 -10.67 -76.90
N LYS A 443 -25.68 -11.69 -76.13
CA LYS A 443 -26.09 -11.44 -74.75
C LYS A 443 -24.92 -10.85 -73.99
N LYS A 444 -23.71 -11.17 -74.43
CA LYS A 444 -22.44 -10.61 -74.01
C LYS A 444 -21.95 -9.67 -75.11
N LEU A 445 -20.64 -9.38 -75.10
CA LEU A 445 -19.89 -8.50 -75.99
C LEU A 445 -20.75 -7.44 -76.68
N PRO A 446 -21.45 -6.58 -75.93
CA PRO A 446 -22.24 -5.53 -76.56
C PRO A 446 -21.38 -4.33 -76.88
N LEU A 447 -21.97 -3.22 -77.34
CA LEU A 447 -21.17 -2.06 -77.63
C LEU A 447 -20.71 -1.36 -76.36
N SER A 448 -21.43 -1.53 -75.25
CA SER A 448 -21.05 -0.96 -73.97
C SER A 448 -21.23 -1.98 -72.86
N GLU A 449 -20.29 -2.00 -71.92
CA GLU A 449 -20.41 -2.90 -70.80
C GLU A 449 -21.57 -2.48 -69.91
N PRO A 450 -22.27 -3.42 -69.29
CA PRO A 450 -23.45 -3.06 -68.51
C PRO A 450 -23.13 -2.24 -67.26
N TYR A 451 -23.48 -0.95 -67.28
CA TYR A 451 -23.32 -0.14 -66.08
C TYR A 451 -24.40 -0.38 -65.03
N PHE A 452 -25.41 -1.19 -65.35
CA PHE A 452 -26.46 -1.46 -64.38
C PHE A 452 -26.93 -2.90 -64.52
N THR A 453 -27.57 -3.38 -63.47
CA THR A 453 -28.10 -4.75 -63.39
C THR A 453 -29.60 -4.65 -63.25
N ARG A 454 -30.31 -5.07 -64.29
CA ARG A 454 -31.75 -4.86 -64.39
C ARG A 454 -32.47 -6.14 -64.01
N PHE A 455 -33.52 -6.01 -63.20
CA PHE A 455 -34.31 -7.15 -62.78
C PHE A 455 -35.67 -6.66 -62.32
N LYS A 456 -36.58 -7.60 -62.11
CA LYS A 456 -37.93 -7.33 -61.64
C LYS A 456 -38.03 -7.80 -60.20
N ALA A 457 -38.32 -6.89 -59.28
CA ALA A 457 -38.22 -7.21 -57.87
C ALA A 457 -39.54 -7.80 -57.36
N LYS A 458 -39.44 -8.54 -56.25
CA LYS A 458 -40.61 -9.20 -55.69
C LYS A 458 -41.67 -8.21 -55.21
N ASP A 459 -41.34 -6.91 -55.13
CA ASP A 459 -42.34 -5.90 -54.89
C ASP A 459 -43.11 -5.51 -56.14
N GLY A 460 -42.68 -5.97 -57.31
CA GLY A 460 -43.38 -5.66 -58.54
C GLY A 460 -42.66 -4.66 -59.42
N GLU A 461 -42.23 -3.55 -58.84
CA GLU A 461 -41.55 -2.50 -59.59
C GLU A 461 -40.26 -3.04 -60.22
N GLU A 462 -39.89 -2.46 -61.36
CA GLU A 462 -38.60 -2.74 -61.96
C GLU A 462 -37.57 -1.75 -61.45
N TYR A 463 -36.41 -2.25 -61.06
CA TYR A 463 -35.31 -1.45 -60.56
C TYR A 463 -34.14 -1.54 -61.52
N ALA A 464 -33.12 -0.72 -61.28
CA ALA A 464 -31.89 -0.77 -62.08
C ALA A 464 -30.69 -0.47 -61.17
N LEU A 465 -30.23 -1.50 -60.45
CA LEU A 465 -29.05 -1.33 -59.62
C LEU A 465 -27.80 -1.22 -60.49
N ALA A 466 -26.78 -0.59 -59.92
CA ALA A 466 -25.49 -0.36 -60.56
C ALA A 466 -24.46 -1.36 -60.06
N ASN A 467 -23.50 -1.67 -60.93
CA ASN A 467 -22.38 -2.55 -60.59
C ASN A 467 -21.14 -1.68 -60.39
N ASN A 468 -20.26 -2.10 -59.49
CA ASN A 468 -19.17 -1.22 -59.10
C ASN A 468 -17.96 -1.53 -59.95
N GLY A 469 -16.82 -0.95 -59.58
CA GLY A 469 -15.64 -1.01 -60.40
C GLY A 469 -14.57 -0.06 -59.89
N TRP A 470 -13.94 0.68 -60.79
CA TRP A 470 -12.89 1.59 -60.39
C TRP A 470 -12.70 2.67 -61.45
N ILE A 471 -12.45 3.90 -60.98
CA ILE A 471 -12.05 4.98 -61.86
C ILE A 471 -10.56 4.86 -62.18
N TRP A 472 -10.14 5.45 -63.29
CA TRP A 472 -8.79 5.21 -63.79
C TRP A 472 -7.73 5.72 -62.84
N ASP A 473 -7.72 7.04 -62.58
CA ASP A 473 -6.78 7.65 -61.66
C ASP A 473 -7.50 8.43 -60.57
N GLY A 474 -8.65 7.93 -60.15
CA GLY A 474 -9.48 8.62 -59.20
C GLY A 474 -9.20 8.23 -57.76
N ASN A 475 -9.52 9.14 -56.85
CA ASN A 475 -9.37 8.88 -55.42
C ASN A 475 -10.27 7.72 -55.00
N PRO A 476 -9.70 6.61 -54.52
CA PRO A 476 -10.55 5.48 -54.12
C PRO A 476 -11.37 5.74 -52.86
N LEU A 477 -11.12 6.84 -52.17
CA LEU A 477 -11.93 7.24 -51.02
C LEU A 477 -13.23 7.92 -51.43
N VAL A 478 -13.40 8.26 -52.70
CA VAL A 478 -14.56 8.99 -53.18
C VAL A 478 -15.53 8.00 -53.80
N ASP A 479 -16.72 7.90 -53.23
CA ASP A 479 -17.75 6.96 -53.67
C ASP A 479 -18.31 7.44 -55.01
N PHE A 480 -17.86 6.82 -56.10
CA PHE A 480 -18.33 7.25 -57.41
C PHE A 480 -19.77 6.85 -57.69
N ALA A 481 -20.41 6.09 -56.80
CA ALA A 481 -21.82 5.79 -56.90
C ALA A 481 -22.66 6.68 -55.99
N SER A 482 -22.08 7.74 -55.44
CA SER A 482 -22.77 8.65 -54.55
C SER A 482 -23.02 9.97 -55.25
N SER A 483 -23.87 10.80 -54.61
CA SER A 483 -24.31 12.06 -55.22
C SER A 483 -23.14 12.91 -55.69
N GLN A 484 -22.05 12.91 -54.94
CA GLN A 484 -20.89 13.75 -55.21
C GLN A 484 -20.08 13.33 -56.42
N SER A 485 -20.48 12.36 -57.24
CA SER A 485 -19.69 11.92 -58.39
C SER A 485 -20.56 11.82 -59.62
N LYS A 486 -19.94 12.07 -60.78
CA LYS A 486 -20.61 11.98 -62.07
C LYS A 486 -20.05 10.84 -62.93
N ALA A 487 -19.32 9.90 -62.32
CA ALA A 487 -18.54 8.94 -63.11
C ALA A 487 -19.42 7.96 -63.86
N TYR A 488 -20.57 7.58 -63.28
CA TYR A 488 -21.49 6.70 -64.00
C TYR A 488 -22.14 7.42 -65.17
N LEU A 489 -22.44 8.71 -65.00
CA LEU A 489 -22.97 9.50 -66.11
C LEU A 489 -21.90 9.74 -67.17
N ARG A 490 -20.72 10.21 -66.75
CA ARG A 490 -19.62 10.50 -67.65
C ARG A 490 -18.99 9.25 -68.25
N ARG A 491 -19.48 8.06 -67.91
CA ARG A 491 -19.00 6.78 -68.44
C ARG A 491 -17.57 6.49 -67.99
N GLU A 492 -17.04 7.24 -67.03
CA GLU A 492 -15.68 7.14 -66.55
C GLU A 492 -15.45 5.94 -65.65
N VAL A 493 -16.35 4.96 -65.66
CA VAL A 493 -16.27 3.80 -64.77
C VAL A 493 -15.85 2.58 -65.58
N ILE A 494 -14.83 1.87 -65.10
CA ILE A 494 -14.50 0.54 -65.60
C ILE A 494 -15.21 -0.47 -64.71
N VAL A 495 -16.17 -1.19 -65.28
CA VAL A 495 -17.20 -1.88 -64.50
C VAL A 495 -16.92 -3.38 -64.50
N TRP A 496 -17.45 -4.03 -63.46
CA TRP A 496 -17.46 -5.49 -63.34
C TRP A 496 -18.93 -5.92 -63.34
N GLY A 497 -19.41 -6.39 -64.48
CA GLY A 497 -20.75 -6.97 -64.54
C GLY A 497 -20.93 -8.17 -63.63
N ASP A 498 -19.84 -8.76 -63.15
CA ASP A 498 -19.92 -9.88 -62.21
C ASP A 498 -20.69 -9.48 -60.95
N CYS A 499 -20.27 -8.38 -60.32
CA CYS A 499 -20.78 -7.98 -59.01
C CYS A 499 -21.49 -6.64 -59.07
N VAL A 500 -22.39 -6.43 -58.11
CA VAL A 500 -23.22 -5.23 -58.02
C VAL A 500 -22.86 -4.45 -56.77
N LYS A 501 -22.60 -3.16 -56.92
CA LYS A 501 -22.21 -2.32 -55.79
C LYS A 501 -23.29 -2.32 -54.72
N LEU A 502 -22.84 -2.39 -53.47
CA LEU A 502 -23.71 -2.35 -52.30
C LEU A 502 -23.73 -0.95 -51.71
N ARG A 503 -24.89 -0.54 -51.21
CA ARG A 503 -25.08 0.81 -50.69
C ARG A 503 -25.17 0.75 -49.16
N TYR A 504 -24.02 0.81 -48.51
CA TYR A 504 -23.97 1.18 -47.10
C TYR A 504 -24.18 2.68 -46.99
N GLY A 505 -24.90 3.09 -45.97
CA GLY A 505 -25.13 4.50 -45.75
C GLY A 505 -24.14 5.09 -44.76
N LYS A 506 -24.63 6.01 -43.93
CA LYS A 506 -23.86 6.49 -42.81
C LYS A 506 -23.83 5.50 -41.65
N GLY A 507 -24.61 4.42 -41.74
CA GLY A 507 -24.69 3.41 -40.72
C GLY A 507 -25.67 2.33 -41.12
N PRO A 508 -26.09 1.50 -40.17
CA PRO A 508 -27.15 0.52 -40.46
C PRO A 508 -28.50 1.18 -40.71
N SER A 509 -28.72 2.38 -40.20
CA SER A 509 -30.00 3.08 -40.39
C SER A 509 -30.34 3.32 -41.86
N ASP A 510 -29.36 3.23 -42.77
CA ASP A 510 -29.60 3.49 -44.18
C ASP A 510 -29.73 2.21 -45.00
N SER A 511 -29.53 1.06 -44.39
CA SER A 511 -29.65 -0.24 -45.07
C SER A 511 -29.69 -1.34 -44.02
N PRO A 512 -30.74 -1.39 -43.19
CA PRO A 512 -30.71 -2.27 -42.02
C PRO A 512 -30.60 -3.74 -42.36
N TYR A 513 -30.93 -4.15 -43.59
CA TYR A 513 -30.74 -5.53 -43.99
C TYR A 513 -29.29 -5.80 -44.41
N LEU A 514 -28.74 -4.93 -45.26
CA LEU A 514 -27.36 -5.12 -45.73
C LEU A 514 -26.38 -5.18 -44.58
N TRP A 515 -26.48 -4.23 -43.64
CA TRP A 515 -25.62 -4.24 -42.47
C TRP A 515 -25.88 -5.47 -41.61
N GLU A 516 -27.15 -5.85 -41.44
CA GLU A 516 -27.46 -7.04 -40.65
C GLU A 516 -27.00 -8.32 -41.36
N ARG A 517 -27.10 -8.35 -42.69
CA ARG A 517 -26.65 -9.52 -43.43
C ARG A 517 -25.14 -9.65 -43.44
N MET A 518 -24.44 -8.57 -43.80
CA MET A 518 -22.98 -8.59 -43.81
C MET A 518 -22.43 -8.94 -42.43
N SER A 519 -23.08 -8.47 -41.36
CA SER A 519 -22.63 -8.79 -40.01
C SER A 519 -22.65 -10.29 -39.79
N LYS A 520 -23.77 -10.94 -40.11
CA LYS A 520 -23.85 -12.39 -39.98
C LYS A 520 -22.94 -13.10 -40.99
N TYR A 521 -22.74 -12.49 -42.16
CA TYR A 521 -21.74 -13.00 -43.10
C TYR A 521 -20.34 -12.96 -42.50
N VAL A 522 -19.95 -11.81 -41.95
CA VAL A 522 -18.61 -11.66 -41.37
C VAL A 522 -18.42 -12.62 -40.20
N GLU A 523 -19.33 -12.59 -39.22
CA GLU A 523 -19.16 -13.40 -38.02
C GLU A 523 -19.22 -14.90 -38.33
N MET A 524 -19.82 -15.30 -39.44
CA MET A 524 -19.82 -16.71 -39.82
C MET A 524 -18.41 -17.19 -40.09
N ASN A 525 -17.72 -16.53 -41.02
CA ASN A 525 -16.35 -16.90 -41.34
C ASN A 525 -15.39 -16.64 -40.19
N ALA A 526 -15.74 -15.72 -39.28
CA ALA A 526 -14.91 -15.48 -38.10
C ALA A 526 -14.97 -16.65 -37.14
N ARG A 527 -16.07 -17.41 -37.13
CA ARG A 527 -16.13 -18.63 -36.32
C ARG A 527 -15.20 -19.69 -36.87
N ILE A 528 -14.93 -19.66 -38.17
CA ILE A 528 -14.15 -20.69 -38.85
C ILE A 528 -12.68 -20.29 -38.91
N PHE A 529 -12.39 -19.27 -39.72
CA PHE A 529 -11.04 -18.93 -40.11
C PHE A 529 -10.30 -18.21 -38.98
N ASN A 530 -8.99 -18.01 -39.21
CA ASN A 530 -8.16 -17.24 -38.30
C ASN A 530 -8.07 -15.77 -38.68
N GLY A 531 -8.49 -15.40 -39.89
CA GLY A 531 -8.47 -14.01 -40.27
C GLY A 531 -9.13 -13.80 -41.62
N PHE A 532 -9.10 -12.56 -42.07
CA PHE A 532 -9.67 -12.16 -43.35
C PHE A 532 -8.60 -11.60 -44.28
N ARG A 533 -8.96 -11.53 -45.56
CA ARG A 533 -8.19 -10.82 -46.57
C ARG A 533 -9.18 -9.94 -47.31
N ILE A 534 -8.98 -8.64 -47.25
CA ILE A 534 -10.00 -7.68 -47.65
C ILE A 534 -9.60 -7.09 -49.00
N ASP A 535 -10.36 -7.43 -50.03
CA ASP A 535 -10.05 -6.96 -51.38
C ASP A 535 -10.41 -5.48 -51.52
N ASN A 536 -9.55 -4.75 -52.20
CA ASN A 536 -9.73 -3.31 -52.43
C ASN A 536 -10.21 -2.60 -51.17
N CYS A 537 -9.49 -2.84 -50.07
CA CYS A 537 -9.88 -2.28 -48.77
C CYS A 537 -9.93 -0.75 -48.81
N HIS A 538 -9.14 -0.12 -49.68
CA HIS A 538 -9.19 1.33 -49.81
C HIS A 538 -10.53 1.78 -50.37
N SER A 539 -11.15 0.99 -51.23
CA SER A 539 -12.45 1.35 -51.80
C SER A 539 -13.60 1.08 -50.84
N THR A 540 -13.42 0.16 -49.90
CA THR A 540 -14.41 -0.02 -48.85
C THR A 540 -14.41 1.21 -47.94
N PRO A 541 -15.58 1.78 -47.62
CA PRO A 541 -15.60 2.94 -46.73
C PRO A 541 -15.06 2.59 -45.35
N LEU A 542 -14.54 3.61 -44.66
CA LEU A 542 -13.86 3.39 -43.39
C LEU A 542 -14.82 2.85 -42.34
N HIS A 543 -15.81 3.66 -41.95
CA HIS A 543 -16.73 3.28 -40.89
C HIS A 543 -17.41 1.94 -41.19
N VAL A 544 -17.57 1.60 -42.46
CA VAL A 544 -18.11 0.28 -42.83
C VAL A 544 -17.15 -0.81 -42.38
N GLY A 545 -15.92 -0.77 -42.90
CA GLY A 545 -14.92 -1.74 -42.49
C GLY A 545 -14.65 -1.75 -41.01
N GLN A 546 -14.75 -0.60 -40.35
CA GLN A 546 -14.49 -0.54 -38.92
C GLN A 546 -15.52 -1.34 -38.12
N TYR A 547 -16.80 -1.23 -38.46
CA TYR A 547 -17.83 -1.91 -37.69
C TYR A 547 -17.73 -3.43 -37.83
N PHE A 548 -17.54 -3.92 -39.05
CA PHE A 548 -17.60 -5.36 -39.28
C PHE A 548 -16.36 -6.06 -38.74
N LEU A 549 -15.19 -5.45 -38.90
CA LEU A 549 -13.98 -6.01 -38.30
C LEU A 549 -14.08 -6.06 -36.78
N ASP A 550 -14.76 -5.09 -36.17
CA ASP A 550 -15.05 -5.16 -34.75
C ASP A 550 -15.94 -6.35 -34.43
N VAL A 551 -16.90 -6.65 -35.32
CA VAL A 551 -17.79 -7.79 -35.11
C VAL A 551 -17.02 -9.10 -35.21
N ALA A 552 -16.22 -9.25 -36.27
CA ALA A 552 -15.38 -10.44 -36.40
C ALA A 552 -14.45 -10.61 -35.21
N ARG A 553 -13.85 -9.51 -34.74
CA ARG A 553 -12.95 -9.59 -33.59
C ARG A 553 -13.70 -10.00 -32.33
N ARG A 554 -14.99 -9.68 -32.23
CA ARG A 554 -15.77 -10.18 -31.11
C ARG A 554 -15.99 -11.68 -31.20
N VAL A 555 -15.95 -12.24 -32.41
CA VAL A 555 -16.09 -13.68 -32.57
C VAL A 555 -14.75 -14.37 -32.37
N ASN A 556 -13.70 -13.83 -32.99
CA ASN A 556 -12.37 -14.43 -33.00
C ASN A 556 -11.37 -13.35 -32.61
N PRO A 557 -11.11 -13.18 -31.31
CA PRO A 557 -10.26 -12.07 -30.86
C PRO A 557 -8.87 -12.07 -31.48
N ASN A 558 -8.36 -13.23 -31.90
CA ASN A 558 -7.08 -13.30 -32.61
C ASN A 558 -7.29 -13.35 -34.12
N LEU A 559 -8.02 -12.36 -34.62
CA LEU A 559 -8.30 -12.28 -36.05
C LEU A 559 -7.13 -11.62 -36.76
N TYR A 560 -6.62 -12.26 -37.81
CA TYR A 560 -5.48 -11.77 -38.57
C TYR A 560 -6.00 -11.12 -39.85
N VAL A 561 -5.91 -9.79 -39.92
CA VAL A 561 -6.49 -9.02 -41.02
C VAL A 561 -5.38 -8.66 -42.01
N VAL A 562 -5.60 -8.98 -43.28
CA VAL A 562 -4.68 -8.67 -44.37
C VAL A 562 -5.44 -7.87 -45.42
N ALA A 563 -4.75 -6.92 -46.04
CA ALA A 563 -5.37 -6.06 -47.03
C ALA A 563 -4.35 -5.62 -48.06
N GLU A 564 -4.67 -5.79 -49.34
CA GLU A 564 -3.92 -5.13 -50.41
C GLU A 564 -4.37 -3.68 -50.39
N LEU A 565 -3.70 -2.87 -49.59
CA LEU A 565 -4.15 -1.50 -49.33
C LEU A 565 -3.29 -0.55 -50.14
N PHE A 566 -3.94 0.18 -51.06
CA PHE A 566 -3.31 1.23 -51.86
C PHE A 566 -4.21 2.45 -51.81
N SER A 567 -4.09 3.22 -50.74
CA SER A 567 -4.76 4.51 -50.64
C SER A 567 -3.89 5.56 -51.34
N GLY A 568 -4.26 6.83 -51.19
CA GLY A 568 -3.54 7.90 -51.85
C GLY A 568 -2.16 8.19 -51.31
N SER A 569 -1.81 7.66 -50.13
CA SER A 569 -0.55 8.05 -49.50
C SER A 569 -0.20 7.05 -48.40
N GLU A 570 0.99 7.24 -47.83
CA GLU A 570 1.41 6.42 -46.70
C GLU A 570 0.65 6.80 -45.44
N ALA A 571 0.48 8.10 -45.19
CA ALA A 571 -0.30 8.55 -44.04
C ALA A 571 -1.72 7.97 -44.07
N MET A 572 -2.33 7.94 -45.26
CA MET A 572 -3.67 7.36 -45.38
C MET A 572 -3.63 5.84 -45.17
N ASP A 573 -2.63 5.18 -45.75
CA ASP A 573 -2.42 3.75 -45.45
C ASP A 573 -2.34 3.53 -43.95
N CYS A 574 -1.55 4.35 -43.25
CA CYS A 574 -1.42 4.21 -41.80
C CYS A 574 -2.74 4.51 -41.09
N LEU A 575 -3.50 5.48 -41.60
CA LEU A 575 -4.79 5.79 -40.97
C LEU A 575 -5.73 4.60 -41.03
N PHE A 576 -5.81 3.94 -42.20
CA PHE A 576 -6.64 2.76 -42.33
C PHE A 576 -6.16 1.64 -41.40
N VAL A 577 -4.85 1.38 -41.40
CA VAL A 577 -4.29 0.36 -40.51
C VAL A 577 -4.58 0.71 -39.06
N GLU A 578 -4.43 1.99 -38.68
CA GLU A 578 -4.75 2.43 -37.33
C GLU A 578 -6.17 2.04 -36.94
N ARG A 579 -7.16 2.54 -37.68
CA ARG A 579 -8.55 2.46 -37.23
C ARG A 579 -9.18 1.11 -37.52
N LEU A 580 -8.82 0.46 -38.64
CA LEU A 580 -9.40 -0.83 -38.97
C LEU A 580 -8.77 -1.98 -38.20
N GLY A 581 -7.55 -1.83 -37.70
CA GLY A 581 -6.85 -2.93 -37.09
C GLY A 581 -6.26 -3.91 -38.06
N ILE A 582 -5.96 -3.48 -39.28
CA ILE A 582 -5.23 -4.32 -40.23
C ILE A 582 -3.91 -4.74 -39.60
N SER A 583 -3.57 -6.01 -39.77
CA SER A 583 -2.33 -6.54 -39.21
C SER A 583 -1.20 -6.60 -40.22
N SER A 584 -1.50 -6.70 -41.51
CA SER A 584 -0.46 -6.72 -42.53
C SER A 584 -0.98 -6.09 -43.81
N LEU A 585 -0.11 -5.33 -44.48
CA LEU A 585 -0.37 -4.83 -45.81
C LEU A 585 0.27 -5.74 -46.84
N ILE A 586 -0.39 -5.90 -47.98
CA ILE A 586 0.11 -6.78 -49.04
C ILE A 586 0.98 -5.97 -49.98
N ARG A 587 2.17 -6.50 -50.29
CA ARG A 587 3.08 -5.91 -51.25
C ARG A 587 3.45 -6.98 -52.27
N GLU A 588 3.51 -6.59 -53.54
CA GLU A 588 3.77 -7.51 -54.63
C GLU A 588 5.18 -7.30 -55.15
N ALA A 589 5.89 -8.40 -55.42
CA ALA A 589 7.23 -8.31 -55.97
C ALA A 589 7.23 -8.28 -57.50
N MET A 590 6.17 -8.77 -58.13
CA MET A 590 6.04 -8.76 -59.58
C MET A 590 5.78 -7.37 -60.13
N GLN A 591 5.43 -6.41 -59.27
CA GLN A 591 5.21 -5.04 -59.73
C GLN A 591 6.50 -4.37 -60.18
N ALA A 592 7.65 -4.91 -59.78
CA ALA A 592 8.93 -4.32 -60.18
C ALA A 592 9.13 -4.43 -61.68
N TRP A 593 9.61 -3.33 -62.28
CA TRP A 593 9.85 -3.29 -63.72
C TRP A 593 11.27 -3.70 -64.09
N SER A 594 12.24 -3.47 -63.20
CA SER A 594 13.63 -3.76 -63.48
C SER A 594 14.30 -4.30 -62.22
N GLU A 595 15.55 -4.74 -62.39
CA GLU A 595 16.34 -5.24 -61.27
C GLU A 595 16.47 -4.18 -60.19
N GLU A 596 16.76 -2.93 -60.58
CA GLU A 596 16.91 -1.86 -59.61
C GLU A 596 15.60 -1.64 -58.84
N GLU A 597 14.47 -1.62 -59.56
CA GLU A 597 13.17 -1.49 -58.92
C GLU A 597 12.95 -2.58 -57.87
N LEU A 598 13.34 -3.82 -58.18
CA LEU A 598 13.19 -4.91 -57.23
C LEU A 598 14.04 -4.68 -55.98
N SER A 599 15.31 -4.33 -56.17
CA SER A 599 16.19 -4.11 -55.02
C SER A 599 15.64 -3.03 -54.10
N ARG A 600 15.05 -1.98 -54.68
CA ARG A 600 14.38 -0.96 -53.89
C ARG A 600 13.20 -1.55 -53.10
N LEU A 601 12.29 -2.25 -53.80
CA LEU A 601 11.20 -2.95 -53.14
C LEU A 601 11.71 -3.82 -51.98
N VAL A 602 12.75 -4.60 -52.25
CA VAL A 602 13.28 -5.49 -51.23
C VAL A 602 13.97 -4.70 -50.12
N HIS A 603 14.58 -3.56 -50.45
CA HIS A 603 15.17 -2.70 -49.43
C HIS A 603 14.11 -2.18 -48.47
N ARG A 604 12.96 -1.76 -48.99
CA ARG A 604 11.88 -1.25 -48.15
C ARG A 604 11.48 -2.26 -47.08
N HIS A 605 11.20 -3.49 -47.48
CA HIS A 605 10.73 -4.53 -46.56
C HIS A 605 11.86 -5.44 -46.08
N GLY A 606 13.10 -5.00 -46.18
CA GLY A 606 14.23 -5.85 -45.85
C GLY A 606 14.64 -5.81 -44.39
N GLY A 607 14.49 -4.65 -43.76
CA GLY A 607 14.85 -4.47 -42.37
C GLY A 607 15.47 -3.11 -42.16
N ARG A 608 16.20 -2.99 -41.07
CA ARG A 608 16.96 -1.78 -40.77
C ARG A 608 18.38 -1.92 -41.30
N PRO A 609 19.08 -0.80 -41.51
CA PRO A 609 20.48 -0.89 -41.94
C PRO A 609 21.34 -1.61 -40.91
N ILE A 610 22.41 -2.24 -41.40
CA ILE A 610 23.34 -2.94 -40.52
C ILE A 610 24.15 -1.92 -39.73
N GLY A 611 24.36 -2.21 -38.45
CA GLY A 611 25.04 -1.26 -37.59
C GLY A 611 24.23 -0.04 -37.24
N SER A 612 22.91 -0.14 -37.37
CA SER A 612 22.04 1.00 -37.11
C SER A 612 22.01 1.32 -35.61
N TYR A 613 21.69 2.57 -35.30
CA TYR A 613 21.71 3.02 -33.93
C TYR A 613 20.52 2.44 -33.16
N LYS A 614 20.72 2.24 -31.86
CA LYS A 614 19.70 1.72 -30.97
C LYS A 614 19.26 2.81 -30.00
N PHE A 615 18.00 2.72 -29.56
CA PHE A 615 17.40 3.74 -28.73
C PHE A 615 17.74 3.50 -27.26
N VAL A 616 18.18 4.56 -26.58
CA VAL A 616 18.33 4.56 -25.12
C VAL A 616 17.70 5.85 -24.59
N PRO A 617 17.06 5.83 -23.43
CA PRO A 617 16.73 7.10 -22.76
C PRO A 617 17.98 7.92 -22.51
N LEU A 618 17.91 9.20 -22.87
CA LEU A 618 19.07 10.09 -22.74
C LEU A 618 18.69 11.19 -21.76
N ASP A 619 18.82 12.46 -22.15
CA ASP A 619 18.54 13.59 -21.26
C ASP A 619 17.15 14.17 -21.48
N ASP A 620 16.28 13.46 -22.20
CA ASP A 620 14.91 13.89 -22.43
C ASP A 620 13.91 13.16 -21.54
N PHE A 621 14.40 12.38 -20.58
CA PHE A 621 13.54 11.60 -19.71
C PHE A 621 13.68 12.06 -18.26
N PRO A 622 12.62 11.96 -17.47
CA PRO A 622 12.79 12.09 -16.02
C PRO A 622 13.41 10.82 -15.46
N TYR A 623 14.23 11.01 -14.44
CA TYR A 623 14.86 9.88 -13.74
C TYR A 623 14.42 9.94 -12.29
N PRO A 624 13.25 9.40 -11.96
CA PRO A 624 12.81 9.39 -10.57
C PRO A 624 13.72 8.53 -9.71
N ALA A 625 14.17 9.10 -8.59
CA ALA A 625 15.00 8.34 -7.65
C ALA A 625 14.31 7.08 -7.19
N ASP A 626 12.98 7.09 -7.13
CA ASP A 626 12.18 5.94 -6.72
C ASP A 626 11.71 5.11 -7.91
N VAL A 627 12.64 4.81 -8.83
CA VAL A 627 12.35 3.97 -9.98
C VAL A 627 12.92 2.57 -9.74
N LYS A 628 12.21 1.56 -10.22
CA LYS A 628 12.67 0.19 -10.09
C LYS A 628 13.82 -0.07 -11.07
N ILE A 629 14.75 -0.94 -10.67
CA ILE A 629 15.98 -1.16 -11.44
C ILE A 629 16.36 -2.64 -11.43
N ASP A 630 16.81 -3.14 -12.57
CA ASP A 630 17.46 -4.44 -12.72
C ASP A 630 18.94 -4.25 -12.43
N GLU A 631 19.34 -4.39 -11.15
CA GLU A 631 20.71 -4.06 -10.77
C GLU A 631 21.76 -4.80 -11.61
N GLU A 632 21.39 -5.88 -12.30
CA GLU A 632 22.30 -6.57 -13.21
C GLU A 632 21.59 -7.07 -14.47
N TYR A 633 20.51 -6.38 -14.88
CA TYR A 633 19.74 -6.74 -16.08
C TYR A 633 19.41 -8.23 -16.10
N CYS A 634 18.69 -8.68 -15.06
CA CYS A 634 18.51 -10.11 -14.83
C CYS A 634 17.10 -10.48 -14.42
N ALA A 635 16.10 -9.63 -14.64
CA ALA A 635 14.73 -9.96 -14.24
C ALA A 635 13.83 -10.17 -15.44
N TYR A 636 14.16 -11.13 -16.29
CA TYR A 636 13.30 -11.49 -17.42
C TYR A 636 13.37 -13.00 -17.59
N ASN A 637 12.30 -13.70 -17.25
CA ASN A 637 12.22 -15.13 -17.47
C ASN A 637 11.68 -15.40 -18.86
N PRO A 638 12.38 -16.18 -19.69
CA PRO A 638 11.93 -16.41 -21.08
C PRO A 638 10.51 -16.95 -21.17
N ASP A 639 9.99 -17.52 -20.08
CA ASP A 639 8.62 -18.01 -20.05
C ASP A 639 7.64 -16.93 -19.63
N ASP A 640 8.11 -15.77 -19.19
CA ASP A 640 7.23 -14.63 -18.98
C ASP A 640 6.94 -13.87 -20.26
N HIS A 641 7.74 -14.08 -21.31
CA HIS A 641 7.63 -13.36 -22.59
C HIS A 641 7.43 -11.87 -22.35
N SER A 642 8.24 -11.33 -21.45
CA SER A 642 8.13 -9.93 -21.09
C SER A 642 8.76 -9.05 -22.18
N VAL A 643 8.44 -7.77 -22.13
CA VAL A 643 9.02 -6.78 -23.04
C VAL A 643 10.10 -6.01 -22.27
N LYS A 644 11.35 -6.22 -22.67
CA LYS A 644 12.49 -5.78 -21.87
C LYS A 644 12.69 -4.27 -21.93
N CYS A 645 13.10 -3.69 -20.80
CA CYS A 645 13.58 -2.32 -20.79
C CYS A 645 14.95 -2.25 -21.48
N VAL A 646 15.35 -1.02 -21.84
CA VAL A 646 16.59 -0.84 -22.58
C VAL A 646 17.81 -1.22 -21.74
N SER A 647 17.74 -1.01 -20.43
CA SER A 647 18.91 -1.26 -19.59
C SER A 647 18.51 -1.61 -18.15
N GLU A 648 19.36 -1.23 -17.20
CA GLU A 648 19.09 -1.54 -15.81
C GLU A 648 18.01 -0.63 -15.23
N ILE A 649 18.05 0.66 -15.58
CA ILE A 649 16.96 1.56 -15.21
C ILE A 649 15.70 1.11 -15.93
N MET A 650 14.65 0.80 -15.16
CA MET A 650 13.44 0.20 -15.74
C MET A 650 12.51 1.30 -16.23
N ILE A 651 12.97 2.01 -17.24
CA ILE A 651 12.12 2.90 -18.04
C ILE A 651 11.51 2.05 -19.16
N PRO A 652 10.21 1.76 -19.12
CA PRO A 652 9.64 0.75 -20.02
C PRO A 652 9.88 1.04 -21.49
N LYS A 653 9.72 -0.01 -22.30
CA LYS A 653 9.83 0.11 -23.75
C LYS A 653 8.90 1.19 -24.27
N THR A 654 9.42 2.02 -25.17
CA THR A 654 8.68 3.17 -25.67
C THR A 654 7.79 2.74 -26.84
N LEU A 655 6.51 3.05 -26.76
CA LEU A 655 5.59 2.81 -27.85
C LEU A 655 5.75 3.92 -28.88
N THR A 656 6.35 3.60 -30.02
CA THR A 656 6.60 4.56 -31.08
C THR A 656 5.97 4.08 -32.38
N ALA A 657 5.53 5.02 -33.19
CA ALA A 657 5.03 4.70 -34.52
C ALA A 657 6.08 3.96 -35.33
N THR A 658 5.78 2.71 -35.65
CA THR A 658 6.51 1.91 -36.62
C THR A 658 5.64 1.68 -37.85
N PRO A 659 6.24 1.40 -39.01
CA PRO A 659 5.43 1.17 -40.20
C PRO A 659 4.59 -0.07 -40.04
N PRO A 660 3.40 -0.12 -40.63
CA PRO A 660 2.58 -1.32 -40.54
C PRO A 660 3.28 -2.52 -41.17
N HIS A 661 3.11 -3.68 -40.56
CA HIS A 661 3.76 -4.89 -41.04
C HIS A 661 3.30 -5.22 -42.46
N ALA A 662 4.21 -5.80 -43.23
CA ALA A 662 3.94 -6.13 -44.63
C ALA A 662 3.92 -7.64 -44.83
N LEU A 663 3.09 -8.08 -45.76
CA LEU A 663 3.09 -9.46 -46.24
C LEU A 663 3.54 -9.39 -47.70
N PHE A 664 4.81 -9.70 -47.93
CA PHE A 664 5.43 -9.54 -49.24
C PHE A 664 5.10 -10.75 -50.11
N MET A 665 4.37 -10.53 -51.19
CA MET A 665 4.01 -11.58 -52.12
C MET A 665 4.96 -11.54 -53.31
N ASP A 666 5.64 -12.66 -53.57
CA ASP A 666 6.45 -12.75 -54.78
C ASP A 666 5.58 -12.84 -56.03
N CYS A 667 4.30 -13.17 -55.88
CA CYS A 667 3.31 -13.15 -56.96
C CYS A 667 1.91 -13.41 -56.40
N THR A 668 0.95 -12.56 -56.76
CA THR A 668 -0.42 -12.70 -56.30
C THR A 668 -1.28 -13.35 -57.38
N HIS A 669 -2.56 -13.54 -57.06
CA HIS A 669 -3.48 -14.13 -58.02
C HIS A 669 -3.99 -13.15 -59.07
N ASP A 670 -3.63 -11.86 -59.00
CA ASP A 670 -4.03 -10.90 -60.03
C ASP A 670 -2.89 -10.37 -60.89
N ASN A 671 -1.64 -10.74 -60.64
CA ASN A 671 -0.52 -10.23 -61.43
C ASN A 671 0.02 -11.31 -62.35
N GLU A 672 0.59 -10.87 -63.46
CA GLU A 672 1.09 -11.73 -64.51
C GLU A 672 2.26 -12.61 -64.04
N THR A 673 2.29 -13.83 -64.57
CA THR A 673 3.29 -14.83 -64.23
C THR A 673 4.70 -14.36 -64.64
N PRO A 674 5.73 -14.76 -63.89
CA PRO A 674 7.10 -14.53 -64.36
C PRO A 674 7.35 -14.95 -65.80
N ASN A 675 6.74 -16.04 -66.24
CA ASN A 675 6.80 -16.41 -67.65
C ASN A 675 6.33 -15.27 -68.54
N GLN A 676 5.23 -14.62 -68.16
CA GLN A 676 4.68 -13.55 -68.98
C GLN A 676 5.51 -12.27 -68.86
N LYS A 677 5.70 -11.78 -67.63
CA LYS A 677 6.31 -10.45 -67.46
C LYS A 677 7.82 -10.50 -67.56
N ARG A 678 8.46 -11.54 -67.02
CA ARG A 678 9.91 -11.68 -67.11
C ARG A 678 10.27 -12.98 -67.82
N THR A 679 10.88 -13.91 -67.10
CA THR A 679 11.05 -15.28 -67.57
C THR A 679 10.75 -16.22 -66.41
N VAL A 680 10.71 -17.52 -66.71
CA VAL A 680 10.45 -18.49 -65.66
C VAL A 680 11.67 -18.68 -64.78
N GLU A 681 12.87 -18.37 -65.28
CA GLU A 681 14.07 -18.52 -64.47
C GLU A 681 14.05 -17.59 -63.28
N ASP A 682 13.46 -16.41 -63.43
CA ASP A 682 13.39 -15.43 -62.34
C ASP A 682 12.56 -15.94 -61.16
N THR A 683 11.74 -16.97 -61.37
CA THR A 683 10.91 -17.50 -60.29
C THR A 683 11.75 -17.94 -59.10
N LEU A 684 13.02 -18.30 -59.33
CA LEU A 684 13.89 -18.70 -58.22
C LEU A 684 14.46 -17.48 -57.50
N PRO A 685 15.21 -16.58 -58.16
CA PRO A 685 15.77 -15.43 -57.41
C PRO A 685 14.70 -14.54 -56.80
N ASN A 686 13.65 -14.22 -57.56
CA ASN A 686 12.55 -13.41 -57.04
C ASN A 686 12.06 -13.94 -55.70
N ALA A 687 11.66 -15.21 -55.65
CA ALA A 687 11.13 -15.79 -54.41
C ALA A 687 12.17 -15.78 -53.29
N ALA A 688 13.45 -16.00 -53.64
CA ALA A 688 14.49 -16.00 -52.62
C ALA A 688 14.71 -14.61 -52.04
N LEU A 689 14.78 -13.59 -52.90
CA LEU A 689 14.88 -12.21 -52.43
C LEU A 689 13.72 -11.86 -51.52
N VAL A 690 12.49 -12.17 -51.95
CA VAL A 690 11.31 -11.90 -51.14
C VAL A 690 11.41 -12.62 -49.80
N ALA A 691 11.80 -13.90 -49.82
CA ALA A 691 11.85 -14.69 -48.59
C ALA A 691 12.89 -14.17 -47.61
N PHE A 692 13.87 -13.40 -48.09
CA PHE A 692 14.88 -12.82 -47.21
C PHE A 692 14.42 -11.54 -46.54
N CYS A 693 13.25 -11.03 -46.90
CA CYS A 693 12.78 -9.77 -46.33
C CYS A 693 12.33 -9.96 -44.89
N SER A 694 12.34 -8.86 -44.14
CA SER A 694 11.96 -8.89 -42.73
C SER A 694 10.48 -8.56 -42.63
N SER A 695 9.67 -9.56 -42.93
CA SER A 695 8.23 -9.41 -43.07
C SER A 695 7.66 -10.78 -43.37
N ALA A 696 6.33 -10.88 -43.39
CA ALA A 696 5.69 -12.10 -43.84
C ALA A 696 5.77 -12.20 -45.36
N ILE A 697 5.90 -13.42 -45.86
CA ILE A 697 5.97 -13.64 -47.29
C ILE A 697 4.74 -14.41 -47.74
N GLY A 698 4.54 -14.48 -49.05
CA GLY A 698 3.43 -15.22 -49.61
C GLY A 698 3.65 -15.51 -51.07
N SER A 699 2.77 -16.34 -51.62
CA SER A 699 2.82 -16.70 -53.02
C SER A 699 1.47 -17.26 -53.42
N VAL A 700 1.10 -17.04 -54.67
CA VAL A 700 -0.07 -17.70 -55.23
C VAL A 700 0.31 -19.12 -55.63
N TYR A 701 -0.64 -20.04 -55.49
CA TYR A 701 -0.41 -21.38 -56.01
C TYR A 701 -0.21 -21.31 -57.52
N GLY A 702 0.76 -22.08 -58.01
CA GLY A 702 1.16 -22.06 -59.39
C GLY A 702 2.43 -21.28 -59.65
N TYR A 703 2.72 -20.29 -58.80
CA TYR A 703 3.99 -19.57 -58.90
C TYR A 703 5.17 -20.53 -58.75
N ASP A 704 5.20 -21.29 -57.66
CA ASP A 704 6.27 -22.27 -57.46
C ASP A 704 6.21 -23.37 -58.51
N GLU A 705 5.00 -23.88 -58.79
CA GLU A 705 4.77 -24.87 -59.84
C GLU A 705 4.98 -24.31 -61.23
N VAL A 706 5.37 -23.04 -61.34
CA VAL A 706 5.69 -22.33 -62.59
C VAL A 706 4.60 -22.57 -63.63
N PHE A 707 3.37 -22.19 -63.30
CA PHE A 707 2.32 -22.17 -64.31
C PHE A 707 2.72 -21.16 -65.39
N PRO A 708 2.33 -21.38 -66.64
CA PRO A 708 2.85 -20.52 -67.72
C PRO A 708 2.23 -19.14 -67.79
N GLN A 709 1.04 -18.93 -67.25
CA GLN A 709 0.34 -17.67 -67.46
C GLN A 709 -0.73 -17.51 -66.39
N LEU A 710 -0.99 -16.24 -66.04
CA LEU A 710 -1.95 -15.94 -64.98
C LEU A 710 -3.32 -16.47 -65.36
N LEU A 711 -3.95 -17.17 -64.41
CA LEU A 711 -5.23 -17.83 -64.64
C LEU A 711 -6.37 -16.83 -64.61
N ASP A 712 -7.27 -16.94 -65.57
CA ASP A 712 -8.47 -16.10 -65.63
C ASP A 712 -9.42 -16.53 -64.53
N LEU A 713 -9.63 -15.64 -63.55
CA LEU A 713 -10.49 -15.97 -62.42
C LEU A 713 -11.93 -16.24 -62.85
N VAL A 714 -12.37 -15.62 -63.95
CA VAL A 714 -13.75 -15.77 -64.40
C VAL A 714 -13.93 -17.08 -65.17
N GLN A 715 -13.24 -17.20 -66.31
CA GLN A 715 -13.58 -18.21 -67.30
C GLN A 715 -13.10 -19.61 -66.91
N GLU A 716 -11.82 -19.76 -66.59
CA GLU A 716 -11.20 -21.08 -66.52
C GLU A 716 -11.87 -21.98 -65.48
N LYS A 717 -11.89 -23.28 -65.79
CA LYS A 717 -12.43 -24.30 -64.90
C LYS A 717 -11.44 -25.42 -64.63
N ARG A 718 -10.29 -25.43 -65.28
CA ARG A 718 -9.28 -26.47 -65.13
C ARG A 718 -8.82 -26.60 -63.67
N THR A 719 -8.20 -27.75 -63.36
CA THR A 719 -7.82 -28.11 -62.01
C THR A 719 -6.30 -28.09 -61.84
N TYR A 720 -5.86 -27.72 -60.63
CA TYR A 720 -4.44 -27.81 -60.27
C TYR A 720 -3.91 -29.22 -60.52
N SER A 721 -2.75 -29.30 -61.17
CA SER A 721 -2.08 -30.58 -61.36
C SER A 721 -1.74 -31.23 -60.03
N CYS A 722 -1.69 -32.56 -60.03
CA CYS A 722 -1.24 -33.33 -58.87
C CYS A 722 0.26 -33.60 -58.90
N ALA A 723 0.95 -33.17 -59.96
CA ALA A 723 2.40 -33.31 -60.07
C ALA A 723 3.12 -32.68 -58.88
N GLU A 724 3.73 -33.51 -58.04
CA GLU A 724 4.36 -33.05 -56.81
C GLU A 724 5.81 -32.63 -57.06
N ASN A 725 6.32 -31.80 -56.15
CA ASN A 725 7.74 -31.40 -56.11
C ASN A 725 8.19 -30.74 -57.41
N THR A 726 7.32 -29.98 -58.05
CA THR A 726 7.70 -29.27 -59.25
C THR A 726 8.39 -27.94 -58.92
N GLY A 727 9.17 -27.45 -59.87
CA GLY A 727 9.82 -26.15 -59.80
C GLY A 727 10.44 -25.75 -58.48
N ILE A 728 9.95 -24.65 -57.91
CA ILE A 728 10.53 -24.05 -56.72
C ILE A 728 10.21 -24.84 -55.45
N SER A 729 9.35 -25.85 -55.54
CA SER A 729 8.82 -26.52 -54.35
C SER A 729 9.93 -26.91 -53.37
N LYS A 730 11.04 -27.42 -53.88
CA LYS A 730 12.15 -27.78 -53.01
C LYS A 730 12.80 -26.55 -52.38
N VAL A 731 12.75 -25.40 -53.05
CA VAL A 731 13.44 -24.21 -52.53
C VAL A 731 12.59 -23.52 -51.46
N LYS A 732 11.28 -23.41 -51.68
CA LYS A 732 10.42 -22.82 -50.66
C LYS A 732 10.39 -23.66 -49.39
N THR A 733 10.57 -24.97 -49.51
CA THR A 733 10.73 -25.80 -48.31
C THR A 733 11.97 -25.38 -47.53
N LEU A 734 13.09 -25.12 -48.23
CA LEU A 734 14.29 -24.66 -47.56
C LEU A 734 14.11 -23.27 -46.95
N LEU A 735 13.60 -22.33 -47.75
CA LEU A 735 13.45 -20.96 -47.28
C LEU A 735 12.55 -20.89 -46.06
N ASN A 736 11.34 -21.45 -46.15
CA ASN A 736 10.41 -21.37 -45.03
C ASN A 736 10.95 -22.08 -43.79
N ASN A 737 11.61 -23.23 -43.98
CA ASN A 737 12.23 -23.90 -42.85
C ASN A 737 13.31 -23.03 -42.23
N MET A 738 14.04 -22.26 -43.05
CA MET A 738 15.04 -21.35 -42.53
C MET A 738 14.41 -20.25 -41.69
N ARG A 739 13.26 -19.73 -42.14
CA ARG A 739 12.59 -18.67 -41.41
C ARG A 739 11.89 -19.19 -40.16
N GLU A 740 11.51 -20.48 -40.15
CA GLU A 740 10.93 -21.06 -38.94
C GLU A 740 11.94 -21.08 -37.79
N GLU A 741 13.21 -21.32 -38.11
CA GLU A 741 14.24 -21.30 -37.08
C GLU A 741 14.56 -19.88 -36.64
N ILE A 742 14.66 -18.95 -37.60
CA ILE A 742 14.94 -17.54 -37.30
C ILE A 742 13.81 -16.91 -36.49
N ALA A 743 12.57 -17.38 -36.67
CA ALA A 743 11.41 -16.77 -36.03
C ALA A 743 11.49 -16.70 -34.51
N SER A 744 12.38 -17.45 -33.88
CA SER A 744 12.32 -17.57 -32.43
C SER A 744 12.92 -16.38 -31.69
N GLU A 745 14.02 -15.79 -32.18
CA GLU A 745 14.69 -14.75 -31.41
C GLU A 745 14.38 -13.32 -31.84
N ALA A 746 14.36 -13.02 -33.15
CA ALA A 746 14.20 -11.64 -33.59
C ALA A 746 12.77 -11.16 -33.34
N VAL A 747 12.61 -10.15 -32.49
CA VAL A 747 11.30 -9.66 -32.05
C VAL A 747 11.01 -8.24 -32.53
N ASP A 748 11.82 -7.28 -32.11
CA ASP A 748 11.50 -5.88 -32.34
C ASP A 748 12.17 -5.34 -33.61
N ILE A 749 11.81 -4.11 -33.97
CA ILE A 749 12.22 -3.53 -35.24
C ILE A 749 13.72 -3.32 -35.30
N GLU A 750 14.38 -3.14 -34.14
CA GLU A 750 15.82 -2.92 -34.11
C GLU A 750 16.60 -4.23 -34.06
N ASP A 751 15.91 -5.38 -34.11
CA ASP A 751 16.57 -6.67 -33.97
C ASP A 751 17.05 -7.25 -35.29
N SER A 752 16.51 -6.80 -36.42
CA SER A 752 16.79 -7.41 -37.72
C SER A 752 17.34 -6.34 -38.65
N GLU A 753 18.61 -6.45 -39.00
CA GLU A 753 19.31 -5.51 -39.86
C GLU A 753 19.55 -6.13 -41.23
N MET A 754 20.05 -5.30 -42.16
CA MET A 754 20.09 -5.70 -43.56
C MET A 754 21.13 -4.89 -44.31
N HIS A 755 21.51 -5.41 -45.48
CA HIS A 755 22.22 -4.64 -46.49
C HIS A 755 21.92 -5.26 -47.84
N VAL A 756 21.31 -4.49 -48.74
CA VAL A 756 20.96 -4.94 -50.08
C VAL A 756 21.81 -4.17 -51.08
N HIS A 757 22.39 -4.89 -52.04
CA HIS A 757 23.22 -4.30 -53.08
C HIS A 757 22.72 -4.74 -54.44
N HIS A 758 22.69 -3.79 -55.39
CA HIS A 758 22.26 -4.04 -56.76
C HIS A 758 23.43 -3.82 -57.70
N ASP A 759 23.72 -4.83 -58.51
CA ASP A 759 24.78 -4.76 -59.52
C ASP A 759 24.27 -5.48 -60.76
N GLY A 760 23.79 -4.71 -61.73
CA GLY A 760 23.30 -5.30 -62.97
C GLY A 760 22.14 -6.23 -62.71
N GLN A 761 22.25 -7.45 -63.21
CA GLN A 761 21.26 -8.49 -62.98
C GLN A 761 21.48 -9.25 -61.68
N TYR A 762 22.50 -8.87 -60.91
CA TYR A 762 22.72 -9.45 -59.59
C TYR A 762 22.08 -8.58 -58.52
N ILE A 763 21.58 -9.22 -57.47
CA ILE A 763 21.06 -8.52 -56.31
C ILE A 763 21.54 -9.24 -55.06
N THR A 764 22.16 -8.49 -54.15
CA THR A 764 22.74 -9.02 -52.93
C THR A 764 21.84 -8.71 -51.75
N PHE A 765 21.60 -9.70 -50.89
CA PHE A 765 20.81 -9.52 -49.68
C PHE A 765 21.56 -10.15 -48.52
N HIS A 766 22.02 -9.32 -47.60
CA HIS A 766 22.56 -9.77 -46.33
C HIS A 766 21.51 -9.54 -45.24
N ARG A 767 21.14 -10.61 -44.54
CA ARG A 767 20.15 -10.55 -43.48
C ARG A 767 20.84 -10.82 -42.16
N THR A 768 20.62 -9.94 -41.17
CA THR A 768 21.41 -9.97 -39.95
C THR A 768 20.51 -9.73 -38.74
N ASN A 769 20.68 -10.56 -37.72
CA ASN A 769 20.11 -10.31 -36.42
C ASN A 769 21.10 -9.50 -35.60
N ALA A 770 20.65 -8.37 -35.08
CA ALA A 770 21.53 -7.42 -34.40
C ALA A 770 21.92 -7.87 -33.00
N LYS A 771 21.30 -8.93 -32.48
CA LYS A 771 21.55 -9.43 -31.13
C LYS A 771 22.61 -10.54 -31.10
N ASN A 772 22.36 -11.63 -31.83
CA ASN A 772 23.30 -12.75 -31.85
C ASN A 772 24.35 -12.68 -32.96
N GLY A 773 24.16 -11.84 -33.97
CA GLY A 773 25.08 -11.78 -35.08
C GLY A 773 24.89 -12.85 -36.15
N LYS A 774 23.94 -13.77 -35.96
CA LYS A 774 23.62 -14.74 -37.01
C LYS A 774 23.20 -14.00 -38.27
N GLY A 775 23.53 -14.59 -39.42
CA GLY A 775 23.10 -13.99 -40.67
C GLY A 775 22.97 -14.96 -41.82
N TRP A 776 22.29 -14.49 -42.85
CA TRP A 776 22.20 -15.18 -44.14
C TRP A 776 22.60 -14.21 -45.24
N TYR A 777 23.38 -14.69 -46.20
CA TYR A 777 23.84 -13.89 -47.33
C TYR A 777 23.29 -14.52 -48.60
N LEU A 778 22.48 -13.78 -49.34
CA LEU A 778 21.88 -14.26 -50.58
C LEU A 778 22.48 -13.53 -51.76
N VAL A 779 23.04 -14.29 -52.70
CA VAL A 779 23.39 -13.80 -54.02
C VAL A 779 22.36 -14.36 -54.99
N ALA A 780 21.59 -13.46 -55.62
CA ALA A 780 20.52 -13.86 -56.55
C ALA A 780 20.76 -13.18 -57.88
N ARG A 781 21.00 -13.98 -58.92
CA ARG A 781 21.10 -13.47 -60.28
C ARG A 781 19.73 -13.55 -60.94
N THR A 782 19.10 -12.40 -61.16
CA THR A 782 17.75 -12.34 -61.68
C THR A 782 17.74 -12.47 -63.20
N LYS A 783 16.61 -12.94 -63.74
CA LYS A 783 16.41 -13.06 -65.19
C LYS A 783 15.12 -12.31 -65.54
N PHE A 784 15.22 -10.99 -65.64
CA PHE A 784 14.12 -10.22 -66.22
C PHE A 784 14.10 -10.40 -67.73
N HIS A 785 15.28 -10.45 -68.34
CA HIS A 785 15.47 -10.76 -69.75
C HIS A 785 16.77 -11.54 -69.88
N SER A 786 16.97 -12.13 -71.04
CA SER A 786 18.25 -12.79 -71.34
C SER A 786 19.21 -11.68 -71.77
N SER A 787 20.07 -11.24 -70.85
CA SER A 787 20.82 -10.01 -71.03
C SER A 787 22.33 -10.23 -71.06
N GLY A 788 22.78 -11.45 -71.34
CA GLY A 788 24.18 -11.69 -71.56
C GLY A 788 24.93 -12.09 -70.30
N ASP A 789 26.23 -12.29 -70.48
CA ASP A 789 27.09 -12.74 -69.39
C ASP A 789 27.61 -11.56 -68.58
N GLN A 790 27.43 -11.63 -67.26
CA GLN A 790 27.92 -10.62 -66.34
C GLN A 790 28.54 -11.31 -65.15
N MET A 791 29.71 -10.83 -64.73
CA MET A 791 30.47 -11.42 -63.63
C MET A 791 30.47 -10.48 -62.43
N LEU A 792 30.14 -11.02 -61.26
CA LEU A 792 30.00 -10.25 -60.03
C LEU A 792 31.36 -10.07 -59.35
N PRO A 793 31.64 -8.88 -58.83
CA PRO A 793 32.92 -8.66 -58.13
C PRO A 793 33.01 -9.50 -56.86
N ARG A 794 34.24 -9.66 -56.39
CA ARG A 794 34.50 -10.45 -55.19
C ARG A 794 33.77 -9.87 -53.98
N ILE A 795 32.93 -10.68 -53.35
CA ILE A 795 32.21 -10.27 -52.15
C ILE A 795 33.16 -10.35 -50.96
N LYS A 796 33.25 -9.26 -50.21
CA LYS A 796 34.09 -9.18 -49.02
C LYS A 796 33.20 -8.83 -47.83
N LEU A 797 33.34 -9.59 -46.75
CA LEU A 797 32.59 -9.37 -45.51
C LEU A 797 33.59 -9.19 -44.38
N SER A 798 33.58 -8.01 -43.76
CA SER A 798 34.56 -7.70 -42.73
C SER A 798 34.20 -8.38 -41.42
N GLN A 799 35.21 -8.98 -40.78
CA GLN A 799 35.08 -9.56 -39.45
C GLN A 799 33.88 -10.50 -39.35
N THR A 800 33.59 -11.20 -40.45
CA THR A 800 32.47 -12.11 -40.55
C THR A 800 32.96 -13.44 -41.10
N LYS A 801 32.41 -14.54 -40.57
CA LYS A 801 32.69 -15.87 -41.08
C LYS A 801 31.47 -16.40 -41.81
N ALA A 802 31.69 -17.04 -42.96
CA ALA A 802 30.62 -17.50 -43.83
C ALA A 802 30.67 -19.01 -43.99
N THR A 803 29.58 -19.57 -44.51
CA THR A 803 29.43 -21.00 -44.69
C THR A 803 28.41 -21.26 -45.80
N PHE A 804 28.74 -22.15 -46.72
CA PHE A 804 27.84 -22.46 -47.83
C PHE A 804 26.63 -23.23 -47.31
N LYS A 805 25.44 -22.74 -47.62
CA LYS A 805 24.20 -23.38 -47.16
C LYS A 805 23.52 -24.18 -48.27
N ALA A 806 23.40 -23.61 -49.46
CA ALA A 806 22.71 -24.23 -50.58
C ALA A 806 22.85 -23.32 -51.80
N ALA A 807 22.69 -23.90 -52.98
CA ALA A 807 22.74 -23.16 -54.22
C ALA A 807 21.92 -23.90 -55.27
N PHE A 808 21.20 -23.14 -56.10
CA PHE A 808 20.29 -23.71 -57.07
C PHE A 808 20.29 -22.87 -58.34
N SER A 809 20.00 -23.53 -59.46
CA SER A 809 19.74 -22.87 -60.73
C SER A 809 18.42 -23.40 -61.28
N LEU A 810 17.65 -22.52 -61.90
CA LEU A 810 16.37 -22.87 -62.49
C LEU A 810 16.51 -22.81 -64.01
N GLU A 811 16.12 -23.90 -64.67
CA GLU A 811 16.35 -24.06 -66.10
C GLU A 811 15.06 -24.53 -66.77
N ARG A 812 14.69 -23.88 -67.87
CA ARG A 812 13.48 -24.25 -68.60
C ARG A 812 13.77 -25.43 -69.52
N THR A 813 12.92 -26.45 -69.46
CA THR A 813 13.06 -27.65 -70.28
C THR A 813 11.89 -27.74 -71.26
N GLY A 814 11.84 -26.77 -72.17
CA GLY A 814 10.80 -26.75 -73.17
C GLY A 814 9.49 -26.16 -72.66
N ASP A 815 8.58 -25.95 -73.61
CA ASP A 815 7.34 -25.24 -73.33
C ASP A 815 6.41 -26.09 -72.48
N ALA A 816 5.29 -25.47 -72.06
CA ALA A 816 4.33 -26.06 -71.15
C ALA A 816 3.36 -26.97 -71.88
N PRO A 817 2.83 -27.99 -71.20
CA PRO A 817 1.82 -28.86 -71.81
C PRO A 817 0.50 -28.11 -72.01
N ILE A 818 -0.22 -28.52 -73.06
CA ILE A 818 -1.52 -27.94 -73.40
C ILE A 818 -2.58 -28.94 -72.96
N SER A 819 -3.33 -28.60 -71.92
CA SER A 819 -4.38 -29.47 -71.39
C SER A 819 -5.70 -28.72 -71.32
N ASP A 820 -6.79 -29.49 -71.24
CA ASP A 820 -8.14 -28.95 -71.14
C ASP A 820 -8.82 -29.21 -69.81
N GLU A 821 -8.34 -30.19 -69.04
CA GLU A 821 -8.97 -30.57 -67.79
C GLU A 821 -8.07 -30.37 -66.58
N ILE A 822 -6.83 -29.90 -66.77
CA ILE A 822 -5.87 -29.79 -65.68
C ILE A 822 -4.87 -28.71 -66.04
N ILE A 823 -4.40 -27.98 -65.02
CA ILE A 823 -3.42 -26.92 -65.21
C ILE A 823 -2.07 -27.47 -64.81
N GLU A 824 -1.16 -27.55 -65.78
CA GLU A 824 0.18 -28.07 -65.53
C GLU A 824 1.20 -27.00 -65.91
N GLY A 825 2.26 -26.90 -65.13
CA GLY A 825 3.25 -25.85 -65.28
C GLY A 825 4.27 -26.15 -66.37
N ILE A 826 5.31 -25.33 -66.38
CA ILE A 826 6.40 -25.47 -67.33
C ILE A 826 7.44 -26.43 -66.75
N PRO A 827 7.95 -27.38 -67.53
CA PRO A 827 8.97 -28.29 -67.02
C PRO A 827 10.25 -27.54 -66.68
N THR A 828 10.76 -27.79 -65.47
CA THR A 828 11.96 -27.12 -64.97
C THR A 828 12.93 -28.13 -64.39
N LYS A 829 14.22 -27.85 -64.54
CA LYS A 829 15.28 -28.59 -63.89
C LYS A 829 15.87 -27.72 -62.80
N LEU A 830 15.81 -28.19 -61.56
CA LEU A 830 16.35 -27.46 -60.41
C LEU A 830 17.74 -28.01 -60.11
N ARG A 831 18.73 -27.44 -60.79
CA ARG A 831 20.10 -27.94 -60.71
C ARG A 831 20.81 -27.35 -59.50
N GLU A 832 21.43 -28.23 -58.71
CA GLU A 832 22.23 -27.79 -57.58
C GLU A 832 23.57 -27.29 -58.06
N LEU A 833 24.03 -26.18 -57.48
CA LEU A 833 25.23 -25.53 -57.97
C LEU A 833 26.38 -25.66 -56.97
N THR A 834 27.60 -25.54 -57.50
CA THR A 834 28.82 -25.63 -56.71
C THR A 834 29.85 -24.70 -57.34
N GLY A 835 31.05 -24.69 -56.79
CA GLY A 835 32.14 -23.87 -57.28
C GLY A 835 32.34 -22.55 -56.57
N PHE A 836 31.75 -22.39 -55.38
CA PHE A 836 31.86 -21.16 -54.61
C PHE A 836 33.09 -21.23 -53.72
N ASP A 837 33.91 -20.19 -53.76
CA ASP A 837 35.15 -20.16 -53.00
C ASP A 837 34.97 -19.24 -51.82
N ILE A 838 35.13 -19.77 -50.60
CA ILE A 838 34.98 -18.99 -49.39
C ILE A 838 36.33 -18.88 -48.70
N GLY A 839 37.12 -17.88 -49.10
CA GLY A 839 38.38 -17.65 -48.43
C GLY A 839 38.19 -16.84 -47.16
N PHE A 840 38.95 -17.18 -46.14
CA PHE A 840 38.87 -16.50 -44.86
C PHE A 840 40.29 -16.18 -44.38
N ASP A 841 40.59 -14.88 -44.29
CA ASP A 841 41.88 -14.42 -43.79
C ASP A 841 41.86 -14.47 -42.28
N GLU A 842 42.63 -15.38 -41.67
CA GLU A 842 42.67 -15.47 -40.22
C GLU A 842 43.26 -14.23 -39.56
N ASN A 843 43.83 -13.31 -40.32
CA ASN A 843 44.37 -12.07 -39.74
C ASN A 843 43.34 -10.95 -39.79
N THR A 844 43.07 -10.42 -40.99
CA THR A 844 42.06 -9.37 -41.13
C THR A 844 40.65 -9.87 -40.87
N LYS A 845 40.46 -11.18 -40.70
CA LYS A 845 39.15 -11.79 -40.45
C LYS A 845 38.15 -11.40 -41.53
N GLU A 846 38.64 -11.29 -42.77
CA GLU A 846 37.81 -10.89 -43.91
C GLU A 846 37.48 -12.15 -44.72
N THR A 847 36.21 -12.50 -44.76
CA THR A 847 35.76 -13.59 -45.62
C THR A 847 35.55 -13.07 -47.03
N SER A 848 36.10 -13.78 -48.00
CA SER A 848 35.90 -13.48 -49.42
C SER A 848 35.04 -14.56 -50.06
N ILE A 849 34.11 -14.15 -50.91
CA ILE A 849 33.18 -15.06 -51.56
C ILE A 849 33.24 -14.82 -53.06
N LEU A 850 33.67 -15.84 -53.80
CA LEU A 850 33.76 -15.77 -55.26
C LEU A 850 32.70 -16.67 -55.88
N LEU A 851 32.11 -16.21 -56.95
CA LEU A 851 31.12 -17.03 -57.61
C LEU A 851 31.76 -17.81 -58.76
N PRO A 852 31.23 -18.99 -59.08
CA PRO A 852 31.67 -19.70 -60.28
C PRO A 852 30.98 -19.17 -61.52
N GLN A 853 31.65 -19.31 -62.67
CA GLN A 853 31.07 -18.86 -63.92
C GLN A 853 29.86 -19.68 -64.33
N ASP A 854 29.67 -20.86 -63.73
CA ASP A 854 28.43 -21.60 -63.91
C ASP A 854 27.42 -21.11 -62.87
N PHE A 855 26.91 -19.92 -63.14
CA PHE A 855 25.89 -19.27 -62.31
C PHE A 855 24.96 -18.53 -63.25
N PRO A 856 24.09 -19.24 -63.94
CA PRO A 856 23.24 -18.59 -64.96
C PRO A 856 22.18 -17.72 -64.33
N GLN A 857 21.61 -16.86 -65.18
CA GLN A 857 20.50 -16.01 -64.75
C GLN A 857 19.34 -16.89 -64.28
N GLY A 858 18.80 -16.56 -63.12
CA GLY A 858 17.82 -17.40 -62.47
C GLY A 858 18.37 -18.32 -61.41
N SER A 859 19.55 -18.03 -60.86
CA SER A 859 20.19 -18.87 -59.87
C SER A 859 20.37 -18.10 -58.57
N ILE A 860 20.48 -18.86 -57.47
CA ILE A 860 20.72 -18.28 -56.16
C ILE A 860 21.75 -19.14 -55.43
N VAL A 861 22.47 -18.51 -54.52
CA VAL A 861 23.27 -19.20 -53.51
C VAL A 861 23.01 -18.52 -52.18
N ILE A 862 23.00 -19.32 -51.11
CA ILE A 862 22.72 -18.82 -49.77
C ILE A 862 23.88 -19.25 -48.87
N PHE A 863 24.46 -18.28 -48.17
CA PHE A 863 25.49 -18.54 -47.17
C PHE A 863 24.91 -18.24 -45.80
N GLU A 864 25.13 -19.14 -44.85
CA GLU A 864 24.91 -18.82 -43.45
C GLU A 864 26.16 -18.12 -42.92
N THR A 865 25.98 -16.94 -42.34
CA THR A 865 27.10 -16.11 -41.92
C THR A 865 27.00 -15.81 -40.43
N GLN A 866 28.10 -15.29 -39.89
CA GLN A 866 28.19 -14.99 -38.46
C GLN A 866 29.20 -13.87 -38.25
N GLN A 867 28.73 -12.75 -37.69
CA GLN A 867 29.66 -11.67 -37.37
C GLN A 867 30.50 -12.05 -36.16
N LEU A 868 31.76 -11.67 -36.18
CA LEU A 868 32.70 -12.06 -35.14
C LEU A 868 32.72 -11.03 -34.02
N GLY A 869 32.75 -11.53 -32.78
CA GLY A 869 32.67 -10.70 -31.61
C GLY A 869 31.28 -10.56 -31.03
N ILE A 870 30.24 -10.90 -31.78
CA ILE A 870 28.87 -10.81 -31.31
C ILE A 870 28.41 -12.18 -30.84
N ASP A 871 27.87 -12.24 -29.63
CA ASP A 871 27.33 -13.46 -29.06
C ASP A 871 26.12 -13.06 -28.22
N ASP A 872 25.32 -14.06 -27.88
CA ASP A 872 24.11 -13.80 -27.10
C ASP A 872 24.40 -13.18 -25.74
N SER A 873 25.60 -13.36 -25.20
CA SER A 873 25.97 -12.77 -23.91
C SER A 873 26.47 -11.34 -24.03
N LEU A 874 26.92 -10.92 -25.21
CA LEU A 874 27.37 -9.54 -25.39
C LEU A 874 26.26 -8.55 -25.06
N ASP A 875 25.03 -8.86 -25.48
CA ASP A 875 23.89 -7.98 -25.23
C ASP A 875 23.73 -7.72 -23.74
N HIS A 876 23.65 -8.78 -22.94
CA HIS A 876 23.50 -8.64 -21.50
C HIS A 876 24.72 -7.96 -20.87
N PHE A 877 25.90 -8.15 -21.47
CA PHE A 877 27.12 -7.55 -20.91
C PHE A 877 27.09 -6.03 -20.99
N ILE A 878 26.61 -5.50 -22.11
CA ILE A 878 26.67 -4.05 -22.32
C ILE A 878 25.63 -3.32 -21.49
N ARG A 879 24.52 -3.96 -21.17
CA ARG A 879 23.44 -3.30 -20.45
C ARG A 879 23.50 -3.51 -18.94
N SER A 880 24.48 -4.27 -18.44
CA SER A 880 24.58 -4.59 -17.02
C SER A 880 25.78 -3.89 -16.39
N GLY A 881 25.78 -3.85 -15.06
CA GLY A 881 26.89 -3.35 -14.28
C GLY A 881 27.02 -1.85 -14.20
N ALA A 882 26.16 -1.09 -14.87
CA ALA A 882 26.31 0.36 -14.90
C ALA A 882 25.83 1.02 -13.61
N ILE A 883 24.81 0.46 -12.97
CA ILE A 883 24.31 1.03 -11.73
C ILE A 883 25.29 0.81 -10.59
N LYS A 884 25.88 -0.39 -10.52
CA LYS A 884 26.88 -0.67 -9.49
C LYS A 884 28.11 0.22 -9.65
N ALA A 885 28.46 0.57 -10.90
CA ALA A 885 29.63 1.42 -11.14
C ALA A 885 29.41 2.84 -10.62
N THR A 886 28.19 3.36 -10.74
CA THR A 886 27.90 4.71 -10.28
C THR A 886 27.60 4.78 -8.79
N GLU A 887 27.74 3.67 -8.07
CA GLU A 887 27.31 3.60 -6.68
C GLU A 887 28.02 4.65 -5.83
N LYS A 888 29.35 4.62 -5.82
CA LYS A 888 30.14 5.50 -4.98
C LYS A 888 30.32 6.91 -5.57
N LEU A 889 29.47 7.33 -6.50
CA LEU A 889 29.58 8.67 -7.05
C LEU A 889 29.03 9.71 -6.08
N SER A 890 29.36 10.96 -6.34
CA SER A 890 28.87 12.08 -5.55
C SER A 890 28.47 13.20 -6.49
N LEU A 891 27.55 14.06 -6.02
CA LEU A 891 27.12 15.19 -6.82
C LEU A 891 28.28 16.06 -7.27
N GLU A 892 29.40 16.03 -6.54
CA GLU A 892 30.61 16.67 -7.01
C GLU A 892 31.25 15.88 -8.13
N SER A 893 31.48 14.58 -7.91
CA SER A 893 32.23 13.76 -8.85
C SER A 893 31.48 13.56 -10.16
N ILE A 894 30.14 13.61 -10.15
CA ILE A 894 29.37 13.47 -11.38
C ILE A 894 29.74 14.58 -12.37
N ASN A 895 30.21 15.72 -11.87
CA ASN A 895 30.67 16.79 -12.75
C ASN A 895 31.81 16.32 -13.66
N TYR A 896 32.75 15.56 -13.12
CA TYR A 896 33.89 15.10 -13.90
C TYR A 896 33.51 14.04 -14.95
N VAL A 897 32.39 13.36 -14.75
CA VAL A 897 32.00 12.30 -15.68
C VAL A 897 31.12 12.83 -16.81
N LEU A 898 30.31 13.85 -16.55
CA LEU A 898 29.32 14.32 -17.50
C LEU A 898 29.66 15.63 -18.19
N TYR A 899 30.39 16.54 -17.55
CA TYR A 899 30.47 17.91 -18.04
C TYR A 899 31.92 18.25 -18.30
N ARG A 900 32.48 19.24 -17.60
CA ARG A 900 33.86 19.68 -17.70
C ARG A 900 34.04 20.38 -19.05
N ALA A 901 33.90 21.70 -19.08
CA ALA A 901 34.23 22.45 -20.27
C ALA A 901 35.71 22.26 -20.60
N GLU A 902 36.06 22.43 -21.88
CA GLU A 902 37.43 22.16 -22.31
C GLU A 902 38.43 22.98 -21.48
N GLN A 903 38.05 24.21 -21.13
CA GLN A 903 38.89 25.03 -20.27
C GLN A 903 38.96 24.45 -18.86
N GLU A 904 37.84 23.90 -18.37
CA GLU A 904 37.87 23.19 -17.08
C GLU A 904 38.70 21.92 -17.18
N GLU A 905 38.75 21.31 -18.37
CA GLU A 905 39.52 20.09 -18.56
C GLU A 905 41.02 20.40 -18.62
N TYR A 906 41.39 21.44 -19.38
CA TYR A 906 42.77 21.90 -19.39
C TYR A 906 43.31 22.14 -17.98
N ASP A 907 42.47 22.71 -17.11
CA ASP A 907 42.86 22.99 -15.73
C ASP A 907 43.45 21.75 -15.05
N TYR A 908 42.90 20.58 -15.34
CA TYR A 908 43.40 19.33 -14.78
C TYR A 908 44.47 18.66 -15.64
N SER A 909 44.62 19.06 -16.91
CA SER A 909 45.50 18.38 -17.83
C SER A 909 46.74 19.18 -18.20
N GLU A 910 46.98 20.32 -17.53
CA GLU A 910 48.09 21.21 -17.87
C GLU A 910 48.06 21.62 -19.34
N GLY A 911 46.88 21.64 -19.94
CA GLY A 911 46.73 21.98 -21.34
C GLY A 911 46.93 20.84 -22.31
N ARG A 912 47.17 19.62 -21.83
CA ARG A 912 47.47 18.51 -22.73
C ARG A 912 46.21 18.01 -23.43
N SER A 913 45.13 17.81 -22.67
CA SER A 913 43.96 17.10 -23.18
C SER A 913 42.91 18.03 -23.79
N GLY A 914 41.76 18.15 -23.14
CA GLY A 914 40.66 18.91 -23.68
C GLY A 914 39.59 18.04 -24.31
N ALA A 915 38.80 18.67 -25.18
CA ALA A 915 37.66 18.02 -25.80
C ALA A 915 38.04 17.37 -27.13
N TYR A 916 37.37 16.24 -27.41
CA TYR A 916 37.68 15.45 -28.59
C TYR A 916 37.24 16.19 -29.85
N ASP A 917 38.19 16.42 -30.76
CA ASP A 917 37.87 17.10 -32.01
C ASP A 917 37.34 16.06 -33.00
N ILE A 918 36.07 16.21 -33.37
CA ILE A 918 35.43 15.30 -34.33
C ILE A 918 35.65 15.86 -35.72
N PRO A 919 36.40 15.19 -36.59
CA PRO A 919 36.69 15.73 -37.92
C PRO A 919 35.43 15.95 -38.74
N ASP A 920 35.44 17.04 -39.53
CA ASP A 920 34.28 17.47 -40.31
C ASP A 920 33.11 17.85 -39.42
N TYR A 921 33.39 18.32 -38.21
CA TYR A 921 32.33 18.66 -37.26
C TYR A 921 32.77 19.69 -36.23
N GLY A 922 33.65 19.28 -35.32
CA GLY A 922 34.10 20.12 -34.24
C GLY A 922 34.13 19.33 -32.96
N LYS A 923 34.11 20.04 -31.83
CA LYS A 923 34.21 19.37 -30.55
C LYS A 923 32.88 19.40 -29.79
N PRO A 924 32.58 18.34 -29.03
CA PRO A 924 31.50 18.44 -28.04
C PRO A 924 31.83 19.50 -27.00
N VAL A 925 30.78 20.17 -26.51
CA VAL A 925 30.99 21.33 -25.66
C VAL A 925 31.46 20.94 -24.27
N TYR A 926 31.14 19.73 -23.83
CA TYR A 926 31.70 19.17 -22.61
C TYR A 926 32.61 17.99 -22.93
N CYS A 927 33.65 17.82 -22.13
CA CYS A 927 34.49 16.64 -22.26
C CYS A 927 33.81 15.40 -21.73
N GLY A 928 32.81 15.55 -20.86
CA GLY A 928 32.12 14.43 -20.27
C GLY A 928 31.07 13.84 -21.19
N LEU A 929 30.28 12.92 -20.62
CA LEU A 929 29.32 12.17 -21.41
C LEU A 929 28.24 13.07 -22.00
N GLN A 930 27.91 14.18 -21.33
CA GLN A 930 26.89 15.09 -21.86
C GLN A 930 27.30 15.62 -23.23
N GLY A 931 28.60 15.92 -23.41
CA GLY A 931 29.07 16.35 -24.71
C GLY A 931 28.72 15.36 -25.82
N TRP A 932 28.85 14.06 -25.53
CA TRP A 932 28.46 13.05 -26.50
C TRP A 932 26.94 13.00 -26.64
N VAL A 933 26.21 13.04 -25.53
CA VAL A 933 24.76 12.87 -25.56
C VAL A 933 24.10 14.01 -26.33
N SER A 934 24.58 15.24 -26.14
CA SER A 934 23.99 16.38 -26.83
C SER A 934 24.08 16.24 -28.35
N ILE A 935 25.07 15.49 -28.84
CA ILE A 935 25.20 15.23 -30.27
C ILE A 935 24.47 13.94 -30.66
N LEU A 936 24.58 12.91 -29.81
CA LEU A 936 24.07 11.59 -30.19
C LEU A 936 22.55 11.54 -30.23
N ARG A 937 21.87 12.34 -29.42
CA ARG A 937 20.41 12.26 -29.34
C ARG A 937 19.76 12.46 -30.70
N LYS A 938 20.15 13.52 -31.41
CA LYS A 938 19.62 13.74 -32.75
C LYS A 938 20.12 12.71 -33.74
N ILE A 939 21.30 12.12 -33.49
CA ILE A 939 21.84 11.11 -34.40
C ILE A 939 21.09 9.80 -34.25
N ILE A 940 20.78 9.39 -33.02
CA ILE A 940 20.00 8.17 -32.80
C ILE A 940 18.59 8.33 -33.34
N PHE A 941 18.02 9.53 -33.22
CA PHE A 941 16.64 9.75 -33.63
C PHE A 941 16.47 9.60 -35.15
N TYR A 942 17.46 10.02 -35.91
CA TYR A 942 17.39 9.95 -37.36
C TYR A 942 18.26 8.85 -37.95
N ASN A 943 18.89 8.05 -37.12
CA ASN A 943 19.80 6.98 -37.57
C ASN A 943 20.85 7.54 -38.53
N ASP A 944 21.40 8.70 -38.19
CA ASP A 944 22.31 9.42 -39.07
C ASP A 944 23.67 8.73 -39.09
N LEU A 945 23.69 7.55 -39.73
CA LEU A 945 24.93 6.80 -39.88
C LEU A 945 25.95 7.52 -40.76
N ALA A 946 25.54 8.59 -41.44
CA ALA A 946 26.43 9.42 -42.24
C ALA A 946 27.02 10.59 -41.48
N HIS A 947 26.67 10.75 -40.20
CA HIS A 947 27.14 11.89 -39.44
C HIS A 947 28.66 11.82 -39.28
N PRO A 948 29.36 12.97 -39.28
CA PRO A 948 30.81 12.95 -39.01
C PRO A 948 31.21 12.11 -37.82
N LEU A 949 30.47 12.18 -36.72
CA LEU A 949 30.78 11.34 -35.56
C LEU A 949 30.58 9.86 -35.87
N SER A 950 29.53 9.54 -36.62
CA SER A 950 29.33 8.17 -37.07
C SER A 950 30.50 7.70 -37.95
N ASN A 951 30.92 8.54 -38.89
CA ASN A 951 32.07 8.22 -39.73
C ASN A 951 33.33 8.02 -38.87
N ASN A 952 33.59 8.95 -37.96
CA ASN A 952 34.80 8.86 -37.14
C ASN A 952 34.80 7.61 -36.28
N LEU A 953 33.63 7.21 -35.77
CA LEU A 953 33.56 6.03 -34.93
C LEU A 953 33.76 4.73 -35.73
N ARG A 954 33.61 4.79 -37.05
CA ARG A 954 33.90 3.63 -37.89
C ARG A 954 35.37 3.55 -38.28
N ASN A 955 36.02 4.70 -38.46
CA ASN A 955 37.37 4.74 -38.99
C ASN A 955 38.45 4.51 -37.95
N GLY A 956 38.11 4.55 -36.67
CA GLY A 956 39.11 4.39 -35.63
C GLY A 956 38.44 4.23 -34.28
N HIS A 957 39.25 3.81 -33.31
CA HIS A 957 38.81 3.63 -31.94
C HIS A 957 39.27 4.77 -31.02
N ALA A 958 39.48 5.96 -31.57
CA ALA A 958 40.03 7.07 -30.80
C ALA A 958 38.96 7.68 -29.89
N ALA A 959 37.80 7.98 -30.45
CA ALA A 959 36.68 8.45 -29.62
C ALA A 959 36.29 7.37 -28.61
N VAL A 960 36.44 6.09 -28.97
CA VAL A 960 36.19 5.01 -28.03
C VAL A 960 37.17 5.10 -26.86
N ASP A 961 38.45 5.33 -27.16
CA ASP A 961 39.46 5.42 -26.12
C ASP A 961 39.39 6.74 -25.35
N TYR A 962 38.99 7.82 -26.02
CA TYR A 962 38.90 9.12 -25.36
C TYR A 962 37.97 9.07 -24.16
N VAL A 963 36.79 8.47 -24.34
CA VAL A 963 35.80 8.37 -23.26
C VAL A 963 36.43 7.79 -21.99
N VAL A 964 37.29 6.79 -22.15
CA VAL A 964 37.86 6.11 -20.99
C VAL A 964 39.07 6.85 -20.44
N ASN A 965 39.97 7.30 -21.32
CA ASN A 965 41.26 7.79 -20.86
C ASN A 965 41.13 9.09 -20.06
N ARG A 966 40.28 10.01 -20.52
CA ARG A 966 40.16 11.32 -19.87
C ARG A 966 39.87 11.22 -18.38
N LEU A 967 39.23 10.12 -17.93
CA LEU A 967 38.95 9.95 -16.51
C LEU A 967 40.21 9.73 -15.67
N ASP A 968 41.36 9.46 -16.31
CA ASP A 968 42.62 9.43 -15.57
C ASP A 968 42.84 10.74 -14.82
N LEU A 969 42.41 11.86 -15.41
CA LEU A 969 42.48 13.14 -14.73
C LEU A 969 41.71 13.13 -13.43
N TYR A 970 40.62 12.37 -13.36
CA TYR A 970 39.75 12.35 -12.19
C TYR A 970 39.63 10.96 -11.57
N LYS A 971 40.57 10.06 -11.86
CA LYS A 971 40.51 8.70 -11.34
C LYS A 971 40.48 8.66 -9.82
N ASP A 972 40.98 9.70 -9.16
CA ASP A 972 41.04 9.70 -7.71
C ASP A 972 39.76 10.19 -7.05
N LYS A 973 38.86 10.83 -7.80
CA LYS A 973 37.65 11.35 -7.20
C LYS A 973 36.60 10.27 -7.02
N GLU A 974 35.65 10.54 -6.15
CA GLU A 974 34.76 9.53 -5.58
C GLU A 974 33.88 8.85 -6.62
N GLY A 975 34.12 7.56 -6.85
CA GLY A 975 33.32 6.76 -7.77
C GLY A 975 33.76 6.84 -9.21
N VAL A 976 34.66 7.75 -9.57
CA VAL A 976 35.08 7.87 -10.96
C VAL A 976 35.89 6.64 -11.39
N ALA A 977 36.75 6.15 -10.50
CA ALA A 977 37.55 4.96 -10.82
C ALA A 977 36.66 3.77 -11.16
N GLU A 978 35.54 3.62 -10.45
CA GLU A 978 34.63 2.51 -10.73
C GLU A 978 33.84 2.76 -12.02
N VAL A 979 33.36 3.98 -12.21
CA VAL A 979 32.72 4.34 -13.47
C VAL A 979 33.68 4.17 -14.63
N GLN A 980 34.95 4.56 -14.44
CA GLN A 980 35.93 4.44 -15.50
C GLN A 980 36.16 2.97 -15.87
N GLU A 981 36.23 2.09 -14.87
CA GLU A 981 36.44 0.67 -15.16
C GLU A 981 35.29 0.09 -15.95
N TRP A 982 34.05 0.41 -15.57
CA TRP A 982 32.90 -0.06 -16.35
C TRP A 982 32.98 0.41 -17.79
N LEU A 983 33.19 1.72 -17.98
CA LEU A 983 33.40 2.26 -19.32
C LEU A 983 34.56 1.54 -20.02
N ARG A 984 35.68 1.40 -19.32
CA ARG A 984 36.85 0.72 -19.89
C ARG A 984 36.52 -0.71 -20.28
N SER A 985 35.87 -1.45 -19.37
CA SER A 985 35.58 -2.86 -19.63
C SER A 985 34.66 -3.02 -20.84
N ARG A 986 33.65 -2.16 -20.96
CA ARG A 986 32.73 -2.25 -22.08
C ARG A 986 33.35 -1.75 -23.38
N MET A 987 34.06 -0.61 -23.33
CA MET A 987 34.68 -0.07 -24.54
C MET A 987 35.68 -1.05 -25.14
N GLU A 988 36.47 -1.73 -24.31
CA GLU A 988 37.42 -2.71 -24.83
C GLU A 988 36.69 -3.83 -25.58
N ARG A 989 35.58 -4.30 -25.01
CA ARG A 989 34.79 -5.35 -25.66
C ARG A 989 34.13 -4.84 -26.93
N ILE A 990 33.86 -3.54 -27.02
CA ILE A 990 33.29 -2.97 -28.24
C ILE A 990 34.32 -2.96 -29.36
N LYS A 991 35.57 -2.62 -29.03
CA LYS A 991 36.61 -2.51 -30.05
C LYS A 991 36.85 -3.83 -30.77
N GLN A 992 36.53 -4.95 -30.13
CA GLN A 992 36.65 -6.28 -30.73
C GLN A 992 35.53 -6.60 -31.70
N LEU A 993 34.74 -5.62 -32.12
CA LEU A 993 33.65 -5.79 -33.07
C LEU A 993 34.02 -5.23 -34.43
N PRO A 994 33.32 -5.64 -35.50
CA PRO A 994 33.52 -4.99 -36.80
C PRO A 994 33.31 -3.49 -36.72
N SER A 995 34.06 -2.77 -37.55
CA SER A 995 34.10 -1.31 -37.50
C SER A 995 32.71 -0.69 -37.66
N TYR A 996 31.87 -1.28 -38.52
CA TYR A 996 30.57 -0.69 -38.80
C TYR A 996 29.59 -0.82 -37.63
N LEU A 997 29.89 -1.64 -36.63
CA LEU A 997 29.05 -1.81 -35.46
C LEU A 997 29.47 -0.93 -34.29
N VAL A 998 30.66 -0.32 -34.35
CA VAL A 998 31.14 0.47 -33.23
C VAL A 998 30.24 1.67 -32.93
N PRO A 999 29.80 2.48 -33.90
CA PRO A 999 28.96 3.64 -33.57
C PRO A 999 27.74 3.33 -32.70
N SER A 1000 26.98 2.30 -33.05
CA SER A 1000 25.76 2.01 -32.30
C SER A 1000 26.08 1.57 -30.88
N PHE A 1001 27.10 0.72 -30.72
CA PHE A 1001 27.45 0.25 -29.38
C PHE A 1001 28.13 1.35 -28.58
N PHE A 1002 28.90 2.21 -29.24
CA PHE A 1002 29.48 3.37 -28.58
C PHE A 1002 28.38 4.28 -28.02
N ALA A 1003 27.40 4.63 -28.86
CA ALA A 1003 26.31 5.48 -28.41
C ALA A 1003 25.46 4.77 -27.35
N LEU A 1004 25.23 3.47 -27.52
CA LEU A 1004 24.47 2.72 -26.53
C LEU A 1004 25.17 2.71 -25.18
N VAL A 1005 26.48 2.46 -25.16
CA VAL A 1005 27.21 2.39 -23.90
C VAL A 1005 27.26 3.76 -23.22
N VAL A 1006 27.54 4.82 -24.00
CA VAL A 1006 27.57 6.16 -23.44
C VAL A 1006 26.20 6.53 -22.89
N GLY A 1007 25.14 6.26 -23.66
CA GLY A 1007 23.80 6.57 -23.21
C GLY A 1007 23.44 5.88 -21.91
N ILE A 1008 23.82 4.61 -21.76
CA ILE A 1008 23.49 3.85 -20.56
C ILE A 1008 24.18 4.45 -19.34
N MET A 1009 25.50 4.66 -19.44
CA MET A 1009 26.22 5.25 -18.31
C MET A 1009 25.76 6.68 -18.02
N TYR A 1010 25.38 7.43 -19.04
CA TYR A 1010 24.82 8.77 -18.81
C TYR A 1010 23.58 8.69 -17.92
N GLY A 1011 22.61 7.87 -18.32
CA GLY A 1011 21.39 7.76 -17.52
C GLY A 1011 21.64 7.35 -16.09
N CYS A 1012 22.53 6.38 -15.87
CA CYS A 1012 22.82 5.93 -14.51
C CYS A 1012 23.43 7.05 -13.69
N CYS A 1013 24.28 7.87 -14.30
CA CYS A 1013 24.83 9.03 -13.59
C CYS A 1013 23.75 10.07 -13.33
N ARG A 1014 22.88 10.31 -14.32
CA ARG A 1014 21.77 11.24 -14.12
C ARG A 1014 20.84 10.72 -13.02
N LEU A 1015 20.58 9.42 -12.99
CA LEU A 1015 19.78 8.84 -11.92
C LEU A 1015 20.46 9.05 -10.57
N ARG A 1016 21.74 8.69 -10.46
CA ARG A 1016 22.48 8.88 -9.22
C ARG A 1016 22.36 10.31 -8.73
N ALA A 1017 22.42 11.28 -9.65
CA ALA A 1017 22.23 12.67 -9.27
C ALA A 1017 20.87 12.90 -8.63
N MET A 1018 19.81 12.36 -9.25
CA MET A 1018 18.46 12.54 -8.72
C MET A 1018 18.28 11.81 -7.39
N GLN A 1019 18.97 10.69 -7.19
CA GLN A 1019 18.89 10.00 -5.90
C GLN A 1019 19.58 10.79 -4.80
N LEU A 1020 20.72 11.42 -5.12
CA LEU A 1020 21.46 12.16 -4.11
C LEU A 1020 20.79 13.48 -3.76
N MET A 1021 20.07 14.08 -4.71
CA MET A 1021 19.35 15.31 -4.45
C MET A 1021 18.08 15.04 -3.65
N SER A 1022 17.39 16.12 -3.28
CA SER A 1022 16.22 16.05 -2.42
C SER A 1022 14.96 15.68 -3.22
N ASP A 1023 13.94 15.24 -2.47
CA ASP A 1023 12.70 14.71 -3.07
C ASP A 1023 12.15 15.63 -4.16
N ASN A 1024 12.03 16.92 -3.87
CA ASN A 1024 11.40 17.85 -4.81
C ASN A 1024 12.05 17.81 -6.18
N VAL A 1025 13.34 17.49 -6.24
CA VAL A 1025 14.05 17.36 -7.51
C VAL A 1025 13.92 15.93 -8.06
N GLY A 1026 13.95 14.93 -7.19
CA GLY A 1026 13.94 13.54 -7.62
C GLY A 1026 12.62 13.04 -8.17
N LYS A 1027 11.52 13.77 -7.96
CA LYS A 1027 10.20 13.33 -8.39
C LYS A 1027 9.59 14.30 -9.38
N SER A 1028 10.40 15.03 -10.13
CA SER A 1028 9.90 16.14 -10.93
C SER A 1028 10.01 15.85 -12.42
N THR A 1029 9.63 16.86 -13.21
CA THR A 1029 9.62 16.78 -14.66
C THR A 1029 11.06 16.86 -15.20
N VAL A 1030 11.20 16.58 -16.50
CA VAL A 1030 12.50 16.72 -17.15
C VAL A 1030 13.04 18.13 -16.97
N PHE A 1031 12.18 19.13 -17.17
CA PHE A 1031 12.64 20.53 -17.15
C PHE A 1031 13.24 20.88 -15.78
N VAL A 1032 12.59 20.47 -14.69
CA VAL A 1032 13.13 20.76 -13.36
C VAL A 1032 14.46 20.04 -13.16
N GLN A 1033 14.55 18.79 -13.61
CA GLN A 1033 15.78 18.04 -13.44
C GLN A 1033 16.90 18.61 -14.31
N SER A 1034 16.58 19.00 -15.54
CA SER A 1034 17.58 19.63 -16.39
C SER A 1034 18.14 20.89 -15.74
N LEU A 1035 17.27 21.69 -15.11
CA LEU A 1035 17.73 22.82 -14.31
C LEU A 1035 18.68 22.36 -13.20
N ALA A 1036 18.29 21.32 -12.47
CA ALA A 1036 19.09 20.88 -11.32
C ALA A 1036 20.45 20.37 -11.73
N MET A 1037 20.58 19.80 -12.94
CA MET A 1037 21.87 19.31 -13.38
C MET A 1037 22.88 20.42 -13.59
N THR A 1038 22.41 21.66 -13.76
CA THR A 1038 23.33 22.80 -13.81
C THR A 1038 24.11 22.95 -12.51
N SER A 1039 23.51 22.55 -11.39
CA SER A 1039 24.21 22.59 -10.11
C SER A 1039 25.44 21.69 -10.11
N ILE A 1040 25.43 20.64 -10.95
CA ILE A 1040 26.59 19.78 -11.08
C ILE A 1040 27.59 20.34 -12.08
N GLN A 1041 27.09 20.97 -13.15
CA GLN A 1041 27.96 21.70 -14.07
C GLN A 1041 28.82 22.72 -13.34
N MET A 1042 28.25 23.39 -12.34
CA MET A 1042 28.90 24.56 -11.74
C MET A 1042 29.73 24.23 -10.50
N VAL A 1043 29.48 23.10 -9.85
CA VAL A 1043 30.14 22.79 -8.59
C VAL A 1043 31.14 21.67 -8.84
N SER A 1044 32.43 22.02 -8.87
CA SER A 1044 33.50 21.05 -8.97
C SER A 1044 34.74 21.62 -8.31
N ALA A 1045 35.70 20.74 -8.05
CA ALA A 1045 37.02 21.14 -7.59
C ALA A 1045 37.94 21.38 -8.78
N MET A 1046 38.86 22.32 -8.62
CA MET A 1046 39.77 22.72 -9.69
C MET A 1046 41.20 22.68 -9.18
N LYS A 1047 42.14 23.00 -10.06
CA LYS A 1047 43.55 23.09 -9.70
C LYS A 1047 44.10 24.51 -9.70
N SER A 1048 43.49 25.42 -10.45
CA SER A 1048 43.97 26.79 -10.52
C SER A 1048 43.30 27.71 -9.50
N THR A 1049 42.10 27.36 -9.04
CA THR A 1049 41.39 28.21 -8.09
C THR A 1049 40.60 27.35 -7.13
N SER A 1050 39.86 28.01 -6.25
CA SER A 1050 39.03 27.37 -5.22
C SER A 1050 38.25 28.45 -4.46
N ILE A 1051 37.52 28.05 -3.42
CA ILE A 1051 36.90 29.04 -2.54
C ILE A 1051 37.66 29.23 -1.23
N LEU A 1052 38.55 28.32 -0.88
CA LEU A 1052 39.41 28.43 0.29
C LEU A 1052 40.86 28.63 -0.12
N PRO A 1053 41.60 29.48 0.59
CA PRO A 1053 43.01 29.71 0.22
C PRO A 1053 43.94 28.55 0.57
N ASP A 1054 43.64 27.81 1.63
CA ASP A 1054 44.56 26.77 2.09
C ASP A 1054 44.28 25.41 1.45
N GLN A 1055 43.09 25.21 0.90
CA GLN A 1055 42.72 23.96 0.27
C GLN A 1055 42.24 24.22 -1.15
N ASN A 1056 42.08 23.13 -1.90
CA ASN A 1056 41.40 23.13 -3.19
C ASN A 1056 40.18 22.23 -3.03
N ILE A 1057 38.99 22.83 -3.03
CA ILE A 1057 37.76 22.07 -2.80
C ILE A 1057 36.72 22.48 -3.84
N ALA A 1058 35.49 22.00 -3.67
CA ALA A 1058 34.44 22.28 -4.63
C ALA A 1058 34.08 23.75 -4.59
N ALA A 1059 34.01 24.37 -5.76
CA ALA A 1059 33.79 25.81 -5.88
C ALA A 1059 32.84 26.07 -7.04
N MET A 1060 31.76 26.81 -6.76
CA MET A 1060 30.73 27.03 -7.75
C MET A 1060 31.19 28.09 -8.75
N ALA A 1061 31.26 27.72 -10.02
CA ALA A 1061 31.57 28.66 -11.07
C ALA A 1061 30.39 29.59 -11.32
N ALA A 1062 30.68 30.81 -11.78
CA ALA A 1062 29.60 31.69 -12.20
C ALA A 1062 28.92 31.18 -13.46
N GLY A 1063 29.66 30.48 -14.30
CA GLY A 1063 29.13 29.97 -15.56
C GLY A 1063 30.21 29.35 -16.43
N LEU A 1064 29.80 28.57 -17.42
CA LEU A 1064 30.74 27.89 -18.30
C LEU A 1064 30.63 28.45 -19.72
N PRO A 1065 31.75 28.52 -20.46
CA PRO A 1065 33.10 28.08 -20.09
C PRO A 1065 34.01 29.18 -19.52
N HIS A 1066 33.66 30.46 -19.70
CA HIS A 1066 34.60 31.54 -19.45
C HIS A 1066 34.71 31.92 -17.98
N PHE A 1067 33.71 31.62 -17.17
CA PHE A 1067 33.78 31.90 -15.73
C PHE A 1067 34.05 30.63 -14.93
N SER A 1068 35.10 29.91 -15.32
CA SER A 1068 35.38 28.60 -14.74
C SER A 1068 36.81 28.42 -14.24
N THR A 1069 37.77 29.22 -14.67
CA THR A 1069 39.17 28.97 -14.36
C THR A 1069 39.81 30.16 -13.66
N ASN A 1070 40.76 29.87 -12.78
CA ASN A 1070 41.54 30.88 -12.09
C ASN A 1070 40.65 31.91 -11.38
N TYR A 1071 41.06 33.18 -11.45
CA TYR A 1071 40.30 34.24 -10.82
C TYR A 1071 38.91 34.42 -11.42
N MET A 1072 38.68 33.92 -12.64
CA MET A 1072 37.42 34.16 -13.33
C MET A 1072 36.28 33.23 -12.90
N ARG A 1073 36.50 32.33 -11.94
CA ARG A 1073 35.50 31.32 -11.64
C ARG A 1073 34.49 31.80 -10.60
N CYS A 1074 34.97 32.15 -9.41
CA CYS A 1074 34.10 32.43 -8.27
C CYS A 1074 33.81 33.92 -8.17
N TRP A 1075 32.54 34.24 -7.98
CA TRP A 1075 32.10 35.63 -7.82
C TRP A 1075 31.02 35.66 -6.75
N GLY A 1076 31.27 36.43 -5.69
CA GLY A 1076 30.41 36.39 -4.53
C GLY A 1076 28.96 36.74 -4.84
N ARG A 1077 28.74 37.72 -5.71
CA ARG A 1077 27.38 38.06 -6.11
C ARG A 1077 26.69 36.86 -6.78
N ASP A 1078 27.41 36.17 -7.67
CA ASP A 1078 26.82 35.05 -8.39
C ASP A 1078 26.63 33.84 -7.48
N VAL A 1079 27.58 33.63 -6.55
CA VAL A 1079 27.52 32.45 -5.68
C VAL A 1079 26.23 32.45 -4.86
N PHE A 1080 25.96 33.55 -4.17
CA PHE A 1080 24.88 33.54 -3.18
C PHE A 1080 23.51 33.79 -3.80
N ILE A 1081 23.45 34.51 -4.93
CA ILE A 1081 22.19 34.58 -5.67
C ILE A 1081 21.80 33.20 -6.17
N SER A 1082 22.79 32.38 -6.52
CA SER A 1082 22.55 31.02 -6.98
C SER A 1082 22.48 29.99 -5.86
N LEU A 1083 22.96 30.35 -4.67
CA LEU A 1083 23.11 29.36 -3.60
C LEU A 1083 21.77 28.71 -3.25
N ARG A 1084 20.70 29.51 -3.15
CA ARG A 1084 19.39 28.95 -2.81
C ARG A 1084 18.94 27.93 -3.85
N GLY A 1085 18.97 28.31 -5.12
CA GLY A 1085 18.50 27.45 -6.18
C GLY A 1085 19.35 26.21 -6.44
N LEU A 1086 20.64 26.41 -6.68
CA LEU A 1086 21.49 25.29 -7.09
C LEU A 1086 21.85 24.37 -5.93
N LEU A 1087 21.91 24.90 -4.71
CA LEU A 1087 22.42 24.15 -3.57
C LEU A 1087 21.34 23.75 -2.56
N LEU A 1088 20.42 24.67 -2.23
CA LEU A 1088 19.41 24.39 -1.22
C LEU A 1088 18.19 23.68 -1.79
N THR A 1089 17.69 24.15 -2.93
CA THR A 1089 16.58 23.46 -3.59
C THR A 1089 16.95 22.04 -3.96
N THR A 1090 18.22 21.80 -4.30
CA THR A 1090 18.68 20.46 -4.65
C THR A 1090 19.08 19.64 -3.43
N GLY A 1091 19.41 20.28 -2.31
CA GLY A 1091 19.79 19.57 -1.10
C GLY A 1091 21.27 19.51 -0.80
N ARG A 1092 22.11 20.24 -1.54
CA ARG A 1092 23.56 20.23 -1.33
C ARG A 1092 23.93 21.19 -0.19
N TYR A 1093 23.42 20.87 0.99
CA TYR A 1093 23.58 21.75 2.13
C TYR A 1093 25.03 21.87 2.54
N GLU A 1094 25.73 20.74 2.66
CA GLU A 1094 27.13 20.75 3.05
C GLU A 1094 27.99 21.54 2.07
N GLU A 1095 27.53 21.70 0.82
CA GLU A 1095 28.21 22.55 -0.14
C GLU A 1095 27.76 23.99 -0.04
N ALA A 1096 26.52 24.24 0.39
CA ALA A 1096 26.10 25.60 0.66
C ALA A 1096 26.82 26.20 1.86
N LYS A 1097 27.00 25.39 2.92
CA LYS A 1097 27.73 25.87 4.10
C LYS A 1097 29.16 26.26 3.77
N GLU A 1098 29.87 25.38 3.05
CA GLU A 1098 31.28 25.65 2.76
C GLU A 1098 31.46 26.91 1.94
N HIS A 1099 30.53 27.21 1.04
CA HIS A 1099 30.62 28.45 0.27
C HIS A 1099 30.35 29.66 1.15
N ILE A 1100 29.45 29.53 2.11
CA ILE A 1100 29.16 30.63 3.03
C ILE A 1100 30.37 30.90 3.93
N LEU A 1101 30.92 29.84 4.54
CA LEU A 1101 32.07 30.00 5.41
C LEU A 1101 33.29 30.51 4.67
N ALA A 1102 33.44 30.14 3.40
CA ALA A 1102 34.63 30.55 2.64
C ALA A 1102 34.63 32.04 2.37
N PHE A 1103 33.46 32.65 2.24
CA PHE A 1103 33.38 34.10 2.08
C PHE A 1103 33.38 34.82 3.42
N ALA A 1104 32.93 34.16 4.48
CA ALA A 1104 33.02 34.72 5.82
C ALA A 1104 34.46 35.14 6.17
N LYS A 1105 35.44 34.37 5.68
CA LYS A 1105 36.83 34.71 5.97
C LYS A 1105 37.23 36.00 5.27
N THR A 1106 36.58 36.33 4.16
CA THR A 1106 36.98 37.47 3.34
C THR A 1106 36.21 38.74 3.66
N LEU A 1107 35.49 38.79 4.78
CA LEU A 1107 34.75 40.00 5.12
C LEU A 1107 35.71 41.12 5.50
N LYS A 1108 35.48 42.29 4.92
CA LYS A 1108 36.28 43.48 5.20
C LYS A 1108 35.44 44.67 4.76
N HIS A 1109 35.63 45.80 5.42
CA HIS A 1109 34.79 46.98 5.27
C HIS A 1109 33.35 46.73 5.66
N GLY A 1110 33.07 45.63 6.35
CA GLY A 1110 31.69 45.18 6.52
C GLY A 1110 31.02 44.81 5.23
N LEU A 1111 31.79 44.53 4.18
CA LEU A 1111 31.26 44.12 2.88
C LEU A 1111 31.87 42.79 2.46
N ILE A 1112 31.18 42.13 1.53
CA ILE A 1112 31.63 40.86 0.97
C ILE A 1112 32.19 41.14 -0.42
N PRO A 1113 33.32 40.55 -0.79
CA PRO A 1113 33.89 40.86 -2.10
C PRO A 1113 33.15 40.13 -3.21
N ASN A 1114 33.18 40.72 -4.41
CA ASN A 1114 32.63 40.03 -5.55
C ASN A 1114 33.66 39.12 -6.21
N LEU A 1115 34.85 39.65 -6.49
CA LEU A 1115 35.91 38.84 -7.10
C LEU A 1115 36.59 38.07 -5.99
N LEU A 1116 36.04 36.91 -5.65
CA LEU A 1116 36.72 36.02 -4.71
C LEU A 1116 37.93 35.40 -5.40
N ASP A 1117 39.12 35.83 -5.00
CA ASP A 1117 40.36 35.26 -5.54
C ASP A 1117 40.80 34.06 -4.71
N ALA A 1118 39.86 33.14 -4.47
CA ALA A 1118 40.04 31.97 -3.60
C ALA A 1118 40.28 32.35 -2.15
N GLY A 1119 39.83 33.53 -1.74
CA GLY A 1119 40.15 34.01 -0.41
C GLY A 1119 41.59 34.47 -0.32
N ARG A 1120 42.10 35.11 -1.37
CA ARG A 1120 43.52 35.46 -1.50
C ARG A 1120 43.59 36.74 -2.33
N ASN A 1121 43.47 37.89 -1.65
CA ASN A 1121 43.42 39.20 -2.32
C ASN A 1121 42.14 39.34 -3.15
N PRO A 1122 40.97 39.34 -2.53
CA PRO A 1122 39.73 39.60 -3.30
C PRO A 1122 39.48 41.10 -3.49
N ARG A 1123 38.62 41.40 -4.47
CA ARG A 1123 38.27 42.77 -4.81
C ARG A 1123 36.98 43.17 -4.10
N TYR A 1124 37.00 44.33 -3.43
CA TYR A 1124 35.88 44.77 -2.61
C TYR A 1124 35.17 45.98 -3.19
N ASN A 1125 34.69 45.90 -4.43
CA ASN A 1125 33.86 46.94 -5.01
C ASN A 1125 32.41 46.50 -5.13
N ALA A 1126 31.94 45.66 -4.21
CA ALA A 1126 30.63 45.03 -4.29
C ALA A 1126 29.77 45.50 -3.11
N ARG A 1127 28.96 46.53 -3.35
CA ARG A 1127 27.94 46.94 -2.39
C ARG A 1127 26.79 45.94 -2.31
N ASP A 1128 26.65 45.09 -3.32
CA ASP A 1128 25.56 44.14 -3.44
C ASP A 1128 25.82 42.82 -2.73
N ALA A 1129 27.06 42.32 -2.83
CA ALA A 1129 27.34 40.94 -2.42
C ALA A 1129 27.07 40.71 -0.94
N ALA A 1130 27.38 41.70 -0.10
CA ALA A 1130 27.24 41.51 1.35
C ALA A 1130 25.80 41.25 1.76
N TRP A 1131 24.83 41.77 1.00
CA TRP A 1131 23.43 41.59 1.36
C TRP A 1131 22.81 40.37 0.71
N PHE A 1132 23.22 40.01 -0.50
CA PHE A 1132 22.93 38.67 -1.01
C PHE A 1132 23.60 37.61 -0.16
N PHE A 1133 24.76 37.92 0.41
CA PHE A 1133 25.46 36.99 1.30
C PHE A 1133 24.65 36.70 2.55
N VAL A 1134 24.20 37.76 3.24
CA VAL A 1134 23.41 37.57 4.45
C VAL A 1134 22.03 37.04 4.11
N GLN A 1135 21.53 37.33 2.91
CA GLN A 1135 20.26 36.76 2.47
C GLN A 1135 20.35 35.24 2.40
N ALA A 1136 21.39 34.73 1.72
CA ALA A 1136 21.60 33.29 1.62
C ALA A 1136 21.72 32.65 3.00
N ILE A 1137 22.36 33.34 3.94
CA ILE A 1137 22.47 32.82 5.31
C ILE A 1137 21.08 32.58 5.89
N GLN A 1138 20.15 33.52 5.69
CA GLN A 1138 18.78 33.30 6.12
C GLN A 1138 18.15 32.13 5.35
N ASP A 1139 18.39 32.07 4.04
CA ASP A 1139 17.89 30.95 3.25
C ASP A 1139 18.46 29.63 3.74
N TYR A 1140 19.76 29.61 4.06
CA TYR A 1140 20.37 28.41 4.63
C TYR A 1140 19.70 28.02 5.94
N VAL A 1141 19.51 28.99 6.84
CA VAL A 1141 18.96 28.66 8.16
C VAL A 1141 17.50 28.25 8.05
N THR A 1142 16.75 28.88 7.15
CA THR A 1142 15.34 28.54 6.97
C THR A 1142 15.17 27.12 6.43
N ILE A 1143 16.04 26.72 5.51
CA ILE A 1143 15.83 25.48 4.75
C ILE A 1143 16.53 24.30 5.39
N VAL A 1144 17.82 24.43 5.68
CA VAL A 1144 18.59 23.29 6.20
C VAL A 1144 18.00 22.85 7.54
N PRO A 1145 17.68 21.56 7.71
CA PRO A 1145 17.24 21.08 9.03
C PRO A 1145 18.34 21.30 10.06
N GLY A 1146 18.03 22.11 11.07
CA GLY A 1146 19.04 22.47 12.04
C GLY A 1146 19.97 23.57 11.57
N GLY A 1147 19.55 24.35 10.57
CA GLY A 1147 20.42 25.34 9.95
C GLY A 1147 20.85 26.44 10.90
N VAL A 1148 20.14 26.62 12.01
CA VAL A 1148 20.54 27.58 13.04
C VAL A 1148 21.96 27.30 13.52
N SER A 1149 22.40 26.04 13.43
CA SER A 1149 23.77 25.68 13.80
C SER A 1149 24.83 26.48 13.03
N LEU A 1150 24.47 27.01 11.86
CA LEU A 1150 25.41 27.84 11.10
C LEU A 1150 25.86 29.07 11.87
N LEU A 1151 24.98 29.63 12.71
CA LEU A 1151 25.27 30.91 13.34
C LEU A 1151 26.48 30.83 14.26
N GLN A 1152 26.63 29.74 14.99
CA GLN A 1152 27.74 29.60 15.93
C GLN A 1152 28.98 28.99 15.29
N GLU A 1153 28.95 28.73 13.99
CA GLU A 1153 30.11 28.20 13.28
C GLU A 1153 31.24 29.23 13.31
N LYS A 1154 32.43 28.79 13.71
CA LYS A 1154 33.57 29.68 13.86
C LYS A 1154 34.41 29.62 12.58
N VAL A 1155 34.81 30.80 12.10
CA VAL A 1155 35.54 30.91 10.85
C VAL A 1155 36.86 31.60 11.12
N THR A 1156 37.91 31.15 10.44
CA THR A 1156 39.19 31.82 10.50
C THR A 1156 39.11 33.10 9.68
N ARG A 1157 39.17 34.25 10.34
CA ARG A 1157 39.02 35.53 9.64
C ARG A 1157 40.40 35.95 9.15
N ARG A 1158 40.67 35.68 7.87
CA ARG A 1158 41.99 35.89 7.29
C ARG A 1158 42.20 37.31 6.79
N PHE A 1159 41.64 38.28 7.51
CA PHE A 1159 41.79 39.71 7.27
C PHE A 1159 41.55 40.41 8.60
N PRO A 1160 41.97 41.66 8.75
CA PRO A 1160 41.83 42.31 10.06
C PRO A 1160 40.43 42.89 10.28
N LEU A 1161 40.12 43.08 11.57
CA LEU A 1161 38.80 43.56 11.95
C LEU A 1161 38.53 44.98 11.48
N ASP A 1162 39.58 45.75 11.21
CA ASP A 1162 39.34 47.08 10.67
C ASP A 1162 39.25 46.92 9.17
N ASP A 1163 40.22 47.47 8.43
CA ASP A 1163 40.28 47.31 6.99
C ASP A 1163 41.64 47.78 6.49
N GLU A 1164 42.69 47.10 6.93
CA GLU A 1164 44.07 47.46 6.60
C GLU A 1164 44.35 47.26 5.11
N TYR A 1165 45.20 46.29 4.81
CA TYR A 1165 45.67 46.07 3.45
C TYR A 1165 46.06 44.62 3.31
N ILE A 1166 46.08 44.14 2.08
CA ILE A 1166 46.33 42.75 1.71
C ILE A 1166 47.55 42.18 2.42
N PRO A 1167 47.36 41.24 3.37
CA PRO A 1167 48.51 40.66 4.04
C PRO A 1167 48.47 39.15 4.05
N TYR A 1168 48.23 38.54 2.88
CA TYR A 1168 47.90 37.12 2.82
C TYR A 1168 48.96 36.25 3.51
N ASP A 1169 50.19 36.74 3.62
CA ASP A 1169 51.26 36.00 4.27
C ASP A 1169 51.53 36.43 5.70
N ASP A 1170 51.10 37.63 6.10
CA ASP A 1170 51.25 38.13 7.47
C ASP A 1170 50.72 37.10 8.46
N PRO A 1171 51.32 36.97 9.64
CA PRO A 1171 50.81 36.01 10.63
C PRO A 1171 49.43 36.38 11.15
N LYS A 1172 49.00 37.63 10.95
CA LYS A 1172 47.68 38.10 11.35
C LYS A 1172 46.57 37.62 10.43
N ALA A 1173 46.88 36.79 9.44
CA ALA A 1173 45.84 36.19 8.61
C ALA A 1173 44.90 35.37 9.47
N PHE A 1174 45.36 34.20 9.92
CA PHE A 1174 44.57 33.36 10.81
C PHE A 1174 44.52 33.90 12.23
N SER A 1175 44.70 35.21 12.39
CA SER A 1175 44.86 35.83 13.71
C SER A 1175 43.71 35.49 14.65
N TYR A 1176 42.48 35.79 14.25
CA TYR A 1176 41.35 35.71 15.16
C TYR A 1176 40.18 34.99 14.51
N SER A 1177 39.17 34.71 15.33
CA SER A 1177 37.99 33.96 14.93
C SER A 1177 36.76 34.84 15.01
N SER A 1178 35.82 34.61 14.08
CA SER A 1178 34.55 35.31 14.08
C SER A 1178 33.45 34.29 13.82
N THR A 1179 32.48 34.22 14.71
CA THR A 1179 31.34 33.36 14.43
C THR A 1179 30.41 34.03 13.42
N ILE A 1180 29.58 33.20 12.78
CA ILE A 1180 28.63 33.75 11.82
C ILE A 1180 27.68 34.72 12.52
N GLU A 1181 27.38 34.47 13.80
CA GLU A 1181 26.64 35.42 14.63
C GLU A 1181 27.24 36.83 14.52
N GLU A 1182 28.49 36.99 14.98
CA GLU A 1182 29.12 38.30 14.91
C GLU A 1182 29.38 38.74 13.47
N ILE A 1183 29.53 37.78 12.54
CA ILE A 1183 29.75 38.14 11.14
C ILE A 1183 28.53 38.85 10.58
N ILE A 1184 27.33 38.32 10.86
CA ILE A 1184 26.10 38.99 10.44
C ILE A 1184 26.00 40.36 11.09
N TYR A 1185 26.22 40.43 12.40
CA TYR A 1185 26.12 41.71 13.11
C TYR A 1185 27.13 42.72 12.58
N GLU A 1186 28.36 42.27 12.30
CA GLU A 1186 29.40 43.18 11.81
C GLU A 1186 28.98 43.86 10.52
N ILE A 1187 28.29 43.13 9.64
CA ILE A 1187 27.80 43.74 8.40
C ILE A 1187 26.78 44.82 8.72
N LEU A 1188 25.81 44.50 9.59
CA LEU A 1188 24.79 45.48 9.96
C LEU A 1188 25.40 46.66 10.70
N ASN A 1189 26.20 46.39 11.74
CA ASN A 1189 26.71 47.45 12.61
C ASN A 1189 27.57 48.43 11.83
N ARG A 1190 28.67 47.96 11.21
CA ARG A 1190 29.57 48.86 10.51
C ARG A 1190 28.88 49.61 9.38
N HIS A 1191 27.81 49.04 8.81
CA HIS A 1191 27.06 49.78 7.79
C HIS A 1191 26.42 51.03 8.39
N ALA A 1192 25.79 50.89 9.56
CA ALA A 1192 25.22 52.03 10.26
C ALA A 1192 26.29 53.02 10.68
N GLY A 1193 27.23 52.57 11.53
CA GLY A 1193 28.35 53.37 11.98
C GLY A 1193 29.09 54.11 10.89
N GLY A 1194 28.89 53.69 9.65
CA GLY A 1194 29.51 54.28 8.48
C GLY A 1194 30.78 53.55 8.10
N ILE A 1195 31.05 53.56 6.79
CA ILE A 1195 32.24 52.91 6.23
C ILE A 1195 32.88 53.88 5.26
N LYS A 1196 34.16 54.17 5.46
CA LYS A 1196 34.92 55.02 4.56
C LYS A 1196 36.27 54.35 4.27
N TYR A 1197 36.59 54.21 2.99
CA TYR A 1197 37.85 53.60 2.59
C TYR A 1197 38.03 53.75 1.09
N ARG A 1198 39.26 53.97 0.67
CA ARG A 1198 39.66 53.73 -0.70
C ARG A 1198 40.09 52.27 -0.80
N GLU A 1199 39.62 51.60 -1.85
CA GLU A 1199 39.94 50.18 -2.07
C GLU A 1199 41.42 49.91 -1.90
N ALA A 1200 41.74 48.83 -1.18
CA ALA A 1200 43.12 48.45 -0.98
C ALA A 1200 43.81 48.20 -2.32
N ASN A 1201 45.07 48.62 -2.42
CA ASN A 1201 45.88 48.45 -3.63
C ASN A 1201 45.22 49.09 -4.85
N ALA A 1202 44.48 50.18 -4.63
CA ALA A 1202 43.82 50.85 -5.72
C ALA A 1202 44.83 51.29 -6.77
N GLY A 1203 44.35 51.43 -8.01
CA GLY A 1203 45.21 51.75 -9.13
C GLY A 1203 44.89 50.91 -10.34
N PRO A 1204 45.71 51.04 -11.39
CA PRO A 1204 45.48 50.23 -12.59
C PRO A 1204 45.60 48.74 -12.35
N ASN A 1205 46.44 48.31 -11.41
CA ASN A 1205 46.66 46.89 -11.18
C ASN A 1205 45.41 46.18 -10.68
N LEU A 1206 44.32 46.91 -10.44
CA LEU A 1206 43.02 46.34 -10.14
C LEU A 1206 42.01 46.61 -11.23
N ASP A 1207 41.84 47.86 -11.61
CA ASP A 1207 40.97 48.26 -12.72
C ASP A 1207 41.75 49.18 -13.63
N ARG A 1208 42.18 48.68 -14.79
CA ARG A 1208 42.97 49.55 -15.65
C ARG A 1208 42.13 50.63 -16.36
N VAL A 1209 40.85 50.85 -16.01
CA VAL A 1209 40.03 51.85 -16.69
C VAL A 1209 39.26 52.70 -15.69
N MET A 1210 39.19 52.27 -14.43
CA MET A 1210 38.41 53.02 -13.46
C MET A 1210 39.20 54.21 -12.96
N LYS A 1211 38.51 55.34 -12.83
CA LYS A 1211 39.16 56.59 -12.49
C LYS A 1211 39.59 56.62 -11.02
N ASP A 1212 40.41 57.63 -10.68
CA ASP A 1212 41.03 57.69 -9.37
C ASP A 1212 40.02 57.90 -8.24
N GLU A 1213 38.95 58.64 -8.51
CA GLU A 1213 37.91 58.87 -7.51
C GLU A 1213 36.92 57.70 -7.41
N GLY A 1214 37.03 56.70 -8.27
CA GLY A 1214 36.07 55.61 -8.24
C GLY A 1214 36.49 54.54 -7.27
N PHE A 1215 37.78 54.49 -6.97
CA PHE A 1215 38.30 53.57 -5.97
C PHE A 1215 37.98 54.02 -4.55
N ASN A 1216 37.41 55.21 -4.41
CA ASN A 1216 36.91 55.70 -3.13
C ASN A 1216 35.44 55.32 -3.02
N VAL A 1217 35.14 54.40 -2.12
CA VAL A 1217 33.78 53.90 -1.93
C VAL A 1217 33.30 54.28 -0.55
N GLU A 1218 32.12 54.88 -0.49
CA GLU A 1218 31.55 55.33 0.77
C GLU A 1218 30.09 54.91 0.80
N VAL A 1219 29.62 54.48 1.97
CA VAL A 1219 28.25 53.98 2.13
C VAL A 1219 27.80 54.34 3.54
N ASN A 1220 26.63 54.98 3.65
CA ASN A 1220 26.03 55.22 4.95
C ASN A 1220 24.51 55.18 4.83
N VAL A 1221 23.85 55.40 5.97
CA VAL A 1221 22.41 55.30 6.09
C VAL A 1221 21.85 56.68 6.37
N ASP A 1222 20.82 57.07 5.61
CA ASP A 1222 20.06 58.29 5.89
C ASP A 1222 19.00 57.91 6.91
N TRP A 1223 19.24 58.25 8.18
CA TRP A 1223 18.41 57.76 9.27
C TRP A 1223 17.04 58.42 9.31
N GLU A 1224 16.81 59.47 8.53
CA GLU A 1224 15.45 59.96 8.33
C GLU A 1224 14.61 58.94 7.58
N THR A 1225 15.24 58.04 6.84
CA THR A 1225 14.57 56.95 6.14
C THR A 1225 14.97 55.57 6.64
N GLY A 1226 16.23 55.38 7.04
CA GLY A 1226 16.74 54.09 7.46
C GLY A 1226 17.29 53.22 6.35
N LEU A 1227 17.25 53.67 5.10
CA LEU A 1227 17.76 52.88 3.98
C LEU A 1227 19.23 53.21 3.75
N ILE A 1228 19.85 52.55 2.77
CA ILE A 1228 21.29 52.57 2.57
C ILE A 1228 21.63 53.22 1.23
N HIS A 1229 22.47 54.25 1.28
CA HIS A 1229 22.99 54.92 0.09
C HIS A 1229 24.48 54.63 -0.06
N GLY A 1230 24.96 54.67 -1.30
CA GLY A 1230 26.39 54.46 -1.53
C GLY A 1230 26.72 54.64 -3.00
N GLY A 1231 28.02 54.67 -3.27
CA GLY A 1231 28.55 54.74 -4.62
C GLY A 1231 28.78 56.15 -5.14
N SER A 1232 28.81 56.25 -6.47
CA SER A 1232 29.06 57.51 -7.17
C SER A 1232 28.95 57.32 -8.68
N GLN A 1233 29.15 58.39 -9.45
CA GLN A 1233 29.20 58.31 -10.91
C GLN A 1233 30.50 57.71 -11.43
N PHE A 1234 31.35 57.17 -10.56
CA PHE A 1234 32.59 56.52 -10.96
C PHE A 1234 32.67 55.12 -10.36
N ASN A 1235 31.52 54.51 -10.11
CA ASN A 1235 31.46 53.26 -9.37
C ASN A 1235 30.52 52.30 -10.07
N CYS A 1236 30.57 51.04 -9.63
CA CYS A 1236 29.73 49.97 -10.16
C CYS A 1236 29.40 49.00 -9.04
N GLY A 1237 28.91 49.53 -7.93
CA GLY A 1237 28.73 48.75 -6.71
C GLY A 1237 27.59 47.74 -6.74
N THR A 1238 26.71 47.83 -7.73
CA THR A 1238 25.57 46.94 -7.83
C THR A 1238 25.84 45.84 -8.85
N TRP A 1239 24.85 44.96 -9.03
CA TRP A 1239 25.00 43.87 -9.98
C TRP A 1239 25.13 44.39 -11.40
N MET A 1240 24.57 45.56 -11.69
CA MET A 1240 24.75 46.22 -12.98
C MET A 1240 26.09 46.95 -12.96
N ASP A 1241 27.16 46.18 -13.20
CA ASP A 1241 28.51 46.70 -13.03
C ASP A 1241 29.33 46.63 -14.32
N LYS A 1242 28.85 47.30 -15.37
CA LYS A 1242 29.59 47.43 -16.62
C LYS A 1242 30.34 48.75 -16.60
N MET A 1243 31.66 48.69 -16.73
CA MET A 1243 32.51 49.87 -16.79
C MET A 1243 32.95 50.08 -18.23
N GLY A 1244 32.69 51.26 -18.77
CA GLY A 1244 33.04 51.53 -20.16
C GLY A 1244 34.54 51.62 -20.36
N GLU A 1245 34.94 51.51 -21.63
CA GLU A 1245 36.36 51.36 -21.93
C GLU A 1245 36.70 51.81 -23.35
N SER A 1246 35.70 52.23 -24.12
CA SER A 1246 35.93 52.59 -25.51
C SER A 1246 36.68 53.91 -25.58
N GLU A 1247 37.94 53.85 -26.04
CA GLU A 1247 38.71 55.06 -26.24
C GLU A 1247 38.21 55.85 -27.44
N LYS A 1248 37.72 55.18 -28.48
CA LYS A 1248 37.24 55.88 -29.67
C LYS A 1248 35.92 56.59 -29.40
N ALA A 1249 35.04 55.98 -28.61
CA ALA A 1249 33.76 56.58 -28.27
C ALA A 1249 33.82 57.49 -27.05
N ASN A 1250 35.00 57.65 -26.45
CA ASN A 1250 35.19 58.48 -25.26
C ASN A 1250 34.24 58.04 -24.14
N SER A 1251 34.61 56.90 -23.54
CA SER A 1251 33.86 56.37 -22.40
C SER A 1251 34.80 55.67 -21.42
N VAL A 1252 36.10 55.94 -21.47
CA VAL A 1252 37.07 55.29 -20.60
C VAL A 1252 36.82 55.76 -19.18
N GLY A 1253 36.36 54.85 -18.32
CA GLY A 1253 36.14 55.14 -16.92
C GLY A 1253 34.71 55.49 -16.58
N VAL A 1254 33.83 55.63 -17.56
CA VAL A 1254 32.44 56.05 -17.35
C VAL A 1254 31.61 54.80 -17.10
N PRO A 1255 31.10 54.58 -15.89
CA PRO A 1255 30.23 53.43 -15.65
C PRO A 1255 28.95 53.53 -16.49
N GLY A 1256 28.58 52.42 -17.12
CA GLY A 1256 27.37 52.41 -17.93
C GLY A 1256 26.12 52.55 -17.10
N THR A 1257 26.06 51.84 -15.97
CA THR A 1257 24.96 51.95 -15.02
C THR A 1257 25.53 52.03 -13.62
N PRO A 1258 26.06 53.19 -13.23
CA PRO A 1258 26.28 53.44 -11.81
C PRO A 1258 24.94 53.55 -11.12
N ARG A 1259 24.77 52.80 -10.04
CA ARG A 1259 23.51 52.76 -9.31
C ARG A 1259 23.80 53.22 -7.89
N ASP A 1260 24.07 54.51 -7.76
CA ASP A 1260 24.45 55.13 -6.50
C ASP A 1260 23.23 55.56 -5.72
N GLY A 1261 23.38 55.64 -4.40
CA GLY A 1261 22.31 56.02 -3.51
C GLY A 1261 21.58 54.80 -3.02
N ALA A 1262 20.26 54.88 -2.90
CA ALA A 1262 19.45 53.79 -2.38
C ALA A 1262 19.08 52.87 -3.53
N ALA A 1263 19.70 51.69 -3.57
CA ALA A 1263 19.31 50.65 -4.51
C ALA A 1263 18.21 49.82 -3.87
N VAL A 1264 17.15 49.53 -4.65
CA VAL A 1264 15.98 48.83 -4.11
C VAL A 1264 16.38 47.53 -3.43
N GLU A 1265 17.09 46.67 -4.16
CA GLU A 1265 17.40 45.34 -3.65
C GLU A 1265 18.22 45.44 -2.37
N ILE A 1266 19.24 46.31 -2.35
CA ILE A 1266 20.14 46.42 -1.21
C ILE A 1266 19.36 46.69 0.07
N ASN A 1267 18.35 47.55 -0.01
CA ASN A 1267 17.55 47.86 1.16
C ASN A 1267 16.49 46.78 1.41
N GLY A 1268 15.82 46.33 0.34
CA GLY A 1268 14.95 45.16 0.47
C GLY A 1268 15.67 43.99 1.11
N LEU A 1269 16.89 43.70 0.63
CA LEU A 1269 17.71 42.68 1.26
C LEU A 1269 18.06 43.05 2.70
N LEU A 1270 18.17 44.35 2.99
CA LEU A 1270 18.45 44.77 4.35
C LEU A 1270 17.25 44.53 5.27
N LYS A 1271 16.05 44.90 4.80
CA LYS A 1271 14.84 44.62 5.56
C LYS A 1271 14.72 43.12 5.84
N SER A 1272 14.94 42.29 4.83
CA SER A 1272 14.94 40.84 5.01
C SER A 1272 15.92 40.44 6.11
N CYS A 1273 17.13 40.99 6.08
CA CYS A 1273 18.12 40.71 7.11
C CYS A 1273 17.63 41.16 8.48
N LEU A 1274 17.07 42.36 8.57
CA LEU A 1274 16.55 42.87 9.84
C LEU A 1274 15.42 41.99 10.36
N ARG A 1275 14.40 41.78 9.53
CA ARG A 1275 13.34 40.83 9.87
C ARG A 1275 13.91 39.48 10.31
N PHE A 1276 14.98 39.04 9.68
CA PHE A 1276 15.60 37.77 10.05
C PHE A 1276 16.14 37.81 11.47
N VAL A 1277 17.03 38.76 11.76
CA VAL A 1277 17.68 38.82 13.06
C VAL A 1277 16.72 39.19 14.19
N LEU A 1278 15.60 39.85 13.89
CA LEU A 1278 14.63 40.16 14.94
C LEU A 1278 13.94 38.91 15.45
N GLN A 1279 13.29 38.17 14.55
CA GLN A 1279 12.68 36.90 14.92
C GLN A 1279 13.73 35.90 15.40
N LEU A 1280 14.98 36.06 14.97
CA LEU A 1280 16.06 35.18 15.42
C LEU A 1280 16.39 35.39 16.88
N SER A 1281 16.59 36.65 17.29
CA SER A 1281 16.86 36.95 18.69
C SER A 1281 15.70 36.52 19.58
N LYS A 1282 14.47 36.60 19.04
CA LYS A 1282 13.30 36.13 19.76
C LYS A 1282 13.45 34.69 20.20
N ASP A 1283 14.13 33.86 19.39
CA ASP A 1283 14.36 32.46 19.70
C ASP A 1283 15.70 32.22 20.38
N GLY A 1284 16.36 33.27 20.88
CA GLY A 1284 17.59 33.11 21.63
C GLY A 1284 18.79 32.67 20.83
N LYS A 1285 18.84 33.00 19.53
CA LYS A 1285 19.93 32.59 18.66
C LYS A 1285 20.77 33.77 18.16
N PHE A 1286 20.45 34.99 18.59
CA PHE A 1286 21.18 36.19 18.22
C PHE A 1286 21.22 37.11 19.44
N LYS A 1287 22.42 37.39 19.93
CA LYS A 1287 22.61 38.15 21.17
C LYS A 1287 22.63 39.67 20.99
N TYR A 1288 22.55 40.17 19.76
CA TYR A 1288 22.78 41.58 19.48
C TYR A 1288 21.45 42.33 19.35
N THR A 1289 21.41 43.56 19.90
CA THR A 1289 20.25 44.42 19.68
C THR A 1289 20.61 45.86 19.37
N GLU A 1290 21.67 46.38 19.96
CA GLU A 1290 22.10 47.76 19.71
C GLU A 1290 22.80 47.87 18.36
N VAL A 1291 22.91 49.10 17.87
CA VAL A 1291 23.67 49.43 16.67
C VAL A 1291 24.15 50.88 16.79
N THR A 1292 25.47 51.08 16.65
CA THR A 1292 26.08 52.38 16.87
C THR A 1292 26.11 53.22 15.59
N LYS A 1293 25.60 54.45 15.71
CA LYS A 1293 25.62 55.45 14.64
C LYS A 1293 26.97 56.17 14.61
N PRO A 1294 27.30 56.83 13.49
CA PRO A 1294 28.59 57.56 13.43
C PRO A 1294 28.82 58.57 14.57
N ASP A 1295 27.78 59.18 15.11
CA ASP A 1295 28.00 60.15 16.19
C ASP A 1295 28.26 59.44 17.52
N GLY A 1296 27.48 58.42 17.83
CA GLY A 1296 27.60 57.74 19.10
C GLY A 1296 26.24 57.32 19.62
N SER A 1297 25.22 57.44 18.78
CA SER A 1297 23.88 57.03 19.16
C SER A 1297 23.72 55.52 18.98
N LYS A 1298 22.72 54.97 19.65
CA LYS A 1298 22.39 53.56 19.54
C LYS A 1298 20.94 53.44 19.10
N ILE A 1299 20.67 52.47 18.23
CA ILE A 1299 19.32 52.22 17.73
C ILE A 1299 19.08 50.72 17.74
N SER A 1300 17.94 50.31 18.29
CA SER A 1300 17.58 48.90 18.29
C SER A 1300 17.30 48.43 16.87
N LEU A 1301 17.57 47.14 16.63
CA LEU A 1301 17.31 46.57 15.31
C LEU A 1301 15.83 46.68 14.94
N SER A 1302 14.95 46.52 15.93
CA SER A 1302 13.52 46.67 15.67
C SER A 1302 13.17 48.11 15.29
N SER A 1303 13.90 49.09 15.82
CA SER A 1303 13.67 50.48 15.41
C SER A 1303 14.12 50.71 13.97
N TRP A 1304 15.33 50.24 13.63
CA TRP A 1304 15.78 50.29 12.25
C TRP A 1304 14.82 49.53 11.33
N ASN A 1305 14.33 48.38 11.78
CA ASN A 1305 13.38 47.61 10.98
C ASN A 1305 12.13 48.43 10.68
N ASP A 1306 11.48 48.96 11.73
CA ASP A 1306 10.28 49.76 11.54
C ASP A 1306 10.55 51.08 10.84
N LEU A 1307 11.81 51.51 10.78
CA LEU A 1307 12.16 52.68 9.99
C LEU A 1307 11.98 52.39 8.50
N LEU A 1308 12.61 51.32 8.00
CA LEU A 1308 12.42 50.93 6.60
C LEU A 1308 10.96 50.63 6.30
N GLN A 1309 10.27 49.96 7.23
CA GLN A 1309 8.87 49.59 7.00
C GLN A 1309 8.01 50.82 6.72
N GLU A 1310 8.34 51.96 7.34
CA GLU A 1310 7.57 53.18 7.17
C GLU A 1310 8.04 54.03 6.00
N ASN A 1311 9.35 54.05 5.73
CA ASN A 1311 9.91 55.00 4.75
C ASN A 1311 10.19 54.39 3.38
N PHE A 1312 10.31 53.05 3.28
CA PHE A 1312 10.69 52.43 2.03
C PHE A 1312 9.72 52.72 0.90
N GLU A 1313 8.49 52.22 1.02
CA GLU A 1313 7.50 52.41 -0.03
C GLU A 1313 7.24 53.88 -0.31
N ARG A 1314 7.41 54.74 0.70
CA ARG A 1314 7.31 56.18 0.48
C ARG A 1314 8.36 56.65 -0.51
N CYS A 1315 9.63 56.34 -0.23
CA CYS A 1315 10.73 56.85 -1.04
C CYS A 1315 10.82 56.20 -2.42
N PHE A 1316 10.22 55.02 -2.60
CA PHE A 1316 10.43 54.25 -3.82
C PHE A 1316 9.23 54.16 -4.75
N TYR A 1317 8.01 54.25 -4.23
CA TYR A 1317 6.85 54.07 -5.09
C TYR A 1317 6.66 55.29 -5.99
N VAL A 1318 5.99 55.05 -7.11
CA VAL A 1318 5.62 56.13 -8.03
C VAL A 1318 4.12 56.01 -8.29
N PRO A 1319 3.30 56.84 -7.66
CA PRO A 1319 1.85 56.61 -7.72
C PRO A 1319 1.30 56.82 -9.12
N LYS A 1320 0.23 56.07 -9.41
CA LYS A 1320 -0.47 56.16 -10.69
C LYS A 1320 -1.33 57.41 -10.79
N ASN A 1321 -1.66 58.01 -9.66
CA ASN A 1321 -2.50 59.21 -9.62
C ASN A 1321 -1.62 60.41 -9.30
N LYS A 1322 -1.68 61.43 -10.16
CA LYS A 1322 -0.91 62.65 -9.93
C LYS A 1322 -1.22 63.26 -8.57
N GLU A 1323 -2.42 62.99 -8.05
CA GLU A 1323 -2.86 63.57 -6.79
C GLU A 1323 -1.96 63.15 -5.63
N ASP A 1324 -1.42 61.94 -5.69
CA ASP A 1324 -0.68 61.40 -4.56
C ASP A 1324 0.81 61.73 -4.58
N ASP A 1325 1.31 62.45 -5.59
CA ASP A 1325 2.73 62.72 -5.69
C ASP A 1325 3.26 63.44 -4.46
N ASN A 1326 2.43 64.23 -3.78
CA ASN A 1326 2.88 65.03 -2.63
C ASN A 1326 3.23 64.19 -1.41
N LYS A 1327 3.10 62.86 -1.47
CA LYS A 1327 3.37 62.00 -0.33
C LYS A 1327 4.54 61.06 -0.55
N PHE A 1328 5.02 60.92 -1.78
CA PHE A 1328 6.01 59.90 -2.12
C PHE A 1328 7.32 60.50 -2.64
N GLU A 1329 7.62 61.75 -2.30
CA GLU A 1329 8.84 62.44 -2.72
C GLU A 1329 9.08 62.25 -4.22
N ILE A 1330 8.19 62.87 -4.99
CA ILE A 1330 8.14 62.68 -6.44
C ILE A 1330 8.43 64.00 -7.12
N ASP A 1331 9.27 63.95 -8.16
CA ASP A 1331 9.60 65.08 -9.01
C ASP A 1331 9.06 64.77 -10.40
N ALA A 1332 7.78 65.05 -10.61
CA ALA A 1332 7.06 64.66 -11.83
C ALA A 1332 7.72 65.15 -13.11
N THR A 1333 8.72 66.03 -13.04
CA THR A 1333 9.42 66.46 -14.24
C THR A 1333 10.22 65.31 -14.85
N ILE A 1334 10.79 64.45 -14.01
CA ILE A 1334 11.59 63.32 -14.50
C ILE A 1334 10.85 62.01 -14.22
N ILE A 1335 9.92 61.65 -15.09
CA ILE A 1335 9.13 60.43 -14.96
C ILE A 1335 9.00 59.78 -16.34
N ASN A 1336 8.53 58.53 -16.34
CA ASN A 1336 8.22 57.88 -17.62
C ASN A 1336 6.94 57.06 -17.53
N ARG A 1337 6.74 56.37 -16.41
CA ARG A 1337 5.58 55.52 -16.23
C ARG A 1337 5.16 55.53 -14.77
N ARG A 1338 3.86 55.68 -14.53
CA ARG A 1338 3.28 55.64 -13.20
C ARG A 1338 3.03 54.19 -12.78
N GLY A 1339 2.74 54.00 -11.49
CA GLY A 1339 2.46 52.65 -11.02
C GLY A 1339 3.71 51.80 -10.96
N ILE A 1340 4.82 52.38 -10.51
CA ILE A 1340 6.12 51.76 -10.58
C ILE A 1340 6.86 51.99 -9.27
N TYR A 1341 7.78 51.07 -8.94
CA TYR A 1341 8.74 51.26 -7.88
C TYR A 1341 10.06 51.73 -8.48
N LYS A 1342 10.62 52.81 -7.93
CA LYS A 1342 11.82 53.40 -8.49
C LYS A 1342 12.96 52.39 -8.47
N ASP A 1343 13.84 52.50 -9.47
CA ASP A 1343 15.05 51.67 -9.47
C ASP A 1343 16.08 52.17 -8.46
N LEU A 1344 16.08 53.46 -8.18
CA LEU A 1344 17.05 54.08 -7.28
C LEU A 1344 16.38 55.27 -6.60
N TYR A 1345 16.95 55.69 -5.47
CA TYR A 1345 16.46 56.83 -4.72
C TYR A 1345 17.58 57.83 -4.52
N ARG A 1346 17.35 59.07 -4.98
CA ARG A 1346 18.32 60.17 -4.98
C ARG A 1346 19.71 59.70 -5.41
N SER A 1347 19.83 59.28 -6.66
CA SER A 1347 21.12 58.84 -7.19
C SER A 1347 21.94 60.02 -7.68
N GLY A 1348 22.74 59.80 -8.71
CA GLY A 1348 23.48 60.86 -9.36
C GLY A 1348 22.63 61.54 -10.41
N LYS A 1349 22.30 60.80 -11.47
CA LYS A 1349 21.38 61.28 -12.49
C LYS A 1349 19.96 60.99 -12.01
N PRO A 1350 19.20 61.98 -11.56
CA PRO A 1350 17.89 61.70 -10.94
C PRO A 1350 16.89 61.03 -11.87
N TYR A 1351 17.07 61.12 -13.20
CA TYR A 1351 16.19 60.40 -14.10
C TYR A 1351 16.48 58.90 -14.11
N GLU A 1352 17.65 58.50 -13.61
CA GLU A 1352 17.93 57.09 -13.39
C GLU A 1352 17.26 56.54 -12.13
N ASP A 1353 16.75 57.42 -11.26
CA ASP A 1353 15.90 56.97 -10.16
C ASP A 1353 14.60 56.40 -10.70
N TYR A 1354 14.01 57.05 -11.70
CA TYR A 1354 12.66 56.77 -12.18
C TYR A 1354 12.66 55.90 -13.42
N GLN A 1355 13.58 54.94 -13.52
CA GLN A 1355 13.64 54.02 -14.65
C GLN A 1355 13.02 52.68 -14.26
N PHE A 1356 12.23 52.13 -15.16
CA PHE A 1356 11.63 50.81 -14.96
C PHE A 1356 12.69 49.74 -15.18
N ARG A 1357 13.18 49.16 -14.09
CA ARG A 1357 14.18 48.11 -14.17
C ARG A 1357 13.70 46.92 -13.33
N PRO A 1358 14.07 45.70 -13.72
CA PRO A 1358 13.59 44.52 -12.98
C PRO A 1358 14.15 44.40 -11.57
N ASN A 1359 15.06 45.29 -11.16
CA ASN A 1359 15.77 45.14 -9.90
C ASN A 1359 14.83 45.15 -8.69
N PHE A 1360 13.70 45.86 -8.80
CA PHE A 1360 12.78 45.98 -7.67
C PHE A 1360 12.15 44.65 -7.29
N THR A 1361 12.08 43.70 -8.24
CA THR A 1361 11.48 42.41 -7.94
C THR A 1361 12.25 41.65 -6.86
N ILE A 1362 13.56 41.90 -6.75
CA ILE A 1362 14.35 41.26 -5.70
C ILE A 1362 13.84 41.65 -4.32
N ALA A 1363 13.55 42.94 -4.13
CA ALA A 1363 13.02 43.40 -2.85
C ALA A 1363 11.63 42.84 -2.59
N MET A 1364 10.81 42.72 -3.64
CA MET A 1364 9.50 42.11 -3.50
C MET A 1364 9.61 40.67 -3.02
N VAL A 1365 10.64 39.96 -3.46
CA VAL A 1365 10.81 38.56 -3.05
C VAL A 1365 11.35 38.46 -1.63
N VAL A 1366 12.36 39.28 -1.30
CA VAL A 1366 13.08 39.09 -0.04
C VAL A 1366 12.38 39.79 1.13
N ALA A 1367 11.64 40.86 0.88
CA ALA A 1367 10.96 41.61 1.93
C ALA A 1367 9.61 42.10 1.42
N PRO A 1368 8.65 41.20 1.25
CA PRO A 1368 7.33 41.62 0.75
C PRO A 1368 6.53 42.44 1.74
N GLU A 1369 6.97 42.50 3.00
CA GLU A 1369 6.26 43.30 4.00
C GLU A 1369 6.32 44.79 3.68
N LEU A 1370 7.33 45.23 2.92
CA LEU A 1370 7.49 46.64 2.58
C LEU A 1370 6.49 47.11 1.54
N PHE A 1371 5.74 46.21 0.90
CA PHE A 1371 4.90 46.54 -0.23
C PHE A 1371 3.43 46.35 0.13
N THR A 1372 2.61 47.32 -0.24
CA THR A 1372 1.16 47.13 -0.15
C THR A 1372 0.70 46.30 -1.34
N PRO A 1373 -0.15 45.30 -1.13
CA PRO A 1373 -0.41 44.31 -2.20
C PRO A 1373 -0.83 44.89 -3.54
N ASP A 1374 -1.76 45.86 -3.55
CA ASP A 1374 -2.25 46.37 -4.83
C ASP A 1374 -1.17 47.09 -5.61
N TYR A 1375 -0.29 47.82 -4.92
CA TYR A 1375 0.76 48.55 -5.64
C TYR A 1375 1.76 47.59 -6.24
N ALA A 1376 2.22 46.60 -5.46
CA ALA A 1376 3.14 45.61 -5.97
C ALA A 1376 2.51 44.82 -7.12
N ALA A 1377 1.27 44.37 -6.94
CA ALA A 1377 0.57 43.62 -7.98
C ALA A 1377 0.52 44.40 -9.29
N GLY A 1378 0.00 45.62 -9.24
CA GLY A 1378 -0.12 46.42 -10.45
C GLY A 1378 1.22 46.80 -11.05
N ALA A 1379 2.25 46.95 -10.22
CA ALA A 1379 3.57 47.30 -10.73
C ALA A 1379 4.20 46.14 -11.49
N ILE A 1380 4.07 44.93 -10.96
CA ILE A 1380 4.67 43.78 -11.63
C ILE A 1380 3.88 43.33 -12.84
N GLU A 1381 2.59 43.68 -12.93
CA GLU A 1381 1.85 43.43 -14.16
C GLU A 1381 2.41 44.26 -15.31
N LEU A 1382 2.99 45.42 -15.01
CA LEU A 1382 3.61 46.23 -16.06
C LEU A 1382 4.92 45.61 -16.50
N ALA A 1383 5.73 45.14 -15.55
CA ALA A 1383 6.94 44.41 -15.92
C ALA A 1383 6.60 43.20 -16.78
N ASP A 1384 5.48 42.54 -16.48
CA ASP A 1384 5.01 41.44 -17.34
C ASP A 1384 4.75 41.91 -18.76
N GLN A 1385 4.27 43.15 -18.92
CA GLN A 1385 3.98 43.69 -20.25
C GLN A 1385 5.15 44.46 -20.85
N VAL A 1386 6.14 44.84 -20.04
CA VAL A 1386 7.20 45.72 -20.52
C VAL A 1386 8.56 45.06 -20.42
N LEU A 1387 8.94 44.65 -19.20
CA LEU A 1387 10.28 44.15 -18.95
C LEU A 1387 10.44 42.65 -19.16
N ARG A 1388 9.37 41.92 -19.43
CA ARG A 1388 9.43 40.47 -19.53
C ARG A 1388 9.60 40.06 -20.99
N GLY A 1389 10.78 39.58 -21.32
CA GLY A 1389 11.03 38.99 -22.63
C GLY A 1389 10.66 37.52 -22.63
N PRO A 1390 11.04 36.80 -23.68
CA PRO A 1390 10.71 35.36 -23.71
C PRO A 1390 11.53 34.54 -22.74
N VAL A 1391 12.80 34.88 -22.53
CA VAL A 1391 13.66 34.12 -21.62
C VAL A 1391 14.36 35.08 -20.67
N GLY A 1392 14.65 36.29 -21.14
CA GLY A 1392 15.38 37.26 -20.36
C GLY A 1392 14.51 38.40 -19.86
N MET A 1393 14.93 39.00 -18.75
CA MET A 1393 14.27 40.18 -18.20
C MET A 1393 14.96 41.41 -18.78
N ARG A 1394 14.23 42.19 -19.57
CA ARG A 1394 14.78 43.40 -20.14
C ARG A 1394 15.32 44.31 -19.03
N THR A 1395 16.59 44.68 -19.14
CA THR A 1395 17.26 45.41 -18.08
C THR A 1395 16.97 46.91 -18.12
N LEU A 1396 16.02 47.33 -18.97
CA LEU A 1396 15.67 48.74 -19.08
C LEU A 1396 14.40 48.92 -19.91
N ASP A 1397 13.49 49.74 -19.42
CA ASP A 1397 12.24 50.05 -20.09
C ASP A 1397 12.48 50.42 -21.56
N PRO A 1398 11.92 49.68 -22.52
CA PRO A 1398 12.15 49.99 -23.93
C PRO A 1398 11.71 51.38 -24.35
N SER A 1399 10.93 52.09 -23.53
CA SER A 1399 10.53 53.45 -23.85
C SER A 1399 11.56 54.50 -23.45
N ASP A 1400 12.60 54.11 -22.72
CA ASP A 1400 13.65 55.05 -22.34
C ASP A 1400 14.58 55.34 -23.52
N TYR A 1401 15.20 56.52 -23.46
CA TYR A 1401 16.10 56.97 -24.52
C TYR A 1401 17.40 56.18 -24.53
N ASN A 1402 17.83 55.70 -23.37
CA ASN A 1402 19.07 54.95 -23.23
C ASN A 1402 18.93 53.48 -23.58
N TYR A 1403 17.76 53.05 -24.07
CA TYR A 1403 17.48 51.65 -24.30
C TYR A 1403 18.24 51.14 -25.52
N ARG A 1404 19.22 50.25 -25.28
CA ARG A 1404 20.01 49.64 -26.36
C ARG A 1404 20.14 48.15 -26.05
N PRO A 1405 19.25 47.32 -26.59
CA PRO A 1405 19.19 45.90 -26.19
C PRO A 1405 20.03 44.98 -27.07
N TYR A 1406 21.20 45.43 -27.49
CA TYR A 1406 22.12 44.60 -28.25
C TYR A 1406 23.51 44.81 -27.68
N TYR A 1407 24.18 43.72 -27.31
CA TYR A 1407 25.43 43.79 -26.55
C TYR A 1407 26.57 43.21 -27.37
N ASN A 1408 27.46 44.08 -27.85
CA ASN A 1408 28.69 43.68 -28.53
C ASN A 1408 29.88 44.21 -27.74
N ASN A 1409 30.56 43.34 -26.99
CA ASN A 1409 31.76 43.76 -26.27
C ASN A 1409 32.96 43.99 -27.24
N GLY A 1410 32.71 43.95 -28.55
CA GLY A 1410 33.78 44.16 -29.51
C GLY A 1410 33.57 45.35 -30.42
N GLU A 1411 32.44 46.02 -30.30
CA GLU A 1411 32.16 47.18 -31.13
C GLU A 1411 33.18 48.28 -30.87
N ASP A 1412 33.80 48.78 -31.96
CA ASP A 1412 34.84 49.79 -31.85
C ASP A 1412 34.36 51.21 -32.13
N SER A 1413 33.12 51.38 -32.57
CA SER A 1413 32.67 52.65 -33.13
C SER A 1413 32.49 53.68 -32.00
N ASP A 1414 32.05 54.87 -32.39
CA ASP A 1414 32.05 56.06 -31.55
C ASP A 1414 30.79 56.19 -30.69
N ASP A 1415 29.87 55.23 -30.74
CA ASP A 1415 28.62 55.36 -30.01
C ASP A 1415 28.88 55.32 -28.52
N PHE A 1416 28.44 56.37 -27.82
CA PHE A 1416 28.71 56.50 -26.38
C PHE A 1416 28.05 55.39 -25.59
N ALA A 1417 26.95 54.85 -26.10
CA ALA A 1417 26.16 53.83 -25.40
C ALA A 1417 26.68 52.43 -25.67
N THR A 1418 26.91 52.09 -26.93
CA THR A 1418 27.08 50.71 -27.34
C THR A 1418 28.54 50.27 -27.42
N SER A 1419 29.48 51.20 -27.53
CA SER A 1419 30.85 50.80 -27.81
C SER A 1419 31.46 50.11 -26.59
N LYS A 1420 32.22 49.05 -26.85
CA LYS A 1420 32.82 48.20 -25.80
C LYS A 1420 31.76 47.68 -24.82
N GLY A 1421 30.51 47.55 -25.26
CA GLY A 1421 29.50 46.84 -24.49
C GLY A 1421 28.95 47.52 -23.26
N ARG A 1422 28.89 48.87 -23.23
CA ARG A 1422 28.22 49.53 -22.12
C ARG A 1422 26.73 49.21 -22.03
N ASN A 1423 26.13 48.68 -23.10
CA ASN A 1423 24.71 48.35 -23.06
C ASN A 1423 24.39 47.26 -22.05
N TYR A 1424 25.39 46.56 -21.52
CA TYR A 1424 25.26 45.34 -20.74
C TYR A 1424 24.03 45.37 -19.82
N HIS A 1425 23.77 46.52 -19.21
CA HIS A 1425 22.75 46.66 -18.18
C HIS A 1425 21.66 47.66 -18.55
N GLN A 1426 21.46 47.96 -19.86
CA GLN A 1426 20.40 48.88 -20.30
C GLN A 1426 19.78 48.32 -21.58
N GLY A 1427 18.83 47.40 -21.43
CA GLY A 1427 18.20 46.83 -22.59
C GLY A 1427 18.29 45.32 -22.69
N PRO A 1428 19.52 44.80 -22.75
CA PRO A 1428 19.72 43.35 -22.82
C PRO A 1428 18.90 42.59 -21.79
N GLU A 1429 18.42 41.42 -22.19
CA GLU A 1429 17.48 40.63 -21.41
C GLU A 1429 18.24 39.53 -20.66
N TRP A 1430 18.33 39.67 -19.35
CA TRP A 1430 19.01 38.72 -18.48
C TRP A 1430 18.03 37.71 -17.91
N VAL A 1431 18.53 36.50 -17.68
CA VAL A 1431 17.67 35.37 -17.36
C VAL A 1431 17.48 35.22 -15.85
N TRP A 1432 18.52 35.50 -15.05
CA TRP A 1432 18.41 35.33 -13.61
C TRP A 1432 17.43 36.32 -13.00
N CYS A 1433 17.25 37.49 -13.61
CA CYS A 1433 16.23 38.43 -13.15
C CYS A 1433 14.83 37.90 -13.40
N TYR A 1434 14.66 37.10 -14.45
CA TYR A 1434 13.36 36.45 -14.69
C TYR A 1434 12.94 35.59 -13.51
N GLY A 1435 13.91 35.06 -12.77
CA GLY A 1435 13.57 34.25 -11.60
C GLY A 1435 12.96 35.08 -10.48
N TYR A 1436 13.65 36.16 -10.09
CA TYR A 1436 13.11 37.03 -9.05
C TYR A 1436 11.79 37.67 -9.49
N PHE A 1437 11.64 37.94 -10.79
CA PHE A 1437 10.40 38.50 -11.31
C PHE A 1437 9.23 37.55 -11.09
N ILE A 1438 9.31 36.35 -11.66
CA ILE A 1438 8.17 35.43 -11.66
C ILE A 1438 7.87 34.93 -10.25
N ARG A 1439 8.89 34.86 -9.39
CA ARG A 1439 8.63 34.53 -7.99
C ARG A 1439 7.72 35.56 -7.34
N ALA A 1440 7.96 36.84 -7.60
CA ALA A 1440 7.07 37.89 -7.09
C ALA A 1440 5.77 37.94 -7.88
N TYR A 1441 5.84 37.78 -9.21
CA TYR A 1441 4.63 37.66 -10.02
C TYR A 1441 3.72 36.58 -9.46
N HIS A 1442 4.32 35.48 -8.98
CA HIS A 1442 3.55 34.43 -8.31
C HIS A 1442 2.97 34.92 -6.99
N TYR A 1443 3.84 35.41 -6.09
CA TYR A 1443 3.41 35.75 -4.74
C TYR A 1443 2.29 36.78 -4.73
N PHE A 1444 2.40 37.82 -5.55
CA PHE A 1444 1.44 38.91 -5.50
C PHE A 1444 0.22 38.70 -6.37
N ASN A 1445 0.30 37.87 -7.42
CA ASN A 1445 -0.92 37.46 -8.10
C ASN A 1445 -1.71 36.46 -7.27
N PHE A 1446 -1.07 35.81 -6.31
CA PHE A 1446 -1.76 34.92 -5.39
C PHE A 1446 -2.40 35.68 -4.23
N LEU A 1447 -1.79 36.80 -3.82
CA LEU A 1447 -2.38 37.62 -2.77
C LEU A 1447 -3.49 38.53 -3.32
N THR A 1448 -3.32 39.05 -4.53
CA THR A 1448 -4.22 40.05 -5.07
C THR A 1448 -5.39 39.43 -5.83
N ASN A 1449 -5.16 39.06 -7.08
CA ASN A 1449 -6.22 38.55 -7.94
C ASN A 1449 -6.91 37.35 -7.31
N PRO A 1450 -8.23 37.41 -7.07
CA PRO A 1450 -8.92 36.25 -6.51
C PRO A 1450 -9.07 35.09 -7.48
N LYS A 1451 -9.03 35.34 -8.79
CA LYS A 1451 -9.09 34.23 -9.75
C LYS A 1451 -7.86 33.34 -9.70
N CYS A 1452 -6.83 33.72 -8.95
CA CYS A 1452 -5.61 32.93 -8.82
C CYS A 1452 -5.58 32.18 -7.49
N GLN A 1453 -6.73 32.00 -6.86
CA GLN A 1453 -6.85 31.29 -5.60
C GLN A 1453 -7.94 30.25 -5.71
N VAL A 1454 -7.75 29.15 -4.98
CA VAL A 1454 -8.74 28.10 -4.87
C VAL A 1454 -8.59 27.48 -3.49
N GLU A 1455 -9.70 27.02 -2.94
CA GLU A 1455 -9.74 26.43 -1.61
C GLU A 1455 -9.00 25.10 -1.62
N GLY A 1456 -7.69 25.14 -1.41
CA GLY A 1456 -6.92 23.91 -1.39
C GLY A 1456 -7.42 23.01 -0.27
N SER A 1457 -6.96 21.76 -0.29
CA SER A 1457 -7.41 20.80 0.71
C SER A 1457 -7.18 21.36 2.11
N ALA A 1458 -8.18 21.15 2.98
CA ALA A 1458 -8.20 21.71 4.34
C ALA A 1458 -8.26 23.24 4.32
N LYS A 1459 -8.94 23.78 3.32
CA LYS A 1459 -9.24 25.22 3.18
C LYS A 1459 -8.00 26.13 3.18
N LYS A 1460 -6.82 25.58 3.39
CA LYS A 1460 -5.61 26.38 3.26
C LYS A 1460 -5.50 26.93 1.84
N LEU A 1461 -4.94 28.13 1.71
CA LEU A 1461 -4.97 28.83 0.44
C LEU A 1461 -3.90 28.28 -0.49
N LYS A 1462 -4.33 27.80 -1.66
CA LYS A 1462 -3.45 27.24 -2.68
C LYS A 1462 -3.81 27.85 -4.03
N PRO A 1463 -2.85 27.98 -4.94
CA PRO A 1463 -3.13 28.65 -6.22
C PRO A 1463 -4.06 27.81 -7.09
N SER A 1464 -4.80 28.50 -7.94
CA SER A 1464 -5.73 27.87 -8.86
C SER A 1464 -5.00 27.45 -10.14
N SER A 1465 -5.71 26.70 -10.99
CA SER A 1465 -5.13 26.31 -12.27
C SER A 1465 -4.98 27.52 -13.19
N TYR A 1466 -5.79 28.56 -13.00
CA TYR A 1466 -5.62 29.78 -13.79
C TYR A 1466 -4.28 30.43 -13.52
N LEU A 1467 -3.82 30.40 -12.27
CA LEU A 1467 -2.51 30.99 -11.95
C LEU A 1467 -1.38 30.07 -12.39
N TYR A 1468 -1.55 28.76 -12.17
CA TYR A 1468 -0.58 27.79 -12.66
C TYR A 1468 -0.41 27.89 -14.17
N ARG A 1469 -1.53 27.98 -14.90
CA ARG A 1469 -1.47 28.13 -16.35
C ARG A 1469 -0.70 29.39 -16.74
N LYS A 1470 -0.84 30.46 -15.96
CA LYS A 1470 -0.07 31.68 -16.25
C LYS A 1470 1.42 31.46 -15.99
N LEU A 1471 1.77 30.85 -14.85
CA LEU A 1471 3.17 30.55 -14.60
C LEU A 1471 3.74 29.60 -15.65
N TYR A 1472 2.95 28.60 -16.04
CA TYR A 1472 3.40 27.63 -17.05
C TYR A 1472 3.74 28.31 -18.37
N SER A 1473 2.92 29.25 -18.80
CA SER A 1473 3.13 29.88 -20.11
C SER A 1473 4.38 30.74 -20.15
N ARG A 1474 4.92 31.13 -18.98
CA ARG A 1474 6.10 31.97 -18.91
C ARG A 1474 7.38 31.19 -18.70
N LEU A 1475 7.30 29.85 -18.67
CA LEU A 1475 8.48 29.01 -18.57
C LEU A 1475 8.66 28.11 -19.79
N LEU A 1476 7.72 28.11 -20.72
CA LEU A 1476 7.86 27.33 -21.95
C LEU A 1476 9.12 27.73 -22.71
N LYS A 1477 9.29 29.04 -22.93
CA LYS A 1477 10.44 29.52 -23.68
C LYS A 1477 11.76 29.20 -22.99
N HIS A 1478 11.73 28.92 -21.69
CA HIS A 1478 12.93 28.47 -20.99
C HIS A 1478 13.17 26.99 -21.19
N ARG A 1479 12.11 26.19 -21.14
CA ARG A 1479 12.23 24.76 -21.42
C ARG A 1479 12.75 24.54 -22.83
N GLU A 1480 12.18 25.25 -23.79
CA GLU A 1480 12.67 25.18 -25.18
C GLU A 1480 14.15 25.51 -25.24
N TRP A 1481 14.61 26.48 -24.44
CA TRP A 1481 16.01 26.88 -24.48
C TRP A 1481 16.92 25.78 -23.98
N ILE A 1482 16.65 25.26 -22.78
CA ILE A 1482 17.54 24.25 -22.21
C ILE A 1482 17.45 22.94 -22.98
N GLU A 1483 16.32 22.69 -23.65
CA GLU A 1483 16.21 21.51 -24.51
C GLU A 1483 17.14 21.62 -25.71
N ASN A 1484 17.05 22.71 -26.47
CA ASN A 1484 17.82 22.89 -27.70
C ASN A 1484 19.11 23.66 -27.48
N SER A 1485 19.81 23.38 -26.38
CA SER A 1485 21.07 24.05 -26.10
C SER A 1485 22.20 23.03 -26.01
N PRO A 1486 23.28 23.21 -26.78
CA PRO A 1486 24.40 22.24 -26.69
C PRO A 1486 24.95 22.13 -25.28
N TRP A 1487 25.04 23.25 -24.58
CA TRP A 1487 25.24 23.25 -23.14
C TRP A 1487 23.89 23.09 -22.46
N ALA A 1488 23.75 22.07 -21.63
CA ALA A 1488 22.44 21.70 -21.08
C ALA A 1488 22.03 22.66 -19.96
N GLY A 1489 21.89 23.92 -20.34
CA GLY A 1489 21.61 24.98 -19.38
C GLY A 1489 20.96 26.18 -20.03
N LEU A 1490 20.90 27.27 -19.25
CA LEU A 1490 20.31 28.52 -19.69
C LEU A 1490 21.40 29.58 -19.85
N ALA A 1491 21.24 30.43 -20.86
CA ALA A 1491 22.19 31.51 -21.10
C ALA A 1491 22.19 32.50 -19.94
N GLU A 1492 23.22 33.35 -19.91
CA GLU A 1492 23.32 34.41 -18.93
C GLU A 1492 22.68 35.71 -19.43
N LEU A 1493 22.37 35.80 -20.71
CA LEU A 1493 22.00 37.08 -21.31
C LEU A 1493 21.36 36.80 -22.66
N THR A 1494 20.41 37.64 -23.02
CA THR A 1494 19.76 37.55 -24.32
C THR A 1494 19.60 38.96 -24.87
N ASN A 1495 19.72 39.09 -26.19
CA ASN A 1495 19.47 40.37 -26.85
C ASN A 1495 17.96 40.57 -26.96
N LYS A 1496 17.55 41.59 -27.71
CA LYS A 1496 16.16 41.99 -27.75
C LYS A 1496 15.26 40.87 -28.28
N ASP A 1497 14.16 40.62 -27.55
CA ASP A 1497 13.11 39.69 -27.98
C ASP A 1497 13.66 38.29 -28.26
N GLY A 1498 14.46 37.78 -27.33
CA GLY A 1498 14.94 36.42 -27.40
C GLY A 1498 16.09 36.17 -28.35
N GLU A 1499 16.56 37.19 -29.05
CA GLU A 1499 17.69 37.01 -29.98
C GLU A 1499 18.94 36.56 -29.24
N VAL A 1500 19.65 35.58 -29.82
CA VAL A 1500 20.82 35.02 -29.18
C VAL A 1500 21.94 36.06 -29.15
N CYS A 1501 22.48 36.31 -27.95
CA CYS A 1501 23.60 37.22 -27.77
C CYS A 1501 24.90 36.44 -27.83
N ASN A 1502 25.66 36.60 -28.92
CA ASN A 1502 26.85 35.80 -29.16
C ASN A 1502 27.95 36.02 -28.13
N ASP A 1503 27.82 37.01 -27.25
CA ASP A 1503 28.76 37.18 -26.14
C ASP A 1503 28.23 36.64 -24.82
N SER A 1504 26.95 36.26 -24.77
CA SER A 1504 26.39 35.72 -23.54
C SER A 1504 26.96 34.35 -23.23
N SER A 1505 27.30 34.13 -21.97
CA SER A 1505 27.70 32.80 -21.52
C SER A 1505 26.58 31.81 -21.78
N PRO A 1506 26.88 30.62 -22.32
CA PRO A 1506 25.81 29.69 -22.69
C PRO A 1506 25.16 28.99 -21.51
N THR A 1507 25.86 28.86 -20.38
CA THR A 1507 25.25 28.36 -19.16
C THR A 1507 25.75 29.18 -17.99
N GLN A 1508 24.83 29.73 -17.21
CA GLN A 1508 25.18 30.55 -16.05
C GLN A 1508 24.41 30.05 -14.84
N ALA A 1509 25.01 30.26 -13.66
CA ALA A 1509 24.46 29.70 -12.44
C ALA A 1509 23.13 30.34 -12.08
N TRP A 1510 23.14 31.65 -11.76
CA TRP A 1510 21.93 32.35 -11.37
C TRP A 1510 20.82 32.25 -12.43
N SER A 1511 21.16 31.98 -13.68
CA SER A 1511 20.13 31.87 -14.70
C SER A 1511 19.22 30.67 -14.43
N THR A 1512 19.81 29.55 -14.01
CA THR A 1512 19.03 28.36 -13.68
C THR A 1512 18.64 28.32 -12.21
N GLY A 1513 19.54 28.73 -11.32
CA GLY A 1513 19.26 28.72 -9.90
C GLY A 1513 18.09 29.60 -9.50
N CYS A 1514 17.74 30.61 -10.30
CA CYS A 1514 16.60 31.44 -9.97
C CYS A 1514 15.28 30.91 -10.51
N LEU A 1515 15.32 30.02 -11.50
CA LEU A 1515 14.12 29.29 -11.87
C LEU A 1515 13.83 28.17 -10.89
N LEU A 1516 14.88 27.48 -10.42
CA LEU A 1516 14.74 26.53 -9.33
C LEU A 1516 14.16 27.20 -8.09
N ASP A 1517 14.57 28.44 -7.82
CA ASP A 1517 13.98 29.22 -6.73
C ASP A 1517 12.45 29.22 -6.80
N LEU A 1518 11.91 29.44 -8.00
CA LEU A 1518 10.45 29.47 -8.16
C LEU A 1518 9.84 28.12 -7.81
N PHE A 1519 10.41 27.03 -8.34
CA PHE A 1519 9.84 25.71 -8.09
C PHE A 1519 9.85 25.36 -6.61
N TYR A 1520 10.90 25.78 -5.90
CA TYR A 1520 10.96 25.48 -4.47
C TYR A 1520 9.88 26.26 -3.71
N ASP A 1521 9.66 27.53 -4.08
CA ASP A 1521 8.54 28.30 -3.56
C ASP A 1521 7.24 27.49 -3.65
N LEU A 1522 6.86 27.11 -4.87
CA LEU A 1522 5.60 26.40 -5.08
C LEU A 1522 5.59 25.08 -4.32
N TRP A 1523 6.73 24.40 -4.24
CA TRP A 1523 6.80 23.11 -3.56
C TRP A 1523 6.71 23.27 -2.05
N ILE A 1524 7.60 24.06 -1.46
CA ILE A 1524 7.68 24.19 -0.01
C ILE A 1524 6.42 24.80 0.59
N SER A 1525 5.53 25.34 -0.22
CA SER A 1525 4.33 26.01 0.28
C SER A 1525 3.04 25.28 -0.01
N TYR A 1526 2.95 24.53 -1.12
CA TYR A 1526 1.69 23.92 -1.51
C TYR A 1526 1.79 22.42 -1.69
N GLU A 1527 2.97 21.82 -1.54
CA GLU A 1527 3.10 20.37 -1.71
C GLU A 1527 3.86 19.76 -0.54
N ALA B 3 -11.08 10.99 17.02
CA ALA B 3 -10.09 9.93 17.05
C ALA B 3 -10.59 8.74 17.85
N HIS B 4 -9.77 7.70 17.97
CA HIS B 4 -10.13 6.50 18.73
C HIS B 4 -8.85 5.94 19.35
N ARG B 5 -8.50 6.45 20.53
CA ARG B 5 -7.30 5.96 21.20
C ARG B 5 -7.69 5.42 22.57
N THR B 6 -8.66 4.51 22.57
CA THR B 6 -9.18 3.89 23.78
C THR B 6 -8.91 2.39 23.77
N LEU B 7 -8.56 1.86 24.94
CA LEU B 7 -8.44 0.42 25.14
C LEU B 7 -9.33 -0.01 26.30
N LEU B 8 -9.71 -1.29 26.29
CA LEU B 8 -10.65 -1.85 27.25
C LEU B 8 -9.89 -2.71 28.23
N LEU B 9 -9.81 -2.28 29.48
CA LEU B 9 -9.17 -3.05 30.55
C LEU B 9 -10.27 -3.68 31.40
N ARG B 10 -10.62 -4.92 31.07
CA ARG B 10 -11.61 -5.64 31.85
C ARG B 10 -11.03 -6.07 33.19
N LEU B 11 -11.84 -5.97 34.24
CA LEU B 11 -11.43 -6.38 35.57
C LEU B 11 -12.24 -7.58 36.01
N SER B 12 -11.66 -8.35 36.94
CA SER B 12 -12.35 -9.50 37.49
C SER B 12 -13.26 -9.07 38.64
N ASP B 13 -13.94 -10.04 39.24
CA ASP B 13 -14.79 -9.75 40.39
C ASP B 13 -13.98 -9.35 41.62
N SER B 14 -12.66 -9.56 41.60
CA SER B 14 -11.78 -9.12 42.69
C SER B 14 -10.96 -7.89 42.30
N GLY B 15 -11.28 -7.25 41.19
CA GLY B 15 -10.55 -6.09 40.73
C GLY B 15 -9.24 -6.37 40.04
N GLU B 16 -8.95 -7.63 39.72
CA GLU B 16 -7.74 -7.94 38.97
C GLU B 16 -8.01 -7.79 37.47
N PRO B 17 -7.00 -7.36 36.71
CA PRO B 17 -7.19 -7.22 35.26
C PRO B 17 -7.28 -8.57 34.57
N VAL B 18 -8.21 -8.68 33.63
CA VAL B 18 -8.40 -9.89 32.86
C VAL B 18 -7.34 -9.97 31.77
N THR B 19 -6.77 -11.17 31.60
CA THR B 19 -5.81 -11.42 30.54
C THR B 19 -6.54 -11.97 29.32
N SER B 20 -6.36 -11.31 28.17
CA SER B 20 -7.07 -11.70 26.95
C SER B 20 -6.34 -12.77 26.16
N CYS B 21 -5.01 -12.75 26.16
CA CYS B 21 -4.22 -13.77 25.50
C CYS B 21 -3.07 -14.16 26.42
N SER B 22 -2.49 -15.34 26.17
CA SER B 22 -1.36 -15.82 26.95
C SER B 22 -0.07 -15.55 26.16
N TYR B 23 0.41 -14.31 26.29
CA TYR B 23 1.72 -13.94 25.75
C TYR B 23 2.86 -14.23 26.71
N GLY B 24 2.55 -14.81 27.87
CA GLY B 24 3.54 -15.04 28.91
C GLY B 24 3.52 -13.94 29.95
N GLN B 25 4.40 -14.09 30.93
CA GLN B 25 4.53 -13.10 31.99
C GLN B 25 4.89 -11.75 31.39
N GLY B 26 4.05 -10.74 31.66
CA GLY B 26 4.25 -9.45 31.01
C GLY B 26 3.77 -8.24 31.78
N VAL B 27 3.54 -7.15 31.06
CA VAL B 27 3.17 -5.86 31.63
C VAL B 27 2.09 -5.24 30.76
N LEU B 28 1.15 -4.54 31.37
CA LEU B 28 0.06 -3.88 30.65
C LEU B 28 0.60 -2.61 30.00
N THR B 29 1.24 -2.79 28.86
CA THR B 29 1.82 -1.70 28.10
C THR B 29 0.88 -1.29 26.97
N LEU B 30 0.61 0.00 26.86
CA LEU B 30 -0.19 0.51 25.76
C LEU B 30 0.67 0.62 24.50
N PRO B 31 0.04 0.64 23.32
CA PRO B 31 0.82 0.59 22.07
C PRO B 31 1.71 1.81 21.91
N SER B 32 2.79 1.62 21.15
CA SER B 32 3.71 2.69 20.79
C SER B 32 3.19 3.34 19.51
N LEU B 33 2.59 4.51 19.63
CA LEU B 33 1.96 5.20 18.53
C LEU B 33 2.30 6.68 18.59
N PRO B 34 2.46 7.33 17.44
CA PRO B 34 2.63 8.78 17.44
C PRO B 34 1.31 9.46 17.76
N LEU B 35 1.41 10.66 18.33
CA LEU B 35 0.21 11.48 18.51
C LEU B 35 -0.38 11.81 17.14
N PRO B 36 -1.66 12.15 17.07
CA PRO B 36 -2.26 12.53 15.79
C PRO B 36 -1.60 13.73 15.11
N GLN B 37 -2.25 14.23 14.07
CA GLN B 37 -1.71 15.30 13.24
C GLN B 37 -1.31 16.53 14.06
N GLY B 38 -0.03 16.89 14.00
CA GLY B 38 0.46 18.17 14.49
C GLY B 38 0.03 18.56 15.89
N LYS B 39 -0.12 17.57 16.77
CA LYS B 39 -0.71 17.81 18.08
C LYS B 39 0.27 17.55 19.21
N LYS B 40 0.10 18.33 20.28
CA LYS B 40 0.97 18.30 21.44
C LYS B 40 0.33 17.47 22.54
N LEU B 41 1.15 17.10 23.54
CA LEU B 41 0.66 16.28 24.65
C LEU B 41 -0.56 16.88 25.32
N GLY B 42 -0.61 18.21 25.43
CA GLY B 42 -1.74 18.85 26.08
C GLY B 42 -3.03 18.76 25.29
N ASP B 43 -2.94 18.70 23.96
CA ASP B 43 -4.11 18.85 23.11
C ASP B 43 -5.18 17.78 23.34
N MET B 44 -4.78 16.57 23.74
CA MET B 44 -5.76 15.49 23.85
C MET B 44 -5.21 14.42 24.77
N PRO B 45 -6.07 13.57 25.32
CA PRO B 45 -5.58 12.39 26.06
C PRO B 45 -4.75 11.52 25.13
N VAL B 46 -3.56 11.13 25.60
CA VAL B 46 -2.72 10.22 24.84
C VAL B 46 -3.44 8.91 24.58
N TYR B 47 -3.97 8.31 25.65
CA TYR B 47 -4.81 7.13 25.57
C TYR B 47 -5.92 7.23 26.61
N THR B 48 -6.99 6.49 26.39
CA THR B 48 -8.09 6.38 27.34
C THR B 48 -8.24 4.91 27.73
N VAL B 49 -8.06 4.61 29.01
CA VAL B 49 -8.17 3.24 29.52
C VAL B 49 -9.57 3.08 30.11
N LYS B 50 -10.41 2.31 29.42
CA LYS B 50 -11.77 2.05 29.87
C LYS B 50 -11.76 0.82 30.78
N LEU B 51 -12.05 1.03 32.06
CA LEU B 51 -12.09 -0.05 33.03
C LEU B 51 -13.51 -0.65 33.07
N ALA B 52 -13.58 -1.97 32.97
CA ALA B 52 -14.86 -2.68 33.02
C ALA B 52 -14.96 -3.44 34.33
N ILE B 53 -15.97 -3.11 35.12
CA ILE B 53 -16.21 -3.72 36.43
C ILE B 53 -17.39 -4.67 36.30
N PRO B 54 -17.29 -5.90 36.81
CA PRO B 54 -18.38 -6.87 36.64
C PRO B 54 -19.58 -6.51 37.49
N ALA B 55 -20.76 -6.68 36.91
CA ALA B 55 -22.01 -6.32 37.57
C ALA B 55 -22.22 -7.16 38.83
N GLY B 56 -22.63 -6.49 39.91
CA GLY B 56 -22.93 -7.16 41.16
C GLY B 56 -21.75 -7.82 41.84
N SER B 57 -20.54 -7.61 41.37
CA SER B 57 -19.36 -8.20 42.00
C SER B 57 -19.13 -7.57 43.36
N PRO B 58 -18.40 -8.27 44.24
CA PRO B 58 -18.17 -7.73 45.60
C PRO B 58 -17.61 -6.31 45.62
N VAL B 59 -16.86 -5.92 44.59
CA VAL B 59 -16.25 -4.59 44.59
C VAL B 59 -17.23 -3.48 44.26
N THR B 60 -18.43 -3.82 43.77
CA THR B 60 -19.42 -2.79 43.47
C THR B 60 -20.10 -2.23 44.70
N ARG B 61 -19.92 -2.84 45.88
CA ARG B 61 -20.54 -2.34 47.10
C ARG B 61 -19.74 -1.13 47.60
N ASP B 62 -20.31 0.07 47.44
CA ASP B 62 -19.64 1.32 47.77
C ASP B 62 -18.26 1.38 47.10
N GLY B 63 -18.20 0.93 45.85
CA GLY B 63 -16.94 0.72 45.18
C GLY B 63 -16.37 2.02 44.64
N LEU B 64 -15.07 2.18 44.82
CA LEU B 64 -14.36 3.33 44.29
C LEU B 64 -13.13 2.85 43.53
N ILE B 65 -12.79 3.58 42.47
CA ILE B 65 -11.53 3.36 41.75
C ILE B 65 -10.57 4.46 42.13
N TRP B 66 -9.35 4.07 42.51
CA TRP B 66 -8.32 5.01 42.93
C TRP B 66 -7.12 4.84 42.02
N THR B 67 -6.67 5.94 41.41
CA THR B 67 -5.55 5.91 40.50
C THR B 67 -4.72 7.17 40.69
N ASN B 68 -3.41 7.04 40.56
CA ASN B 68 -2.51 8.17 40.58
C ASN B 68 -2.39 8.83 39.20
N CYS B 69 -3.30 8.52 38.30
CA CYS B 69 -3.36 9.18 37.01
C CYS B 69 -3.91 10.58 37.19
N PRO B 70 -3.12 11.63 36.96
CA PRO B 70 -3.64 13.00 37.11
C PRO B 70 -4.91 13.22 36.31
N PRO B 71 -5.90 13.89 36.90
CA PRO B 71 -7.16 14.12 36.19
C PRO B 71 -7.09 15.22 35.15
N ASP B 72 -6.00 15.99 35.08
CA ASP B 72 -5.85 17.03 34.09
C ASP B 72 -4.42 17.05 33.59
N PHE B 73 -4.23 17.58 32.37
CA PHE B 73 -2.89 17.80 31.86
C PHE B 73 -2.15 18.84 32.70
N SER B 74 -2.88 19.85 33.20
CA SER B 74 -2.27 20.86 34.05
C SER B 74 -1.75 20.26 35.35
N THR B 75 -2.54 19.36 35.96
CA THR B 75 -2.09 18.70 37.19
C THR B 75 -0.85 17.87 36.92
N GLN B 76 0.15 18.01 37.79
CA GLN B 76 1.34 17.19 37.68
C GLN B 76 1.08 15.82 38.30
N PHE B 77 2.02 14.91 38.08
CA PHE B 77 1.89 13.53 38.53
C PHE B 77 2.62 13.34 39.86
N ASP B 78 1.89 12.87 40.87
CA ASP B 78 2.46 12.46 42.14
C ASP B 78 2.15 10.98 42.32
N ARG B 79 3.20 10.17 42.54
CA ARG B 79 3.00 8.74 42.74
C ARG B 79 2.05 8.47 43.90
N GLU B 80 2.05 9.32 44.92
CA GLU B 80 1.31 9.04 46.15
C GLU B 80 -0.04 9.74 46.21
N LYS B 81 -0.33 10.64 45.26
CA LYS B 81 -1.63 11.29 45.19
C LYS B 81 -2.55 10.48 44.28
N PHE B 82 -3.63 9.96 44.84
CA PHE B 82 -4.61 9.17 44.10
C PHE B 82 -5.94 9.90 44.04
N TYR B 83 -6.71 9.60 43.00
CA TYR B 83 -7.94 10.31 42.71
C TYR B 83 -9.11 9.33 42.68
N LYS B 84 -10.27 9.79 43.13
CA LYS B 84 -11.43 8.94 43.34
C LYS B 84 -12.33 8.92 42.10
N LYS B 85 -12.81 7.73 41.75
CA LYS B 85 -13.83 7.58 40.72
C LYS B 85 -14.88 6.58 41.20
N ILE B 86 -16.15 6.99 41.18
CA ILE B 86 -17.23 6.20 41.76
C ILE B 86 -17.64 5.10 40.79
N ILE B 87 -17.95 3.93 41.34
CA ILE B 87 -18.34 2.75 40.58
C ILE B 87 -19.86 2.65 40.55
N LYS B 88 -20.43 2.65 39.35
CA LYS B 88 -21.87 2.62 39.16
C LYS B 88 -22.37 1.20 39.38
N THR B 89 -23.03 0.96 40.51
CA THR B 89 -23.46 -0.37 40.90
C THR B 89 -24.74 -0.75 40.16
N SER B 90 -24.71 -1.89 39.45
CA SER B 90 -25.92 -2.50 38.93
C SER B 90 -25.77 -4.02 38.99
N PHE B 91 -26.88 -4.71 39.19
CA PHE B 91 -26.87 -6.16 39.21
C PHE B 91 -26.96 -6.76 37.82
N HIS B 92 -27.45 -6.01 36.84
CA HIS B 92 -27.60 -6.48 35.47
C HIS B 92 -26.55 -5.92 34.52
N GLU B 93 -26.16 -4.66 34.71
CA GLU B 93 -25.28 -3.96 33.79
C GLU B 93 -23.92 -3.72 34.42
N ASP B 94 -22.86 -3.95 33.65
CA ASP B 94 -21.52 -3.62 34.11
C ASP B 94 -21.32 -2.11 34.12
N ASP B 95 -20.33 -1.67 34.90
CA ASP B 95 -19.93 -0.28 34.91
C ASP B 95 -18.63 -0.11 34.14
N HIS B 96 -18.50 1.03 33.48
CA HIS B 96 -17.31 1.39 32.72
C HIS B 96 -16.79 2.73 33.20
N ILE B 97 -15.47 2.83 33.38
CA ILE B 97 -14.87 4.02 33.96
C ILE B 97 -13.63 4.40 33.15
N ASP B 98 -13.76 5.44 32.33
CA ASP B 98 -12.64 5.89 31.51
C ASP B 98 -11.56 6.53 32.38
N LEU B 99 -10.31 6.31 31.99
CA LEU B 99 -9.15 6.95 32.62
C LEU B 99 -8.39 7.70 31.53
N ASP B 100 -8.66 9.00 31.40
CA ASP B 100 -7.95 9.81 30.42
C ASP B 100 -6.50 9.99 30.85
N ILE B 101 -5.57 9.73 29.92
CA ILE B 101 -4.15 9.83 30.18
C ILE B 101 -3.58 10.88 29.24
N TYR B 102 -2.82 11.83 29.79
CA TYR B 102 -2.33 12.97 29.03
C TYR B 102 -0.81 13.00 28.85
N VAL B 103 -0.07 12.21 29.62
CA VAL B 103 1.39 12.26 29.58
C VAL B 103 1.93 10.85 29.75
N PRO B 104 2.97 10.47 29.01
CA PRO B 104 3.56 9.13 29.18
C PRO B 104 4.09 8.92 30.59
N GLY B 105 4.25 7.67 30.96
CA GLY B 105 4.82 7.30 32.24
C GLY B 105 4.19 6.03 32.77
N THR B 106 4.40 5.81 34.06
CA THR B 106 3.86 4.63 34.75
C THR B 106 2.73 5.07 35.67
N TYR B 107 1.55 4.47 35.47
CA TYR B 107 0.38 4.74 36.28
C TYR B 107 -0.11 3.44 36.92
N CYS B 108 -0.89 3.57 37.98
CA CYS B 108 -1.44 2.40 38.66
C CYS B 108 -2.81 2.74 39.22
N PHE B 109 -3.55 1.70 39.57
CA PHE B 109 -4.91 1.87 40.08
C PHE B 109 -5.24 0.70 41.00
N TYR B 110 -6.02 0.98 42.04
CA TYR B 110 -6.57 -0.05 42.90
C TYR B 110 -8.03 0.27 43.14
N LEU B 111 -8.73 -0.64 43.82
CA LEU B 111 -10.14 -0.47 44.13
C LEU B 111 -10.35 -0.49 45.64
N SER B 112 -11.31 0.29 46.10
CA SER B 112 -11.77 0.27 47.48
C SER B 112 -13.26 -0.02 47.47
N PHE B 113 -13.68 -0.93 48.35
CA PHE B 113 -15.07 -1.35 48.44
C PHE B 113 -15.39 -1.67 49.88
N LYS B 114 -16.67 -1.87 50.17
CA LYS B 114 -17.10 -2.17 51.52
C LYS B 114 -17.09 -3.66 51.77
N ASN B 115 -16.46 -4.07 52.87
CA ASN B 115 -16.27 -5.46 53.22
C ASN B 115 -17.60 -6.16 53.47
N ASP B 116 -17.56 -7.46 53.74
CA ASP B 116 -18.74 -8.14 54.24
C ASP B 116 -18.94 -7.91 55.73
N LYS B 117 -17.95 -7.35 56.41
CA LYS B 117 -18.08 -6.84 57.77
C LYS B 117 -18.33 -5.33 57.78
N ASP B 118 -18.76 -4.76 56.65
CA ASP B 118 -18.95 -3.32 56.48
C ASP B 118 -17.67 -2.53 56.73
N GLU B 119 -16.51 -3.18 56.56
CA GLU B 119 -15.23 -2.50 56.65
C GLU B 119 -14.80 -2.04 55.25
N LEU B 120 -13.73 -1.26 55.21
CA LEU B 120 -13.16 -0.80 53.95
C LEU B 120 -12.01 -1.72 53.58
N GLU B 121 -12.14 -2.39 52.44
CA GLU B 121 -11.10 -3.29 51.95
C GLU B 121 -10.51 -2.73 50.66
N THR B 122 -9.28 -3.13 50.38
CA THR B 122 -8.53 -2.56 49.26
C THR B 122 -7.81 -3.65 48.50
N THR B 123 -7.97 -3.64 47.18
CA THR B 123 -7.29 -4.60 46.32
C THR B 123 -5.82 -4.19 46.14
N ARG B 124 -5.08 -4.99 45.38
CA ARG B 124 -3.70 -4.68 45.09
C ARG B 124 -3.61 -3.52 44.09
N LYS B 125 -2.49 -2.81 44.14
CA LYS B 125 -2.21 -1.82 43.10
C LYS B 125 -1.85 -2.54 41.80
N PHE B 126 -2.47 -2.11 40.70
CA PHE B 126 -2.21 -2.66 39.38
C PHE B 126 -1.73 -1.55 38.45
N TYR B 127 -0.55 -1.75 37.88
CA TYR B 127 0.15 -0.74 37.09
C TYR B 127 -0.05 -0.98 35.59
N PHE B 128 -0.12 0.13 34.85
CA PHE B 128 -0.06 0.09 33.39
C PHE B 128 0.87 1.21 32.93
N VAL B 129 1.56 0.98 31.81
CA VAL B 129 2.63 1.84 31.35
C VAL B 129 2.23 2.49 30.03
N VAL B 130 2.53 3.78 29.91
CA VAL B 130 2.37 4.52 28.66
C VAL B 130 3.77 4.83 28.13
N LEU B 131 4.12 4.25 26.99
CA LEU B 131 5.43 4.44 26.42
C LEU B 131 5.61 5.89 25.95
N PRO B 132 6.85 6.39 25.95
CA PRO B 132 7.10 7.73 25.40
C PRO B 132 6.89 7.75 23.88
N ILE B 133 6.96 8.95 23.32
CA ILE B 133 6.78 9.18 21.89
C ILE B 133 8.09 9.81 21.39
N LEU B 134 8.96 8.99 20.81
CA LEU B 134 10.28 9.42 20.38
C LEU B 134 10.21 9.90 18.92
N SER B 135 10.33 11.21 18.73
CA SER B 135 10.55 11.79 17.41
C SER B 135 11.98 12.32 17.34
N VAL B 136 12.52 12.39 16.13
CA VAL B 136 13.89 12.83 15.92
C VAL B 136 13.95 14.21 15.26
N ASN B 137 13.16 14.42 14.21
CA ASN B 137 12.91 15.71 13.58
C ASN B 137 11.47 15.63 13.05
N ASP B 138 10.53 15.38 13.96
CA ASP B 138 9.13 15.18 13.65
C ASP B 138 8.93 13.93 12.79
N LYS B 139 9.94 13.07 12.80
CA LYS B 139 9.88 11.72 12.23
C LYS B 139 9.70 10.77 13.40
N PHE B 140 8.51 10.20 13.52
CA PHE B 140 8.24 9.33 14.64
C PHE B 140 9.12 8.10 14.58
N ILE B 141 9.65 7.69 15.72
CA ILE B 141 10.49 6.50 15.83
C ILE B 141 9.73 5.49 16.67
N PRO B 142 9.25 4.39 16.08
CA PRO B 142 8.68 3.32 16.90
C PRO B 142 9.74 2.70 17.78
N LEU B 143 9.34 2.34 19.01
CA LEU B 143 10.29 1.79 19.97
C LEU B 143 10.92 0.50 19.47
N ASN B 144 10.30 -0.18 18.52
CA ASN B 144 10.82 -1.43 17.96
C ASN B 144 11.74 -1.22 16.77
N SER B 145 11.97 0.03 16.35
CA SER B 145 12.90 0.31 15.26
C SER B 145 14.17 1.02 15.74
N ILE B 146 14.41 1.06 17.04
CA ILE B 146 15.57 1.78 17.57
C ILE B 146 16.84 0.96 17.35
N ALA B 147 17.87 1.62 16.81
CA ALA B 147 19.22 1.07 16.72
C ALA B 147 20.14 1.99 17.51
N MET B 148 20.63 1.52 18.66
CA MET B 148 21.37 2.34 19.59
C MET B 148 22.86 2.01 19.53
N GLN B 149 23.70 3.05 19.51
CA GLN B 149 25.15 2.90 19.52
C GLN B 149 25.70 3.28 20.88
N SER B 150 26.37 2.34 21.54
CA SER B 150 27.09 2.65 22.77
C SER B 150 28.50 3.12 22.42
N VAL B 151 28.88 4.28 22.97
CA VAL B 151 30.20 4.86 22.75
C VAL B 151 30.71 5.36 24.10
N VAL B 152 31.96 5.07 24.40
CA VAL B 152 32.59 5.56 25.63
C VAL B 152 33.33 6.85 25.31
N SER B 153 33.07 7.91 26.08
CA SER B 153 33.54 9.23 25.70
C SER B 153 35.05 9.36 25.87
N LYS B 154 35.61 8.77 26.93
CA LYS B 154 37.04 8.89 27.17
C LYS B 154 37.89 8.17 26.12
N TRP B 155 37.25 7.52 25.16
CA TRP B 155 37.93 6.87 24.04
C TRP B 155 37.58 7.52 22.72
N MET B 156 36.88 8.65 22.74
CA MET B 156 36.47 9.37 21.54
C MET B 156 37.36 10.58 21.26
N GLY B 157 38.56 10.61 21.82
CA GLY B 157 39.45 11.74 21.70
C GLY B 157 39.15 12.81 22.72
N PRO B 158 39.96 13.87 22.72
CA PRO B 158 39.87 14.90 23.77
C PRO B 158 39.05 16.13 23.42
N THR B 159 38.50 16.21 22.20
CA THR B 159 37.82 17.42 21.76
C THR B 159 36.39 17.09 21.34
N ILE B 160 35.51 18.09 21.48
CA ILE B 160 34.16 17.99 20.93
C ILE B 160 34.24 17.75 19.42
N LYS B 161 35.14 18.46 18.74
CA LYS B 161 35.32 18.25 17.31
C LYS B 161 35.76 16.81 17.02
N ASP B 162 36.60 16.24 17.90
CA ASP B 162 36.98 14.84 17.77
C ASP B 162 35.86 13.88 18.15
N TRP B 163 34.76 14.37 18.70
CA TRP B 163 33.60 13.52 18.99
C TRP B 163 32.64 13.45 17.82
N GLU B 164 32.44 14.57 17.12
CA GLU B 164 31.55 14.58 15.97
C GLU B 164 32.09 13.74 14.82
N LYS B 165 33.37 13.36 14.86
CA LYS B 165 33.86 12.37 13.90
C LYS B 165 33.23 11.01 14.15
N VAL B 166 33.04 10.66 15.43
CA VAL B 166 32.39 9.40 15.76
C VAL B 166 30.90 9.45 15.44
N PHE B 167 30.28 10.61 15.68
CA PHE B 167 28.86 10.78 15.38
C PHE B 167 28.58 10.54 13.90
N ALA B 168 29.39 11.12 13.02
CA ALA B 168 29.18 10.94 11.59
C ALA B 168 29.45 9.50 11.14
N ARG B 169 30.38 8.81 11.80
CA ARG B 169 30.62 7.41 11.46
C ARG B 169 29.44 6.53 11.81
N VAL B 170 28.85 6.73 12.99
CA VAL B 170 27.71 5.90 13.37
C VAL B 170 26.47 6.32 12.59
N ALA B 171 26.33 7.60 12.28
CA ALA B 171 25.20 8.05 11.46
C ALA B 171 25.27 7.49 10.05
N SER B 172 26.48 7.18 9.56
CA SER B 172 26.61 6.49 8.28
C SER B 172 26.12 5.05 8.39
N LYS B 173 26.47 4.38 9.48
CA LYS B 173 25.97 3.04 9.79
C LYS B 173 24.49 3.06 10.16
N LYS B 174 23.86 4.24 10.13
CA LYS B 174 22.40 4.40 10.20
C LYS B 174 21.81 4.01 11.55
N TYR B 175 22.57 4.15 12.62
CA TYR B 175 21.94 4.15 13.93
C TYR B 175 21.10 5.42 14.09
N ASN B 176 20.10 5.34 14.95
CA ASN B 176 19.23 6.49 15.22
C ASN B 176 19.25 6.89 16.68
N MET B 177 20.16 6.32 17.48
CA MET B 177 20.27 6.67 18.88
C MET B 177 21.66 6.30 19.37
N ILE B 178 22.24 7.15 20.21
CA ILE B 178 23.57 6.94 20.76
C ILE B 178 23.47 6.82 22.27
N HIS B 179 24.08 5.78 22.82
CA HIS B 179 24.16 5.58 24.26
C HIS B 179 25.49 6.13 24.74
N PHE B 180 25.42 7.08 25.68
CA PHE B 180 26.59 7.78 26.21
C PHE B 180 26.91 7.25 27.60
N THR B 181 28.09 6.64 27.75
CA THR B 181 28.61 6.36 29.08
C THR B 181 28.78 7.68 29.83
N PRO B 182 28.63 7.68 31.16
CA PRO B 182 28.45 8.94 31.90
C PRO B 182 29.47 10.01 31.53
N LEU B 183 28.96 11.22 31.26
CA LEU B 183 29.79 12.30 30.76
C LEU B 183 30.27 13.26 31.85
N GLN B 184 30.28 12.84 33.11
CA GLN B 184 30.71 13.71 34.19
C GLN B 184 32.16 13.44 34.57
N HIS B 185 32.71 14.37 35.34
CA HIS B 185 34.06 14.27 35.88
C HIS B 185 34.25 12.95 36.61
N ARG B 186 35.23 12.16 36.17
CA ARG B 186 35.45 10.82 36.71
C ARG B 186 36.36 10.89 37.95
N GLY B 187 36.27 9.85 38.78
CA GLY B 187 37.02 9.77 40.01
C GLY B 187 38.45 9.34 39.80
N GLU B 188 39.05 8.80 40.87
CA GLU B 188 40.47 8.42 40.86
C GLU B 188 40.81 7.47 39.71
N SER B 189 40.19 6.28 39.72
CA SER B 189 40.57 5.23 38.79
C SER B 189 40.08 5.47 37.37
N ASN B 190 39.45 6.61 37.09
CA ASN B 190 39.09 7.07 35.75
C ASN B 190 38.03 6.22 35.09
N SER B 191 37.41 5.28 35.81
CA SER B 191 36.28 4.54 35.25
C SER B 191 35.09 5.47 35.03
N PRO B 192 34.38 5.32 33.91
CA PRO B 192 33.26 6.24 33.63
C PRO B 192 32.09 6.13 34.59
N TYR B 193 32.00 5.05 35.37
CA TYR B 193 30.86 4.85 36.26
C TYR B 193 31.15 5.29 37.69
N SER B 194 32.42 5.37 38.09
CA SER B 194 32.79 6.01 39.35
C SER B 194 32.87 7.51 39.10
N ILE B 195 31.85 8.24 39.54
CA ILE B 195 31.69 9.65 39.19
C ILE B 195 32.26 10.51 40.31
N TYR B 196 33.21 11.37 39.97
CA TYR B 196 33.72 12.39 40.87
C TYR B 196 32.58 13.32 41.28
N ASP B 197 32.05 14.08 40.32
CA ASP B 197 30.95 15.01 40.58
C ASP B 197 29.83 14.69 39.60
N GLN B 198 28.65 14.36 40.13
CA GLN B 198 27.50 14.09 39.29
C GLN B 198 26.84 15.36 38.74
N LEU B 199 27.24 16.55 39.20
CA LEU B 199 26.49 17.76 38.92
C LEU B 199 27.16 18.68 37.90
N GLU B 200 28.33 18.32 37.39
CA GLU B 200 28.88 19.00 36.22
C GLU B 200 29.69 18.01 35.40
N PHE B 201 29.85 18.31 34.11
CA PHE B 201 30.40 17.36 33.15
C PHE B 201 31.92 17.42 33.11
N ASP B 202 32.50 16.53 32.31
CA ASP B 202 33.93 16.38 32.09
C ASP B 202 34.54 17.71 31.65
N PRO B 203 35.33 18.37 32.51
CA PRO B 203 35.93 19.66 32.11
C PRO B 203 36.97 19.55 31.02
N THR B 204 37.60 18.38 30.84
CA THR B 204 38.59 18.22 29.79
C THR B 204 38.01 18.44 28.40
N VAL B 205 36.68 18.33 28.24
CA VAL B 205 36.05 18.41 26.92
C VAL B 205 34.97 19.49 26.94
N PHE B 206 34.22 19.58 28.04
CA PHE B 206 33.07 20.47 28.15
C PHE B 206 33.38 21.63 29.08
N LYS B 207 32.60 22.70 28.93
CA LYS B 207 32.68 23.87 29.78
C LYS B 207 31.42 24.11 30.60
N SER B 208 30.25 24.08 29.96
CA SER B 208 28.99 24.31 30.66
C SER B 208 27.98 23.23 30.27
N GLU B 209 26.84 23.27 30.97
CA GLU B 209 25.70 22.45 30.60
C GLU B 209 25.23 22.78 29.19
N LYS B 210 25.30 24.04 28.80
CA LYS B 210 24.90 24.44 27.45
C LYS B 210 25.76 23.79 26.38
N GLU B 211 27.04 23.55 26.67
CA GLU B 211 27.93 22.98 25.67
C GLU B 211 27.58 21.54 25.34
N VAL B 212 27.10 20.77 26.32
CA VAL B 212 26.70 19.39 26.04
C VAL B 212 25.28 19.35 25.46
N ALA B 213 24.37 20.18 25.98
CA ALA B 213 23.02 20.23 25.42
C ALA B 213 23.03 20.66 23.96
N ASP B 214 23.97 21.53 23.56
CA ASP B 214 24.04 21.93 22.16
C ASP B 214 24.62 20.82 21.29
N MET B 215 25.62 20.10 21.79
CA MET B 215 26.16 18.96 21.07
C MET B 215 25.10 17.88 20.90
N VAL B 216 24.34 17.60 21.95
CA VAL B 216 23.28 16.60 21.86
C VAL B 216 22.21 17.06 20.87
N GLU B 217 21.86 18.34 20.89
CA GLU B 217 20.94 18.87 19.91
C GLU B 217 21.55 18.87 18.51
N ARG B 218 22.87 19.09 18.41
CA ARG B 218 23.53 19.01 17.11
C ARG B 218 23.44 17.60 16.54
N LEU B 219 23.55 16.58 17.41
CA LEU B 219 23.31 15.21 16.98
C LEU B 219 21.88 15.04 16.46
N ARG B 220 20.94 15.73 17.08
CA ARG B 220 19.53 15.55 16.75
C ARG B 220 19.19 16.13 15.37
N THR B 221 19.81 17.24 15.00
CA THR B 221 19.43 17.96 13.78
C THR B 221 20.31 17.66 12.58
N GLU B 222 21.61 17.43 12.77
CA GLU B 222 22.50 17.19 11.63
C GLU B 222 22.60 15.72 11.25
N HIS B 223 22.34 14.78 12.18
CA HIS B 223 22.47 13.37 11.90
C HIS B 223 21.21 12.57 12.20
N ASN B 224 20.13 13.22 12.61
CA ASN B 224 18.88 12.55 12.96
C ASN B 224 19.11 11.41 13.96
N ILE B 225 19.82 11.72 15.03
CA ILE B 225 20.18 10.75 16.05
C ILE B 225 19.77 11.30 17.41
N LEU B 226 19.15 10.46 18.22
CA LEU B 226 18.77 10.80 19.59
C LEU B 226 19.84 10.33 20.57
N SER B 227 19.88 10.96 21.73
CA SER B 227 20.93 10.70 22.71
C SER B 227 20.32 10.28 24.04
N LEU B 228 20.96 9.30 24.68
CA LEU B 228 20.65 8.93 26.05
C LEU B 228 21.95 8.57 26.77
N THR B 229 21.94 8.72 28.08
CA THR B 229 23.13 8.52 28.90
C THR B 229 22.90 7.45 29.95
N ASP B 230 23.98 6.78 30.35
CA ASP B 230 23.97 6.01 31.58
C ASP B 230 23.61 6.91 32.76
N ILE B 231 23.02 6.29 33.78
CA ILE B 231 22.76 6.97 35.05
C ILE B 231 23.11 6.00 36.17
N VAL B 232 24.02 6.39 37.04
CA VAL B 232 24.47 5.56 38.15
C VAL B 232 23.80 6.05 39.42
N PHE B 233 23.08 5.16 40.09
CA PHE B 233 22.40 5.44 41.35
C PHE B 233 23.07 4.78 42.54
N ASN B 234 23.72 3.64 42.34
CA ASN B 234 24.16 2.78 43.43
C ASN B 234 25.45 3.25 44.10
N HIS B 235 26.17 4.20 43.52
CA HIS B 235 27.48 4.53 44.08
C HIS B 235 28.01 5.82 43.47
N THR B 236 29.01 6.39 44.15
CA THR B 236 29.81 7.50 43.66
C THR B 236 31.29 7.14 43.80
N ALA B 237 32.15 7.93 43.18
CA ALA B 237 33.57 7.62 43.17
C ALA B 237 34.17 7.84 44.56
N ASN B 238 35.25 7.10 44.83
CA ASN B 238 35.86 7.08 46.16
C ASN B 238 36.66 8.34 46.47
N ASN B 239 36.42 9.41 45.72
CA ASN B 239 37.15 10.67 45.92
C ASN B 239 36.29 11.85 45.50
N SER B 240 35.04 11.85 45.92
CA SER B 240 34.14 12.98 45.63
C SER B 240 34.37 14.09 46.65
N GLN B 241 34.56 15.31 46.13
CA GLN B 241 34.81 16.47 46.99
C GLN B 241 33.67 16.74 47.96
N TRP B 242 32.47 16.21 47.68
CA TRP B 242 31.34 16.35 48.58
C TRP B 242 31.26 15.23 49.62
N LEU B 243 31.97 14.11 49.40
CA LEU B 243 32.05 13.09 50.42
C LEU B 243 32.64 13.62 51.73
N LEU B 244 33.51 14.63 51.64
CA LEU B 244 34.09 15.23 52.84
C LEU B 244 33.05 16.09 53.56
N ASP B 245 32.24 16.83 52.81
CA ASP B 245 31.19 17.64 53.41
C ASP B 245 29.98 16.82 53.84
N HIS B 246 29.81 15.62 53.29
CA HIS B 246 28.64 14.79 53.60
C HIS B 246 29.06 13.33 53.59
N PRO B 247 29.54 12.82 54.72
CA PRO B 247 29.87 11.39 54.79
C PRO B 247 28.66 10.51 55.13
N GLU B 248 27.53 11.10 55.53
CA GLU B 248 26.36 10.32 55.90
C GLU B 248 25.62 9.76 54.69
N ALA B 249 25.89 10.26 53.48
CA ALA B 249 25.25 9.73 52.29
C ALA B 249 25.67 8.28 52.02
N GLY B 250 26.73 7.81 52.67
CA GLY B 250 27.12 6.43 52.62
C GLY B 250 26.72 5.67 53.87
N TYR B 251 27.33 4.49 54.05
CA TYR B 251 27.12 3.67 55.24
C TYR B 251 28.30 3.89 56.19
N ASN B 252 28.00 4.48 57.35
CA ASN B 252 29.01 4.80 58.35
C ASN B 252 28.88 3.90 59.56
N HIS B 253 29.85 4.04 60.46
CA HIS B 253 29.70 3.51 61.81
C HIS B 253 28.53 4.17 62.52
N LYS B 254 28.19 5.39 62.11
CA LYS B 254 27.06 6.13 62.66
C LYS B 254 25.74 5.71 61.99
N THR B 255 25.72 5.71 60.66
CA THR B 255 24.47 5.46 59.93
C THR B 255 24.10 3.98 59.95
N SER B 256 25.08 3.10 59.69
CA SER B 256 24.87 1.66 59.63
C SER B 256 25.80 1.01 60.66
N PRO B 257 25.39 0.95 61.93
CA PRO B 257 26.31 0.47 62.97
C PRO B 257 26.73 -0.98 62.79
N HIS B 258 25.93 -1.81 62.12
CA HIS B 258 26.27 -3.23 61.99
C HIS B 258 27.62 -3.44 61.30
N LEU B 259 28.12 -2.46 60.56
CA LEU B 259 29.39 -2.59 59.87
C LEU B 259 30.59 -2.24 60.73
N ILE B 260 30.39 -1.81 61.98
CA ILE B 260 31.52 -1.54 62.86
C ILE B 260 32.35 -2.81 63.04
N SER B 261 31.66 -3.93 63.32
CA SER B 261 32.34 -5.23 63.35
C SER B 261 33.04 -5.53 62.03
N ALA B 262 32.54 -4.98 60.92
CA ALA B 262 33.13 -5.19 59.61
C ALA B 262 34.27 -4.21 59.32
N ILE B 263 34.23 -3.01 59.90
CA ILE B 263 35.32 -2.05 59.70
C ILE B 263 36.61 -2.56 60.31
N GLU B 264 36.55 -2.92 61.60
CA GLU B 264 37.73 -3.41 62.32
C GLU B 264 38.25 -4.73 61.77
N LEU B 265 37.54 -5.34 60.82
CA LEU B 265 38.07 -6.50 60.14
C LEU B 265 38.92 -6.14 58.94
N ASP B 266 38.64 -5.00 58.31
CA ASP B 266 39.50 -4.50 57.23
C ASP B 266 40.67 -3.70 57.77
N LYS B 267 40.45 -2.93 58.84
CA LYS B 267 41.53 -2.18 59.47
C LYS B 267 42.50 -3.09 60.22
N LYS B 268 42.06 -4.27 60.65
CA LYS B 268 42.98 -5.25 61.20
C LYS B 268 43.72 -5.99 60.10
N LEU B 269 43.55 -5.56 58.86
CA LEU B 269 44.27 -6.06 57.71
C LEU B 269 45.16 -4.99 57.09
N LEU B 270 44.71 -3.73 57.09
CA LEU B 270 45.61 -2.63 56.79
C LEU B 270 46.67 -2.46 57.87
N ASP B 271 46.30 -2.74 59.13
CA ASP B 271 47.22 -2.74 60.26
C ASP B 271 47.89 -4.09 60.45
N PHE B 272 47.79 -4.96 59.46
CA PHE B 272 48.51 -6.24 59.47
C PHE B 272 49.12 -6.60 58.12
N SER B 273 48.85 -5.81 57.06
CA SER B 273 49.31 -6.05 55.70
C SER B 273 50.83 -6.06 55.54
N GLU B 274 51.48 -4.89 55.49
CA GLU B 274 52.93 -4.85 55.29
C GLU B 274 53.71 -5.20 56.55
N GLN B 275 53.17 -4.92 57.74
CA GLN B 275 53.80 -5.25 59.01
C GLN B 275 54.47 -6.62 59.03
N MET B 276 53.68 -7.66 59.24
CA MET B 276 54.21 -9.02 59.29
C MET B 276 54.75 -9.53 57.96
N GLU B 277 54.88 -8.73 56.89
CA GLU B 277 55.55 -9.19 55.68
C GLU B 277 56.91 -9.77 56.03
N ALA B 278 57.57 -9.17 57.04
CA ALA B 278 58.82 -9.70 57.56
C ALA B 278 58.65 -11.18 57.89
N LEU B 279 57.59 -11.52 58.63
CA LEU B 279 57.33 -12.91 58.98
C LEU B 279 56.36 -13.55 57.98
N GLY B 280 55.09 -13.17 58.04
CA GLY B 280 54.09 -13.62 57.07
C GLY B 280 54.61 -13.67 55.64
N TYR B 281 55.06 -14.85 55.24
CA TYR B 281 55.83 -15.00 54.00
C TYR B 281 55.03 -14.54 52.80
N PRO B 282 55.66 -13.90 51.81
CA PRO B 282 54.91 -13.22 50.75
C PRO B 282 55.03 -13.90 49.40
N VAL B 283 54.43 -13.30 48.38
CA VAL B 283 54.40 -13.89 47.05
C VAL B 283 55.03 -12.95 46.03
N VAL B 288 54.95 -19.74 47.10
CA VAL B 288 53.81 -18.95 46.66
C VAL B 288 52.62 -19.85 46.34
N ASP B 289 52.85 -20.79 45.42
CA ASP B 289 51.79 -21.75 45.08
C ASP B 289 51.37 -22.56 46.29
N ASP B 290 52.34 -22.91 47.15
CA ASP B 290 52.03 -23.57 48.42
C ASP B 290 51.76 -22.58 49.54
N LEU B 291 52.48 -21.45 49.56
CA LEU B 291 52.33 -20.43 50.60
C LEU B 291 50.87 -20.09 50.87
N ILE B 292 50.34 -20.65 51.96
CA ILE B 292 48.96 -20.45 52.36
C ILE B 292 48.90 -20.61 53.88
N LYS B 293 49.94 -21.24 54.45
CA LYS B 293 50.08 -21.41 55.89
C LYS B 293 50.13 -20.07 56.62
N VAL B 294 50.28 -18.97 55.88
CA VAL B 294 50.15 -17.62 56.41
C VAL B 294 48.76 -17.39 57.00
N MET B 295 47.81 -18.27 56.71
CA MET B 295 46.48 -18.19 57.32
C MET B 295 46.55 -18.36 58.83
N ASP B 296 47.48 -19.18 59.33
CA ASP B 296 47.68 -19.31 60.77
C ASP B 296 48.17 -18.01 61.37
N GLY B 297 48.85 -17.17 60.59
CA GLY B 297 49.20 -15.85 61.07
C GLY B 297 48.02 -14.91 61.09
N ILE B 298 47.12 -15.05 60.12
CA ILE B 298 45.87 -14.29 60.09
C ILE B 298 45.10 -14.51 61.37
N LYS B 299 44.65 -15.77 61.59
CA LYS B 299 43.85 -16.19 62.74
C LYS B 299 44.28 -15.55 64.06
N GLU B 300 45.59 -15.36 64.26
CA GLU B 300 46.07 -14.85 65.54
C GLU B 300 45.84 -13.35 65.63
N HIS B 301 46.45 -12.59 64.72
CA HIS B 301 46.41 -11.14 64.78
C HIS B 301 45.01 -10.56 64.59
N VAL B 302 44.11 -11.29 63.94
CA VAL B 302 42.82 -10.73 63.54
C VAL B 302 41.75 -10.93 64.62
N ILE B 303 41.79 -12.08 65.33
CA ILE B 303 40.71 -12.37 66.27
C ILE B 303 40.66 -11.32 67.38
N GLY B 304 41.82 -10.92 67.91
CA GLY B 304 41.90 -9.91 68.94
C GLY B 304 41.10 -10.19 70.20
N TRP B 309 34.18 -12.87 69.81
CA TRP B 309 34.27 -11.51 69.30
C TRP B 309 33.25 -10.59 69.96
N GLU B 310 33.36 -10.42 71.27
CA GLU B 310 32.45 -9.60 72.08
C GLU B 310 31.03 -9.51 71.54
N PHE B 311 30.88 -8.81 70.41
CA PHE B 311 29.62 -8.55 69.70
C PHE B 311 28.52 -9.59 69.90
N TYR B 312 28.88 -10.87 69.91
CA TYR B 312 27.91 -11.94 70.07
C TYR B 312 27.75 -12.32 71.53
N VAL B 313 28.86 -12.47 72.23
CA VAL B 313 28.84 -12.98 73.59
C VAL B 313 28.37 -11.89 74.54
N VAL B 314 27.76 -12.28 75.64
CA VAL B 314 27.39 -11.38 76.72
C VAL B 314 28.39 -11.58 77.86
N ASP B 315 28.98 -10.49 78.32
CA ASP B 315 29.90 -10.56 79.45
C ASP B 315 29.11 -10.89 80.71
N VAL B 316 29.17 -12.16 81.12
CA VAL B 316 28.42 -12.61 82.29
C VAL B 316 28.93 -11.89 83.53
N LYS B 317 30.25 -11.74 83.65
CA LYS B 317 30.86 -11.17 84.86
C LYS B 317 30.44 -9.72 85.07
N GLN B 318 30.30 -8.94 84.00
CA GLN B 318 29.91 -7.56 84.16
C GLN B 318 28.46 -7.43 84.62
N THR B 319 27.59 -8.31 84.13
CA THR B 319 26.19 -8.26 84.53
C THR B 319 25.99 -8.76 85.95
N VAL B 320 26.68 -9.84 86.32
CA VAL B 320 26.49 -10.41 87.66
C VAL B 320 27.09 -9.49 88.71
N SER B 321 28.26 -8.91 88.43
CA SER B 321 28.84 -7.92 89.34
C SER B 321 27.94 -6.70 89.46
N GLU B 322 27.21 -6.36 88.39
CA GLU B 322 26.21 -5.31 88.48
C GLU B 322 24.91 -5.80 89.12
N LEU B 323 24.59 -7.08 88.92
CA LEU B 323 23.35 -7.63 89.45
C LEU B 323 23.36 -7.60 90.97
N ARG B 324 24.45 -8.05 91.58
CA ARG B 324 24.57 -7.99 93.04
C ARG B 324 24.20 -6.61 93.58
N GLU B 325 24.80 -5.56 93.01
CA GLU B 325 24.47 -4.20 93.40
C GLU B 325 23.02 -3.86 93.05
N LYS B 326 22.61 -4.19 91.83
CA LYS B 326 21.27 -3.82 91.36
C LYS B 326 20.19 -4.69 92.00
N TRP B 327 20.55 -5.89 92.47
CA TRP B 327 19.64 -6.82 93.14
C TRP B 327 18.78 -6.05 94.13
N GLY B 328 19.40 -5.15 94.88
CA GLY B 328 18.71 -4.25 95.78
C GLY B 328 17.88 -3.22 95.05
N ASN B 329 16.84 -3.68 94.36
CA ASN B 329 15.90 -2.83 93.64
C ASN B 329 14.48 -3.33 93.85
N ASN B 337 4.28 -17.20 85.00
CA ASN B 337 4.77 -16.96 83.65
C ASN B 337 6.30 -17.09 83.59
N ILE B 338 6.84 -18.02 84.36
CA ILE B 338 8.29 -18.17 84.50
C ILE B 338 8.67 -19.64 84.30
N PRO B 339 9.64 -19.94 83.43
CA PRO B 339 10.11 -21.31 83.26
C PRO B 339 11.26 -21.67 84.20
N SER B 340 11.57 -22.98 84.24
CA SER B 340 12.65 -23.56 85.02
C SER B 340 13.50 -24.44 84.12
N LYS B 341 14.54 -25.04 84.70
CA LYS B 341 15.34 -26.05 83.99
C LYS B 341 14.67 -27.41 84.04
N SER B 344 16.64 -28.20 79.05
CA SER B 344 18.08 -27.99 79.25
C SER B 344 18.49 -26.57 78.91
N THR B 345 17.55 -25.75 78.44
CA THR B 345 17.87 -24.36 78.12
C THR B 345 16.69 -23.40 78.32
N ASN B 346 15.49 -23.86 77.96
CA ASN B 346 14.23 -23.10 77.90
C ASN B 346 14.23 -21.68 78.47
N LEU B 347 14.43 -21.55 79.79
CA LEU B 347 14.42 -20.25 80.45
C LEU B 347 15.30 -19.23 79.72
N ALA B 348 16.46 -19.67 79.22
CA ALA B 348 17.36 -18.79 78.47
C ALA B 348 16.60 -17.93 77.47
N GLN B 349 15.73 -18.56 76.67
CA GLN B 349 14.91 -17.82 75.73
C GLN B 349 14.03 -16.79 76.43
N PHE B 350 13.42 -17.16 77.56
CA PHE B 350 12.58 -16.21 78.30
C PHE B 350 13.38 -14.96 78.67
N VAL B 351 14.61 -15.14 79.17
CA VAL B 351 15.50 -14.00 79.38
C VAL B 351 15.72 -13.25 78.07
N ARG B 352 16.00 -14.00 76.99
CA ARG B 352 16.17 -13.40 75.68
C ARG B 352 14.91 -12.65 75.23
N ASP B 353 13.73 -13.05 75.72
CA ASP B 353 12.49 -12.42 75.28
C ASP B 353 12.07 -11.25 76.17
N ASN B 354 11.68 -11.52 77.41
CA ASN B 354 11.13 -10.45 78.25
C ASN B 354 12.21 -9.68 78.98
N ALA B 355 13.37 -10.31 79.23
CA ALA B 355 14.42 -9.63 79.96
C ALA B 355 15.56 -9.26 79.03
N THR B 356 15.30 -8.38 78.05
CA THR B 356 16.36 -7.98 77.12
C THR B 356 16.19 -6.52 76.72
N GLU B 357 17.30 -5.78 76.75
CA GLU B 357 17.34 -4.40 76.27
C GLU B 357 17.46 -4.36 74.75
N PRO B 358 17.38 -3.18 74.13
CA PRO B 358 17.41 -3.11 72.66
C PRO B 358 18.76 -3.51 72.08
N GLY B 359 18.70 -4.18 70.93
CA GLY B 359 19.87 -4.56 70.18
C GLY B 359 20.38 -5.96 70.44
N PHE B 360 19.51 -6.91 70.77
CA PHE B 360 19.96 -8.26 71.07
C PHE B 360 20.12 -9.06 69.79
N GLY B 361 21.18 -9.87 69.72
CA GLY B 361 21.43 -10.66 68.53
C GLY B 361 21.94 -9.88 67.34
N SER B 362 21.84 -8.56 67.34
CA SER B 362 22.21 -7.72 66.21
C SER B 362 23.65 -7.26 66.31
N LEU B 363 24.35 -7.29 65.19
CA LEU B 363 25.73 -6.83 65.16
C LEU B 363 25.75 -5.31 65.24
N GLY B 364 26.70 -4.76 65.98
CA GLY B 364 26.76 -3.33 66.17
C GLY B 364 28.06 -2.87 66.78
N GLU B 365 27.98 -2.27 67.97
CA GLU B 365 29.16 -1.93 68.75
C GLU B 365 29.69 -3.17 69.48
N ARG B 366 30.91 -3.04 70.02
CA ARG B 366 31.59 -4.17 70.64
C ARG B 366 30.71 -4.88 71.65
N GLY B 367 29.94 -4.15 72.45
CA GLY B 367 29.11 -4.79 73.45
C GLY B 367 27.62 -4.55 73.29
N SER B 368 27.10 -4.81 72.10
CA SER B 368 25.69 -4.55 71.83
C SER B 368 24.77 -5.61 72.41
N ASN B 369 25.32 -6.69 72.95
CA ASN B 369 24.52 -7.79 73.49
C ASN B 369 24.75 -7.91 75.00
N LYS B 370 23.83 -7.36 75.79
CA LYS B 370 23.87 -7.46 77.25
C LYS B 370 22.44 -7.44 77.76
N ILE B 371 22.27 -7.86 79.02
CA ILE B 371 20.95 -8.16 79.59
C ILE B 371 20.46 -7.00 80.45
N ASN B 372 19.15 -6.72 80.35
CA ASN B 372 18.48 -5.80 81.26
C ASN B 372 18.40 -6.41 82.65
N ILE B 373 19.06 -5.78 83.62
CA ILE B 373 19.29 -6.41 84.91
C ILE B 373 18.09 -6.28 85.84
N ASP B 374 17.41 -5.13 85.82
CA ASP B 374 16.27 -4.93 86.71
C ASP B 374 15.18 -5.96 86.46
N LYS B 375 14.96 -6.35 85.20
CA LYS B 375 14.03 -7.43 84.90
C LYS B 375 14.69 -8.79 85.04
N PHE B 376 16.01 -8.83 85.03
CA PHE B 376 16.73 -10.05 85.33
C PHE B 376 16.62 -10.38 86.82
N ALA B 377 16.50 -9.36 87.67
CA ALA B 377 16.25 -9.62 89.09
C ALA B 377 14.87 -10.24 89.29
N ALA B 378 13.81 -9.56 88.81
CA ALA B 378 12.44 -10.04 89.04
C ALA B 378 12.25 -11.47 88.52
N ILE B 379 12.87 -11.81 87.39
CA ILE B 379 12.80 -13.17 86.89
C ILE B 379 13.50 -14.11 87.84
N LEU B 380 14.70 -13.75 88.30
CA LEU B 380 15.43 -14.60 89.25
C LEU B 380 14.75 -14.62 90.63
N LYS B 381 14.39 -13.44 91.16
CA LYS B 381 13.83 -13.33 92.50
C LYS B 381 12.65 -14.28 92.71
N LYS B 382 11.62 -14.16 91.87
CA LYS B 382 10.43 -14.98 92.05
C LYS B 382 10.70 -16.44 91.73
N LEU B 383 11.44 -16.70 90.64
CA LEU B 383 11.74 -18.08 90.24
C LEU B 383 12.62 -18.78 91.27
N HIS B 384 13.61 -18.08 91.80
CA HIS B 384 14.57 -18.69 92.72
C HIS B 384 14.46 -18.06 94.10
N TYR B 388 19.60 -14.65 98.33
CA TYR B 388 20.19 -14.05 97.13
C TYR B 388 21.44 -14.84 96.72
N ASN B 389 22.47 -14.82 97.57
CA ASN B 389 23.71 -15.55 97.36
C ASN B 389 23.48 -17.05 97.34
N ASN B 390 22.32 -17.51 97.82
CA ASN B 390 22.10 -18.93 98.06
C ASN B 390 22.26 -19.76 96.80
N GLY B 391 21.98 -19.20 95.64
CA GLY B 391 22.33 -19.92 94.44
C GLY B 391 22.51 -19.10 93.19
N ILE B 392 22.23 -17.79 93.27
CA ILE B 392 22.24 -16.97 92.05
C ILE B 392 23.64 -16.90 91.47
N GLU B 393 24.66 -16.70 92.32
CA GLU B 393 26.04 -16.57 91.86
C GLU B 393 26.42 -17.72 90.93
N GLU B 394 26.24 -18.96 91.41
CA GLU B 394 26.44 -20.11 90.55
C GLU B 394 25.41 -20.15 89.43
N LEU B 395 24.15 -19.88 89.76
CA LEU B 395 23.05 -20.02 88.80
C LEU B 395 23.18 -19.04 87.64
N ALA B 396 23.31 -17.75 87.94
CA ALA B 396 23.28 -16.75 86.87
C ALA B 396 24.42 -16.93 85.89
N THR B 397 25.64 -17.13 86.40
CA THR B 397 26.79 -17.25 85.50
C THR B 397 26.71 -18.50 84.63
N LYS B 398 26.26 -19.62 85.20
CA LYS B 398 26.15 -20.85 84.41
C LYS B 398 25.01 -20.78 83.40
N ILE B 399 23.90 -20.11 83.76
CA ILE B 399 22.77 -19.98 82.83
C ILE B 399 23.15 -19.12 81.63
N LEU B 400 23.62 -17.89 81.90
CA LEU B 400 23.93 -16.95 80.83
C LEU B 400 24.90 -17.54 79.82
N ASN B 401 25.83 -18.39 80.27
CA ASN B 401 26.67 -19.14 79.36
C ASN B 401 25.81 -19.86 78.32
N ASP B 402 24.87 -20.69 78.81
CA ASP B 402 23.94 -21.39 77.93
C ASP B 402 23.18 -20.43 77.02
N ILE B 403 22.95 -19.19 77.47
CA ILE B 403 22.30 -18.21 76.61
C ILE B 403 23.24 -17.78 75.49
N ASN B 404 24.53 -17.63 75.79
CA ASN B 404 25.48 -17.17 74.79
C ASN B 404 26.10 -18.30 73.97
N LEU B 405 26.07 -19.54 74.48
CA LEU B 405 26.58 -20.67 73.72
C LEU B 405 26.01 -20.74 72.31
N PRO B 406 24.71 -20.49 72.07
CA PRO B 406 24.24 -20.38 70.67
C PRO B 406 24.77 -19.16 69.95
N PHE B 407 24.96 -18.02 70.63
CA PHE B 407 25.61 -16.90 69.98
C PHE B 407 27.05 -17.24 69.64
N TYR B 408 27.68 -18.09 70.46
CA TYR B 408 28.99 -18.63 70.11
C TYR B 408 28.90 -19.49 68.85
N LYS B 409 27.85 -20.31 68.76
CA LYS B 409 27.65 -21.08 67.53
C LYS B 409 27.59 -20.15 66.32
N GLU B 410 26.83 -19.07 66.41
CA GLU B 410 26.83 -18.05 65.37
C GLU B 410 28.21 -17.45 65.18
N TYR B 411 29.01 -17.35 66.24
CA TYR B 411 30.34 -16.75 66.14
C TYR B 411 31.24 -17.56 65.22
N ASP B 412 31.47 -18.83 65.55
CA ASP B 412 32.25 -19.69 64.66
C ASP B 412 31.64 -19.71 63.26
N ASP B 413 30.33 -19.94 63.16
CA ASP B 413 29.65 -19.95 61.87
C ASP B 413 30.01 -18.73 61.04
N ASP B 414 30.02 -17.55 61.67
CA ASP B 414 30.38 -16.34 60.95
C ASP B 414 31.87 -16.35 60.61
N ILE B 415 32.74 -16.59 61.61
CA ILE B 415 34.18 -16.55 61.37
C ILE B 415 34.63 -17.70 60.46
N ASN B 416 33.88 -18.81 60.43
CA ASN B 416 34.22 -19.90 59.53
C ASN B 416 34.29 -19.41 58.08
N GLU B 417 33.32 -18.58 57.68
CA GLU B 417 33.34 -18.02 56.34
C GLU B 417 34.45 -16.99 56.17
N VAL B 418 34.80 -16.27 57.24
CA VAL B 418 35.79 -15.18 57.15
C VAL B 418 37.07 -15.68 56.49
N LEU B 419 37.58 -16.83 56.95
CA LEU B 419 38.80 -17.37 56.34
C LEU B 419 38.48 -18.04 55.02
N GLU B 420 37.39 -18.81 54.98
CA GLU B 420 36.94 -19.45 53.75
C GLU B 420 36.72 -18.45 52.62
N GLN B 421 36.16 -17.28 52.94
CA GLN B 421 35.92 -16.27 51.91
C GLN B 421 37.19 -15.46 51.60
N LEU B 422 37.98 -15.13 52.62
CA LEU B 422 39.24 -14.40 52.41
C LEU B 422 40.26 -15.23 51.65
N PHE B 423 39.99 -16.53 51.47
CA PHE B 423 40.90 -17.53 50.95
C PHE B 423 41.21 -17.42 49.46
N ASN B 424 40.20 -17.68 48.63
CA ASN B 424 40.33 -17.77 47.18
C ASN B 424 40.56 -16.46 46.43
N ARG B 425 39.90 -16.38 45.26
CA ARG B 425 39.91 -15.30 44.28
C ARG B 425 41.28 -15.13 43.64
N ILE B 426 42.24 -14.62 44.42
CA ILE B 426 43.60 -14.43 43.92
C ILE B 426 44.23 -15.74 43.50
N LYS B 427 43.67 -16.87 43.93
CA LYS B 427 44.09 -18.21 43.55
C LYS B 427 43.96 -18.42 42.03
N TYR B 428 43.67 -17.34 41.29
CA TYR B 428 43.69 -17.40 39.82
C TYR B 428 44.43 -16.18 39.28
N LEU B 429 44.00 -14.97 39.67
CA LEU B 429 44.63 -13.74 39.18
C LEU B 429 46.13 -13.73 39.46
N ARG B 430 46.55 -14.32 40.58
CA ARG B 430 47.94 -14.34 41.02
C ARG B 430 48.57 -15.70 40.85
N ILE B 431 47.83 -16.78 41.11
CA ILE B 431 48.37 -18.13 40.97
C ILE B 431 47.40 -19.02 40.20
N ASP B 432 47.18 -18.71 38.92
CA ASP B 432 46.30 -19.56 38.11
C ASP B 432 47.04 -20.82 37.68
N ILE B 441 53.49 -8.15 44.68
CA ILE B 441 52.29 -7.49 45.20
C ILE B 441 52.47 -7.19 46.69
N THR B 442 52.11 -5.97 47.10
CA THR B 442 52.30 -5.52 48.48
C THR B 442 51.41 -4.29 48.69
N LYS B 443 51.78 -3.44 49.66
CA LYS B 443 51.09 -2.18 49.91
C LYS B 443 50.82 -1.37 48.64
N LYS B 444 51.56 -1.60 47.56
CA LYS B 444 51.20 -0.98 46.28
C LYS B 444 49.79 -1.39 45.88
N LEU B 445 49.54 -2.69 45.81
CA LEU B 445 48.23 -3.25 45.49
C LEU B 445 47.88 -4.25 46.60
N PRO B 446 47.60 -3.76 47.83
CA PRO B 446 47.39 -4.68 48.96
C PRO B 446 46.35 -5.74 48.63
N LEU B 447 46.77 -7.00 48.74
CA LEU B 447 45.97 -8.14 48.31
C LEU B 447 44.83 -8.42 49.30
N SER B 448 44.33 -7.36 49.93
CA SER B 448 43.19 -7.45 50.83
C SER B 448 42.27 -6.28 50.50
N GLU B 449 41.82 -6.24 49.23
CA GLU B 449 40.97 -5.24 48.59
C GLU B 449 40.17 -4.43 49.59
N PRO B 450 40.17 -3.09 49.47
CA PRO B 450 39.53 -2.26 50.49
C PRO B 450 38.01 -2.41 50.51
N TYR B 451 37.50 -3.02 51.58
CA TYR B 451 36.08 -3.18 51.77
C TYR B 451 35.41 -1.91 52.27
N PHE B 452 36.21 -0.87 52.56
CA PHE B 452 35.72 0.42 53.01
C PHE B 452 36.63 1.50 52.42
N THR B 453 36.12 2.73 52.39
CA THR B 453 36.87 3.87 51.88
C THR B 453 37.06 4.85 53.03
N ARG B 454 38.29 4.95 53.53
CA ARG B 454 38.57 5.69 54.75
C ARG B 454 39.21 7.05 54.45
N PHE B 455 38.73 8.07 55.16
CA PHE B 455 39.26 9.42 55.04
C PHE B 455 38.88 10.19 56.30
N LYS B 456 39.44 11.38 56.43
CA LYS B 456 39.15 12.28 57.55
C LYS B 456 38.26 13.40 57.05
N ALA B 457 37.08 13.53 57.64
CA ALA B 457 36.01 14.37 57.13
C ALA B 457 36.09 15.79 57.66
N LYS B 458 35.45 16.71 56.93
CA LYS B 458 35.46 18.12 57.25
C LYS B 458 34.82 18.44 58.59
N ASP B 459 34.09 17.50 59.18
CA ASP B 459 33.60 17.68 60.55
C ASP B 459 34.67 17.38 61.60
N GLY B 460 35.82 16.88 61.17
CA GLY B 460 36.91 16.56 62.08
C GLY B 460 37.09 15.07 62.23
N GLU B 461 35.99 14.37 62.51
CA GLU B 461 36.04 12.92 62.68
C GLU B 461 36.51 12.24 61.41
N GLU B 462 37.20 11.12 61.58
CA GLU B 462 37.54 10.25 60.46
C GLU B 462 36.47 9.18 60.31
N TYR B 463 36.06 8.95 59.07
CA TYR B 463 35.03 7.97 58.77
C TYR B 463 35.61 6.83 57.95
N ALA B 464 34.77 5.81 57.75
CA ALA B 464 35.07 4.64 56.93
C ALA B 464 33.78 4.27 56.23
N LEU B 465 33.53 4.94 55.10
CA LEU B 465 32.33 4.68 54.32
C LEU B 465 32.40 3.29 53.70
N ALA B 466 31.25 2.75 53.37
CA ALA B 466 31.21 1.43 52.74
C ALA B 466 31.07 1.60 51.23
N ASN B 467 31.82 0.81 50.49
CA ASN B 467 31.76 0.77 49.04
C ASN B 467 31.22 -0.58 48.57
N ASN B 468 30.44 -0.55 47.49
CA ASN B 468 29.68 -1.74 47.13
C ASN B 468 30.39 -2.55 46.05
N GLY B 469 29.65 -3.50 45.49
CA GLY B 469 30.15 -4.53 44.60
C GLY B 469 29.01 -5.52 44.37
N TRP B 470 29.27 -6.82 44.44
CA TRP B 470 28.17 -7.76 44.26
C TRP B 470 28.51 -9.06 44.96
N ILE B 471 27.48 -9.70 45.52
CA ILE B 471 27.63 -11.05 46.05
C ILE B 471 27.65 -12.03 44.87
N TRP B 472 28.21 -13.21 45.12
CA TRP B 472 28.48 -14.16 44.03
C TRP B 472 27.19 -14.64 43.38
N ASP B 473 26.33 -15.29 44.15
CA ASP B 473 25.06 -15.79 43.65
C ASP B 473 23.91 -15.26 44.51
N GLY B 474 24.05 -14.02 44.98
CA GLY B 474 23.10 -13.47 45.94
C GLY B 474 21.95 -12.74 45.27
N ASN B 475 20.81 -12.71 45.97
CA ASN B 475 19.64 -12.00 45.52
C ASN B 475 19.92 -10.49 45.44
N PRO B 476 19.85 -9.88 44.26
CA PRO B 476 20.16 -8.45 44.15
C PRO B 476 19.14 -7.53 44.80
N LEU B 477 18.02 -8.06 45.28
CA LEU B 477 17.02 -7.26 45.97
C LEU B 477 17.39 -6.94 47.42
N VAL B 478 18.42 -7.59 47.96
CA VAL B 478 18.81 -7.43 49.35
C VAL B 478 20.04 -6.54 49.42
N ASP B 479 19.91 -5.42 50.12
CA ASP B 479 21.02 -4.48 50.27
C ASP B 479 22.08 -5.11 51.15
N PHE B 480 23.17 -5.58 50.53
CA PHE B 480 24.21 -6.29 51.27
C PHE B 480 25.02 -5.37 52.17
N ALA B 481 24.80 -4.06 52.12
CA ALA B 481 25.38 -3.13 53.07
C ALA B 481 24.41 -2.73 54.17
N SER B 482 23.29 -3.44 54.29
CA SER B 482 22.25 -3.15 55.26
C SER B 482 22.20 -4.21 56.35
N SER B 483 21.43 -3.91 57.40
CA SER B 483 21.37 -4.75 58.58
C SER B 483 21.05 -6.20 58.24
N GLN B 484 20.19 -6.44 57.24
CA GLN B 484 19.80 -7.82 56.95
C GLN B 484 20.90 -8.64 56.31
N SER B 485 22.12 -8.13 56.18
CA SER B 485 23.21 -8.88 55.57
C SER B 485 24.47 -8.77 56.41
N LYS B 486 25.27 -9.84 56.36
CA LYS B 486 26.56 -9.91 57.02
C LYS B 486 27.70 -9.98 56.00
N ALA B 487 27.44 -9.59 54.75
CA ALA B 487 28.34 -9.90 53.65
C ALA B 487 29.68 -9.18 53.78
N TYR B 488 29.70 -7.97 54.33
CA TYR B 488 30.97 -7.31 54.56
C TYR B 488 31.74 -7.97 55.69
N LEU B 489 31.03 -8.40 56.73
CA LEU B 489 31.69 -9.15 57.81
C LEU B 489 32.06 -10.55 57.34
N ARG B 490 31.09 -11.28 56.78
CA ARG B 490 31.36 -12.62 56.29
C ARG B 490 32.20 -12.66 55.03
N ARG B 491 32.63 -11.50 54.53
CA ARG B 491 33.52 -11.35 53.38
C ARG B 491 32.89 -11.76 52.06
N GLU B 492 31.58 -11.97 52.01
CA GLU B 492 30.93 -12.45 50.80
C GLU B 492 30.78 -11.41 49.68
N VAL B 493 31.58 -10.35 49.73
CA VAL B 493 31.46 -9.24 48.78
C VAL B 493 32.60 -9.32 47.76
N ILE B 494 32.23 -9.28 46.48
CA ILE B 494 33.17 -8.96 45.41
C ILE B 494 33.02 -7.46 45.19
N VAL B 495 34.07 -6.72 45.52
CA VAL B 495 33.94 -5.31 45.84
C VAL B 495 34.49 -4.43 44.73
N TRP B 496 33.97 -3.20 44.67
CA TRP B 496 34.52 -2.12 43.86
C TRP B 496 35.03 -1.06 44.83
N GLY B 497 36.33 -1.11 45.14
CA GLY B 497 36.94 0.02 45.81
C GLY B 497 36.92 1.28 44.97
N ASP B 498 36.69 1.11 43.67
CA ASP B 498 36.59 2.24 42.74
C ASP B 498 35.48 3.19 43.17
N CYS B 499 34.29 2.66 43.42
CA CYS B 499 33.11 3.47 43.72
C CYS B 499 32.67 3.22 45.15
N VAL B 500 31.99 4.21 45.73
CA VAL B 500 31.54 4.14 47.11
C VAL B 500 30.02 4.08 47.10
N LYS B 501 29.46 3.05 47.74
CA LYS B 501 28.01 2.87 47.75
C LYS B 501 27.31 4.05 48.41
N LEU B 502 26.18 4.44 47.83
CA LEU B 502 25.36 5.50 48.37
C LEU B 502 24.24 4.91 49.21
N ARG B 503 23.93 5.57 50.32
CA ARG B 503 22.93 5.07 51.27
C ARG B 503 21.69 5.96 51.19
N TYR B 504 20.77 5.60 50.30
CA TYR B 504 19.41 6.08 50.41
C TYR B 504 18.72 5.29 51.51
N GLY B 505 17.87 5.96 52.27
CA GLY B 505 17.16 5.29 53.34
C GLY B 505 15.79 4.80 52.89
N LYS B 506 14.82 4.91 53.80
CA LYS B 506 13.43 4.66 53.46
C LYS B 506 12.80 5.82 52.70
N GLY B 507 13.52 6.93 52.56
CA GLY B 507 13.05 8.11 51.87
C GLY B 507 14.11 9.20 51.89
N PRO B 508 13.72 10.42 51.54
CA PRO B 508 14.67 11.54 51.63
C PRO B 508 15.02 11.90 53.07
N SER B 509 14.11 11.64 54.02
CA SER B 509 14.37 11.96 55.42
C SER B 509 15.59 11.26 55.98
N ASP B 510 16.09 10.22 55.31
CA ASP B 510 17.20 9.43 55.81
C ASP B 510 18.55 9.78 55.17
N SER B 511 18.55 10.70 54.20
CA SER B 511 19.76 11.17 53.53
C SER B 511 19.44 12.42 52.70
N PRO B 512 19.07 13.53 53.34
CA PRO B 512 18.51 14.66 52.58
C PRO B 512 19.45 15.32 51.59
N TYR B 513 20.77 15.15 51.73
CA TYR B 513 21.66 15.71 50.72
C TYR B 513 21.76 14.79 49.50
N LEU B 514 21.98 13.49 49.75
CA LEU B 514 22.08 12.53 48.66
C LEU B 514 20.84 12.57 47.77
N TRP B 515 19.66 12.56 48.37
CA TRP B 515 18.43 12.65 47.59
C TRP B 515 18.36 13.97 46.83
N GLU B 516 18.74 15.07 47.48
CA GLU B 516 18.73 16.36 46.81
C GLU B 516 19.81 16.44 45.72
N ARG B 517 20.96 15.81 45.95
CA ARG B 517 22.02 15.81 44.95
C ARG B 517 21.63 14.96 43.73
N MET B 518 21.22 13.72 43.98
CA MET B 518 20.78 12.84 42.90
C MET B 518 19.61 13.44 42.12
N SER B 519 18.71 14.14 42.81
CA SER B 519 17.57 14.74 42.13
C SER B 519 18.03 15.74 41.08
N LYS B 520 18.89 16.68 41.46
CA LYS B 520 19.40 17.65 40.49
C LYS B 520 20.31 16.98 39.47
N TYR B 521 21.01 15.93 39.87
CA TYR B 521 21.76 15.11 38.92
C TYR B 521 20.83 14.54 37.86
N VAL B 522 19.73 13.92 38.30
CA VAL B 522 18.73 13.40 37.37
C VAL B 522 18.12 14.53 36.55
N GLU B 523 17.69 15.61 37.23
CA GLU B 523 17.00 16.70 36.55
C GLU B 523 17.87 17.38 35.50
N MET B 524 19.20 17.35 35.68
CA MET B 524 20.09 17.96 34.70
C MET B 524 20.08 17.20 33.38
N ASN B 525 20.43 15.91 33.43
CA ASN B 525 20.47 15.10 32.21
C ASN B 525 19.08 14.89 31.60
N ALA B 526 18.02 15.00 32.39
CA ALA B 526 16.68 14.89 31.83
C ALA B 526 16.36 16.10 30.94
N ARG B 527 16.98 17.24 31.23
CA ARG B 527 16.84 18.40 30.35
C ARG B 527 17.59 18.21 29.03
N ILE B 528 18.66 17.41 29.04
CA ILE B 528 19.53 17.27 27.88
C ILE B 528 19.10 16.08 27.03
N PHE B 529 19.32 14.88 27.55
CA PHE B 529 19.18 13.66 26.76
C PHE B 529 17.70 13.30 26.58
N ASN B 530 17.47 12.28 25.76
CA ASN B 530 16.13 11.76 25.52
C ASN B 530 15.76 10.62 26.45
N GLY B 531 16.71 10.04 27.17
CA GLY B 531 16.39 8.98 28.11
C GLY B 531 17.60 8.58 28.92
N PHE B 532 17.39 7.55 29.75
CA PHE B 532 18.43 7.05 30.65
C PHE B 532 18.75 5.59 30.36
N ARG B 533 19.90 5.16 30.86
CA ARG B 533 20.30 3.75 30.90
C ARG B 533 20.83 3.46 32.29
N ILE B 534 20.20 2.52 32.99
CA ILE B 534 20.41 2.32 34.41
C ILE B 534 21.25 1.06 34.61
N ASP B 535 22.48 1.23 35.11
CA ASP B 535 23.35 0.09 35.34
C ASP B 535 22.89 -0.69 36.57
N ASN B 536 22.91 -2.02 36.46
CA ASN B 536 22.49 -2.93 37.54
C ASN B 536 21.23 -2.41 38.23
N CYS B 537 20.20 -2.13 37.42
CA CYS B 537 18.96 -1.56 37.93
C CYS B 537 18.33 -2.46 38.99
N HIS B 538 18.58 -3.76 38.92
CA HIS B 538 18.07 -4.67 39.95
C HIS B 538 18.69 -4.39 41.31
N SER B 539 19.95 -3.94 41.34
CA SER B 539 20.58 -3.61 42.61
C SER B 539 20.13 -2.25 43.14
N THR B 540 19.64 -1.37 42.27
CA THR B 540 19.06 -0.11 42.73
C THR B 540 17.75 -0.40 43.48
N PRO B 541 17.54 0.18 44.66
CA PRO B 541 16.29 -0.06 45.38
C PRO B 541 15.10 0.47 44.59
N LEU B 542 13.94 -0.13 44.83
CA LEU B 542 12.74 0.19 44.06
C LEU B 542 12.29 1.63 44.31
N HIS B 543 11.94 1.95 45.56
CA HIS B 543 11.41 3.28 45.88
C HIS B 543 12.37 4.39 45.46
N VAL B 544 13.67 4.11 45.43
CA VAL B 544 14.63 5.08 44.93
C VAL B 544 14.45 5.28 43.42
N GLY B 545 14.59 4.22 42.65
CA GLY B 545 14.43 4.30 41.21
C GLY B 545 13.10 4.88 40.77
N GLN B 546 12.03 4.58 41.51
CA GLN B 546 10.72 5.13 41.16
C GLN B 546 10.70 6.64 41.35
N TYR B 547 11.31 7.13 42.43
CA TYR B 547 11.26 8.55 42.75
C TYR B 547 11.95 9.39 41.68
N PHE B 548 13.17 8.99 41.30
CA PHE B 548 13.96 9.82 40.41
C PHE B 548 13.50 9.74 38.96
N LEU B 549 13.09 8.56 38.49
CA LEU B 549 12.52 8.47 37.15
C LEU B 549 11.23 9.28 37.04
N ASP B 550 10.43 9.33 38.11
CA ASP B 550 9.30 10.23 38.15
C ASP B 550 9.76 11.69 38.09
N VAL B 551 10.88 12.01 38.73
CA VAL B 551 11.41 13.36 38.69
C VAL B 551 11.86 13.71 37.27
N ALA B 552 12.62 12.81 36.65
CA ALA B 552 13.03 13.01 35.26
C ALA B 552 11.83 13.13 34.33
N ARG B 553 10.80 12.31 34.54
CA ARG B 553 9.63 12.35 33.68
C ARG B 553 8.90 13.68 33.78
N ARG B 554 8.99 14.36 34.93
CA ARG B 554 8.43 15.71 35.02
C ARG B 554 9.24 16.69 34.20
N VAL B 555 10.53 16.40 33.99
CA VAL B 555 11.38 17.26 33.16
C VAL B 555 11.21 16.91 31.68
N ASN B 556 11.22 15.62 31.35
CA ASN B 556 11.19 15.14 29.98
C ASN B 556 10.10 14.08 29.88
N PRO B 557 8.86 14.48 29.62
CA PRO B 557 7.76 13.50 29.62
C PRO B 557 7.93 12.37 28.62
N ASN B 558 8.69 12.58 27.56
CA ASN B 558 9.00 11.51 26.60
C ASN B 558 10.37 10.92 26.91
N LEU B 559 10.51 10.46 28.16
CA LEU B 559 11.75 9.86 28.63
C LEU B 559 11.80 8.38 28.26
N TYR B 560 12.89 7.97 27.62
CA TYR B 560 13.07 6.58 27.19
C TYR B 560 14.04 5.90 28.16
N VAL B 561 13.51 5.00 28.97
CA VAL B 561 14.28 4.35 30.04
C VAL B 561 14.74 2.98 29.56
N VAL B 562 16.04 2.71 29.70
CA VAL B 562 16.65 1.44 29.33
C VAL B 562 17.32 0.86 30.56
N ALA B 563 17.30 -0.46 30.69
CA ALA B 563 17.86 -1.07 31.89
C ALA B 563 18.40 -2.47 31.59
N GLU B 564 19.65 -2.70 32.00
CA GLU B 564 20.22 -4.04 32.08
C GLU B 564 19.68 -4.71 33.34
N LEU B 565 18.48 -5.27 33.22
CA LEU B 565 17.73 -5.79 34.36
C LEU B 565 17.74 -7.31 34.35
N PHE B 566 18.32 -7.92 35.38
CA PHE B 566 18.22 -9.35 35.62
C PHE B 566 17.93 -9.52 37.12
N SER B 567 16.67 -9.43 37.49
CA SER B 567 16.26 -9.71 38.86
C SER B 567 16.16 -11.23 39.04
N GLY B 568 15.58 -11.67 40.15
CA GLY B 568 15.54 -13.09 40.45
C GLY B 568 14.64 -13.91 39.56
N SER B 569 13.79 -13.29 38.75
CA SER B 569 12.83 -14.01 37.94
C SER B 569 12.27 -13.06 36.88
N GLU B 570 11.46 -13.63 35.98
CA GLU B 570 10.76 -12.83 34.99
C GLU B 570 9.62 -12.04 35.63
N ALA B 571 8.87 -12.68 36.52
CA ALA B 571 7.79 -12.00 37.24
C ALA B 571 8.31 -10.75 37.94
N MET B 572 9.48 -10.85 38.59
CA MET B 572 10.06 -9.68 39.24
C MET B 572 10.57 -8.68 38.21
N ASP B 573 11.20 -9.15 37.13
CA ASP B 573 11.59 -8.28 36.03
C ASP B 573 10.40 -7.45 35.55
N CYS B 574 9.24 -8.10 35.36
CA CYS B 574 8.06 -7.37 34.93
C CYS B 574 7.59 -6.39 35.99
N LEU B 575 7.73 -6.76 37.27
CA LEU B 575 7.31 -5.87 38.35
C LEU B 575 8.12 -4.58 38.34
N PHE B 576 9.43 -4.67 38.14
CA PHE B 576 10.27 -3.48 38.05
C PHE B 576 9.83 -2.59 36.88
N VAL B 577 9.61 -3.20 35.71
CA VAL B 577 9.15 -2.43 34.55
C VAL B 577 7.84 -1.72 34.85
N GLU B 578 6.92 -2.41 35.51
CA GLU B 578 5.65 -1.80 35.92
C GLU B 578 5.87 -0.51 36.71
N ARG B 579 6.56 -0.61 37.83
CA ARG B 579 6.62 0.51 38.78
C ARG B 579 7.63 1.57 38.37
N LEU B 580 8.74 1.18 37.75
CA LEU B 580 9.74 2.15 37.33
C LEU B 580 9.38 2.88 36.05
N GLY B 581 8.52 2.29 35.23
CA GLY B 581 8.24 2.85 33.92
C GLY B 581 9.33 2.60 32.90
N ILE B 582 10.13 1.55 33.10
CA ILE B 582 11.11 1.15 32.10
C ILE B 582 10.43 0.91 30.76
N SER B 583 11.05 1.39 29.69
CA SER B 583 10.53 1.20 28.35
C SER B 583 11.15 0.02 27.61
N SER B 584 12.39 -0.34 27.94
CA SER B 584 13.04 -1.48 27.30
C SER B 584 14.02 -2.15 28.26
N LEU B 585 14.06 -3.47 28.22
CA LEU B 585 15.07 -4.26 28.90
C LEU B 585 16.17 -4.62 27.92
N ILE B 586 17.42 -4.67 28.40
CA ILE B 586 18.56 -4.97 27.56
C ILE B 586 18.82 -6.47 27.58
N ARG B 587 19.00 -7.04 26.39
CA ARG B 587 19.36 -8.44 26.22
C ARG B 587 20.59 -8.52 25.35
N GLU B 588 21.54 -9.37 25.72
CA GLU B 588 22.82 -9.46 25.03
C GLU B 588 22.90 -10.75 24.22
N ALA B 589 23.45 -10.63 23.00
CA ALA B 589 23.61 -11.79 22.13
C ALA B 589 24.93 -12.52 22.34
N MET B 590 25.95 -11.87 22.89
CA MET B 590 27.22 -12.53 23.13
C MET B 590 27.17 -13.53 24.27
N GLN B 591 26.11 -13.52 25.08
CA GLN B 591 25.95 -14.51 26.13
C GLN B 591 25.71 -15.91 25.57
N ALA B 592 25.37 -16.03 24.29
CA ALA B 592 25.14 -17.35 23.71
C ALA B 592 26.42 -18.17 23.75
N TRP B 593 26.29 -19.42 24.20
CA TRP B 593 27.42 -20.33 24.29
C TRP B 593 27.57 -21.19 23.06
N SER B 594 26.47 -21.47 22.36
CA SER B 594 26.47 -22.33 21.18
C SER B 594 25.53 -21.74 20.15
N GLU B 595 25.56 -22.34 18.95
CA GLU B 595 24.69 -21.89 17.87
C GLU B 595 23.21 -21.97 18.28
N GLU B 596 22.80 -23.09 18.90
CA GLU B 596 21.40 -23.23 19.30
C GLU B 596 21.00 -22.20 20.35
N GLU B 597 21.87 -21.98 21.35
CA GLU B 597 21.58 -20.99 22.38
C GLU B 597 21.28 -19.64 21.78
N LEU B 598 22.03 -19.25 20.74
CA LEU B 598 21.73 -18.01 20.04
C LEU B 598 20.37 -18.08 19.38
N SER B 599 20.08 -19.19 18.68
CA SER B 599 18.81 -19.34 17.99
C SER B 599 17.63 -19.26 18.96
N ARG B 600 17.76 -19.86 20.14
CA ARG B 600 16.73 -19.69 21.16
C ARG B 600 16.62 -18.23 21.58
N LEU B 601 17.75 -17.61 21.94
CA LEU B 601 17.79 -16.19 22.25
C LEU B 601 17.10 -15.37 21.16
N VAL B 602 17.41 -15.67 19.90
CA VAL B 602 16.79 -14.96 18.79
C VAL B 602 15.32 -15.32 18.66
N HIS B 603 14.95 -16.57 18.98
CA HIS B 603 13.54 -16.94 18.99
C HIS B 603 12.76 -16.15 20.04
N ARG B 604 13.33 -15.99 21.24
CA ARG B 604 12.66 -15.23 22.29
C ARG B 604 12.28 -13.84 21.82
N HIS B 605 13.24 -13.10 21.26
CA HIS B 605 13.02 -11.71 20.85
C HIS B 605 12.74 -11.58 19.37
N GLY B 606 12.32 -12.66 18.71
CA GLY B 606 12.11 -12.62 17.27
C GLY B 606 10.73 -12.17 16.87
N GLY B 607 9.73 -12.52 17.67
CA GLY B 607 8.36 -12.16 17.40
C GLY B 607 7.43 -13.29 17.79
N ARG B 608 6.23 -13.27 17.25
CA ARG B 608 5.28 -14.35 17.43
C ARG B 608 5.42 -15.37 16.31
N PRO B 609 4.96 -16.61 16.53
CA PRO B 609 5.04 -17.61 15.46
C PRO B 609 4.27 -17.20 14.22
N ILE B 610 4.73 -17.69 13.07
CA ILE B 610 4.04 -17.42 11.81
C ILE B 610 2.73 -18.19 11.78
N GLY B 611 1.69 -17.55 11.27
CA GLY B 611 0.37 -18.15 11.30
C GLY B 611 -0.26 -18.20 12.67
N SER B 612 0.22 -17.36 13.59
CA SER B 612 -0.28 -17.35 14.95
C SER B 612 -1.71 -16.82 14.99
N TYR B 613 -2.44 -17.22 16.03
CA TYR B 613 -3.84 -16.84 16.14
C TYR B 613 -4.00 -15.38 16.53
N LYS B 614 -5.09 -14.78 16.07
CA LYS B 614 -5.43 -13.40 16.39
C LYS B 614 -6.64 -13.37 17.31
N PHE B 615 -6.70 -12.35 18.16
CA PHE B 615 -7.73 -12.28 19.19
C PHE B 615 -8.99 -11.63 18.64
N VAL B 616 -10.13 -12.25 18.91
CA VAL B 616 -11.44 -11.64 18.66
C VAL B 616 -12.31 -11.78 19.90
N PRO B 617 -13.17 -10.80 20.19
CA PRO B 617 -14.24 -11.05 21.15
C PRO B 617 -15.14 -12.18 20.65
N LEU B 618 -15.40 -13.14 21.54
CA LEU B 618 -16.19 -14.31 21.19
C LEU B 618 -17.42 -14.31 22.10
N ASP B 619 -17.66 -15.39 22.84
CA ASP B 619 -18.81 -15.49 23.72
C ASP B 619 -18.47 -15.16 25.17
N ASP B 620 -17.31 -14.53 25.41
CA ASP B 620 -16.91 -14.09 26.73
C ASP B 620 -17.11 -12.59 26.91
N PHE B 621 -17.75 -11.92 25.95
CA PHE B 621 -17.98 -10.48 25.99
C PHE B 621 -19.46 -10.17 26.04
N PRO B 622 -19.82 -9.06 26.68
CA PRO B 622 -21.17 -8.52 26.50
C PRO B 622 -21.27 -7.81 25.16
N TYR B 623 -22.45 -7.90 24.55
CA TYR B 623 -22.74 -7.22 23.30
C TYR B 623 -23.90 -6.27 23.55
N PRO B 624 -23.62 -5.03 23.97
CA PRO B 624 -24.70 -4.06 24.18
C PRO B 624 -25.41 -3.81 22.87
N ALA B 625 -26.74 -3.92 22.90
CA ALA B 625 -27.52 -3.70 21.69
C ALA B 625 -27.23 -2.32 21.10
N ASP B 626 -26.95 -1.35 21.95
CA ASP B 626 -26.60 0.00 21.52
C ASP B 626 -25.09 0.20 21.48
N VAL B 627 -24.34 -0.72 20.85
CA VAL B 627 -22.89 -0.61 20.76
C VAL B 627 -22.57 0.07 19.45
N LYS B 628 -21.52 0.90 19.45
CA LYS B 628 -21.18 1.61 18.24
C LYS B 628 -20.63 0.64 17.21
N ILE B 629 -20.84 0.97 15.94
CA ILE B 629 -20.51 0.07 14.86
C ILE B 629 -19.77 0.87 13.80
N ASP B 630 -18.60 0.35 13.40
CA ASP B 630 -17.89 0.87 12.24
C ASP B 630 -18.33 0.06 11.03
N GLU B 631 -19.49 0.41 10.47
CA GLU B 631 -20.00 -0.34 9.33
C GLU B 631 -19.02 -0.26 8.17
N GLU B 632 -18.51 -1.43 7.78
CA GLU B 632 -17.59 -1.61 6.66
C GLU B 632 -16.18 -1.20 7.06
N TYR B 633 -15.91 -1.26 8.36
CA TYR B 633 -14.58 -1.01 8.95
C TYR B 633 -13.92 0.23 8.34
N CYS B 634 -14.57 1.38 8.52
CA CYS B 634 -14.17 2.58 7.79
C CYS B 634 -14.10 3.81 8.68
N ALA B 635 -14.02 3.65 9.99
CA ALA B 635 -13.93 4.81 10.87
C ALA B 635 -12.56 4.87 11.54
N TYR B 636 -11.51 4.90 10.72
CA TYR B 636 -10.15 5.07 11.20
C TYR B 636 -9.38 5.90 10.18
N ASN B 637 -9.02 7.12 10.57
CA ASN B 637 -8.20 7.99 9.72
C ASN B 637 -6.74 7.68 9.95
N PRO B 638 -5.98 7.34 8.90
CA PRO B 638 -4.56 6.98 9.11
C PRO B 638 -3.75 8.06 9.79
N ASP B 639 -4.20 9.32 9.75
CA ASP B 639 -3.50 10.40 10.42
C ASP B 639 -4.00 10.63 11.84
N ASP B 640 -5.11 9.99 12.25
CA ASP B 640 -5.53 10.03 13.64
C ASP B 640 -4.75 9.07 14.51
N HIS B 641 -4.00 8.14 13.90
CA HIS B 641 -3.18 7.16 14.60
C HIS B 641 -3.96 6.49 15.72
N SER B 642 -5.17 6.04 15.38
CA SER B 642 -6.09 5.44 16.32
C SER B 642 -5.69 4.01 16.65
N VAL B 643 -6.28 3.46 17.70
CA VAL B 643 -6.11 2.06 18.06
C VAL B 643 -7.34 1.33 17.55
N LYS B 644 -7.17 0.56 16.48
CA LYS B 644 -8.31 0.04 15.76
C LYS B 644 -8.95 -1.10 16.53
N CYS B 645 -10.28 -1.15 16.50
CA CYS B 645 -10.99 -2.29 17.04
C CYS B 645 -10.77 -3.51 16.15
N VAL B 646 -11.11 -4.68 16.69
CA VAL B 646 -10.84 -5.91 15.98
C VAL B 646 -11.68 -6.00 14.71
N SER B 647 -12.88 -5.44 14.72
CA SER B 647 -13.74 -5.55 13.54
C SER B 647 -14.73 -4.38 13.53
N GLU B 648 -15.93 -4.62 12.99
CA GLU B 648 -16.95 -3.59 12.86
C GLU B 648 -17.60 -3.28 14.20
N ILE B 649 -17.87 -4.30 15.01
CA ILE B 649 -18.35 -4.07 16.36
C ILE B 649 -17.25 -3.37 17.15
N MET B 650 -17.54 -2.16 17.63
CA MET B 650 -16.52 -1.32 18.25
C MET B 650 -16.39 -1.65 19.74
N ILE B 651 -15.93 -2.87 19.98
CA ILE B 651 -15.42 -3.27 21.30
C ILE B 651 -13.93 -2.93 21.33
N PRO B 652 -13.50 -1.96 22.15
CA PRO B 652 -12.15 -1.40 21.99
C PRO B 652 -11.06 -2.47 22.05
N LYS B 653 -9.91 -2.14 21.47
CA LYS B 653 -8.76 -3.02 21.52
C LYS B 653 -8.41 -3.34 22.97
N THR B 654 -8.10 -4.60 23.23
CA THR B 654 -7.97 -5.08 24.61
C THR B 654 -6.57 -4.79 25.16
N LEU B 655 -6.53 -4.17 26.34
CA LEU B 655 -5.29 -3.96 27.07
C LEU B 655 -4.90 -5.25 27.76
N THR B 656 -3.88 -5.93 27.26
CA THR B 656 -3.42 -7.19 27.82
C THR B 656 -1.94 -7.09 28.16
N ALA B 657 -1.55 -7.82 29.20
CA ALA B 657 -0.14 -7.96 29.54
C ALA B 657 0.64 -8.52 28.37
N THR B 658 1.57 -7.73 27.85
CA THR B 658 2.56 -8.18 26.89
C THR B 658 3.93 -8.19 27.54
N PRO B 659 4.87 -8.98 27.03
CA PRO B 659 6.21 -8.98 27.60
C PRO B 659 6.87 -7.62 27.44
N PRO B 660 7.72 -7.22 28.38
CA PRO B 660 8.38 -5.92 28.25
C PRO B 660 9.27 -5.87 27.01
N HIS B 661 9.32 -4.69 26.38
CA HIS B 661 10.09 -4.51 25.17
C HIS B 661 11.57 -4.80 25.44
N ALA B 662 12.24 -5.34 24.42
CA ALA B 662 13.64 -5.71 24.52
C ALA B 662 14.49 -4.83 23.62
N LEU B 663 15.70 -4.54 24.08
CA LEU B 663 16.72 -3.88 23.27
C LEU B 663 17.84 -4.90 23.09
N PHE B 664 17.86 -5.56 21.93
CA PHE B 664 18.77 -6.67 21.69
C PHE B 664 20.12 -6.11 21.21
N MET B 665 21.15 -6.32 22.02
CA MET B 665 22.50 -5.87 21.69
C MET B 665 23.30 -7.03 21.10
N ASP B 666 23.86 -6.82 19.91
CA ASP B 666 24.76 -7.83 19.37
C ASP B 666 26.06 -7.89 20.14
N CYS B 667 26.38 -6.85 20.91
CA CYS B 667 27.53 -6.81 21.81
C CYS B 667 27.50 -5.54 22.65
N THR B 668 27.68 -5.66 23.95
CA THR B 668 27.71 -4.52 24.85
C THR B 668 29.15 -4.16 25.18
N HIS B 669 29.32 -3.08 25.93
CA HIS B 669 30.65 -2.64 26.34
C HIS B 669 31.20 -3.47 27.48
N ASP B 670 30.41 -4.42 27.97
CA ASP B 670 30.82 -5.36 29.01
C ASP B 670 31.03 -6.77 28.45
N ASN B 671 30.88 -6.97 27.15
CA ASN B 671 30.97 -8.29 26.55
C ASN B 671 32.32 -8.48 25.88
N GLU B 672 32.81 -9.72 25.92
CA GLU B 672 34.05 -10.04 25.25
C GLU B 672 33.82 -9.97 23.74
N THR B 673 34.82 -9.47 23.03
CA THR B 673 34.68 -9.28 21.59
C THR B 673 34.51 -10.63 20.89
N PRO B 674 33.75 -10.68 19.78
CA PRO B 674 33.68 -11.91 18.98
C PRO B 674 35.02 -12.57 18.70
N ASN B 675 36.09 -11.79 18.49
CA ASN B 675 37.42 -12.37 18.38
C ASN B 675 37.75 -13.22 19.59
N GLN B 676 37.39 -12.74 20.78
CA GLN B 676 37.72 -13.45 22.02
C GLN B 676 36.84 -14.68 22.21
N LYS B 677 35.52 -14.50 22.20
CA LYS B 677 34.62 -15.57 22.59
C LYS B 677 34.40 -16.56 21.46
N ARG B 678 34.32 -16.08 20.23
CA ARG B 678 34.18 -16.96 19.06
C ARG B 678 35.34 -16.69 18.12
N THR B 679 35.06 -16.17 16.93
CA THR B 679 36.04 -15.60 16.03
C THR B 679 35.46 -14.31 15.46
N VAL B 680 36.26 -13.60 14.67
CA VAL B 680 35.82 -12.31 14.14
C VAL B 680 34.76 -12.43 13.05
N GLU B 681 34.66 -13.59 12.40
CA GLU B 681 33.69 -13.76 11.32
C GLU B 681 32.26 -13.64 11.81
N ASP B 682 31.98 -14.08 13.04
CA ASP B 682 30.60 -14.06 13.52
C ASP B 682 30.02 -12.66 13.60
N THR B 683 30.85 -11.62 13.56
CA THR B 683 30.34 -10.25 13.65
C THR B 683 29.32 -9.95 12.57
N LEU B 684 29.39 -10.64 11.43
CA LEU B 684 28.41 -10.43 10.37
C LEU B 684 27.12 -11.20 10.65
N PRO B 685 27.12 -12.53 10.75
CA PRO B 685 25.85 -13.24 10.97
C PRO B 685 25.18 -12.86 12.28
N ASN B 686 25.94 -12.80 13.38
CA ASN B 686 25.39 -12.40 14.67
C ASN B 686 24.58 -11.12 14.55
N ALA B 687 25.19 -10.06 14.01
CA ALA B 687 24.51 -8.77 13.89
C ALA B 687 23.28 -8.87 12.99
N ALA B 688 23.32 -9.70 11.96
CA ALA B 688 22.17 -9.87 11.09
C ALA B 688 21.03 -10.58 11.82
N LEU B 689 21.36 -11.64 12.56
CA LEU B 689 20.37 -12.33 13.37
C LEU B 689 19.69 -11.37 14.35
N VAL B 690 20.49 -10.60 15.08
CA VAL B 690 19.94 -9.63 16.03
C VAL B 690 19.06 -8.61 15.32
N ALA B 691 19.56 -8.07 14.20
CA ALA B 691 18.82 -7.02 13.50
C ALA B 691 17.50 -7.50 12.91
N PHE B 692 17.34 -8.81 12.69
CA PHE B 692 16.09 -9.32 12.16
C PHE B 692 15.00 -9.48 13.22
N CYS B 693 15.33 -9.27 14.49
CA CYS B 693 14.38 -9.41 15.56
C CYS B 693 13.41 -8.22 15.59
N SER B 694 12.24 -8.45 16.17
CA SER B 694 11.19 -7.44 16.26
C SER B 694 11.33 -6.74 17.60
N SER B 695 12.27 -5.81 17.66
CA SER B 695 12.68 -5.16 18.91
C SER B 695 13.71 -4.10 18.54
N ALA B 696 14.09 -3.32 19.54
CA ALA B 696 15.19 -2.39 19.37
C ALA B 696 16.51 -3.15 19.39
N ILE B 697 17.45 -2.69 18.57
CA ILE B 697 18.76 -3.30 18.49
C ILE B 697 19.81 -2.30 18.97
N GLY B 698 21.02 -2.80 19.18
CA GLY B 698 22.12 -1.94 19.58
C GLY B 698 23.45 -2.60 19.35
N SER B 699 24.51 -1.79 19.49
CA SER B 699 25.86 -2.27 19.36
C SER B 699 26.82 -1.26 19.97
N VAL B 700 27.91 -1.76 20.52
CA VAL B 700 29.01 -0.89 20.93
C VAL B 700 29.85 -0.52 19.72
N TYR B 701 30.42 0.67 19.75
CA TYR B 701 31.41 1.02 18.74
C TYR B 701 32.59 0.07 18.85
N GLY B 702 33.09 -0.37 17.70
CA GLY B 702 34.15 -1.34 17.64
C GLY B 702 33.69 -2.75 17.31
N TYR B 703 32.46 -3.10 17.65
CA TYR B 703 31.91 -4.39 17.22
C TYR B 703 31.88 -4.46 15.70
N ASP B 704 31.23 -3.47 15.08
CA ASP B 704 31.22 -3.37 13.62
C ASP B 704 32.62 -3.09 13.09
N GLU B 705 33.35 -2.21 13.77
CA GLU B 705 34.74 -1.90 13.45
C GLU B 705 35.67 -3.08 13.70
N VAL B 706 35.15 -4.22 14.16
CA VAL B 706 35.89 -5.47 14.38
C VAL B 706 37.14 -5.23 15.23
N PHE B 707 36.95 -4.66 16.41
CA PHE B 707 38.04 -4.57 17.37
C PHE B 707 38.45 -5.97 17.83
N PRO B 708 39.73 -6.17 18.16
CA PRO B 708 40.19 -7.53 18.51
C PRO B 708 39.85 -7.97 19.93
N GLN B 709 39.56 -7.05 20.84
CA GLN B 709 39.53 -7.41 22.25
C GLN B 709 38.69 -6.41 23.03
N LEU B 710 38.02 -6.92 24.07
CA LEU B 710 37.15 -6.08 24.90
C LEU B 710 37.95 -5.00 25.59
N LEU B 711 37.45 -3.77 25.50
CA LEU B 711 38.18 -2.63 26.06
C LEU B 711 37.98 -2.55 27.57
N ASP B 712 39.08 -2.40 28.29
CA ASP B 712 39.03 -2.21 29.73
C ASP B 712 38.60 -0.78 30.01
N LEU B 713 37.40 -0.61 30.59
CA LEU B 713 36.88 0.73 30.84
C LEU B 713 37.79 1.53 31.77
N VAL B 714 38.53 0.84 32.65
CA VAL B 714 39.37 1.52 33.62
C VAL B 714 40.68 1.99 32.98
N GLN B 715 41.49 1.03 32.50
CA GLN B 715 42.87 1.34 32.16
C GLN B 715 42.98 2.07 30.84
N GLU B 716 42.42 1.51 29.77
CA GLU B 716 42.76 1.94 28.42
C GLU B 716 42.42 3.41 28.18
N LYS B 717 43.27 4.07 27.39
CA LYS B 717 43.09 5.45 27.00
C LYS B 717 43.16 5.63 25.49
N ARG B 718 43.46 4.58 24.72
CA ARG B 718 43.57 4.73 23.28
C ARG B 718 42.27 5.28 22.70
N THR B 719 42.38 5.85 21.50
CA THR B 719 41.27 6.57 20.89
C THR B 719 40.72 5.76 19.71
N TYR B 720 39.41 5.86 19.52
CA TYR B 720 38.76 5.24 18.37
C TYR B 720 39.47 5.62 17.08
N SER B 721 39.76 4.61 16.26
CA SER B 721 40.34 4.87 14.96
C SER B 721 39.37 5.70 14.12
N CYS B 722 39.94 6.50 13.21
CA CYS B 722 39.15 7.22 12.24
C CYS B 722 38.95 6.43 10.95
N ALA B 723 39.54 5.23 10.86
CA ALA B 723 39.34 4.35 9.71
C ALA B 723 37.85 4.10 9.50
N GLU B 724 37.31 4.68 8.43
CA GLU B 724 35.88 4.65 8.19
C GLU B 724 35.47 3.41 7.40
N ASN B 725 34.18 3.05 7.54
CA ASN B 725 33.55 2.01 6.74
C ASN B 725 34.26 0.67 6.86
N THR B 726 34.81 0.38 8.03
CA THR B 726 35.47 -0.90 8.25
C THR B 726 34.44 -1.97 8.61
N GLY B 727 34.83 -3.22 8.40
CA GLY B 727 34.03 -4.38 8.75
C GLY B 727 32.56 -4.33 8.38
N ILE B 728 31.70 -4.44 9.41
CA ILE B 728 30.26 -4.58 9.20
C ILE B 728 29.58 -3.26 8.84
N SER B 729 30.31 -2.14 8.89
CA SER B 729 29.69 -0.82 8.80
C SER B 729 28.73 -0.69 7.62
N LYS B 730 29.12 -1.22 6.45
CA LYS B 730 28.24 -1.16 5.29
C LYS B 730 27.01 -2.04 5.46
N VAL B 731 27.11 -3.10 6.27
CA VAL B 731 25.98 -4.01 6.45
C VAL B 731 24.98 -3.42 7.45
N LYS B 732 25.46 -2.83 8.54
CA LYS B 732 24.55 -2.17 9.46
C LYS B 732 23.85 -0.99 8.81
N THR B 733 24.51 -0.34 7.84
CA THR B 733 23.83 0.68 7.04
C THR B 733 22.66 0.07 6.30
N LEU B 734 22.86 -1.12 5.72
CA LEU B 734 21.77 -1.81 5.01
C LEU B 734 20.68 -2.24 5.99
N LEU B 735 21.06 -2.90 7.09
CA LEU B 735 20.08 -3.44 8.03
C LEU B 735 19.18 -2.35 8.60
N ASN B 736 19.78 -1.30 9.18
CA ASN B 736 18.98 -0.26 9.81
C ASN B 736 18.06 0.44 8.81
N ASN B 737 18.58 0.76 7.62
CA ASN B 737 17.73 1.32 6.58
C ASN B 737 16.65 0.33 6.17
N MET B 738 16.98 -0.96 6.18
CA MET B 738 15.99 -1.98 5.89
C MET B 738 14.88 -2.00 6.93
N ARG B 739 15.24 -1.83 8.20
CA ARG B 739 14.25 -1.76 9.27
C ARG B 739 13.53 -0.42 9.27
N GLU B 740 14.17 0.63 8.75
CA GLU B 740 13.50 1.93 8.61
C GLU B 740 12.34 1.83 7.63
N GLU B 741 12.48 1.02 6.58
CA GLU B 741 11.38 0.82 5.64
C GLU B 741 10.25 0.03 6.27
N ILE B 742 10.58 -0.99 7.07
CA ILE B 742 9.55 -1.76 7.76
C ILE B 742 8.74 -0.85 8.69
N ALA B 743 9.40 0.18 9.25
CA ALA B 743 8.86 1.17 10.17
C ALA B 743 7.55 0.79 10.86
N SER B 744 6.56 1.67 10.78
CA SER B 744 5.31 1.52 11.49
C SER B 744 4.33 0.56 10.80
N GLU B 745 4.82 -0.55 10.26
CA GLU B 745 3.96 -1.52 9.59
C GLU B 745 3.51 -2.60 10.55
N ALA B 746 4.01 -2.57 11.78
CA ALA B 746 3.70 -3.54 12.82
C ALA B 746 3.67 -2.77 14.13
N VAL B 747 2.49 -2.73 14.77
CA VAL B 747 2.27 -1.93 15.97
C VAL B 747 2.08 -2.82 17.19
N ASP B 748 1.07 -3.69 17.15
CA ASP B 748 0.80 -4.51 18.32
C ASP B 748 1.55 -5.84 18.19
N ILE B 749 1.44 -6.65 19.25
CA ILE B 749 2.30 -7.83 19.37
C ILE B 749 2.03 -8.85 18.27
N GLU B 750 0.81 -8.89 17.74
CA GLU B 750 0.45 -9.88 16.72
C GLU B 750 0.69 -9.42 15.28
N ASP B 751 1.29 -8.24 15.08
CA ASP B 751 1.50 -7.75 13.72
C ASP B 751 2.79 -8.28 13.10
N SER B 752 3.75 -8.74 13.90
CA SER B 752 5.06 -9.14 13.41
C SER B 752 5.31 -10.59 13.79
N GLU B 753 5.33 -11.46 12.80
CA GLU B 753 5.54 -12.88 13.02
C GLU B 753 6.94 -13.28 12.55
N MET B 754 7.30 -14.53 12.84
CA MET B 754 8.68 -14.97 12.68
C MET B 754 8.73 -16.48 12.54
N HIS B 755 9.88 -16.96 12.07
CA HIS B 755 10.22 -18.38 12.16
C HIS B 755 11.73 -18.51 12.18
N VAL B 756 12.26 -19.07 13.27
CA VAL B 756 13.69 -19.29 13.43
C VAL B 756 13.96 -20.79 13.36
N HIS B 757 14.96 -21.18 12.59
CA HIS B 757 15.36 -22.57 12.44
C HIS B 757 16.84 -22.70 12.73
N HIS B 758 17.21 -23.73 13.48
CA HIS B 758 18.59 -24.01 13.83
C HIS B 758 18.99 -25.35 13.21
N ASP B 759 20.03 -25.33 12.39
CA ASP B 759 20.55 -26.55 11.75
C ASP B 759 22.08 -26.44 11.73
N GLY B 760 22.73 -27.09 12.68
CA GLY B 760 24.19 -27.08 12.72
C GLY B 760 24.72 -25.68 12.93
N GLN B 761 25.65 -25.27 12.07
CA GLN B 761 26.21 -23.93 12.11
C GLN B 761 25.38 -22.93 11.33
N TYR B 762 24.25 -23.35 10.76
CA TYR B 762 23.31 -22.45 10.12
C TYR B 762 22.19 -22.07 11.08
N ILE B 763 21.72 -20.83 10.94
CA ILE B 763 20.54 -20.35 11.67
C ILE B 763 19.69 -19.58 10.67
N THR B 764 18.42 -19.97 10.54
CA THR B 764 17.50 -19.39 9.59
C THR B 764 16.51 -18.48 10.31
N PHE B 765 16.28 -17.30 9.75
CA PHE B 765 15.34 -16.34 10.32
C PHE B 765 14.42 -15.83 9.22
N HIS B 766 13.13 -16.16 9.31
CA HIS B 766 12.10 -15.58 8.47
C HIS B 766 11.31 -14.57 9.29
N ARG B 767 11.24 -13.34 8.78
CA ARG B 767 10.53 -12.25 9.45
C ARG B 767 9.30 -11.87 8.63
N THR B 768 8.14 -11.81 9.28
CA THR B 768 6.87 -11.70 8.58
C THR B 768 5.96 -10.71 9.28
N ASN B 769 5.36 -9.82 8.50
CA ASN B 769 4.27 -8.95 8.97
C ASN B 769 2.95 -9.68 8.76
N ALA B 770 2.11 -9.71 9.81
CA ALA B 770 0.89 -10.50 9.74
C ALA B 770 -0.23 -9.84 8.95
N LYS B 771 -0.10 -8.56 8.59
CA LYS B 771 -1.13 -7.89 7.81
C LYS B 771 -0.79 -7.90 6.32
N ASN B 772 0.35 -7.31 5.96
CA ASN B 772 0.83 -7.40 4.59
C ASN B 772 1.78 -8.58 4.47
N GLY B 773 1.83 -9.16 3.28
CA GLY B 773 2.61 -10.38 3.13
C GLY B 773 4.10 -10.20 3.00
N LYS B 774 4.60 -8.97 3.03
CA LYS B 774 6.03 -8.74 2.93
C LYS B 774 6.79 -9.48 4.03
N GLY B 775 7.99 -9.94 3.67
CA GLY B 775 8.86 -10.59 4.63
C GLY B 775 10.32 -10.46 4.23
N TRP B 776 11.19 -10.78 5.18
CA TRP B 776 12.62 -10.86 4.94
C TRP B 776 13.11 -12.21 5.45
N TYR B 777 13.96 -12.85 4.66
CA TYR B 777 14.49 -14.18 4.98
C TYR B 777 16.00 -14.09 5.11
N LEU B 778 16.51 -14.43 6.28
CA LEU B 778 17.95 -14.40 6.56
C LEU B 778 18.48 -15.81 6.70
N VAL B 779 19.48 -16.15 5.90
CA VAL B 779 20.29 -17.34 6.10
C VAL B 779 21.63 -16.90 6.65
N ALA B 780 21.95 -17.36 7.85
CA ALA B 780 23.18 -16.97 8.53
C ALA B 780 23.98 -18.22 8.90
N ARG B 781 25.17 -18.34 8.31
CA ARG B 781 26.11 -19.39 8.71
C ARG B 781 27.03 -18.79 9.76
N THR B 782 26.83 -19.20 11.01
CA THR B 782 27.56 -18.58 12.10
C THR B 782 28.94 -19.23 12.26
N LYS B 783 29.85 -18.46 12.84
CA LYS B 783 31.22 -18.90 13.12
C LYS B 783 31.49 -18.71 14.61
N PHE B 784 30.99 -19.64 15.41
CA PHE B 784 31.47 -19.74 16.79
C PHE B 784 32.86 -20.34 16.82
N HIS B 785 33.11 -21.34 15.97
CA HIS B 785 34.42 -21.93 15.79
C HIS B 785 34.53 -22.38 14.34
N SER B 786 35.75 -22.73 13.94
CA SER B 786 35.96 -23.30 12.61
C SER B 786 35.58 -24.77 12.68
N SER B 787 34.37 -25.09 12.21
CA SER B 787 33.75 -26.38 12.48
C SER B 787 33.48 -27.19 11.22
N GLY B 788 34.16 -26.87 10.11
CA GLY B 788 34.09 -27.70 8.93
C GLY B 788 33.00 -27.30 7.96
N ASP B 789 32.90 -28.08 6.88
CA ASP B 789 31.94 -27.82 5.81
C ASP B 789 30.62 -28.50 6.14
N GLN B 790 29.53 -27.72 6.06
CA GLN B 790 28.18 -28.23 6.27
C GLN B 790 27.29 -27.68 5.17
N MET B 791 26.47 -28.56 4.59
CA MET B 791 25.60 -28.18 3.48
C MET B 791 24.15 -28.19 3.95
N LEU B 792 23.46 -27.09 3.73
CA LEU B 792 22.08 -26.90 4.16
C LEU B 792 21.12 -27.38 3.06
N PRO B 793 20.05 -28.08 3.44
CA PRO B 793 19.08 -28.55 2.43
C PRO B 793 18.37 -27.38 1.77
N ARG B 794 17.78 -27.67 0.61
CA ARG B 794 17.07 -26.65 -0.15
C ARG B 794 15.91 -26.07 0.67
N ILE B 795 15.91 -24.75 0.80
CA ILE B 795 14.85 -24.06 1.54
C ILE B 795 13.58 -24.04 0.71
N LYS B 796 12.47 -24.45 1.32
CA LYS B 796 11.18 -24.50 0.65
C LYS B 796 10.21 -23.55 1.35
N LEU B 797 9.53 -22.72 0.56
CA LEU B 797 8.54 -21.77 1.06
C LEU B 797 7.24 -21.97 0.29
N SER B 798 6.18 -22.35 1.00
CA SER B 798 4.88 -22.60 0.38
C SER B 798 4.15 -21.31 0.10
N GLN B 799 3.55 -21.21 -1.09
CA GLN B 799 2.73 -20.06 -1.49
C GLN B 799 3.45 -18.74 -1.27
N THR B 800 4.77 -18.74 -1.41
CA THR B 800 5.60 -17.57 -1.18
C THR B 800 6.52 -17.35 -2.37
N LYS B 801 6.71 -16.09 -2.75
CA LYS B 801 7.67 -15.70 -3.76
C LYS B 801 8.84 -14.98 -3.10
N ALA B 802 10.05 -15.27 -3.56
CA ALA B 802 11.25 -14.73 -2.95
C ALA B 802 12.02 -13.88 -3.95
N THR B 803 12.95 -13.09 -3.43
CA THR B 803 13.74 -12.17 -4.25
C THR B 803 15.05 -11.90 -3.55
N PHE B 804 16.15 -11.97 -4.29
CA PHE B 804 17.46 -11.73 -3.70
C PHE B 804 17.64 -10.25 -3.38
N LYS B 805 17.98 -9.96 -2.12
CA LYS B 805 18.19 -8.60 -1.64
C LYS B 805 19.66 -8.24 -1.51
N ALA B 806 20.45 -9.11 -0.89
CA ALA B 806 21.87 -8.83 -0.63
C ALA B 806 22.50 -10.07 0.01
N ALA B 807 23.82 -10.18 -0.13
CA ALA B 807 24.57 -11.26 0.49
C ALA B 807 26.00 -10.80 0.70
N PHE B 808 26.58 -11.21 1.83
CA PHE B 808 27.91 -10.75 2.22
C PHE B 808 28.66 -11.88 2.89
N SER B 809 29.99 -11.85 2.77
CA SER B 809 30.86 -12.74 3.51
C SER B 809 31.95 -11.93 4.20
N LEU B 810 32.28 -12.31 5.42
CA LEU B 810 33.33 -11.66 6.19
C LEU B 810 34.48 -12.62 6.42
N GLU B 811 35.69 -12.20 6.03
CA GLU B 811 36.88 -13.02 6.18
C GLU B 811 38.02 -12.18 6.73
N ARG B 812 38.74 -12.75 7.69
CA ARG B 812 39.84 -12.07 8.36
C ARG B 812 41.07 -12.04 7.47
N THR B 813 41.67 -10.85 7.35
CA THR B 813 42.88 -10.66 6.55
C THR B 813 44.05 -10.34 7.47
N GLY B 814 44.43 -11.34 8.27
CA GLY B 814 45.54 -11.19 9.20
C GLY B 814 45.12 -10.57 10.51
N ASP B 815 46.05 -10.62 11.47
CA ASP B 815 45.78 -10.22 12.84
C ASP B 815 45.64 -8.70 12.94
N ALA B 816 45.32 -8.24 14.15
CA ALA B 816 45.04 -6.83 14.40
C ALA B 816 46.32 -6.02 14.53
N PRO B 817 46.26 -4.73 14.18
CA PRO B 817 47.43 -3.86 14.39
C PRO B 817 47.70 -3.62 15.86
N ILE B 818 48.97 -3.45 16.18
CA ILE B 818 49.43 -3.19 17.55
C ILE B 818 49.80 -1.72 17.64
N SER B 819 48.97 -0.94 18.33
CA SER B 819 49.21 0.48 18.52
C SER B 819 49.13 0.83 19.99
N ASP B 820 49.67 1.99 20.35
CA ASP B 820 49.67 2.47 21.72
C ASP B 820 48.83 3.71 21.96
N GLU B 821 48.53 4.49 20.91
CA GLU B 821 47.81 5.75 21.05
C GLU B 821 46.48 5.75 20.31
N ILE B 822 46.12 4.66 19.65
CA ILE B 822 44.89 4.58 18.88
C ILE B 822 44.48 3.11 18.82
N ILE B 823 43.19 2.85 18.91
CA ILE B 823 42.67 1.49 18.87
C ILE B 823 42.08 1.23 17.49
N GLU B 824 42.65 0.28 16.79
CA GLU B 824 42.22 -0.09 15.45
C GLU B 824 41.81 -1.56 15.42
N GLY B 825 40.78 -1.85 14.63
CA GLY B 825 40.22 -3.18 14.60
C GLY B 825 41.02 -4.13 13.74
N ILE B 826 40.44 -5.30 13.51
CA ILE B 826 41.09 -6.32 12.70
C ILE B 826 40.77 -6.08 11.23
N PRO B 827 41.76 -6.17 10.33
CA PRO B 827 41.45 -5.99 8.90
C PRO B 827 40.50 -7.06 8.39
N THR B 828 39.44 -6.62 7.73
CA THR B 828 38.40 -7.52 7.25
C THR B 828 38.06 -7.22 5.79
N LYS B 829 37.71 -8.27 5.07
CA LYS B 829 37.22 -8.19 3.70
C LYS B 829 35.72 -8.50 3.71
N LEU B 830 34.91 -7.53 3.29
CA LEU B 830 33.45 -7.71 3.23
C LEU B 830 33.11 -8.08 1.79
N ARG B 831 33.20 -9.37 1.50
CA ARG B 831 33.04 -9.88 0.14
C ARG B 831 31.57 -10.14 -0.16
N GLU B 832 31.11 -9.62 -1.29
CA GLU B 832 29.76 -9.89 -1.76
C GLU B 832 29.69 -11.24 -2.46
N LEU B 833 28.61 -11.97 -2.21
CA LEU B 833 28.45 -13.33 -2.68
C LEU B 833 27.41 -13.42 -3.79
N THR B 834 27.49 -14.52 -4.55
CA THR B 834 26.57 -14.81 -5.64
C THR B 834 26.35 -16.31 -5.68
N GLY B 835 25.54 -16.78 -6.63
CA GLY B 835 25.29 -18.19 -6.79
C GLY B 835 24.03 -18.71 -6.13
N PHE B 836 23.11 -17.84 -5.74
CA PHE B 836 21.86 -18.25 -5.09
C PHE B 836 20.80 -18.50 -6.16
N ASP B 837 20.17 -19.67 -6.09
CA ASP B 837 19.15 -20.08 -7.05
C ASP B 837 17.79 -20.07 -6.38
N ILE B 838 16.86 -19.29 -6.91
CA ILE B 838 15.51 -19.19 -6.35
C ILE B 838 14.51 -19.77 -7.34
N GLY B 839 14.28 -21.08 -7.26
CA GLY B 839 13.28 -21.72 -8.10
C GLY B 839 11.87 -21.55 -7.56
N PHE B 840 10.92 -21.35 -8.47
CA PHE B 840 9.50 -21.17 -8.13
C PHE B 840 8.66 -22.06 -9.03
N ASP B 841 7.98 -23.04 -8.44
CA ASP B 841 7.09 -23.93 -9.18
C ASP B 841 5.76 -23.20 -9.42
N GLU B 842 5.49 -22.87 -10.68
CA GLU B 842 4.27 -22.13 -11.04
C GLU B 842 3.00 -22.91 -10.75
N ASN B 843 3.10 -24.21 -10.46
CA ASN B 843 1.92 -25.03 -10.14
C ASN B 843 1.70 -25.08 -8.64
N THR B 844 2.60 -25.77 -7.91
CA THR B 844 2.50 -25.84 -6.46
C THR B 844 2.72 -24.51 -5.77
N LYS B 845 3.12 -23.46 -6.51
CA LYS B 845 3.38 -22.13 -5.95
C LYS B 845 4.40 -22.19 -4.81
N GLU B 846 5.35 -23.11 -4.90
CA GLU B 846 6.38 -23.30 -3.88
C GLU B 846 7.71 -22.75 -4.38
N THR B 847 8.23 -21.73 -3.68
CA THR B 847 9.56 -21.22 -3.96
C THR B 847 10.62 -22.11 -3.31
N SER B 848 11.62 -22.49 -4.09
CA SER B 848 12.80 -23.20 -3.60
C SER B 848 13.99 -22.28 -3.64
N ILE B 849 14.82 -22.33 -2.60
CA ILE B 849 15.97 -21.45 -2.47
C ILE B 849 17.21 -22.30 -2.22
N LEU B 850 18.18 -22.24 -3.14
CA LEU B 850 19.41 -23.00 -3.06
C LEU B 850 20.59 -22.07 -2.75
N LEU B 851 21.51 -22.54 -1.89
CA LEU B 851 22.72 -21.82 -1.54
C LEU B 851 23.88 -22.28 -2.41
N PRO B 852 24.85 -21.39 -2.69
CA PRO B 852 26.07 -21.83 -3.35
C PRO B 852 27.04 -22.44 -2.36
N GLN B 853 27.88 -23.35 -2.87
CA GLN B 853 28.88 -23.96 -2.00
C GLN B 853 29.94 -22.96 -1.55
N ASP B 854 30.03 -21.80 -2.22
CA ASP B 854 30.87 -20.71 -1.75
C ASP B 854 30.05 -19.87 -0.76
N PHE B 855 29.92 -20.41 0.44
CA PHE B 855 29.20 -19.74 1.53
C PHE B 855 29.96 -20.04 2.82
N PRO B 856 31.08 -19.36 3.04
CA PRO B 856 31.90 -19.68 4.21
C PRO B 856 31.23 -19.24 5.50
N GLN B 857 31.70 -19.80 6.61
CA GLN B 857 31.19 -19.42 7.92
C GLN B 857 31.45 -17.94 8.17
N GLY B 858 30.43 -17.24 8.66
CA GLY B 858 30.47 -15.81 8.78
C GLY B 858 29.82 -15.06 7.63
N SER B 859 28.95 -15.72 6.87
CA SER B 859 28.30 -15.12 5.72
C SER B 859 26.79 -15.07 5.94
N ILE B 860 26.14 -14.15 5.24
CA ILE B 860 24.70 -14.01 5.28
C ILE B 860 24.17 -13.78 3.88
N VAL B 861 22.91 -14.15 3.68
CA VAL B 861 22.13 -13.73 2.53
C VAL B 861 20.76 -13.32 3.04
N ILE B 862 20.18 -12.31 2.40
CA ILE B 862 18.88 -11.78 2.80
C ILE B 862 17.97 -11.83 1.59
N PHE B 863 16.81 -12.48 1.74
CA PHE B 863 15.79 -12.54 0.70
C PHE B 863 14.57 -11.74 1.11
N GLU B 864 14.05 -10.95 0.19
CA GLU B 864 12.71 -10.39 0.34
C GLU B 864 11.68 -11.42 -0.09
N THR B 865 10.70 -11.66 0.78
CA THR B 865 9.68 -12.65 0.50
C THR B 865 8.31 -11.98 0.48
N GLN B 866 7.34 -12.70 -0.08
CA GLN B 866 5.99 -12.16 -0.22
C GLN B 866 5.02 -13.33 -0.30
N GLN B 867 4.12 -13.43 0.67
CA GLN B 867 3.12 -14.47 0.66
C GLN B 867 2.04 -14.19 -0.38
N LEU B 868 1.56 -15.23 -1.04
CA LEU B 868 0.56 -15.09 -2.08
C LEU B 868 -0.83 -15.20 -1.47
N GLY B 869 -1.73 -14.33 -1.91
CA GLY B 869 -3.04 -14.20 -1.31
C GLY B 869 -3.14 -13.11 -0.27
N ILE B 870 -2.01 -12.60 0.21
CA ILE B 870 -2.00 -11.54 1.20
C ILE B 870 -1.81 -10.21 0.47
N ASP B 871 -2.67 -9.26 0.80
CA ASP B 871 -2.65 -7.94 0.18
C ASP B 871 -3.06 -6.93 1.24
N ASP B 872 -2.73 -5.66 0.99
CA ASP B 872 -3.15 -4.62 1.93
C ASP B 872 -4.66 -4.53 2.03
N SER B 873 -5.37 -5.04 1.03
CA SER B 873 -6.83 -5.03 1.04
C SER B 873 -7.42 -6.21 1.81
N LEU B 874 -6.65 -7.28 2.01
CA LEU B 874 -7.16 -8.45 2.72
C LEU B 874 -7.63 -8.12 4.13
N ASP B 875 -6.85 -7.33 4.87
CA ASP B 875 -7.20 -7.02 6.25
C ASP B 875 -8.57 -6.35 6.35
N HIS B 876 -8.76 -5.26 5.60
CA HIS B 876 -10.05 -4.58 5.65
C HIS B 876 -11.17 -5.45 5.11
N PHE B 877 -10.85 -6.35 4.17
CA PHE B 877 -11.88 -7.22 3.60
C PHE B 877 -12.42 -8.20 4.62
N ILE B 878 -11.55 -8.73 5.48
CA ILE B 878 -11.95 -9.77 6.41
C ILE B 878 -12.80 -9.20 7.55
N ARG B 879 -12.55 -7.95 7.92
CA ARG B 879 -13.24 -7.33 9.04
C ARG B 879 -14.45 -6.51 8.62
N SER B 880 -14.74 -6.42 7.32
CA SER B 880 -15.83 -5.59 6.85
C SER B 880 -16.97 -6.43 6.30
N GLY B 881 -18.14 -5.81 6.18
CA GLY B 881 -19.28 -6.41 5.55
C GLY B 881 -20.04 -7.43 6.38
N ALA B 882 -19.58 -7.71 7.59
CA ALA B 882 -20.20 -8.79 8.37
C ALA B 882 -21.51 -8.35 9.02
N ILE B 883 -21.61 -7.09 9.47
CA ILE B 883 -22.86 -6.67 10.10
C ILE B 883 -23.95 -6.50 9.04
N LYS B 884 -23.60 -6.00 7.86
CA LYS B 884 -24.59 -5.94 6.79
C LYS B 884 -25.09 -7.34 6.42
N ALA B 885 -24.22 -8.34 6.51
CA ALA B 885 -24.63 -9.71 6.22
C ALA B 885 -25.61 -10.23 7.27
N THR B 886 -25.39 -9.88 8.53
CA THR B 886 -26.25 -10.33 9.64
C THR B 886 -27.49 -9.47 9.80
N GLU B 887 -27.70 -8.49 8.91
CA GLU B 887 -28.78 -7.53 9.05
C GLU B 887 -30.16 -8.21 9.07
N LYS B 888 -30.47 -8.98 8.03
CA LYS B 888 -31.80 -9.55 7.85
C LYS B 888 -32.03 -10.80 8.68
N LEU B 889 -31.24 -11.05 9.72
CA LEU B 889 -31.43 -12.24 10.53
C LEU B 889 -32.59 -12.07 11.51
N SER B 890 -33.02 -13.19 12.07
CA SER B 890 -34.07 -13.23 13.08
C SER B 890 -33.62 -14.18 14.18
N LEU B 891 -34.19 -13.98 15.38
CA LEU B 891 -33.85 -14.82 16.51
C LEU B 891 -34.09 -16.30 16.23
N GLU B 892 -34.95 -16.63 15.26
CA GLU B 892 -35.06 -18.01 14.81
C GLU B 892 -33.87 -18.40 13.94
N SER B 893 -33.56 -17.60 12.91
CA SER B 893 -32.55 -17.99 11.94
C SER B 893 -31.15 -18.00 12.53
N ILE B 894 -30.90 -17.20 13.58
CA ILE B 894 -29.60 -17.23 14.24
C ILE B 894 -29.30 -18.61 14.78
N ASN B 895 -30.34 -19.40 15.09
CA ASN B 895 -30.14 -20.77 15.52
C ASN B 895 -29.39 -21.58 14.47
N TYR B 896 -29.79 -21.45 13.20
CA TYR B 896 -29.18 -22.24 12.14
C TYR B 896 -27.74 -21.81 11.86
N VAL B 897 -27.38 -20.58 12.23
CA VAL B 897 -26.03 -20.10 11.98
C VAL B 897 -25.10 -20.42 13.15
N LEU B 898 -25.61 -20.44 14.38
CA LEU B 898 -24.79 -20.66 15.55
C LEU B 898 -25.01 -22.00 16.23
N TYR B 899 -26.26 -22.49 16.29
CA TYR B 899 -26.61 -23.61 17.18
C TYR B 899 -27.39 -24.68 16.43
N ARG B 900 -26.75 -25.81 16.12
CA ARG B 900 -27.45 -26.97 15.59
C ARG B 900 -26.73 -28.23 16.03
N ALA B 901 -27.27 -28.89 17.05
CA ALA B 901 -26.76 -30.20 17.43
C ALA B 901 -26.87 -31.15 16.24
N GLU B 902 -25.99 -32.15 16.22
CA GLU B 902 -25.87 -33.01 15.04
C GLU B 902 -27.20 -33.67 14.68
N GLN B 903 -27.99 -34.04 15.67
CA GLN B 903 -29.29 -34.64 15.38
C GLN B 903 -30.23 -33.64 14.72
N GLU B 904 -30.17 -32.37 15.15
CA GLU B 904 -30.94 -31.34 14.46
C GLU B 904 -30.42 -31.09 13.05
N GLU B 905 -29.12 -31.29 12.83
CA GLU B 905 -28.57 -31.10 11.49
C GLU B 905 -28.96 -32.25 10.57
N TYR B 906 -28.83 -33.49 11.06
CA TYR B 906 -29.32 -34.66 10.33
C TYR B 906 -30.76 -34.46 9.90
N ASP B 907 -31.59 -33.88 10.78
CA ASP B 907 -33.00 -33.62 10.48
C ASP B 907 -33.18 -32.92 9.14
N TYR B 908 -32.26 -32.01 8.81
CA TYR B 908 -32.34 -31.30 7.53
C TYR B 908 -31.59 -32.02 6.42
N SER B 909 -30.74 -32.99 6.73
CA SER B 909 -29.92 -33.66 5.73
C SER B 909 -30.31 -35.11 5.51
N GLU B 910 -31.36 -35.60 6.17
CA GLU B 910 -31.75 -37.00 6.06
C GLU B 910 -30.58 -37.94 6.37
N GLY B 911 -29.67 -37.47 7.22
CA GLY B 911 -28.47 -38.22 7.58
C GLY B 911 -27.26 -37.99 6.71
N ARG B 912 -27.33 -37.09 5.73
CA ARG B 912 -26.19 -36.87 4.85
C ARG B 912 -25.09 -36.05 5.53
N SER B 913 -25.46 -34.96 6.21
CA SER B 913 -24.47 -34.02 6.70
C SER B 913 -24.05 -34.33 8.13
N GLY B 914 -24.44 -33.47 9.06
CA GLY B 914 -24.02 -33.58 10.44
C GLY B 914 -22.87 -32.65 10.78
N ALA B 915 -22.18 -33.00 11.86
CA ALA B 915 -21.11 -32.16 12.39
C ALA B 915 -19.76 -32.58 11.82
N TYR B 916 -18.89 -31.59 11.62
CA TYR B 916 -17.59 -31.84 11.02
C TYR B 916 -16.70 -32.58 12.01
N ASP B 917 -16.22 -33.75 11.62
CA ASP B 917 -15.38 -34.57 12.49
C ASP B 917 -13.93 -34.11 12.37
N ILE B 918 -13.35 -33.65 13.47
CA ILE B 918 -11.98 -33.18 13.52
C ILE B 918 -11.08 -34.38 13.83
N PRO B 919 -10.16 -34.77 12.94
CA PRO B 919 -9.30 -35.93 13.22
C PRO B 919 -8.48 -35.71 14.47
N ASP B 920 -8.29 -36.79 15.24
CA ASP B 920 -7.60 -36.76 16.54
C ASP B 920 -8.34 -35.89 17.55
N TYR B 921 -9.67 -35.78 17.43
CA TYR B 921 -10.38 -34.88 18.33
C TYR B 921 -11.84 -35.27 18.50
N GLY B 922 -12.64 -35.13 17.46
CA GLY B 922 -14.06 -35.39 17.53
C GLY B 922 -14.83 -34.30 16.83
N LYS B 923 -16.11 -34.17 17.17
CA LYS B 923 -16.95 -33.18 16.51
C LYS B 923 -17.27 -32.04 17.46
N PRO B 924 -17.39 -30.81 16.94
CA PRO B 924 -18.01 -29.74 17.73
C PRO B 924 -19.45 -30.09 18.05
N VAL B 925 -19.90 -29.64 19.23
CA VAL B 925 -21.22 -30.05 19.70
C VAL B 925 -22.33 -29.37 18.93
N TYR B 926 -22.06 -28.20 18.35
CA TYR B 926 -22.96 -27.55 17.42
C TYR B 926 -22.35 -27.54 16.02
N CYS B 927 -23.23 -27.66 15.01
CA CYS B 927 -22.78 -27.49 13.64
C CYS B 927 -22.54 -26.03 13.29
N GLY B 928 -23.15 -25.12 14.04
CA GLY B 928 -23.03 -23.70 13.78
C GLY B 928 -21.74 -23.13 14.31
N LEU B 929 -21.65 -21.80 14.28
CA LEU B 929 -20.41 -21.12 14.65
C LEU B 929 -20.06 -21.33 16.11
N GLN B 930 -21.05 -21.52 16.98
CA GLN B 930 -20.76 -21.76 18.40
C GLN B 930 -19.93 -23.02 18.58
N GLY B 931 -20.24 -24.07 17.82
CA GLY B 931 -19.44 -25.28 17.88
C GLY B 931 -17.96 -25.03 17.65
N TRP B 932 -17.65 -24.19 16.66
CA TRP B 932 -16.25 -23.81 16.43
C TRP B 932 -15.73 -22.91 17.54
N VAL B 933 -16.53 -21.92 17.96
CA VAL B 933 -16.07 -20.94 18.94
C VAL B 933 -15.80 -21.61 20.28
N SER B 934 -16.66 -22.57 20.67
CA SER B 934 -16.47 -23.25 21.95
C SER B 934 -15.13 -23.97 22.02
N ILE B 935 -14.58 -24.35 20.88
CA ILE B 935 -13.26 -24.98 20.83
C ILE B 935 -12.15 -23.95 20.64
N LEU B 936 -12.40 -22.94 19.80
CA LEU B 936 -11.33 -22.01 19.40
C LEU B 936 -10.88 -21.10 20.53
N ARG B 937 -11.77 -20.78 21.49
CA ARG B 937 -11.45 -19.79 22.51
C ARG B 937 -10.17 -20.15 23.25
N LYS B 938 -10.07 -21.39 23.76
CA LYS B 938 -8.85 -21.81 24.43
C LYS B 938 -7.68 -21.93 23.46
N ILE B 939 -7.98 -22.19 22.18
CA ILE B 939 -6.92 -22.32 21.19
C ILE B 939 -6.34 -20.95 20.86
N ILE B 940 -7.20 -19.95 20.69
CA ILE B 940 -6.74 -18.59 20.46
C ILE B 940 -6.02 -18.04 21.69
N PHE B 941 -6.50 -18.41 22.88
CA PHE B 941 -5.91 -17.89 24.12
C PHE B 941 -4.50 -18.42 24.31
N TYR B 942 -4.25 -19.67 23.91
CA TYR B 942 -2.94 -20.29 24.09
C TYR B 942 -2.15 -20.40 22.80
N ASN B 943 -2.66 -19.85 21.70
CA ASN B 943 -1.98 -19.93 20.40
C ASN B 943 -1.62 -21.37 20.07
N ASP B 944 -2.54 -22.28 20.33
CA ASP B 944 -2.30 -23.73 20.24
C ASP B 944 -2.29 -24.15 18.77
N LEU B 945 -1.22 -23.75 18.07
CA LEU B 945 -1.04 -24.13 16.67
C LEU B 945 -0.83 -25.63 16.48
N ALA B 946 -0.62 -26.37 17.57
CA ALA B 946 -0.48 -27.83 17.50
C ALA B 946 -1.80 -28.56 17.70
N HIS B 947 -2.90 -27.85 17.91
CA HIS B 947 -4.19 -28.49 18.18
C HIS B 947 -4.64 -29.30 16.97
N PRO B 948 -5.32 -30.43 17.20
CA PRO B 948 -5.91 -31.18 16.07
C PRO B 948 -6.67 -30.31 15.08
N LEU B 949 -7.47 -29.36 15.58
CA LEU B 949 -8.17 -28.45 14.69
C LEU B 949 -7.18 -27.52 13.97
N SER B 950 -6.15 -27.07 14.67
CA SER B 950 -5.09 -26.31 14.02
C SER B 950 -4.41 -27.16 12.95
N ASN B 951 -4.10 -28.41 13.28
CA ASN B 951 -3.54 -29.33 12.29
C ASN B 951 -4.48 -29.51 11.11
N ASN B 952 -5.76 -29.79 11.37
CA ASN B 952 -6.71 -30.04 10.30
C ASN B 952 -6.87 -28.82 9.40
N LEU B 953 -6.90 -27.63 9.99
CA LEU B 953 -7.05 -26.41 9.20
C LEU B 953 -5.80 -26.09 8.38
N ARG B 954 -4.67 -26.70 8.73
CA ARG B 954 -3.43 -26.54 7.99
C ARG B 954 -3.33 -27.51 6.82
N ASN B 955 -3.86 -28.72 6.97
CA ASN B 955 -3.68 -29.75 5.96
C ASN B 955 -4.71 -29.70 4.84
N GLY B 956 -5.77 -28.91 4.97
CA GLY B 956 -6.78 -28.91 3.92
C GLY B 956 -7.78 -27.78 4.09
N HIS B 957 -8.58 -27.60 3.05
CA HIS B 957 -9.64 -26.59 3.04
C HIS B 957 -11.02 -27.21 3.27
N ALA B 958 -11.07 -28.35 3.96
CA ALA B 958 -12.33 -29.07 4.13
C ALA B 958 -13.20 -28.42 5.19
N ALA B 959 -12.65 -28.14 6.37
CA ALA B 959 -13.39 -27.40 7.39
C ALA B 959 -13.73 -26.00 6.91
N VAL B 960 -12.89 -25.40 6.07
CA VAL B 960 -13.19 -24.08 5.52
C VAL B 960 -14.46 -24.11 4.69
N ASP B 961 -14.59 -25.13 3.83
CA ASP B 961 -15.79 -25.25 3.00
C ASP B 961 -16.99 -25.74 3.79
N TYR B 962 -16.76 -26.55 4.82
CA TYR B 962 -17.86 -27.05 5.66
C TYR B 962 -18.65 -25.90 6.27
N VAL B 963 -17.96 -24.93 6.87
CA VAL B 963 -18.61 -23.78 7.48
C VAL B 963 -19.60 -23.12 6.50
N VAL B 964 -19.21 -23.03 5.22
CA VAL B 964 -20.04 -22.33 4.26
C VAL B 964 -21.15 -23.23 3.72
N ASN B 965 -20.81 -24.47 3.38
CA ASN B 965 -21.75 -25.31 2.63
C ASN B 965 -22.96 -25.72 3.46
N ARG B 966 -22.76 -26.08 4.74
CA ARG B 966 -23.88 -26.55 5.55
C ARG B 966 -25.04 -25.56 5.57
N LEU B 967 -24.76 -24.27 5.37
CA LEU B 967 -25.82 -23.28 5.32
C LEU B 967 -26.74 -23.44 4.12
N ASP B 968 -26.34 -24.23 3.11
CA ASP B 968 -27.25 -24.58 2.04
C ASP B 968 -28.52 -25.23 2.58
N LEU B 969 -28.40 -26.00 3.67
CA LEU B 969 -29.58 -26.58 4.31
C LEU B 969 -30.58 -25.51 4.74
N TYR B 970 -30.09 -24.32 5.13
CA TYR B 970 -30.94 -23.25 5.62
C TYR B 970 -30.85 -22.00 4.77
N LYS B 971 -30.42 -22.14 3.51
CA LYS B 971 -30.27 -20.99 2.62
C LYS B 971 -31.56 -20.22 2.44
N ASP B 972 -32.72 -20.82 2.71
CA ASP B 972 -34.01 -20.17 2.52
C ASP B 972 -34.46 -19.35 3.71
N LYS B 973 -33.84 -19.50 4.88
CA LYS B 973 -34.29 -18.80 6.07
C LYS B 973 -33.77 -17.37 6.09
N GLU B 974 -34.41 -16.54 6.92
CA GLU B 974 -34.26 -15.08 6.83
C GLU B 974 -32.83 -14.65 7.11
N GLY B 975 -32.13 -14.13 6.09
CA GLY B 975 -30.80 -13.61 6.28
C GLY B 975 -29.69 -14.63 6.25
N VAL B 976 -30.01 -15.93 6.25
CA VAL B 976 -28.96 -16.94 6.26
C VAL B 976 -28.20 -16.93 4.94
N ALA B 977 -28.90 -16.75 3.82
CA ALA B 977 -28.24 -16.67 2.52
C ALA B 977 -27.25 -15.52 2.48
N GLU B 978 -27.59 -14.40 3.11
CA GLU B 978 -26.69 -13.24 3.12
C GLU B 978 -25.49 -13.50 4.03
N VAL B 979 -25.73 -14.07 5.21
CA VAL B 979 -24.62 -14.48 6.07
C VAL B 979 -23.75 -15.52 5.36
N GLN B 980 -24.38 -16.44 4.63
CA GLN B 980 -23.64 -17.50 3.95
C GLN B 980 -22.69 -16.94 2.89
N GLU B 981 -23.16 -15.96 2.10
CA GLU B 981 -22.31 -15.39 1.06
C GLU B 981 -21.10 -14.68 1.66
N TRP B 982 -21.30 -13.92 2.75
CA TRP B 982 -20.18 -13.28 3.42
C TRP B 982 -19.14 -14.30 3.85
N LEU B 983 -19.56 -15.37 4.52
CA LEU B 983 -18.65 -16.45 4.86
C LEU B 983 -17.96 -17.00 3.61
N ARG B 984 -18.73 -17.23 2.55
CA ARG B 984 -18.16 -17.77 1.32
C ARG B 984 -17.07 -16.86 0.77
N SER B 985 -17.37 -15.55 0.65
CA SER B 985 -16.43 -14.63 0.04
C SER B 985 -15.13 -14.53 0.84
N ARG B 986 -15.23 -14.52 2.16
CA ARG B 986 -14.03 -14.44 2.98
C ARG B 986 -13.28 -15.77 2.95
N MET B 987 -14.01 -16.87 3.10
CA MET B 987 -13.37 -18.19 3.02
C MET B 987 -12.70 -18.39 1.67
N GLU B 988 -13.32 -17.93 0.59
CA GLU B 988 -12.76 -18.10 -0.74
C GLU B 988 -11.37 -17.45 -0.86
N ARG B 989 -11.24 -16.20 -0.41
CA ARG B 989 -9.93 -15.57 -0.46
C ARG B 989 -8.97 -16.17 0.56
N ILE B 990 -9.48 -16.78 1.63
CA ILE B 990 -8.63 -17.43 2.62
C ILE B 990 -7.94 -18.65 2.01
N LYS B 991 -8.68 -19.42 1.20
CA LYS B 991 -8.12 -20.64 0.64
C LYS B 991 -6.92 -20.35 -0.25
N GLN B 992 -6.86 -19.15 -0.84
CA GLN B 992 -5.72 -18.73 -1.65
C GLN B 992 -4.53 -18.24 -0.82
N LEU B 993 -4.51 -18.55 0.47
CA LEU B 993 -3.42 -18.21 1.37
C LEU B 993 -2.55 -19.43 1.61
N PRO B 994 -1.32 -19.24 2.08
CA PRO B 994 -0.51 -20.38 2.51
C PRO B 994 -1.26 -21.22 3.54
N SER B 995 -1.02 -22.54 3.49
CA SER B 995 -1.75 -23.47 4.34
C SER B 995 -1.55 -23.13 5.81
N TYR B 996 -0.35 -22.68 6.18
CA TYR B 996 -0.06 -22.40 7.60
C TYR B 996 -0.75 -21.15 8.12
N LEU B 997 -1.31 -20.32 7.23
CA LEU B 997 -2.05 -19.13 7.67
C LEU B 997 -3.55 -19.38 7.77
N VAL B 998 -4.04 -20.50 7.24
CA VAL B 998 -5.47 -20.76 7.26
C VAL B 998 -6.03 -20.84 8.68
N PRO B 999 -5.41 -21.55 9.63
CA PRO B 999 -6.00 -21.63 10.98
C PRO B 999 -6.34 -20.28 11.60
N SER B 1000 -5.42 -19.32 11.56
CA SER B 1000 -5.69 -18.03 12.18
C SER B 1000 -6.79 -17.27 11.44
N PHE B 1001 -6.77 -17.31 10.10
CA PHE B 1001 -7.78 -16.61 9.32
C PHE B 1001 -9.14 -17.29 9.41
N PHE B 1002 -9.16 -18.62 9.52
CA PHE B 1002 -10.42 -19.32 9.76
C PHE B 1002 -11.07 -18.85 11.07
N ALA B 1003 -10.30 -18.88 12.17
CA ALA B 1003 -10.84 -18.49 13.46
C ALA B 1003 -11.21 -17.00 13.47
N LEU B 1004 -10.42 -16.17 12.80
CA LEU B 1004 -10.73 -14.74 12.73
C LEU B 1004 -12.05 -14.51 12.02
N VAL B 1005 -12.26 -15.17 10.88
CA VAL B 1005 -13.49 -14.97 10.11
C VAL B 1005 -14.69 -15.53 10.87
N VAL B 1006 -14.56 -16.73 11.44
CA VAL B 1006 -15.65 -17.32 12.20
C VAL B 1006 -15.97 -16.46 13.42
N GLY B 1007 -14.93 -16.04 14.15
CA GLY B 1007 -15.15 -15.21 15.33
C GLY B 1007 -15.88 -13.91 15.02
N ILE B 1008 -15.53 -13.26 13.91
CA ILE B 1008 -16.17 -12.00 13.54
C ILE B 1008 -17.65 -12.22 13.27
N MET B 1009 -17.97 -13.22 12.45
CA MET B 1009 -19.37 -13.50 12.15
C MET B 1009 -20.12 -13.95 13.40
N TYR B 1010 -19.44 -14.66 14.31
CA TYR B 1010 -20.07 -15.05 15.57
C TYR B 1010 -20.54 -13.83 16.35
N GLY B 1011 -19.63 -12.89 16.61
CA GLY B 1011 -19.99 -11.71 17.38
C GLY B 1011 -21.14 -10.94 16.76
N CYS B 1012 -21.09 -10.76 15.43
CA CYS B 1012 -22.16 -10.02 14.75
C CYS B 1012 -23.49 -10.74 14.89
N CYS B 1013 -23.49 -12.07 14.85
CA CYS B 1013 -24.73 -12.82 15.07
C CYS B 1013 -25.17 -12.69 16.53
N ARG B 1014 -24.22 -12.81 17.47
CA ARG B 1014 -24.55 -12.62 18.87
C ARG B 1014 -25.08 -11.21 19.14
N LEU B 1015 -24.47 -10.20 18.51
CA LEU B 1015 -24.95 -8.83 18.66
C LEU B 1015 -26.37 -8.69 18.13
N ARG B 1016 -26.62 -9.12 16.90
CA ARG B 1016 -27.95 -9.03 16.31
C ARG B 1016 -29.00 -9.65 17.22
N ALA B 1017 -28.67 -10.77 17.85
CA ALA B 1017 -29.58 -11.38 18.81
C ALA B 1017 -29.88 -10.42 19.97
N MET B 1018 -28.84 -9.80 20.52
CA MET B 1018 -29.05 -8.88 21.63
C MET B 1018 -29.82 -7.65 21.21
N GLN B 1019 -29.68 -7.23 19.95
CA GLN B 1019 -30.47 -6.12 19.45
C GLN B 1019 -31.94 -6.50 19.31
N LEU B 1020 -32.20 -7.74 18.86
CA LEU B 1020 -33.58 -8.18 18.66
C LEU B 1020 -34.28 -8.51 19.97
N MET B 1021 -33.54 -8.92 20.99
CA MET B 1021 -34.13 -9.19 22.30
C MET B 1021 -34.46 -7.89 23.01
N SER B 1022 -35.05 -8.01 24.20
CA SER B 1022 -35.51 -6.83 24.93
C SER B 1022 -34.35 -6.16 25.65
N ASP B 1023 -34.55 -4.88 25.98
CA ASP B 1023 -33.49 -4.04 26.54
C ASP B 1023 -32.78 -4.70 27.71
N ASN B 1024 -33.55 -5.20 28.68
CA ASN B 1024 -32.95 -5.76 29.90
C ASN B 1024 -31.94 -6.86 29.59
N VAL B 1025 -32.13 -7.59 28.50
CA VAL B 1025 -31.17 -8.61 28.09
C VAL B 1025 -30.09 -8.04 27.20
N GLY B 1026 -30.44 -7.13 26.28
CA GLY B 1026 -29.47 -6.67 25.31
C GLY B 1026 -28.40 -5.75 25.85
N LYS B 1027 -28.60 -5.22 27.06
CA LYS B 1027 -27.67 -4.26 27.64
C LYS B 1027 -27.15 -4.74 29.00
N SER B 1028 -27.07 -6.06 29.19
CA SER B 1028 -26.76 -6.67 30.47
C SER B 1028 -25.39 -7.36 30.42
N THR B 1029 -25.06 -8.07 31.49
CA THR B 1029 -23.77 -8.72 31.67
C THR B 1029 -23.63 -9.93 30.74
N VAL B 1030 -22.41 -10.45 30.63
CA VAL B 1030 -22.14 -11.64 29.83
C VAL B 1030 -23.03 -12.80 30.29
N PHE B 1031 -23.10 -13.03 31.60
CA PHE B 1031 -23.84 -14.17 32.12
C PHE B 1031 -25.31 -14.10 31.73
N VAL B 1032 -25.93 -12.93 31.86
CA VAL B 1032 -27.33 -12.79 31.49
C VAL B 1032 -27.51 -13.04 30.00
N GLN B 1033 -26.59 -12.52 29.18
CA GLN B 1033 -26.69 -12.73 27.73
C GLN B 1033 -26.42 -14.17 27.37
N SER B 1034 -25.42 -14.80 28.02
CA SER B 1034 -25.16 -16.21 27.77
C SER B 1034 -26.37 -17.06 28.11
N LEU B 1035 -27.07 -16.73 29.19
CA LEU B 1035 -28.35 -17.38 29.49
C LEU B 1035 -29.34 -17.20 28.34
N ALA B 1036 -29.47 -15.96 27.86
CA ALA B 1036 -30.49 -15.65 26.84
C ALA B 1036 -30.20 -16.36 25.52
N MET B 1037 -28.93 -16.59 25.18
CA MET B 1037 -28.63 -17.27 23.93
C MET B 1037 -29.13 -18.70 23.92
N THR B 1038 -29.38 -19.27 25.10
CA THR B 1038 -30.02 -20.59 25.17
C THR B 1038 -31.40 -20.58 24.53
N SER B 1039 -32.09 -19.42 24.57
CA SER B 1039 -33.38 -19.32 23.91
C SER B 1039 -33.28 -19.53 22.41
N ILE B 1040 -32.11 -19.26 21.83
CA ILE B 1040 -31.91 -19.50 20.40
C ILE B 1040 -31.48 -20.95 20.16
N GLN B 1041 -30.69 -21.52 21.07
CA GLN B 1041 -30.38 -22.94 21.02
C GLN B 1041 -31.65 -23.79 20.93
N MET B 1042 -32.68 -23.40 21.66
CA MET B 1042 -33.85 -24.27 21.85
C MET B 1042 -34.98 -24.01 20.86
N VAL B 1043 -35.00 -22.85 20.22
CA VAL B 1043 -36.12 -22.45 19.37
C VAL B 1043 -35.66 -22.45 17.92
N SER B 1044 -36.12 -23.45 17.16
CA SER B 1044 -35.89 -23.49 15.73
C SER B 1044 -37.03 -24.26 15.08
N ALA B 1045 -37.14 -24.12 13.76
CA ALA B 1045 -38.07 -24.93 12.99
C ALA B 1045 -37.39 -26.21 12.52
N MET B 1046 -38.18 -27.28 12.42
CA MET B 1046 -37.65 -28.59 12.10
C MET B 1046 -38.46 -29.21 10.97
N LYS B 1047 -38.08 -30.42 10.58
CA LYS B 1047 -38.79 -31.21 9.58
C LYS B 1047 -39.52 -32.41 10.17
N SER B 1048 -39.07 -32.92 11.31
CA SER B 1048 -39.67 -34.09 11.93
C SER B 1048 -40.74 -33.77 12.95
N THR B 1049 -40.73 -32.56 13.52
CA THR B 1049 -41.69 -32.16 14.54
C THR B 1049 -42.04 -30.69 14.34
N SER B 1050 -42.88 -30.19 15.24
CA SER B 1050 -43.38 -28.82 15.25
C SER B 1050 -44.23 -28.65 16.50
N ILE B 1051 -44.87 -27.49 16.66
CA ILE B 1051 -45.86 -27.31 17.70
C ILE B 1051 -47.27 -27.44 17.15
N LEU B 1052 -47.44 -27.37 15.83
CA LEU B 1052 -48.68 -27.58 15.09
C LEU B 1052 -48.61 -28.89 14.32
N PRO B 1053 -49.70 -29.66 14.28
CA PRO B 1053 -49.68 -30.89 13.48
C PRO B 1053 -49.75 -30.61 11.99
N ASP B 1054 -50.34 -29.48 11.61
CA ASP B 1054 -50.63 -29.17 10.22
C ASP B 1054 -49.47 -28.47 9.51
N GLN B 1055 -48.62 -27.76 10.24
CA GLN B 1055 -47.48 -27.08 9.65
C GLN B 1055 -46.22 -27.41 10.45
N ASN B 1056 -45.08 -26.97 9.92
CA ASN B 1056 -43.81 -27.05 10.64
C ASN B 1056 -43.31 -25.63 10.88
N ILE B 1057 -43.31 -25.21 12.14
CA ILE B 1057 -42.88 -23.87 12.51
C ILE B 1057 -41.94 -23.99 13.71
N ALA B 1058 -41.57 -22.85 14.30
CA ALA B 1058 -40.59 -22.86 15.38
C ALA B 1058 -41.17 -23.56 16.62
N ALA B 1059 -40.38 -24.45 17.20
CA ALA B 1059 -40.81 -25.28 18.32
C ALA B 1059 -39.68 -25.38 19.33
N MET B 1060 -39.99 -25.08 20.59
CA MET B 1060 -38.97 -25.04 21.63
C MET B 1060 -38.62 -26.45 22.06
N ALA B 1061 -37.36 -26.82 21.88
CA ALA B 1061 -36.89 -28.11 22.35
C ALA B 1061 -36.78 -28.11 23.88
N ALA B 1062 -36.96 -29.30 24.47
CA ALA B 1062 -36.75 -29.42 25.91
C ALA B 1062 -35.27 -29.27 26.26
N GLY B 1063 -34.39 -29.63 25.34
CA GLY B 1063 -32.96 -29.57 25.57
C GLY B 1063 -32.18 -30.19 24.44
N LEU B 1064 -30.88 -29.91 24.38
CA LEU B 1064 -30.05 -30.43 23.30
C LEU B 1064 -29.03 -31.40 23.86
N PRO B 1065 -28.68 -32.46 23.11
CA PRO B 1065 -29.16 -32.82 21.77
C PRO B 1065 -30.32 -33.81 21.79
N HIS B 1066 -30.58 -34.44 22.93
CA HIS B 1066 -31.43 -35.63 22.94
C HIS B 1066 -32.92 -35.30 22.91
N PHE B 1067 -33.33 -34.11 23.35
CA PHE B 1067 -34.74 -33.74 23.30
C PHE B 1067 -35.00 -32.76 22.17
N SER B 1068 -34.58 -33.11 20.96
CA SER B 1068 -34.62 -32.20 19.83
C SER B 1068 -35.30 -32.77 18.59
N THR B 1069 -35.46 -34.09 18.47
CA THR B 1069 -35.91 -34.71 17.23
C THR B 1069 -37.17 -35.54 17.46
N ASN B 1070 -38.00 -35.59 16.42
CA ASN B 1070 -39.20 -36.42 16.39
C ASN B 1070 -40.12 -36.16 17.58
N TYR B 1071 -40.73 -37.22 18.12
CA TYR B 1071 -41.63 -37.05 19.26
C TYR B 1071 -40.89 -36.54 20.49
N MET B 1072 -39.56 -36.67 20.53
CA MET B 1072 -38.76 -36.35 21.69
C MET B 1072 -38.48 -34.85 21.85
N ARG B 1073 -39.02 -33.99 20.99
CA ARG B 1073 -38.62 -32.59 21.01
C ARG B 1073 -39.44 -31.74 21.98
N CYS B 1074 -40.76 -31.67 21.77
CA CYS B 1074 -41.60 -30.75 22.51
C CYS B 1074 -42.23 -31.44 23.71
N TRP B 1075 -42.20 -30.77 24.86
CA TRP B 1075 -42.76 -31.31 26.09
C TRP B 1075 -43.47 -30.18 26.84
N GLY B 1076 -44.78 -30.35 27.08
CA GLY B 1076 -45.57 -29.27 27.63
C GLY B 1076 -45.06 -28.77 28.96
N ARG B 1077 -44.65 -29.69 29.82
CA ARG B 1077 -44.05 -29.29 31.10
C ARG B 1077 -42.79 -28.46 30.88
N ASP B 1078 -41.94 -28.89 29.94
CA ASP B 1078 -40.69 -28.18 29.72
C ASP B 1078 -40.92 -26.85 29.02
N VAL B 1079 -41.91 -26.80 28.11
CA VAL B 1079 -42.14 -25.59 27.33
C VAL B 1079 -42.52 -24.42 28.24
N PHE B 1080 -43.53 -24.60 29.09
CA PHE B 1080 -44.13 -23.48 29.80
C PHE B 1080 -43.38 -23.12 31.08
N ILE B 1081 -42.73 -24.08 31.72
CA ILE B 1081 -41.82 -23.73 32.81
C ILE B 1081 -40.70 -22.84 32.28
N SER B 1082 -40.30 -23.05 31.03
CA SER B 1082 -39.27 -22.24 30.38
C SER B 1082 -39.80 -21.01 29.67
N LEU B 1083 -41.12 -20.97 29.42
CA LEU B 1083 -41.68 -19.93 28.55
C LEU B 1083 -41.38 -18.53 29.04
N ARG B 1084 -41.54 -18.28 30.33
CA ARG B 1084 -41.33 -16.94 30.86
C ARG B 1084 -39.90 -16.47 30.65
N GLY B 1085 -38.92 -17.29 31.03
CA GLY B 1085 -37.53 -16.88 30.92
C GLY B 1085 -37.06 -16.80 29.47
N LEU B 1086 -37.24 -17.87 28.72
CA LEU B 1086 -36.65 -17.94 27.38
C LEU B 1086 -37.39 -17.08 26.37
N LEU B 1087 -38.69 -16.87 26.56
CA LEU B 1087 -39.49 -16.16 25.56
C LEU B 1087 -39.97 -14.79 26.02
N LEU B 1088 -40.45 -14.65 27.26
CA LEU B 1088 -40.99 -13.38 27.70
C LEU B 1088 -39.91 -12.44 28.25
N THR B 1089 -39.01 -12.96 29.08
CA THR B 1089 -37.90 -12.16 29.59
C THR B 1089 -37.02 -11.64 28.46
N THR B 1090 -36.87 -12.44 27.39
CA THR B 1090 -36.05 -12.03 26.25
C THR B 1090 -36.80 -11.16 25.25
N GLY B 1091 -38.13 -11.19 25.26
CA GLY B 1091 -38.92 -10.41 24.34
C GLY B 1091 -39.52 -11.17 23.19
N ARG B 1092 -39.46 -12.50 23.21
CA ARG B 1092 -40.01 -13.33 22.13
C ARG B 1092 -41.52 -13.51 22.34
N TYR B 1093 -42.23 -12.39 22.31
CA TYR B 1093 -43.65 -12.43 22.65
C TYR B 1093 -44.45 -13.20 21.61
N GLU B 1094 -44.24 -12.88 20.32
CA GLU B 1094 -44.98 -13.56 19.25
C GLU B 1094 -44.74 -15.06 19.24
N GLU B 1095 -43.60 -15.51 19.74
CA GLU B 1095 -43.34 -16.94 19.79
C GLU B 1095 -43.87 -17.58 21.06
N ALA B 1096 -43.95 -16.82 22.15
CA ALA B 1096 -44.63 -17.32 23.34
C ALA B 1096 -46.12 -17.51 23.06
N LYS B 1097 -46.72 -16.58 22.30
CA LYS B 1097 -48.10 -16.74 21.90
C LYS B 1097 -48.29 -18.00 21.07
N GLU B 1098 -47.39 -18.24 20.11
CA GLU B 1098 -47.52 -19.41 19.24
C GLU B 1098 -47.46 -20.70 20.04
N HIS B 1099 -46.62 -20.76 21.07
CA HIS B 1099 -46.52 -21.98 21.87
C HIS B 1099 -47.74 -22.18 22.76
N ILE B 1100 -48.32 -21.09 23.27
CA ILE B 1100 -49.54 -21.22 24.08
C ILE B 1100 -50.70 -21.69 23.22
N LEU B 1101 -50.91 -21.04 22.07
CA LEU B 1101 -52.00 -21.42 21.19
C LEU B 1101 -51.84 -22.85 20.67
N ALA B 1102 -50.61 -23.29 20.44
CA ALA B 1102 -50.38 -24.60 19.86
C ALA B 1102 -50.73 -25.72 20.83
N PHE B 1103 -50.55 -25.48 22.14
CA PHE B 1103 -50.96 -26.43 23.15
C PHE B 1103 -52.42 -26.27 23.55
N ALA B 1104 -52.97 -25.07 23.40
CA ALA B 1104 -54.40 -24.87 23.62
C ALA B 1104 -55.24 -25.85 22.82
N LYS B 1105 -54.78 -26.21 21.62
CA LYS B 1105 -55.51 -27.16 20.77
C LYS B 1105 -55.56 -28.56 21.36
N THR B 1106 -54.58 -28.93 22.19
CA THR B 1106 -54.39 -30.30 22.66
C THR B 1106 -55.07 -30.56 24.00
N LEU B 1107 -55.97 -29.69 24.43
CA LEU B 1107 -56.64 -29.91 25.71
C LEU B 1107 -57.55 -31.13 25.61
N LYS B 1108 -57.46 -32.01 26.63
CA LYS B 1108 -58.25 -33.22 26.74
C LYS B 1108 -58.25 -33.61 28.22
N HIS B 1109 -59.37 -34.20 28.66
CA HIS B 1109 -59.63 -34.45 30.08
C HIS B 1109 -59.61 -33.17 30.89
N GLY B 1110 -59.68 -32.01 30.24
CA GLY B 1110 -59.41 -30.74 30.90
C GLY B 1110 -57.97 -30.57 31.36
N LEU B 1111 -57.04 -31.36 30.82
CA LEU B 1111 -55.63 -31.23 31.13
C LEU B 1111 -54.82 -31.04 29.85
N ILE B 1112 -53.60 -30.56 30.01
CA ILE B 1112 -52.71 -30.33 28.87
C ILE B 1112 -51.68 -31.45 28.83
N PRO B 1113 -51.37 -31.99 27.66
CA PRO B 1113 -50.41 -33.10 27.59
C PRO B 1113 -48.98 -32.61 27.70
N ASN B 1114 -48.13 -33.50 28.21
CA ASN B 1114 -46.71 -33.20 28.23
C ASN B 1114 -46.02 -33.65 26.94
N LEU B 1115 -46.26 -34.89 26.51
CA LEU B 1115 -45.64 -35.37 25.28
C LEU B 1115 -46.46 -34.83 24.11
N LEU B 1116 -46.14 -33.61 23.71
CA LEU B 1116 -46.75 -33.04 22.52
C LEU B 1116 -46.20 -33.77 21.30
N ASP B 1117 -47.03 -34.59 20.69
CA ASP B 1117 -46.65 -35.28 19.45
C ASP B 1117 -46.96 -34.39 18.26
N ALA B 1118 -46.54 -33.13 18.39
CA ALA B 1118 -46.87 -32.05 17.47
C ALA B 1118 -48.37 -31.76 17.47
N GLY B 1119 -49.06 -32.12 18.55
CA GLY B 1119 -50.51 -32.01 18.58
C GLY B 1119 -51.15 -33.10 17.76
N ARG B 1120 -50.58 -34.30 17.80
CA ARG B 1120 -50.97 -35.39 16.91
C ARG B 1120 -50.67 -36.67 17.67
N ASN B 1121 -51.64 -37.11 18.48
CA ASN B 1121 -51.53 -38.19 19.46
C ASN B 1121 -50.61 -37.82 20.62
N PRO B 1122 -50.95 -36.82 21.43
CA PRO B 1122 -50.15 -36.58 22.63
C PRO B 1122 -50.60 -37.49 23.78
N ARG B 1123 -49.69 -37.69 24.72
CA ARG B 1123 -49.96 -38.53 25.89
C ARG B 1123 -50.33 -37.65 27.08
N TYR B 1124 -51.40 -38.03 27.78
CA TYR B 1124 -51.98 -37.21 28.83
C TYR B 1124 -51.73 -37.79 30.21
N ASN B 1125 -50.46 -37.96 30.59
CA ASN B 1125 -50.08 -38.36 31.94
C ASN B 1125 -49.54 -37.20 32.76
N ALA B 1126 -50.02 -35.99 32.51
CA ALA B 1126 -49.49 -34.78 33.13
C ALA B 1126 -50.59 -34.13 33.98
N ARG B 1127 -50.60 -34.41 35.28
CA ARG B 1127 -51.52 -33.71 36.17
C ARG B 1127 -51.08 -32.27 36.42
N ASP B 1128 -49.78 -31.98 36.30
CA ASP B 1128 -49.26 -30.65 36.64
C ASP B 1128 -49.21 -29.71 35.44
N ALA B 1129 -48.91 -30.23 34.25
CA ALA B 1129 -48.57 -29.37 33.12
C ALA B 1129 -49.68 -28.38 32.80
N ALA B 1130 -50.94 -28.77 32.99
CA ALA B 1130 -52.06 -27.87 32.69
C ALA B 1130 -52.00 -26.62 33.56
N TRP B 1131 -51.37 -26.70 34.74
CA TRP B 1131 -51.31 -25.57 35.63
C TRP B 1131 -50.07 -24.71 35.42
N PHE B 1132 -48.94 -25.31 35.03
CA PHE B 1132 -47.86 -24.50 34.46
C PHE B 1132 -48.29 -23.84 33.16
N PHE B 1133 -49.18 -24.51 32.41
CA PHE B 1133 -49.70 -23.94 31.18
C PHE B 1133 -50.57 -22.72 31.46
N VAL B 1134 -51.52 -22.85 32.40
CA VAL B 1134 -52.40 -21.73 32.70
C VAL B 1134 -51.63 -20.64 33.44
N GLN B 1135 -50.58 -21.00 34.17
CA GLN B 1135 -49.69 -19.99 34.74
C GLN B 1135 -49.00 -19.17 33.67
N ALA B 1136 -48.40 -19.84 32.69
CA ALA B 1136 -47.70 -19.14 31.61
C ALA B 1136 -48.63 -18.16 30.89
N ILE B 1137 -49.89 -18.54 30.71
CA ILE B 1137 -50.87 -17.63 30.11
C ILE B 1137 -50.98 -16.35 30.93
N GLN B 1138 -51.00 -16.47 32.26
CA GLN B 1138 -51.00 -15.29 33.12
C GLN B 1138 -49.72 -14.48 32.96
N ASP B 1139 -48.57 -15.17 32.91
CA ASP B 1139 -47.30 -14.48 32.71
C ASP B 1139 -47.28 -13.72 31.38
N TYR B 1140 -47.83 -14.32 30.32
CA TYR B 1140 -47.95 -13.62 29.05
C TYR B 1140 -48.78 -12.34 29.23
N VAL B 1141 -49.93 -12.46 29.90
CA VAL B 1141 -50.82 -11.32 30.06
C VAL B 1141 -50.18 -10.26 30.95
N THR B 1142 -49.46 -10.69 31.99
CA THR B 1142 -48.82 -9.73 32.89
C THR B 1142 -47.74 -8.93 32.19
N ILE B 1143 -46.94 -9.57 31.35
CA ILE B 1143 -45.72 -8.96 30.80
C ILE B 1143 -45.97 -8.34 29.43
N VAL B 1144 -46.54 -9.10 28.50
CA VAL B 1144 -46.68 -8.62 27.13
C VAL B 1144 -47.61 -7.41 27.09
N PRO B 1145 -47.20 -6.29 26.49
CA PRO B 1145 -48.11 -5.15 26.33
C PRO B 1145 -49.32 -5.53 25.48
N GLY B 1146 -50.50 -5.36 26.07
CA GLY B 1146 -51.72 -5.78 25.41
C GLY B 1146 -52.03 -7.25 25.51
N GLY B 1147 -51.42 -7.94 26.48
CA GLY B 1147 -51.53 -9.38 26.57
C GLY B 1147 -52.92 -9.90 26.85
N VAL B 1148 -53.83 -9.04 27.35
CA VAL B 1148 -55.21 -9.45 27.57
C VAL B 1148 -55.84 -9.96 26.28
N SER B 1149 -55.37 -9.47 25.13
CA SER B 1149 -55.84 -9.97 23.84
C SER B 1149 -55.62 -11.47 23.69
N LEU B 1150 -54.66 -12.04 24.43
CA LEU B 1150 -54.45 -13.49 24.37
C LEU B 1150 -55.70 -14.24 24.79
N LEU B 1151 -56.48 -13.68 25.71
CA LEU B 1151 -57.65 -14.38 26.24
C LEU B 1151 -58.69 -14.62 25.15
N GLN B 1152 -58.85 -13.66 24.24
CA GLN B 1152 -59.85 -13.77 23.18
C GLN B 1152 -59.31 -14.46 21.93
N GLU B 1153 -58.05 -14.87 21.92
CA GLU B 1153 -57.54 -15.61 20.77
C GLU B 1153 -58.19 -16.98 20.71
N LYS B 1154 -58.77 -17.31 19.57
CA LYS B 1154 -59.52 -18.55 19.39
C LYS B 1154 -58.67 -19.58 18.66
N VAL B 1155 -58.70 -20.82 19.15
CA VAL B 1155 -57.88 -21.89 18.60
C VAL B 1155 -58.77 -23.05 18.17
N THR B 1156 -58.39 -23.65 17.04
CA THR B 1156 -59.02 -24.87 16.54
C THR B 1156 -58.58 -26.07 17.37
N ARG B 1157 -59.51 -26.66 18.11
CA ARG B 1157 -59.19 -27.74 19.03
C ARG B 1157 -59.29 -29.11 18.38
N ARG B 1158 -58.32 -29.99 18.69
CA ARG B 1158 -58.25 -31.29 18.03
C ARG B 1158 -59.16 -32.31 18.72
N PHE B 1159 -59.05 -32.44 20.04
CA PHE B 1159 -59.92 -33.34 20.78
C PHE B 1159 -61.29 -32.71 21.01
N PRO B 1160 -62.31 -33.52 21.28
CA PRO B 1160 -63.64 -32.99 21.57
C PRO B 1160 -63.82 -32.64 23.03
N LEU B 1161 -64.87 -31.86 23.30
CA LEU B 1161 -65.17 -31.47 24.67
C LEU B 1161 -65.53 -32.66 25.55
N ASP B 1162 -65.91 -33.80 24.95
CA ASP B 1162 -66.28 -34.99 25.69
C ASP B 1162 -65.10 -35.90 26.03
N ASP B 1163 -63.90 -35.60 25.55
CA ASP B 1163 -62.69 -36.40 25.79
C ASP B 1163 -62.77 -37.73 25.07
N GLU B 1164 -62.82 -37.72 23.74
CA GLU B 1164 -62.99 -38.96 22.99
C GLU B 1164 -61.65 -39.61 22.69
N TYR B 1165 -61.35 -39.78 21.41
CA TYR B 1165 -60.20 -40.58 21.00
C TYR B 1165 -59.68 -40.07 19.67
N ILE B 1166 -58.44 -40.49 19.36
CA ILE B 1166 -57.60 -40.06 18.25
C ILE B 1166 -58.37 -39.90 16.94
N PRO B 1167 -58.59 -38.67 16.48
CA PRO B 1167 -59.27 -38.50 15.20
C PRO B 1167 -58.58 -37.49 14.31
N TYR B 1168 -57.24 -37.50 14.28
CA TYR B 1168 -56.50 -36.39 13.67
C TYR B 1168 -56.94 -36.13 12.23
N ASP B 1169 -57.43 -37.16 11.52
CA ASP B 1169 -57.92 -36.99 10.17
C ASP B 1169 -59.43 -36.96 10.08
N ASP B 1170 -60.12 -37.51 11.08
CA ASP B 1170 -61.58 -37.50 11.17
C ASP B 1170 -62.13 -36.09 11.01
N PRO B 1171 -63.31 -35.94 10.40
CA PRO B 1171 -63.91 -34.61 10.27
C PRO B 1171 -64.30 -33.98 11.60
N LYS B 1172 -64.35 -34.76 12.69
CA LYS B 1172 -64.73 -34.20 13.98
C LYS B 1172 -63.61 -33.37 14.57
N ALA B 1173 -62.36 -33.83 14.46
CA ALA B 1173 -61.24 -33.02 14.87
C ALA B 1173 -61.19 -31.74 14.03
N PHE B 1174 -60.92 -30.63 14.70
CA PHE B 1174 -60.73 -29.31 14.10
C PHE B 1174 -62.03 -28.67 13.63
N SER B 1175 -63.17 -29.04 14.22
CA SER B 1175 -64.47 -28.55 13.77
C SER B 1175 -65.24 -27.95 14.95
N TYR B 1176 -64.55 -27.11 15.72
CA TYR B 1176 -65.05 -26.44 16.93
C TYR B 1176 -63.88 -25.69 17.56
N SER B 1177 -64.08 -24.41 17.82
CA SER B 1177 -63.00 -23.53 18.28
C SER B 1177 -63.25 -23.07 19.72
N SER B 1178 -62.15 -22.87 20.44
CA SER B 1178 -62.19 -22.45 21.84
C SER B 1178 -61.21 -21.31 22.08
N THR B 1179 -61.70 -20.23 22.67
CA THR B 1179 -60.81 -19.14 23.06
C THR B 1179 -60.01 -19.53 24.30
N ILE B 1180 -58.90 -18.81 24.52
CA ILE B 1180 -58.07 -19.05 25.70
C ILE B 1180 -58.85 -18.77 26.97
N GLU B 1181 -59.76 -17.79 26.92
CA GLU B 1181 -60.71 -17.58 28.01
C GLU B 1181 -61.38 -18.90 28.41
N GLU B 1182 -62.08 -19.52 27.47
CA GLU B 1182 -62.77 -20.78 27.77
C GLU B 1182 -61.79 -21.89 28.13
N ILE B 1183 -60.56 -21.83 27.63
CA ILE B 1183 -59.57 -22.86 27.93
C ILE B 1183 -59.18 -22.80 29.42
N ILE B 1184 -58.95 -21.59 29.94
CA ILE B 1184 -58.66 -21.43 31.36
C ILE B 1184 -59.81 -21.96 32.20
N TYR B 1185 -61.03 -21.52 31.90
CA TYR B 1185 -62.20 -21.97 32.64
C TYR B 1185 -62.41 -23.47 32.51
N GLU B 1186 -62.25 -24.01 31.30
CA GLU B 1186 -62.46 -25.45 31.10
C GLU B 1186 -61.54 -26.27 31.98
N ILE B 1187 -60.29 -25.82 32.17
CA ILE B 1187 -59.39 -26.50 33.09
C ILE B 1187 -59.93 -26.41 34.52
N LEU B 1188 -60.35 -25.21 34.92
CA LEU B 1188 -60.87 -25.01 36.28
C LEU B 1188 -62.14 -25.82 36.50
N ASN B 1189 -63.12 -25.68 35.61
CA ASN B 1189 -64.41 -26.34 35.80
C ASN B 1189 -64.26 -27.85 35.87
N ARG B 1190 -63.70 -28.44 34.80
CA ARG B 1190 -63.59 -29.89 34.70
C ARG B 1190 -62.73 -30.46 35.82
N HIS B 1191 -61.78 -29.69 36.34
CA HIS B 1191 -60.99 -30.12 37.49
C HIS B 1191 -61.85 -30.23 38.74
N ALA B 1192 -62.69 -29.23 38.99
CA ALA B 1192 -63.62 -29.29 40.13
C ALA B 1192 -64.59 -30.45 39.96
N GLY B 1193 -65.37 -30.43 38.88
CA GLY B 1193 -66.28 -31.51 38.54
C GLY B 1193 -65.68 -32.90 38.58
N GLY B 1194 -64.36 -33.01 38.55
CA GLY B 1194 -63.72 -34.31 38.58
C GLY B 1194 -63.43 -34.85 37.20
N ILE B 1195 -62.38 -35.68 37.12
CA ILE B 1195 -61.97 -36.29 35.87
C ILE B 1195 -61.73 -37.77 36.12
N LYS B 1196 -62.35 -38.62 35.31
CA LYS B 1196 -62.13 -40.06 35.37
C LYS B 1196 -61.91 -40.57 33.95
N TYR B 1197 -60.79 -41.29 33.75
CA TYR B 1197 -60.44 -41.83 32.45
C TYR B 1197 -59.26 -42.76 32.56
N ARG B 1198 -59.28 -43.85 31.79
CA ARG B 1198 -58.10 -44.63 31.48
C ARG B 1198 -57.43 -43.98 30.27
N GLU B 1199 -56.11 -43.81 30.34
CA GLU B 1199 -55.38 -43.24 29.21
C GLU B 1199 -55.77 -43.98 27.92
N ALA B 1200 -56.06 -43.21 26.88
CA ALA B 1200 -56.38 -43.80 25.59
C ALA B 1200 -55.25 -44.68 25.10
N ASN B 1201 -55.62 -45.80 24.48
CA ASN B 1201 -54.66 -46.75 23.89
C ASN B 1201 -53.69 -47.29 24.93
N ALA B 1202 -54.11 -47.37 26.18
CA ALA B 1202 -53.25 -47.83 27.26
C ALA B 1202 -52.72 -49.23 26.97
N GLY B 1203 -51.56 -49.54 27.55
CA GLY B 1203 -50.90 -50.80 27.33
C GLY B 1203 -49.42 -50.62 27.11
N PRO B 1204 -48.71 -51.71 26.81
CA PRO B 1204 -47.27 -51.60 26.54
C PRO B 1204 -46.94 -50.76 25.31
N ASN B 1205 -47.84 -50.70 24.32
CA ASN B 1205 -47.53 -50.04 23.06
C ASN B 1205 -47.32 -48.52 23.20
N LEU B 1206 -47.56 -47.93 24.36
CA LEU B 1206 -47.17 -46.54 24.60
C LEU B 1206 -46.17 -46.42 25.74
N ASP B 1207 -46.44 -47.05 26.87
CA ASP B 1207 -45.52 -47.08 28.02
C ASP B 1207 -45.26 -48.55 28.31
N ARG B 1208 -44.10 -49.02 27.89
CA ARG B 1208 -43.71 -50.42 27.97
C ARG B 1208 -43.35 -50.89 29.36
N VAL B 1209 -43.54 -50.11 30.43
CA VAL B 1209 -43.05 -50.60 31.72
C VAL B 1209 -44.01 -50.42 32.88
N MET B 1210 -44.98 -49.53 32.73
CA MET B 1210 -45.90 -49.22 33.83
C MET B 1210 -47.06 -50.20 33.87
N LYS B 1211 -47.47 -50.54 35.10
CA LYS B 1211 -48.48 -51.56 35.33
C LYS B 1211 -49.86 -51.08 34.89
N ASP B 1212 -50.80 -52.04 34.85
CA ASP B 1212 -52.15 -51.74 34.39
C ASP B 1212 -52.89 -50.81 35.33
N GLU B 1213 -52.51 -50.80 36.61
CA GLU B 1213 -53.17 -49.95 37.59
C GLU B 1213 -52.79 -48.48 37.45
N GLY B 1214 -51.80 -48.17 36.64
CA GLY B 1214 -51.33 -46.80 36.47
C GLY B 1214 -51.94 -46.03 35.32
N PHE B 1215 -52.49 -46.71 34.33
CA PHE B 1215 -52.97 -46.00 33.14
C PHE B 1215 -54.25 -45.22 33.38
N ASN B 1216 -54.96 -45.43 34.49
CA ASN B 1216 -56.07 -44.56 34.86
C ASN B 1216 -55.61 -43.64 35.99
N VAL B 1217 -55.45 -42.36 35.69
CA VAL B 1217 -55.07 -41.35 36.68
C VAL B 1217 -56.21 -40.35 36.77
N GLU B 1218 -56.69 -40.10 37.99
CA GLU B 1218 -57.89 -39.30 38.19
C GLU B 1218 -57.64 -38.22 39.23
N VAL B 1219 -58.40 -37.13 39.10
CA VAL B 1219 -58.22 -35.94 39.93
C VAL B 1219 -59.58 -35.37 40.29
N ASN B 1220 -59.78 -35.08 41.58
CA ASN B 1220 -60.96 -34.38 42.07
C ASN B 1220 -60.52 -33.46 43.20
N VAL B 1221 -61.47 -32.72 43.76
CA VAL B 1221 -61.20 -31.67 44.73
C VAL B 1221 -61.78 -32.04 46.08
N ASP B 1222 -60.97 -31.93 47.14
CA ASP B 1222 -61.43 -32.04 48.52
C ASP B 1222 -61.92 -30.67 48.96
N TRP B 1223 -63.23 -30.46 48.95
CA TRP B 1223 -63.78 -29.11 49.12
C TRP B 1223 -63.75 -28.61 50.56
N GLU B 1224 -63.50 -29.48 51.54
CA GLU B 1224 -63.22 -28.97 52.88
C GLU B 1224 -61.91 -28.18 52.93
N THR B 1225 -61.03 -28.41 51.97
CA THR B 1225 -59.76 -27.70 51.85
C THR B 1225 -59.66 -26.87 50.59
N GLY B 1226 -60.27 -27.29 49.49
CA GLY B 1226 -60.11 -26.61 48.23
C GLY B 1226 -58.92 -27.07 47.40
N LEU B 1227 -58.21 -28.09 47.86
CA LEU B 1227 -57.00 -28.55 47.20
C LEU B 1227 -57.32 -29.55 46.09
N ILE B 1228 -56.28 -29.98 45.38
CA ILE B 1228 -56.41 -30.86 44.23
C ILE B 1228 -55.64 -32.14 44.56
N HIS B 1229 -56.34 -33.26 44.55
CA HIS B 1229 -55.74 -34.56 44.74
C HIS B 1229 -55.85 -35.37 43.45
N GLY B 1230 -54.90 -36.27 43.24
CA GLY B 1230 -54.93 -37.12 42.08
C GLY B 1230 -53.79 -38.10 42.12
N GLY B 1231 -53.85 -39.06 41.19
CA GLY B 1231 -52.77 -40.03 41.07
C GLY B 1231 -52.98 -41.25 41.94
N SER B 1232 -51.89 -41.89 42.30
CA SER B 1232 -51.88 -43.10 43.12
C SER B 1232 -50.42 -43.41 43.42
N GLN B 1233 -50.19 -44.47 44.19
CA GLN B 1233 -48.84 -44.96 44.42
C GLN B 1233 -48.28 -45.71 43.22
N PHE B 1234 -48.99 -45.66 42.09
CA PHE B 1234 -48.59 -46.36 40.87
C PHE B 1234 -48.58 -45.43 39.66
N ASN B 1235 -48.33 -44.13 39.87
CA ASN B 1235 -48.48 -43.12 38.85
C ASN B 1235 -47.26 -42.19 38.83
N CYS B 1236 -47.21 -41.33 37.81
CA CYS B 1236 -46.12 -40.36 37.64
C CYS B 1236 -46.69 -39.06 37.05
N GLY B 1237 -47.74 -38.53 37.68
CA GLY B 1237 -48.42 -37.37 37.12
C GLY B 1237 -47.66 -36.06 37.26
N THR B 1238 -46.62 -36.02 38.10
CA THR B 1238 -45.89 -34.79 38.35
C THR B 1238 -44.57 -34.78 37.58
N TRP B 1239 -43.82 -33.68 37.74
CA TRP B 1239 -42.54 -33.56 37.03
C TRP B 1239 -41.53 -34.61 37.50
N MET B 1240 -41.65 -35.05 38.75
CA MET B 1240 -40.83 -36.15 39.25
C MET B 1240 -41.47 -37.45 38.74
N ASP B 1241 -41.18 -37.76 37.48
CA ASP B 1241 -41.86 -38.82 36.77
C ASP B 1241 -40.90 -39.92 36.33
N LYS B 1242 -40.20 -40.55 37.27
CA LYS B 1242 -39.32 -41.65 36.95
C LYS B 1242 -40.03 -42.98 37.18
N MET B 1243 -40.11 -43.78 36.12
CA MET B 1243 -40.68 -45.12 36.19
C MET B 1243 -39.55 -46.14 36.16
N GLY B 1244 -39.52 -47.03 37.15
CA GLY B 1244 -38.44 -47.99 37.28
C GLY B 1244 -38.44 -49.02 36.17
N GLU B 1245 -37.32 -49.73 36.05
CA GLU B 1245 -37.12 -50.59 34.89
C GLU B 1245 -36.17 -51.76 35.14
N SER B 1246 -35.50 -51.78 36.29
CA SER B 1246 -34.52 -52.82 36.58
C SER B 1246 -35.22 -54.11 37.02
N GLU B 1247 -35.14 -55.15 36.19
CA GLU B 1247 -35.61 -56.47 36.61
C GLU B 1247 -34.67 -57.09 37.64
N LYS B 1248 -33.38 -56.77 37.56
CA LYS B 1248 -32.41 -57.37 38.47
C LYS B 1248 -32.62 -56.88 39.89
N ALA B 1249 -32.98 -55.61 40.06
CA ALA B 1249 -33.32 -55.06 41.35
C ALA B 1249 -34.81 -55.19 41.67
N ASN B 1250 -35.59 -55.79 40.77
CA ASN B 1250 -37.04 -55.91 40.92
C ASN B 1250 -37.70 -54.54 41.09
N SER B 1251 -37.82 -53.78 40.00
CA SER B 1251 -38.49 -52.50 40.08
C SER B 1251 -39.27 -52.13 38.81
N VAL B 1252 -39.58 -53.09 37.95
CA VAL B 1252 -40.29 -52.80 36.71
C VAL B 1252 -41.74 -52.41 37.03
N GLY B 1253 -42.09 -51.16 36.72
CA GLY B 1253 -43.43 -50.66 36.92
C GLY B 1253 -43.62 -49.86 38.19
N VAL B 1254 -42.61 -49.80 39.05
CA VAL B 1254 -42.71 -49.08 40.31
C VAL B 1254 -42.22 -47.65 40.05
N PRO B 1255 -43.10 -46.65 40.09
CA PRO B 1255 -42.63 -45.26 39.96
C PRO B 1255 -41.69 -44.92 41.09
N GLY B 1256 -40.58 -44.27 40.75
CA GLY B 1256 -39.62 -43.89 41.77
C GLY B 1256 -40.17 -42.86 42.72
N THR B 1257 -40.86 -41.85 42.20
CA THR B 1257 -41.52 -40.83 43.01
C THR B 1257 -42.91 -40.57 42.47
N PRO B 1258 -43.86 -41.46 42.74
CA PRO B 1258 -45.27 -41.08 42.56
C PRO B 1258 -45.64 -40.02 43.58
N ARG B 1259 -46.25 -38.93 43.09
CA ARG B 1259 -46.60 -37.81 43.96
C ARG B 1259 -48.11 -37.62 43.88
N ASP B 1260 -48.82 -38.55 44.51
CA ASP B 1260 -50.27 -38.61 44.47
C ASP B 1260 -50.87 -37.70 45.55
N GLY B 1261 -52.10 -37.26 45.29
CA GLY B 1261 -52.78 -36.42 46.25
C GLY B 1261 -52.55 -34.95 46.02
N ALA B 1262 -52.39 -34.19 47.09
CA ALA B 1262 -52.21 -32.75 47.00
C ALA B 1262 -50.74 -32.44 46.80
N ALA B 1263 -50.37 -32.07 45.58
CA ALA B 1263 -49.03 -31.58 45.27
C ALA B 1263 -48.99 -30.08 45.49
N VAL B 1264 -47.92 -29.61 46.14
CA VAL B 1264 -47.78 -28.19 46.45
C VAL B 1264 -47.95 -27.35 45.19
N GLU B 1265 -47.16 -27.67 44.16
CA GLU B 1265 -47.14 -26.84 42.96
C GLU B 1265 -48.50 -26.79 42.28
N ILE B 1266 -49.14 -27.96 42.09
CA ILE B 1266 -50.42 -28.00 41.40
C ILE B 1266 -51.45 -27.10 42.10
N ASN B 1267 -51.46 -27.11 43.43
CA ASN B 1267 -52.38 -26.25 44.15
C ASN B 1267 -51.88 -24.81 44.20
N GLY B 1268 -50.59 -24.63 44.47
CA GLY B 1268 -49.99 -23.30 44.35
C GLY B 1268 -50.25 -22.66 43.01
N LEU B 1269 -50.05 -23.42 41.92
CA LEU B 1269 -50.35 -22.92 40.59
C LEU B 1269 -51.85 -22.63 40.43
N LEU B 1270 -52.70 -23.37 41.13
CA LEU B 1270 -54.13 -23.14 41.06
C LEU B 1270 -54.52 -21.82 41.72
N LYS B 1271 -53.95 -21.54 42.89
CA LYS B 1271 -54.25 -20.28 43.58
C LYS B 1271 -53.98 -19.08 42.69
N SER B 1272 -52.82 -19.06 42.03
CA SER B 1272 -52.50 -17.99 41.09
C SER B 1272 -53.55 -17.89 39.99
N CYS B 1273 -53.95 -19.03 39.44
CA CYS B 1273 -54.98 -19.03 38.39
C CYS B 1273 -56.27 -18.40 38.90
N LEU B 1274 -56.68 -18.77 40.11
CA LEU B 1274 -57.87 -18.17 40.71
C LEU B 1274 -57.68 -16.68 40.91
N ARG B 1275 -56.59 -16.30 41.59
CA ARG B 1275 -56.26 -14.88 41.75
C ARG B 1275 -56.27 -14.16 40.41
N PHE B 1276 -55.71 -14.79 39.38
CA PHE B 1276 -55.61 -14.17 38.06
C PHE B 1276 -56.99 -13.92 37.47
N VAL B 1277 -57.81 -14.97 37.36
CA VAL B 1277 -59.11 -14.82 36.72
C VAL B 1277 -60.03 -13.93 37.54
N LEU B 1278 -59.77 -13.77 38.84
CA LEU B 1278 -60.55 -12.85 39.64
C LEU B 1278 -60.29 -11.41 39.24
N GLN B 1279 -59.01 -11.01 39.22
CA GLN B 1279 -58.66 -9.68 38.71
C GLN B 1279 -59.12 -9.47 37.29
N LEU B 1280 -59.25 -10.56 36.52
CA LEU B 1280 -59.78 -10.45 35.16
C LEU B 1280 -61.26 -10.12 35.18
N SER B 1281 -62.04 -10.82 36.02
CA SER B 1281 -63.48 -10.56 36.10
C SER B 1281 -63.77 -9.13 36.51
N LYS B 1282 -62.97 -8.58 37.43
CA LYS B 1282 -63.15 -7.18 37.82
C LYS B 1282 -62.96 -6.24 36.65
N ASP B 1283 -62.02 -6.54 35.75
CA ASP B 1283 -61.70 -5.67 34.64
C ASP B 1283 -62.48 -6.00 33.37
N GLY B 1284 -63.52 -6.81 33.47
CA GLY B 1284 -64.34 -7.11 32.31
C GLY B 1284 -63.65 -7.96 31.28
N LYS B 1285 -62.67 -8.76 31.70
CA LYS B 1285 -61.92 -9.60 30.79
C LYS B 1285 -62.11 -11.09 31.03
N PHE B 1286 -62.97 -11.48 31.97
CA PHE B 1286 -63.27 -12.88 32.21
C PHE B 1286 -64.74 -12.99 32.56
N LYS B 1287 -65.51 -13.71 31.75
CA LYS B 1287 -66.95 -13.77 31.94
C LYS B 1287 -67.35 -14.82 32.97
N TYR B 1288 -66.42 -15.64 33.44
CA TYR B 1288 -66.77 -16.82 34.22
C TYR B 1288 -66.58 -16.60 35.72
N THR B 1289 -67.55 -17.13 36.46
CA THR B 1289 -67.54 -17.31 37.90
C THR B 1289 -68.14 -18.66 38.24
N GLU B 1290 -68.80 -19.30 37.27
CA GLU B 1290 -69.42 -20.59 37.45
C GLU B 1290 -68.37 -21.66 37.63
N VAL B 1291 -68.75 -22.75 38.29
CA VAL B 1291 -68.00 -24.00 38.27
C VAL B 1291 -68.91 -25.09 38.83
N THR B 1292 -69.11 -26.15 38.06
CA THR B 1292 -70.01 -27.23 38.48
C THR B 1292 -69.24 -28.26 39.28
N LYS B 1293 -69.75 -28.57 40.48
CA LYS B 1293 -69.16 -29.58 41.33
C LYS B 1293 -69.62 -30.95 40.87
N PRO B 1294 -68.95 -32.03 41.32
CA PRO B 1294 -69.36 -33.37 40.88
C PRO B 1294 -70.84 -33.68 41.10
N ASP B 1295 -71.44 -33.12 42.14
CA ASP B 1295 -72.85 -33.38 42.39
C ASP B 1295 -73.74 -32.54 41.47
N GLY B 1296 -73.43 -31.25 41.35
CA GLY B 1296 -74.22 -30.35 40.53
C GLY B 1296 -74.35 -28.99 41.19
N SER B 1297 -73.63 -28.78 42.28
CA SER B 1297 -73.61 -27.51 42.99
C SER B 1297 -72.64 -26.54 42.34
N LYS B 1298 -72.82 -25.26 42.65
CA LYS B 1298 -71.96 -24.19 42.14
C LYS B 1298 -71.31 -23.43 43.28
N ILE B 1299 -70.07 -23.01 43.05
CA ILE B 1299 -69.31 -22.19 44.01
C ILE B 1299 -68.63 -21.08 43.22
N SER B 1300 -68.70 -19.85 43.71
CA SER B 1300 -68.05 -18.75 43.04
C SER B 1300 -66.53 -18.94 43.06
N LEU B 1301 -65.86 -18.40 42.03
CA LEU B 1301 -64.40 -18.50 41.97
C LEU B 1301 -63.75 -17.84 43.17
N SER B 1302 -64.34 -16.76 43.68
CA SER B 1302 -63.81 -16.13 44.88
C SER B 1302 -63.93 -17.05 46.09
N SER B 1303 -64.95 -17.91 46.12
CA SER B 1303 -65.07 -18.86 47.21
C SER B 1303 -63.97 -19.93 47.13
N TRP B 1304 -63.75 -20.49 45.93
CA TRP B 1304 -62.64 -21.41 45.74
C TRP B 1304 -61.31 -20.76 46.08
N ASN B 1305 -61.13 -19.50 45.67
CA ASN B 1305 -59.92 -18.77 46.02
C ASN B 1305 -59.76 -18.64 47.53
N ASP B 1306 -60.80 -18.13 48.20
CA ASP B 1306 -60.74 -17.97 49.64
C ASP B 1306 -60.73 -19.32 50.37
N LEU B 1307 -61.12 -20.41 49.70
CA LEU B 1307 -60.95 -21.73 50.30
C LEU B 1307 -59.48 -22.10 50.41
N LEU B 1308 -58.76 -22.02 49.29
CA LEU B 1308 -57.33 -22.31 49.31
C LEU B 1308 -56.59 -21.38 50.26
N GLN B 1309 -56.96 -20.09 50.28
CA GLN B 1309 -56.29 -19.13 51.15
C GLN B 1309 -56.38 -19.55 52.62
N GLU B 1310 -57.45 -20.23 53.01
CA GLU B 1310 -57.66 -20.60 54.40
C GLU B 1310 -57.01 -21.92 54.78
N ASN B 1311 -57.03 -22.91 53.88
CA ASN B 1311 -56.62 -24.27 54.23
C ASN B 1311 -55.24 -24.66 53.74
N PHE B 1312 -54.69 -23.96 52.75
CA PHE B 1312 -53.43 -24.39 52.15
C PHE B 1312 -52.32 -24.50 53.18
N GLU B 1313 -51.93 -23.35 53.77
CA GLU B 1313 -50.86 -23.36 54.77
C GLU B 1313 -51.18 -24.28 55.93
N ARG B 1314 -52.47 -24.46 56.25
CA ARG B 1314 -52.86 -25.40 57.28
C ARG B 1314 -52.43 -26.83 56.93
N CYS B 1315 -52.82 -27.29 55.74
CA CYS B 1315 -52.55 -28.67 55.35
C CYS B 1315 -51.08 -28.95 55.06
N PHE B 1316 -50.27 -27.91 54.81
CA PHE B 1316 -48.91 -28.13 54.32
C PHE B 1316 -47.82 -27.78 55.32
N TYR B 1317 -48.03 -26.81 56.21
CA TYR B 1317 -46.95 -26.40 57.09
C TYR B 1317 -46.72 -27.42 58.20
N VAL B 1318 -45.50 -27.41 58.73
CA VAL B 1318 -45.10 -28.23 59.87
C VAL B 1318 -44.44 -27.28 60.89
N PRO B 1319 -45.13 -26.95 61.98
CA PRO B 1319 -44.65 -25.86 62.84
C PRO B 1319 -43.32 -26.15 63.52
N LYS B 1320 -42.57 -25.08 63.79
CA LYS B 1320 -41.28 -25.20 64.45
C LYS B 1320 -41.40 -25.46 65.95
N ASN B 1321 -42.50 -25.07 66.57
CA ASN B 1321 -42.75 -25.29 67.99
C ASN B 1321 -43.82 -26.35 68.17
N LYS B 1322 -43.52 -27.34 69.01
CA LYS B 1322 -44.42 -28.46 69.27
C LYS B 1322 -45.83 -28.02 69.67
N GLU B 1323 -45.95 -26.85 70.30
CA GLU B 1323 -47.26 -26.40 70.80
C GLU B 1323 -48.26 -26.18 69.67
N ASP B 1324 -47.80 -25.79 68.49
CA ASP B 1324 -48.62 -25.40 67.36
C ASP B 1324 -49.12 -26.59 66.54
N ASP B 1325 -48.70 -27.80 66.89
CA ASP B 1325 -49.06 -29.00 66.13
C ASP B 1325 -50.57 -29.17 66.01
N ASN B 1326 -51.33 -28.67 66.98
CA ASN B 1326 -52.76 -28.93 67.04
C ASN B 1326 -53.54 -28.30 65.90
N LYS B 1327 -52.90 -27.50 65.03
CA LYS B 1327 -53.61 -26.75 64.01
C LYS B 1327 -53.25 -27.10 62.58
N PHE B 1328 -52.16 -27.84 62.33
CA PHE B 1328 -51.60 -27.91 60.99
C PHE B 1328 -51.53 -29.33 60.42
N GLU B 1329 -52.44 -30.22 60.85
CA GLU B 1329 -52.55 -31.57 60.30
C GLU B 1329 -51.19 -32.27 60.25
N ILE B 1330 -50.67 -32.56 61.44
CA ILE B 1330 -49.31 -33.07 61.62
C ILE B 1330 -49.37 -34.45 62.26
N ASP B 1331 -48.51 -35.35 61.78
CA ASP B 1331 -48.34 -36.69 62.36
C ASP B 1331 -46.93 -36.74 62.96
N ALA B 1332 -46.82 -36.22 64.19
CA ALA B 1332 -45.51 -36.05 64.82
C ALA B 1332 -44.73 -37.36 64.94
N THR B 1333 -45.39 -38.51 64.78
CA THR B 1333 -44.65 -39.77 64.75
C THR B 1333 -43.87 -39.92 63.44
N ILE B 1334 -44.47 -39.49 62.33
CA ILE B 1334 -43.84 -39.59 61.02
C ILE B 1334 -43.50 -38.18 60.56
N ILE B 1335 -42.36 -37.69 61.01
CA ILE B 1335 -41.87 -36.35 60.72
C ILE B 1335 -40.39 -36.46 60.39
N ASN B 1336 -39.81 -35.37 59.91
CA ASN B 1336 -38.37 -35.37 59.68
C ASN B 1336 -37.74 -34.05 60.07
N ARG B 1337 -38.38 -32.93 59.75
CA ARG B 1337 -37.86 -31.62 60.13
C ARG B 1337 -39.02 -30.66 60.31
N ARG B 1338 -38.97 -29.87 61.39
CA ARG B 1338 -39.99 -28.85 61.58
C ARG B 1338 -39.66 -27.60 60.77
N GLY B 1339 -40.63 -26.72 60.66
CA GLY B 1339 -40.43 -25.46 59.96
C GLY B 1339 -40.31 -25.57 58.45
N ILE B 1340 -41.08 -26.47 57.84
CA ILE B 1340 -41.01 -26.73 56.41
C ILE B 1340 -42.43 -26.88 55.89
N TYR B 1341 -42.60 -26.61 54.60
CA TYR B 1341 -43.85 -26.90 53.93
C TYR B 1341 -43.72 -28.26 53.26
N LYS B 1342 -44.65 -29.16 53.58
CA LYS B 1342 -44.57 -30.54 53.11
C LYS B 1342 -44.69 -30.60 51.59
N ASP B 1343 -44.02 -31.60 51.00
CA ASP B 1343 -44.05 -31.77 49.55
C ASP B 1343 -45.39 -32.31 49.07
N LEU B 1344 -46.13 -33.02 49.92
CA LEU B 1344 -47.40 -33.60 49.53
C LEU B 1344 -48.31 -33.64 50.74
N TYR B 1345 -49.62 -33.67 50.48
CA TYR B 1345 -50.63 -33.78 51.51
C TYR B 1345 -51.52 -34.97 51.19
N ARG B 1346 -51.62 -35.90 52.14
CA ARG B 1346 -52.32 -37.16 51.96
C ARG B 1346 -51.95 -37.83 50.64
N SER B 1347 -50.67 -38.20 50.55
CA SER B 1347 -50.18 -38.95 49.39
C SER B 1347 -50.45 -40.42 49.62
N GLY B 1348 -49.57 -41.29 49.12
CA GLY B 1348 -49.71 -42.71 49.42
C GLY B 1348 -49.03 -43.08 50.71
N LYS B 1349 -47.69 -43.08 50.71
CA LYS B 1349 -46.92 -43.33 51.91
C LYS B 1349 -46.75 -42.02 52.69
N PRO B 1350 -47.38 -41.87 53.86
CA PRO B 1350 -47.36 -40.57 54.55
C PRO B 1350 -45.98 -40.02 54.85
N TYR B 1351 -44.93 -40.85 54.83
CA TYR B 1351 -43.59 -40.29 55.02
C TYR B 1351 -43.12 -39.53 53.78
N GLU B 1352 -43.76 -39.76 52.63
CA GLU B 1352 -43.51 -38.94 51.46
C GLU B 1352 -44.26 -37.60 51.51
N ASP B 1353 -45.23 -37.46 52.40
CA ASP B 1353 -45.82 -36.14 52.64
C ASP B 1353 -44.80 -35.20 53.26
N TYR B 1354 -44.06 -35.68 54.26
CA TYR B 1354 -43.24 -34.82 55.12
C TYR B 1354 -41.79 -34.79 54.70
N GLN B 1355 -41.51 -34.79 53.39
CA GLN B 1355 -40.16 -34.75 52.86
C GLN B 1355 -39.80 -33.34 52.41
N PHE B 1356 -38.59 -32.91 52.75
CA PHE B 1356 -38.07 -31.63 52.29
C PHE B 1356 -37.67 -31.80 50.82
N ARG B 1357 -38.51 -31.29 49.93
CA ARG B 1357 -38.30 -31.31 48.49
C ARG B 1357 -38.48 -29.92 47.91
N PRO B 1358 -37.74 -29.59 46.86
CA PRO B 1358 -37.76 -28.21 46.32
C PRO B 1358 -39.08 -27.82 45.65
N ASN B 1359 -40.03 -28.74 45.49
CA ASN B 1359 -41.23 -28.44 44.72
C ASN B 1359 -42.07 -27.35 45.37
N PHE B 1360 -42.03 -27.23 46.70
CA PHE B 1360 -42.87 -26.25 47.37
C PHE B 1360 -42.50 -24.82 47.00
N THR B 1361 -41.26 -24.58 46.56
CA THR B 1361 -40.82 -23.24 46.21
C THR B 1361 -41.60 -22.69 45.02
N ILE B 1362 -42.09 -23.57 44.14
CA ILE B 1362 -42.88 -23.12 42.99
C ILE B 1362 -44.13 -22.41 43.47
N ALA B 1363 -44.79 -22.94 44.50
CA ALA B 1363 -45.98 -22.28 45.05
C ALA B 1363 -45.63 -20.96 45.71
N MET B 1364 -44.46 -20.89 46.37
CA MET B 1364 -44.01 -19.63 46.95
C MET B 1364 -43.82 -18.56 45.88
N VAL B 1365 -43.34 -18.95 44.70
CA VAL B 1365 -43.13 -17.99 43.63
C VAL B 1365 -44.44 -17.62 42.95
N VAL B 1366 -45.30 -18.61 42.73
CA VAL B 1366 -46.46 -18.43 41.87
C VAL B 1366 -47.64 -17.82 42.62
N ALA B 1367 -47.79 -18.13 43.92
CA ALA B 1367 -48.89 -17.59 44.72
C ALA B 1367 -48.43 -17.45 46.17
N PRO B 1368 -47.58 -16.45 46.46
CA PRO B 1368 -47.06 -16.29 47.82
C PRO B 1368 -48.08 -15.85 48.85
N GLU B 1369 -49.31 -15.48 48.45
CA GLU B 1369 -50.31 -15.07 49.41
C GLU B 1369 -50.70 -16.20 50.37
N LEU B 1370 -50.47 -17.45 49.98
CA LEU B 1370 -50.82 -18.59 50.82
C LEU B 1370 -49.90 -18.75 52.03
N PHE B 1371 -48.80 -17.99 52.08
CA PHE B 1371 -47.75 -18.20 53.06
C PHE B 1371 -47.64 -16.99 53.98
N THR B 1372 -47.52 -17.25 55.28
CA THR B 1372 -47.19 -16.16 56.20
C THR B 1372 -45.69 -15.88 56.11
N PRO B 1373 -45.29 -14.60 56.01
CA PRO B 1373 -43.88 -14.29 55.70
C PRO B 1373 -42.86 -14.92 56.64
N ASP B 1374 -43.12 -14.89 57.95
CA ASP B 1374 -42.13 -15.39 58.90
C ASP B 1374 -41.90 -16.88 58.75
N TYR B 1375 -42.98 -17.64 58.49
CA TYR B 1375 -42.83 -19.09 58.34
C TYR B 1375 -42.12 -19.45 57.04
N ALA B 1376 -42.53 -18.82 55.93
CA ALA B 1376 -41.89 -19.08 54.65
C ALA B 1376 -40.41 -18.72 54.67
N ALA B 1377 -40.07 -17.56 55.25
CA ALA B 1377 -38.67 -17.15 55.34
C ALA B 1377 -37.82 -18.23 56.02
N GLY B 1378 -38.25 -18.67 57.19
CA GLY B 1378 -37.51 -19.71 57.89
C GLY B 1378 -37.54 -21.04 57.16
N ALA B 1379 -38.60 -21.30 56.39
CA ALA B 1379 -38.69 -22.55 55.65
C ALA B 1379 -37.72 -22.58 54.48
N ILE B 1380 -37.64 -21.49 53.72
CA ILE B 1380 -36.72 -21.45 52.58
C ILE B 1380 -35.28 -21.22 53.03
N GLU B 1381 -35.07 -20.65 54.22
CA GLU B 1381 -33.72 -20.57 54.77
C GLU B 1381 -33.17 -21.97 55.05
N LEU B 1382 -34.06 -22.92 55.33
CA LEU B 1382 -33.62 -24.30 55.55
C LEU B 1382 -33.22 -24.97 54.23
N ALA B 1383 -34.02 -24.78 53.18
CA ALA B 1383 -33.67 -25.29 51.86
C ALA B 1383 -32.33 -24.71 51.39
N ASP B 1384 -32.09 -23.44 51.68
CA ASP B 1384 -30.79 -22.83 51.34
C ASP B 1384 -29.63 -23.60 51.96
N GLN B 1385 -29.82 -24.13 53.16
CA GLN B 1385 -28.76 -24.84 53.86
C GLN B 1385 -28.76 -26.34 53.60
N VAL B 1386 -29.85 -26.89 53.04
CA VAL B 1386 -29.98 -28.34 52.90
C VAL B 1386 -30.14 -28.74 51.43
N LEU B 1387 -31.16 -28.20 50.76
CA LEU B 1387 -31.50 -28.64 49.42
C LEU B 1387 -30.76 -27.90 48.32
N ARG B 1388 -29.97 -26.88 48.66
CA ARG B 1388 -29.30 -26.04 47.67
C ARG B 1388 -27.89 -26.58 47.42
N GLY B 1389 -27.68 -27.16 46.25
CA GLY B 1389 -26.37 -27.58 45.83
C GLY B 1389 -25.63 -26.43 45.18
N PRO B 1390 -24.51 -26.72 44.51
CA PRO B 1390 -23.76 -25.63 43.88
C PRO B 1390 -24.47 -25.06 42.66
N VAL B 1391 -25.12 -25.89 41.86
CA VAL B 1391 -25.84 -25.41 40.68
C VAL B 1391 -27.23 -26.02 40.66
N GLY B 1392 -27.36 -27.22 41.22
CA GLY B 1392 -28.62 -27.93 41.20
C GLY B 1392 -29.31 -27.96 42.54
N MET B 1393 -30.64 -28.12 42.52
CA MET B 1393 -31.44 -28.24 43.74
C MET B 1393 -31.57 -29.72 44.09
N ARG B 1394 -30.99 -30.12 45.22
CA ARG B 1394 -31.14 -31.50 45.68
C ARG B 1394 -32.62 -31.84 45.81
N THR B 1395 -33.04 -32.91 45.14
CA THR B 1395 -34.44 -33.28 45.03
C THR B 1395 -34.95 -34.10 46.21
N LEU B 1396 -34.16 -34.19 47.29
CA LEU B 1396 -34.56 -35.00 48.44
C LEU B 1396 -33.63 -34.69 49.62
N ASP B 1397 -34.24 -34.47 50.79
CA ASP B 1397 -33.51 -34.16 52.02
C ASP B 1397 -32.37 -35.16 52.24
N PRO B 1398 -31.12 -34.72 52.24
CA PRO B 1398 -30.01 -35.68 52.41
C PRO B 1398 -30.02 -36.43 53.73
N SER B 1399 -30.77 -35.97 54.73
CA SER B 1399 -30.88 -36.70 55.98
C SER B 1399 -31.97 -37.76 55.93
N ASP B 1400 -32.76 -37.79 54.85
CA ASP B 1400 -33.76 -38.83 54.68
C ASP B 1400 -33.07 -40.15 54.33
N TYR B 1401 -33.74 -41.26 54.68
CA TYR B 1401 -33.11 -42.57 54.53
C TYR B 1401 -32.98 -42.98 53.07
N ASN B 1402 -33.91 -42.57 52.21
CA ASN B 1402 -33.88 -42.95 50.80
C ASN B 1402 -32.97 -42.06 49.95
N TYR B 1403 -32.20 -41.17 50.56
CA TYR B 1403 -31.40 -40.20 49.82
C TYR B 1403 -30.25 -40.90 49.11
N ARG B 1404 -30.28 -40.90 47.78
CA ARG B 1404 -29.26 -41.53 46.95
C ARG B 1404 -28.91 -40.54 45.85
N PRO B 1405 -27.86 -39.74 46.01
CA PRO B 1405 -27.63 -38.62 45.09
C PRO B 1405 -26.71 -38.94 43.91
N TYR B 1406 -26.83 -40.14 43.33
CA TYR B 1406 -26.06 -40.49 42.15
C TYR B 1406 -26.95 -41.20 41.15
N TYR B 1407 -26.96 -40.72 39.91
CA TYR B 1407 -27.89 -41.17 38.88
C TYR B 1407 -27.12 -41.82 37.74
N ASN B 1408 -27.24 -43.15 37.63
CA ASN B 1408 -26.69 -43.92 36.52
C ASN B 1408 -27.88 -44.60 35.83
N ASN B 1409 -28.28 -44.06 34.67
CA ASN B 1409 -29.39 -44.66 33.94
C ASN B 1409 -29.03 -46.00 33.28
N GLY B 1410 -27.84 -46.51 33.55
CA GLY B 1410 -27.41 -47.78 33.00
C GLY B 1410 -27.14 -48.81 34.07
N GLU B 1411 -27.23 -48.38 35.33
CA GLU B 1411 -26.97 -49.29 36.45
C GLU B 1411 -27.95 -50.45 36.46
N ASP B 1412 -27.41 -51.67 36.47
CA ASP B 1412 -28.17 -52.90 36.43
C ASP B 1412 -28.30 -53.56 37.80
N SER B 1413 -27.71 -52.96 38.84
CA SER B 1413 -27.46 -53.65 40.09
C SER B 1413 -28.75 -53.98 40.82
N ASP B 1414 -28.60 -54.64 41.97
CA ASP B 1414 -29.70 -55.31 42.65
C ASP B 1414 -30.45 -54.46 43.65
N ASP B 1415 -29.96 -53.26 43.99
CA ASP B 1415 -30.66 -52.44 44.97
C ASP B 1415 -31.89 -51.79 44.36
N PHE B 1416 -33.03 -51.92 45.05
CA PHE B 1416 -34.31 -51.45 44.55
C PHE B 1416 -34.32 -49.96 44.21
N ALA B 1417 -33.43 -49.18 44.80
CA ALA B 1417 -33.48 -47.72 44.64
C ALA B 1417 -32.76 -47.20 43.39
N THR B 1418 -31.49 -47.56 43.20
CA THR B 1418 -30.61 -46.82 42.29
C THR B 1418 -30.54 -47.38 40.88
N SER B 1419 -30.89 -48.65 40.67
CA SER B 1419 -30.67 -49.29 39.39
C SER B 1419 -31.63 -48.79 38.30
N LYS B 1420 -31.10 -48.69 37.08
CA LYS B 1420 -31.84 -48.21 35.90
C LYS B 1420 -32.44 -46.83 36.11
N GLY B 1421 -31.82 -46.06 37.00
CA GLY B 1421 -32.16 -44.66 37.16
C GLY B 1421 -33.47 -44.39 37.86
N ARG B 1422 -33.95 -45.33 38.68
CA ARG B 1422 -35.09 -45.04 39.53
C ARG B 1422 -34.72 -43.96 40.54
N ASN B 1423 -33.42 -43.76 40.76
CA ASN B 1423 -32.87 -42.73 41.64
C ASN B 1423 -33.14 -41.32 41.13
N TYR B 1424 -33.59 -41.18 39.89
CA TYR B 1424 -33.70 -39.94 39.13
C TYR B 1424 -34.12 -38.69 39.91
N HIS B 1425 -35.13 -38.78 40.78
CA HIS B 1425 -35.72 -37.58 41.37
C HIS B 1425 -35.60 -37.50 42.89
N GLN B 1426 -34.63 -38.18 43.50
CA GLN B 1426 -34.47 -38.04 44.96
C GLN B 1426 -32.98 -38.11 45.28
N GLY B 1427 -32.35 -36.94 45.31
CA GLY B 1427 -30.93 -36.83 45.53
C GLY B 1427 -30.24 -36.02 44.45
N PRO B 1428 -30.36 -36.45 43.19
CA PRO B 1428 -29.81 -35.66 42.08
C PRO B 1428 -30.23 -34.20 42.17
N GLU B 1429 -29.32 -33.33 41.76
CA GLU B 1429 -29.50 -31.89 41.89
C GLU B 1429 -29.95 -31.32 40.56
N TRP B 1430 -31.21 -30.91 40.48
CA TRP B 1430 -31.78 -30.34 39.27
C TRP B 1430 -31.69 -28.82 39.33
N VAL B 1431 -31.52 -28.23 38.15
CA VAL B 1431 -31.18 -26.81 38.06
C VAL B 1431 -32.42 -25.94 37.89
N TRP B 1432 -33.44 -26.40 37.17
CA TRP B 1432 -34.61 -25.56 36.97
C TRP B 1432 -35.33 -25.32 38.29
N CYS B 1433 -35.18 -26.24 39.25
CA CYS B 1433 -35.69 -26.01 40.59
C CYS B 1433 -34.89 -24.92 41.30
N TYR B 1434 -33.59 -24.82 41.00
CA TYR B 1434 -32.78 -23.72 41.54
C TYR B 1434 -33.35 -22.37 41.12
N GLY B 1435 -33.99 -22.29 39.96
CA GLY B 1435 -34.56 -21.01 39.53
C GLY B 1435 -35.71 -20.58 40.41
N TYR B 1436 -36.71 -21.44 40.59
CA TYR B 1436 -37.82 -21.12 41.48
C TYR B 1436 -37.36 -20.92 42.91
N PHE B 1437 -36.33 -21.64 43.34
CA PHE B 1437 -35.83 -21.49 44.70
C PHE B 1437 -35.32 -20.08 44.93
N ILE B 1438 -34.32 -19.64 44.16
CA ILE B 1438 -33.69 -18.36 44.43
C ILE B 1438 -34.65 -17.21 44.13
N ARG B 1439 -35.60 -17.41 43.20
CA ARG B 1439 -36.65 -16.42 43.02
C ARG B 1439 -37.47 -16.24 44.30
N ALA B 1440 -37.84 -17.35 44.94
CA ALA B 1440 -38.55 -17.28 46.22
C ALA B 1440 -37.62 -16.89 47.36
N TYR B 1441 -36.39 -17.44 47.36
CA TYR B 1441 -35.37 -17.01 48.32
C TYR B 1441 -35.23 -15.49 48.34
N HIS B 1442 -35.33 -14.86 47.16
CA HIS B 1442 -35.27 -13.41 47.09
C HIS B 1442 -36.50 -12.77 47.72
N TYR B 1443 -37.69 -13.18 47.28
CA TYR B 1443 -38.93 -12.50 47.67
C TYR B 1443 -39.10 -12.45 49.18
N PHE B 1444 -38.83 -13.55 49.88
CA PHE B 1444 -39.10 -13.62 51.31
C PHE B 1444 -37.95 -13.11 52.17
N ASN B 1445 -36.72 -13.09 51.65
CA ASN B 1445 -35.66 -12.38 52.36
C ASN B 1445 -35.84 -10.88 52.27
N PHE B 1446 -36.58 -10.39 51.26
CA PHE B 1446 -36.86 -8.97 51.15
C PHE B 1446 -38.05 -8.55 52.00
N LEU B 1447 -39.01 -9.45 52.21
CA LEU B 1447 -40.16 -9.15 53.07
C LEU B 1447 -39.81 -9.32 54.55
N THR B 1448 -39.00 -10.33 54.88
CA THR B 1448 -38.74 -10.66 56.28
C THR B 1448 -37.54 -9.90 56.83
N ASN B 1449 -36.34 -10.39 56.53
CA ASN B 1449 -35.10 -9.84 57.08
C ASN B 1449 -34.99 -8.35 56.74
N PRO B 1450 -34.89 -7.47 57.74
CA PRO B 1450 -34.73 -6.04 57.45
C PRO B 1450 -33.38 -5.69 56.83
N LYS B 1451 -32.36 -6.53 57.01
CA LYS B 1451 -31.05 -6.29 56.44
C LYS B 1451 -31.05 -6.35 54.91
N CYS B 1452 -32.17 -6.71 54.31
CA CYS B 1452 -32.33 -6.77 52.86
C CYS B 1452 -33.12 -5.58 52.31
N GLN B 1453 -33.18 -4.47 53.03
CA GLN B 1453 -33.96 -3.31 52.60
C GLN B 1453 -33.13 -2.03 52.65
N VAL B 1454 -33.37 -1.15 51.68
CA VAL B 1454 -32.81 0.22 51.66
C VAL B 1454 -33.79 1.10 50.89
N GLU B 1455 -33.84 2.38 51.26
CA GLU B 1455 -34.76 3.28 50.57
C GLU B 1455 -34.29 3.54 49.14
N GLY B 1456 -35.25 3.94 48.29
CA GLY B 1456 -34.98 4.19 46.89
C GLY B 1456 -35.66 5.46 46.42
N SER B 1457 -35.34 5.84 45.18
CA SER B 1457 -35.86 7.05 44.55
C SER B 1457 -37.38 7.13 44.65
N ALA B 1458 -37.88 8.34 44.91
CA ALA B 1458 -39.31 8.63 45.05
C ALA B 1458 -39.96 7.83 46.19
N LYS B 1459 -39.20 7.58 47.25
CA LYS B 1459 -39.70 6.92 48.46
C LYS B 1459 -40.30 5.55 48.13
N LYS B 1460 -39.41 4.62 47.77
CA LYS B 1460 -39.78 3.24 47.56
C LYS B 1460 -38.65 2.34 48.04
N LEU B 1461 -39.01 1.19 48.60
CA LEU B 1461 -38.05 0.27 49.18
C LEU B 1461 -37.48 -0.67 48.12
N LYS B 1462 -36.16 -0.73 48.04
CA LYS B 1462 -35.42 -1.56 47.10
C LYS B 1462 -34.38 -2.34 47.88
N PRO B 1463 -33.92 -3.48 47.37
CA PRO B 1463 -33.07 -4.37 48.17
C PRO B 1463 -31.72 -3.75 48.48
N SER B 1464 -31.15 -4.19 49.60
CA SER B 1464 -29.85 -3.70 50.05
C SER B 1464 -28.73 -4.46 49.38
N SER B 1465 -27.51 -3.96 49.58
CA SER B 1465 -26.33 -4.66 49.08
C SER B 1465 -26.08 -5.96 49.82
N TYR B 1466 -26.56 -6.06 51.06
CA TYR B 1466 -26.45 -7.32 51.80
C TYR B 1466 -27.21 -8.44 51.10
N LEU B 1467 -28.38 -8.13 50.56
CA LEU B 1467 -29.19 -9.15 49.88
C LEU B 1467 -28.68 -9.45 48.49
N TYR B 1468 -28.30 -8.42 47.72
CA TYR B 1468 -27.74 -8.65 46.39
C TYR B 1468 -26.49 -9.52 46.45
N ARG B 1469 -25.57 -9.19 47.34
CA ARG B 1469 -24.36 -10.00 47.49
C ARG B 1469 -24.69 -11.44 47.86
N LYS B 1470 -25.77 -11.65 48.63
CA LYS B 1470 -26.19 -13.01 48.92
C LYS B 1470 -26.63 -13.72 47.64
N LEU B 1471 -27.45 -13.04 46.83
CA LEU B 1471 -27.87 -13.60 45.55
C LEU B 1471 -26.69 -13.83 44.62
N TYR B 1472 -25.74 -12.87 44.60
CA TYR B 1472 -24.58 -13.00 43.71
C TYR B 1472 -23.81 -14.27 44.01
N SER B 1473 -23.60 -14.57 45.29
CA SER B 1473 -22.83 -15.76 45.66
C SER B 1473 -23.55 -17.06 45.34
N ARG B 1474 -24.86 -17.01 45.10
CA ARG B 1474 -25.63 -18.21 44.78
C ARG B 1474 -25.78 -18.44 43.29
N LEU B 1475 -25.19 -17.58 42.46
CA LEU B 1475 -25.20 -17.75 41.01
C LEU B 1475 -23.82 -17.88 40.39
N LEU B 1476 -22.75 -17.74 41.17
CA LEU B 1476 -21.40 -17.90 40.63
C LEU B 1476 -21.21 -19.27 40.00
N LYS B 1477 -21.58 -20.33 40.72
CA LYS B 1477 -21.42 -21.69 40.19
C LYS B 1477 -22.25 -21.93 38.94
N HIS B 1478 -23.27 -21.11 38.70
CA HIS B 1478 -24.02 -21.20 37.46
C HIS B 1478 -23.31 -20.48 36.33
N ARG B 1479 -22.75 -19.30 36.63
CA ARG B 1479 -21.96 -18.57 35.64
C ARG B 1479 -20.73 -19.36 35.21
N GLU B 1480 -19.95 -19.86 36.18
CA GLU B 1480 -18.80 -20.69 35.85
C GLU B 1480 -19.19 -21.91 35.01
N TRP B 1481 -20.37 -22.47 35.27
CA TRP B 1481 -20.81 -23.65 34.52
C TRP B 1481 -21.00 -23.30 33.05
N ILE B 1482 -21.80 -22.28 32.76
CA ILE B 1482 -22.09 -21.92 31.38
C ILE B 1482 -20.87 -21.34 30.67
N GLU B 1483 -19.90 -20.81 31.42
CA GLU B 1483 -18.67 -20.31 30.79
C GLU B 1483 -17.90 -21.43 30.10
N ASN B 1484 -17.50 -22.44 30.87
CA ASN B 1484 -16.66 -23.54 30.38
C ASN B 1484 -17.46 -24.79 30.03
N SER B 1485 -18.58 -24.63 29.33
CA SER B 1485 -19.39 -25.76 28.91
C SER B 1485 -19.39 -25.85 27.40
N PRO B 1486 -19.04 -26.99 26.81
CA PRO B 1486 -18.99 -27.08 25.34
C PRO B 1486 -20.30 -26.72 24.69
N TRP B 1487 -21.42 -27.15 25.27
CA TRP B 1487 -22.72 -26.58 24.92
C TRP B 1487 -22.92 -25.31 25.73
N ALA B 1488 -23.19 -24.20 25.06
CA ALA B 1488 -23.18 -22.90 25.73
C ALA B 1488 -24.45 -22.71 26.57
N GLY B 1489 -24.61 -23.61 27.52
CA GLY B 1489 -25.80 -23.65 28.36
C GLY B 1489 -25.50 -24.37 29.66
N LEU B 1490 -26.57 -24.63 30.41
CA LEU B 1490 -26.44 -25.35 31.68
C LEU B 1490 -27.12 -26.71 31.57
N ALA B 1491 -26.53 -27.71 32.22
CA ALA B 1491 -27.12 -29.04 32.24
C ALA B 1491 -28.46 -28.98 33.00
N GLU B 1492 -29.24 -30.06 32.86
CA GLU B 1492 -30.48 -30.19 33.61
C GLU B 1492 -30.31 -30.90 34.94
N LEU B 1493 -29.15 -31.48 35.22
CA LEU B 1493 -29.01 -32.38 36.35
C LEU B 1493 -27.53 -32.56 36.70
N THR B 1494 -27.26 -32.70 37.99
CA THR B 1494 -25.92 -32.98 38.50
C THR B 1494 -26.04 -33.99 39.63
N ASN B 1495 -25.01 -34.81 39.79
CA ASN B 1495 -24.94 -35.76 40.89
C ASN B 1495 -24.60 -34.99 42.17
N LYS B 1496 -24.26 -35.71 43.24
CA LYS B 1496 -24.12 -35.08 44.54
C LYS B 1496 -23.10 -33.95 44.51
N ASP B 1497 -23.49 -32.80 45.05
CA ASP B 1497 -22.61 -31.63 45.18
C ASP B 1497 -22.06 -31.20 43.83
N GLY B 1498 -22.95 -31.14 42.83
CA GLY B 1498 -22.58 -30.60 41.55
C GLY B 1498 -21.78 -31.53 40.65
N GLU B 1499 -21.49 -32.75 41.10
CA GLU B 1499 -20.73 -33.67 40.27
C GLU B 1499 -21.43 -33.89 38.95
N VAL B 1500 -20.65 -33.91 37.86
CA VAL B 1500 -21.23 -33.97 36.53
C VAL B 1500 -21.96 -35.29 36.33
N CYS B 1501 -23.22 -35.20 35.93
CA CYS B 1501 -24.02 -36.38 35.63
C CYS B 1501 -23.87 -36.67 34.14
N ASN B 1502 -23.10 -37.70 33.81
CA ASN B 1502 -22.78 -37.99 32.42
C ASN B 1502 -24.00 -38.38 31.61
N ASP B 1503 -25.14 -38.59 32.25
CA ASP B 1503 -26.40 -38.86 31.58
C ASP B 1503 -27.30 -37.64 31.50
N SER B 1504 -26.98 -36.58 32.22
CA SER B 1504 -27.78 -35.36 32.18
C SER B 1504 -27.60 -34.65 30.84
N SER B 1505 -28.70 -34.14 30.30
CA SER B 1505 -28.61 -33.33 29.09
C SER B 1505 -27.69 -32.15 29.35
N PRO B 1506 -26.76 -31.85 28.43
CA PRO B 1506 -25.76 -30.80 28.72
C PRO B 1506 -26.30 -29.39 28.62
N THR B 1507 -27.35 -29.16 27.85
CA THR B 1507 -28.06 -27.88 27.86
C THR B 1507 -29.55 -28.16 27.80
N GLN B 1508 -30.29 -27.61 28.77
CA GLN B 1508 -31.72 -27.82 28.87
C GLN B 1508 -32.43 -26.48 29.00
N ALA B 1509 -33.69 -26.45 28.54
CA ALA B 1509 -34.43 -25.19 28.44
C ALA B 1509 -34.73 -24.62 29.82
N TRP B 1510 -35.55 -25.33 30.61
CA TRP B 1510 -35.94 -24.85 31.95
C TRP B 1510 -34.75 -24.53 32.85
N SER B 1511 -33.56 -25.05 32.53
CA SER B 1511 -32.39 -24.75 33.34
C SER B 1511 -32.04 -23.27 33.30
N THR B 1512 -32.13 -22.65 32.12
CA THR B 1512 -31.81 -21.23 31.98
C THR B 1512 -33.03 -20.33 32.15
N GLY B 1513 -34.19 -20.74 31.63
CA GLY B 1513 -35.38 -19.90 31.70
C GLY B 1513 -35.80 -19.55 33.11
N CYS B 1514 -35.42 -20.37 34.09
CA CYS B 1514 -35.75 -20.07 35.47
C CYS B 1514 -34.72 -19.18 36.15
N LEU B 1515 -33.51 -19.11 35.61
CA LEU B 1515 -32.55 -18.10 36.07
C LEU B 1515 -32.85 -16.74 35.45
N LEU B 1516 -33.20 -16.71 34.16
CA LEU B 1516 -33.69 -15.49 33.55
C LEU B 1516 -34.94 -14.99 34.27
N ASP B 1517 -35.80 -15.91 34.71
CA ASP B 1517 -36.94 -15.54 35.55
C ASP B 1517 -36.49 -14.66 36.72
N LEU B 1518 -35.40 -15.03 37.38
CA LEU B 1518 -34.87 -14.23 38.48
C LEU B 1518 -34.43 -12.85 37.99
N PHE B 1519 -33.64 -12.81 36.92
CA PHE B 1519 -33.13 -11.53 36.44
C PHE B 1519 -34.26 -10.60 36.02
N TYR B 1520 -35.33 -11.16 35.44
CA TYR B 1520 -36.47 -10.32 35.08
C TYR B 1520 -37.20 -9.81 36.33
N ASP B 1521 -37.35 -10.68 37.35
CA ASP B 1521 -37.85 -10.23 38.64
C ASP B 1521 -37.16 -8.95 39.10
N LEU B 1522 -35.83 -9.02 39.26
CA LEU B 1522 -35.08 -7.88 39.76
C LEU B 1522 -35.21 -6.65 38.85
N TRP B 1523 -35.32 -6.86 37.53
CA TRP B 1523 -35.41 -5.73 36.61
C TRP B 1523 -36.74 -5.01 36.76
N ILE B 1524 -37.85 -5.74 36.56
CA ILE B 1524 -39.18 -5.15 36.59
C ILE B 1524 -39.57 -4.63 37.96
N SER B 1525 -38.81 -4.97 39.00
CA SER B 1525 -39.18 -4.61 40.37
C SER B 1525 -38.30 -3.53 40.99
N TYR B 1526 -37.01 -3.49 40.65
CA TYR B 1526 -36.08 -2.58 41.30
C TYR B 1526 -35.30 -1.67 40.36
N GLU B 1527 -35.53 -1.77 39.05
CA GLU B 1527 -34.84 -0.95 38.04
C GLU B 1527 -35.91 -0.33 37.14
N GLU B 1528 -36.58 0.70 37.65
CA GLU B 1528 -37.60 1.40 36.90
C GLU B 1528 -37.27 2.89 36.79
#